data_5CDN
#
_entry.id   5CDN
#
_cell.length_a   89.782
_cell.length_b   170.081
_cell.length_c   124.540
_cell.angle_alpha   90.00
_cell.angle_beta   102.27
_cell.angle_gamma   90.00
#
_symmetry.space_group_name_H-M   'P 1 21 1'
#
loop_
_entity.id
_entity.type
_entity.pdbx_description
1 polymer 'DNA gyrase subunit A'
2 polymer 'DNA gyrase subunit B,DNA gyrase subunit B'
3 polymer "DNA (5'-D(P*GP*AP*GP*CP*GP*TP*AP**GP*GP*CP*CP*GP*TP*AP*CP*GP*CP*TP*C)-3')"
4 polymer "DNA (5'-D(P*GP*AP*GP*CP*GP*TP*AP*C*GP*GP*CP*CP*GP*TP*AP*CP*GP*CP*TP*C)-3')"
5 non-polymer 'SULFATE ION'
6 non-polymer 'MANGANESE (II) ION'
7 non-polymer GLYCEROL
8 non-polymer 'SODIUM ION'
9 non-polymer "(5S,5aR,8aR,9R)-9-(4-hydroxy-3,5-dimethoxyphenyl)-8-oxo-5,5a,6,8,8a,9-hexahydrofuro[3',4':6,7]naphtho[2,3-d][1,3]dioxol -5-yl 4,6-O-[(1R)-ethylidene]-beta-D-glucopyranoside"
10 water water
#
loop_
_entity_poly.entity_id
_entity_poly.type
_entity_poly.pdbx_seq_one_letter_code
_entity_poly.pdbx_strand_id
1 'polypeptide(L)'
;NERNITSEMRESFLDYAMSVIVARALPDVRDGLKPVHRRILYGLNEQGMTPDKSYKKSARIVGDVMGKYHPHGDSSIYEA
MVRMAQDFSYRYPLVDGQGNFGSMDGDGAAAMR(PTR)TEARMTKITLELLRDINKDTIDFIDNYDGNEREPSVLPARFP
NLLANGASGIAVGMATNIPPHNLTELINGVLSLSKNPDISIAELMEDIEGPDFPTAGLILGKSGIRRAYETGRGSIQMRS
RAVIEERGGGRQRIVVTEIPFQVNKARMIEKIAELVRDKKIDGITDLRDETSLRTGVRVVIDVRKDANASVILNNLYKQT
PLQTSFGVNMIALVNGRPKLINLKEALVHYLEHQKTVVRRRTQYNLRKAKDRAHILEGLRIALDHIDEIISTIRESDTDK
VAMESLQQRFKLSEKQAQAILDMRLRRLTGLERDKIEAEYNELLNYISELETILADEEVLLQLVRDELTEIRDRFGDDRR
TEIQL
;
A,C,R,T
2 'polypeptide(L)'
;KLADCSSKSPEECEIFLVEGDSAGGSTKSGRDSRTQAILPLRGKILNVEKARLDRILNNNEIRQMITAFGTGIGGDFDLA
KARYHKIVIMTDADVDGAHIRTLLLTFFYRFMRPLIEAGYVYIAQPPTGYKGLGEMNADQLWETTMNPEHRALLQVKLED
AIEADQTFEMLMGDVVENRRQFIEDNAVY
;
B,D,S,U
3 'polydeoxyribonucleotide' (DG)(DA)(DG)(DC)(DG)(DT)(DA)(DC) E,F,V,W
4 'polydeoxyribonucleotide' (DG)(DG)(DC)(DC)(DG)(DT)(DA)(DC)(DG)(DC)(DT)(DC) G,O,N,P
#
loop_
_chem_comp.id
_chem_comp.type
_chem_comp.name
_chem_comp.formula
DA DNA linking 2'-DEOXYADENOSINE-5'-MONOPHOSPHATE 'C10 H14 N5 O6 P'
DC DNA linking 2'-DEOXYCYTIDINE-5'-MONOPHOSPHATE 'C9 H14 N3 O7 P'
DG DNA linking 2'-DEOXYGUANOSINE-5'-MONOPHOSPHATE 'C10 H14 N5 O7 P'
DT DNA linking THYMIDINE-5'-MONOPHOSPHATE 'C10 H15 N2 O8 P'
EVP non-polymer '(5S,5aR,8aR,9R)-9-(4-hydroxy-3,5-dimethoxyphenyl)-8-oxo-5,5a,6,8,8a,9-hexahydrofuro[3',4':6,7]naphtho[2,3-d][1,3]dioxol -5-yl 4,6-O-[(1R)-ethylidene]-beta-D-glucopyranoside' 'C29 H32 O13'
GOL non-polymer GLYCEROL 'C3 H8 O3'
MN non-polymer 'MANGANESE (II) ION' 'Mn 2'
NA non-polymer 'SODIUM ION' 'Na 1'
SO4 non-polymer 'SULFATE ION' 'O4 S -2'
#
# COMPACT_ATOMS: atom_id res chain seq x y z
N ASN A 1 -40.57 57.97 6.38
CA ASN A 1 -41.57 57.65 7.39
C ASN A 1 -40.98 57.53 8.80
N GLU A 2 -41.83 57.56 9.84
CA GLU A 2 -41.41 57.49 11.24
C GLU A 2 -41.92 56.23 11.97
N ARG A 3 -41.02 55.56 12.71
CA ARG A 3 -41.34 54.35 13.47
C ARG A 3 -41.08 54.52 14.97
N ASN A 4 -42.03 54.06 15.81
CA ASN A 4 -41.95 54.11 17.27
C ASN A 4 -40.91 53.09 17.75
N ILE A 5 -40.03 53.51 18.68
CA ILE A 5 -38.95 52.70 19.25
C ILE A 5 -39.50 51.45 19.99
N THR A 6 -40.61 51.60 20.73
CA THR A 6 -41.25 50.52 21.50
C THR A 6 -41.85 49.48 20.56
N SER A 7 -42.57 49.95 19.51
CA SER A 7 -43.20 49.12 18.48
C SER A 7 -42.13 48.37 17.66
N GLU A 8 -41.01 49.06 17.34
CA GLU A 8 -39.88 48.49 16.60
C GLU A 8 -39.17 47.40 17.41
N MET A 9 -38.95 47.63 18.71
CA MET A 9 -38.30 46.67 19.61
C MET A 9 -39.16 45.42 19.80
N ARG A 10 -40.49 45.60 19.98
CA ARG A 10 -41.45 44.52 20.17
C ARG A 10 -41.62 43.65 18.93
N GLU A 11 -41.75 44.26 17.74
CA GLU A 11 -41.92 43.57 16.46
C GLU A 11 -40.67 42.82 15.99
N SER A 12 -39.49 43.50 16.01
CA SER A 12 -38.21 42.90 15.59
C SER A 12 -37.74 41.75 16.48
N PHE A 13 -37.85 41.90 17.82
CA PHE A 13 -37.46 40.87 18.76
C PHE A 13 -38.34 39.62 18.64
N LEU A 14 -39.65 39.82 18.43
CA LEU A 14 -40.61 38.72 18.29
C LEU A 14 -40.32 37.90 17.02
N ASP A 15 -39.97 38.59 15.91
CA ASP A 15 -39.62 37.96 14.64
C ASP A 15 -38.42 37.02 14.80
N TYR A 16 -37.38 37.48 15.52
CA TYR A 16 -36.17 36.70 15.81
C TYR A 16 -36.46 35.58 16.80
N ALA A 17 -37.11 35.91 17.94
CA ALA A 17 -37.46 34.95 19.01
C ALA A 17 -38.21 33.74 18.47
N MET A 18 -39.23 33.97 17.65
CA MET A 18 -40.04 32.92 17.05
C MET A 18 -39.29 32.08 16.03
N SER A 19 -38.42 32.74 15.22
CA SER A 19 -37.61 32.06 14.21
C SER A 19 -36.60 31.13 14.85
N VAL A 20 -36.01 31.52 16.00
CA VAL A 20 -35.04 30.68 16.72
C VAL A 20 -35.74 29.46 17.35
N ILE A 21 -36.98 29.68 17.81
CA ILE A 21 -37.83 28.66 18.42
C ILE A 21 -38.30 27.61 17.41
N VAL A 22 -39.06 28.05 16.36
CA VAL A 22 -39.67 27.15 15.36
C VAL A 22 -38.76 26.79 14.18
N ALA A 23 -37.67 27.55 13.94
CA ALA A 23 -36.80 27.29 12.80
C ALA A 23 -35.29 27.44 13.10
N ARG A 24 -34.80 26.86 14.22
CA ARG A 24 -33.37 26.89 14.56
C ARG A 24 -32.95 25.93 15.69
N ALA A 25 -33.12 26.36 16.95
CA ALA A 25 -32.66 25.71 18.16
C ALA A 25 -33.51 24.55 18.71
N LEU A 26 -34.78 24.41 18.29
CA LEU A 26 -35.60 23.35 18.84
C LEU A 26 -35.89 22.22 17.85
N PRO A 27 -35.82 20.95 18.31
CA PRO A 27 -36.10 19.82 17.41
C PRO A 27 -37.60 19.51 17.30
N ASP A 28 -37.99 18.83 16.22
CA ASP A 28 -39.37 18.41 16.02
C ASP A 28 -39.56 17.15 16.84
N VAL A 29 -40.75 16.94 17.37
CA VAL A 29 -41.05 15.75 18.16
C VAL A 29 -41.10 14.47 17.28
N ARG A 30 -41.54 14.61 16.01
CA ARG A 30 -41.72 13.54 15.04
C ARG A 30 -40.40 12.88 14.59
N ASP A 31 -39.45 13.67 14.02
CA ASP A 31 -38.17 13.15 13.53
C ASP A 31 -36.95 13.46 14.43
N GLY A 32 -37.15 14.24 15.49
CA GLY A 32 -36.10 14.60 16.44
C GLY A 32 -34.99 15.49 15.91
N LEU A 33 -35.25 16.19 14.80
CA LEU A 33 -34.27 17.04 14.13
C LEU A 33 -34.60 18.53 14.14
N LYS A 34 -33.54 19.35 14.17
CA LYS A 34 -33.59 20.80 14.06
C LYS A 34 -33.55 21.06 12.54
N PRO A 35 -34.00 22.23 12.02
CA PRO A 35 -33.95 22.44 10.55
C PRO A 35 -32.60 22.18 9.88
N VAL A 36 -31.48 22.60 10.50
CA VAL A 36 -30.12 22.40 9.97
C VAL A 36 -29.82 20.89 9.77
N HIS A 37 -30.15 20.04 10.77
CA HIS A 37 -29.93 18.59 10.70
C HIS A 37 -30.74 17.94 9.60
N ARG A 38 -32.04 18.31 9.51
CA ARG A 38 -32.97 17.81 8.50
C ARG A 38 -32.48 18.16 7.09
N ARG A 39 -32.00 19.41 6.91
CA ARG A 39 -31.47 19.91 5.64
C ARG A 39 -30.16 19.23 5.23
N ILE A 40 -29.34 18.82 6.22
CA ILE A 40 -28.08 18.09 5.95
C ILE A 40 -28.44 16.68 5.45
N LEU A 41 -29.29 15.96 6.20
CA LEU A 41 -29.73 14.60 5.89
C LEU A 41 -30.51 14.50 4.58
N TYR A 42 -31.37 15.50 4.27
CA TYR A 42 -32.12 15.54 3.02
C TYR A 42 -31.16 15.82 1.87
N GLY A 43 -30.17 16.68 2.15
CA GLY A 43 -29.10 17.05 1.22
C GLY A 43 -28.31 15.83 0.82
N LEU A 44 -27.80 15.07 1.83
CA LEU A 44 -27.06 13.81 1.66
C LEU A 44 -27.86 12.81 0.83
N ASN A 45 -29.19 12.76 1.03
CA ASN A 45 -30.08 11.89 0.29
C ASN A 45 -30.22 12.35 -1.16
N GLU A 46 -30.47 13.65 -1.39
CA GLU A 46 -30.59 14.24 -2.74
C GLU A 46 -29.29 14.12 -3.54
N GLN A 47 -28.14 14.21 -2.85
CA GLN A 47 -26.79 14.10 -3.41
C GLN A 47 -26.42 12.63 -3.70
N GLY A 48 -27.28 11.70 -3.29
CA GLY A 48 -27.08 10.26 -3.46
C GLY A 48 -25.95 9.70 -2.61
N MET A 49 -25.66 10.37 -1.47
CA MET A 49 -24.59 10.00 -0.54
C MET A 49 -24.95 8.84 0.39
N THR A 50 -25.44 7.74 -0.19
CA THR A 50 -25.83 6.52 0.51
C THR A 50 -24.60 5.76 1.08
N PRO A 51 -24.75 4.89 2.12
CA PRO A 51 -23.58 4.19 2.70
C PRO A 51 -22.74 3.34 1.75
N ASP A 52 -23.34 2.81 0.66
CA ASP A 52 -22.66 1.98 -0.35
C ASP A 52 -21.73 2.77 -1.27
N LYS A 53 -21.99 4.08 -1.43
CA LYS A 53 -21.21 4.98 -2.29
C LYS A 53 -20.03 5.62 -1.55
N SER A 54 -18.94 5.93 -2.28
CA SER A 54 -17.71 6.53 -1.74
C SER A 54 -17.94 7.91 -1.10
N TYR A 55 -17.07 8.28 -0.13
CA TYR A 55 -17.12 9.55 0.61
C TYR A 55 -16.94 10.77 -0.31
N LYS A 56 -17.65 11.86 0.01
CA LYS A 56 -17.62 13.13 -0.72
C LYS A 56 -17.08 14.19 0.24
N LYS A 57 -16.23 15.09 -0.27
CA LYS A 57 -15.64 16.19 0.48
C LYS A 57 -16.73 17.02 1.18
N SER A 58 -16.52 17.33 2.46
CA SER A 58 -17.47 18.08 3.32
C SER A 58 -17.85 19.44 2.77
N ALA A 59 -16.90 20.17 2.14
CA ALA A 59 -17.14 21.49 1.55
C ALA A 59 -18.19 21.43 0.44
N ARG A 60 -18.25 20.30 -0.29
CA ARG A 60 -19.20 20.07 -1.38
C ARG A 60 -20.59 19.73 -0.85
N ILE A 61 -20.67 18.94 0.22
CA ILE A 61 -21.93 18.57 0.89
C ILE A 61 -22.55 19.84 1.49
N VAL A 62 -21.74 20.65 2.20
CA VAL A 62 -22.15 21.90 2.83
C VAL A 62 -22.62 22.91 1.79
N GLY A 63 -21.88 23.04 0.68
CA GLY A 63 -22.19 23.95 -0.42
C GLY A 63 -23.56 23.74 -1.00
N ASP A 64 -23.93 22.46 -1.25
CA ASP A 64 -25.22 22.07 -1.79
C ASP A 64 -26.35 22.33 -0.80
N VAL A 65 -26.13 22.00 0.49
CA VAL A 65 -27.08 22.21 1.59
C VAL A 65 -27.34 23.72 1.76
N MET A 66 -26.26 24.53 1.74
CA MET A 66 -26.31 25.98 1.87
C MET A 66 -27.04 26.63 0.69
N GLY A 67 -26.66 26.23 -0.52
CA GLY A 67 -27.21 26.74 -1.78
C GLY A 67 -28.66 26.41 -2.03
N LYS A 68 -29.11 25.23 -1.57
CA LYS A 68 -30.47 24.77 -1.80
C LYS A 68 -31.45 24.91 -0.63
N TYR A 69 -31.01 24.70 0.61
CA TYR A 69 -31.94 24.69 1.74
C TYR A 69 -31.58 25.58 2.95
N HIS A 70 -30.29 25.76 3.27
CA HIS A 70 -29.87 26.51 4.46
C HIS A 70 -29.18 27.86 4.14
N PRO A 71 -29.90 29.00 4.11
CA PRO A 71 -29.25 30.28 3.76
C PRO A 71 -28.50 30.93 4.92
N HIS A 72 -27.58 30.17 5.54
CA HIS A 72 -26.77 30.62 6.68
C HIS A 72 -25.28 30.26 6.46
N GLY A 73 -24.41 30.64 7.39
CA GLY A 73 -22.97 30.41 7.30
C GLY A 73 -22.56 28.95 7.22
N ASP A 74 -21.50 28.67 6.43
CA ASP A 74 -20.95 27.34 6.21
C ASP A 74 -20.58 26.59 7.50
N SER A 75 -20.02 27.31 8.49
CA SER A 75 -19.62 26.75 9.77
C SER A 75 -20.79 26.20 10.57
N SER A 76 -21.98 26.85 10.49
CA SER A 76 -23.20 26.42 11.17
C SER A 76 -23.67 25.07 10.63
N ILE A 77 -23.57 24.87 9.30
CA ILE A 77 -23.94 23.63 8.61
C ILE A 77 -22.91 22.55 8.91
N TYR A 78 -21.62 22.87 8.73
CA TYR A 78 -20.52 21.94 8.92
C TYR A 78 -20.42 21.38 10.34
N GLU A 79 -20.42 22.26 11.37
N GLU A 79 -20.42 22.27 11.37
CA GLU A 79 -20.30 21.81 12.77
CA GLU A 79 -20.34 21.92 12.80
C GLU A 79 -21.45 20.92 13.21
C GLU A 79 -21.44 20.94 13.19
N ALA A 80 -22.69 21.17 12.71
CA ALA A 80 -23.87 20.34 13.01
C ALA A 80 -23.70 18.95 12.38
N MET A 81 -23.12 18.92 11.15
CA MET A 81 -22.82 17.67 10.42
C MET A 81 -21.75 16.89 11.17
N VAL A 82 -20.74 17.59 11.74
CA VAL A 82 -19.63 17.00 12.49
C VAL A 82 -20.16 16.23 13.70
N ARG A 83 -21.01 16.87 14.55
CA ARG A 83 -21.62 16.26 15.74
C ARG A 83 -22.33 14.96 15.40
N MET A 84 -23.04 14.92 14.26
CA MET A 84 -23.77 13.77 13.75
C MET A 84 -22.85 12.60 13.36
N ALA A 85 -21.55 12.89 13.13
CA ALA A 85 -20.55 11.88 12.79
C ALA A 85 -19.73 11.45 14.01
N GLN A 86 -19.89 12.16 15.14
CA GLN A 86 -19.18 11.87 16.40
C GLN A 86 -19.90 10.80 17.20
N ASP A 87 -19.22 9.65 17.40
CA ASP A 87 -19.72 8.49 18.13
C ASP A 87 -19.87 8.75 19.64
N PHE A 88 -19.25 9.83 20.15
CA PHE A 88 -19.31 10.26 21.55
C PHE A 88 -20.41 11.31 21.76
N SER A 89 -20.90 11.91 20.67
CA SER A 89 -21.96 12.93 20.70
C SER A 89 -23.31 12.31 20.38
N TYR A 90 -23.35 11.45 19.33
CA TYR A 90 -24.56 10.78 18.86
C TYR A 90 -24.55 9.30 19.20
N ARG A 91 -25.59 8.85 19.95
CA ARG A 91 -25.79 7.46 20.37
C ARG A 91 -25.95 6.54 19.16
N TYR A 92 -26.58 7.06 18.11
CA TYR A 92 -26.78 6.39 16.83
C TYR A 92 -26.35 7.40 15.75
N PRO A 93 -25.02 7.49 15.46
CA PRO A 93 -24.53 8.50 14.50
C PRO A 93 -25.27 8.51 13.17
N LEU A 94 -25.63 9.72 12.71
CA LEU A 94 -26.38 9.95 11.47
C LEU A 94 -25.48 10.23 10.26
N VAL A 95 -24.21 10.58 10.50
CA VAL A 95 -23.23 10.87 9.45
C VAL A 95 -22.00 9.96 9.63
N ASP A 96 -21.52 9.39 8.52
CA ASP A 96 -20.32 8.55 8.47
C ASP A 96 -19.24 9.46 7.90
N GLY A 97 -18.32 9.86 8.76
CA GLY A 97 -17.22 10.76 8.39
C GLY A 97 -15.86 10.13 8.29
N GLN A 98 -15.05 10.64 7.36
CA GLN A 98 -13.67 10.23 7.08
C GLN A 98 -12.76 11.41 7.39
N GLY A 99 -11.73 11.15 8.20
CA GLY A 99 -10.76 12.16 8.59
C GLY A 99 -10.92 12.57 10.05
N ASN A 100 -10.40 13.75 10.39
CA ASN A 100 -10.47 14.27 11.76
C ASN A 100 -11.81 14.95 12.03
N PHE A 101 -12.64 14.31 12.84
CA PHE A 101 -13.95 14.82 13.23
C PHE A 101 -13.98 15.22 14.72
N GLY A 102 -12.79 15.46 15.28
CA GLY A 102 -12.62 15.86 16.67
C GLY A 102 -12.74 14.69 17.63
N SER A 103 -12.36 14.94 18.88
CA SER A 103 -12.42 13.91 19.92
C SER A 103 -13.08 14.45 21.19
N MET A 104 -13.04 13.65 22.27
CA MET A 104 -13.60 13.96 23.57
C MET A 104 -12.85 15.11 24.28
N ASP A 105 -11.61 15.41 23.85
CA ASP A 105 -10.77 16.47 24.42
C ASP A 105 -11.18 17.89 23.99
N GLY A 106 -12.35 18.00 23.36
CA GLY A 106 -12.92 19.27 22.92
C GLY A 106 -12.27 19.90 21.71
N ASP A 107 -11.19 19.28 21.19
CA ASP A 107 -10.50 19.75 19.99
C ASP A 107 -11.47 19.51 18.84
N GLY A 108 -11.66 20.54 18.04
CA GLY A 108 -12.59 20.50 16.93
C GLY A 108 -12.18 19.62 15.77
N ALA A 109 -13.10 19.46 14.82
CA ALA A 109 -12.85 18.70 13.60
C ALA A 109 -11.96 19.52 12.69
N ALA A 110 -11.21 18.84 11.80
CA ALA A 110 -10.36 19.50 10.80
C ALA A 110 -11.32 20.20 9.83
N ALA A 111 -10.91 21.37 9.29
CA ALA A 111 -11.70 22.19 8.38
C ALA A 111 -12.36 21.37 7.27
N MET A 112 -13.55 21.81 6.88
CA MET A 112 -14.42 21.30 5.83
C MET A 112 -13.67 20.69 4.60
N ARG A 113 -12.55 21.33 4.20
N ARG A 113 -12.55 21.31 4.19
CA ARG A 113 -11.68 20.95 3.09
CA ARG A 113 -11.73 20.89 3.05
C ARG A 113 -10.95 19.61 3.31
C ARG A 113 -10.96 19.58 3.30
N PTR A 114 -10.58 19.31 4.56
CA PTR A 114 -9.82 18.12 4.97
C PTR A 114 -10.68 16.91 5.37
O PTR A 114 -10.13 15.84 5.65
CB PTR A 114 -8.89 18.56 6.12
CG PTR A 114 -8.03 19.74 5.74
CD1 PTR A 114 -7.10 19.50 4.72
CD2 PTR A 114 -8.13 21.03 6.37
CE1 PTR A 114 -6.28 20.52 4.29
CE2 PTR A 114 -7.26 22.10 5.93
CZ PTR A 114 -6.28 21.81 4.89
OH PTR A 114 -5.36 22.74 4.37
P PTR A 114 -3.82 22.29 4.44
O1P PTR A 114 -3.46 21.11 3.50
O2P PTR A 114 -3.32 22.08 5.88
O3P PTR A 114 -2.89 23.27 3.76
N THR A 115 -12.01 17.07 5.38
CA THR A 115 -12.92 16.00 5.77
C THR A 115 -13.85 15.58 4.65
N GLU A 116 -14.26 14.31 4.69
CA GLU A 116 -15.16 13.66 3.73
C GLU A 116 -16.29 13.03 4.53
N ALA A 117 -17.51 12.94 3.93
CA ALA A 117 -18.66 12.34 4.62
C ALA A 117 -19.68 11.69 3.68
N ARG A 118 -20.58 10.88 4.27
CA ARG A 118 -21.71 10.17 3.66
C ARG A 118 -22.65 9.80 4.82
N MET A 119 -23.89 9.36 4.53
CA MET A 119 -24.79 8.98 5.61
C MET A 119 -24.52 7.56 6.13
N THR A 120 -24.95 7.30 7.37
CA THR A 120 -24.83 5.98 8.02
C THR A 120 -26.02 5.12 7.58
N LYS A 121 -25.95 3.80 7.81
CA LYS A 121 -27.04 2.86 7.45
C LYS A 121 -28.35 3.17 8.17
N ILE A 122 -28.27 3.65 9.44
CA ILE A 122 -29.43 4.01 10.26
C ILE A 122 -30.15 5.26 9.71
N THR A 123 -29.43 6.16 9.00
CA THR A 123 -29.98 7.39 8.41
C THR A 123 -30.94 7.07 7.26
N LEU A 124 -30.71 5.96 6.54
CA LEU A 124 -31.59 5.50 5.47
C LEU A 124 -32.98 5.24 6.07
N GLU A 125 -33.05 4.84 7.35
CA GLU A 125 -34.30 4.61 8.06
C GLU A 125 -35.03 5.91 8.42
N LEU A 126 -34.30 7.05 8.50
CA LEU A 126 -34.92 8.34 8.76
C LEU A 126 -35.57 8.87 7.48
N LEU A 127 -34.96 8.56 6.32
CA LEU A 127 -35.38 8.98 4.98
C LEU A 127 -36.19 7.92 4.23
N ARG A 128 -36.41 6.74 4.84
CA ARG A 128 -37.16 5.64 4.22
C ARG A 128 -38.58 6.07 3.88
N ASP A 129 -39.01 5.79 2.63
CA ASP A 129 -40.34 6.09 2.06
C ASP A 129 -40.63 7.61 1.94
N ILE A 130 -39.59 8.46 1.84
CA ILE A 130 -39.74 9.92 1.74
C ILE A 130 -40.43 10.37 0.42
N ASN A 131 -40.14 9.67 -0.70
CA ASN A 131 -40.67 9.99 -2.02
C ASN A 131 -41.99 9.24 -2.31
N LYS A 132 -42.64 8.74 -1.25
CA LYS A 132 -43.88 7.98 -1.32
C LYS A 132 -45.04 8.76 -0.68
N ASP A 133 -45.04 10.11 -0.84
CA ASP A 133 -46.06 11.05 -0.35
C ASP A 133 -46.44 10.80 1.14
N THR A 134 -45.43 10.47 1.95
CA THR A 134 -45.57 10.17 3.39
C THR A 134 -45.49 11.43 4.24
N ILE A 135 -44.72 12.42 3.78
CA ILE A 135 -44.52 13.70 4.46
C ILE A 135 -44.83 14.89 3.56
N ASP A 136 -45.23 16.03 4.15
CA ASP A 136 -45.53 17.25 3.39
C ASP A 136 -44.24 17.97 3.01
N PHE A 137 -44.09 18.31 1.72
CA PHE A 137 -42.95 19.07 1.20
C PHE A 137 -43.32 20.54 1.12
N ILE A 138 -42.36 21.41 1.45
CA ILE A 138 -42.55 22.86 1.44
C ILE A 138 -41.54 23.54 0.53
N ASP A 139 -41.84 24.79 0.13
CA ASP A 139 -40.96 25.62 -0.68
C ASP A 139 -39.75 26.02 0.14
N ASN A 140 -38.56 26.09 -0.50
CA ASN A 140 -37.34 26.50 0.19
C ASN A 140 -37.31 28.03 0.38
N TYR A 141 -36.22 28.57 0.99
CA TYR A 141 -36.03 30.00 1.28
C TYR A 141 -36.21 30.93 0.06
N ASP A 142 -35.77 30.49 -1.15
CA ASP A 142 -35.87 31.29 -2.38
C ASP A 142 -37.06 30.88 -3.28
N GLY A 143 -37.64 29.71 -3.02
CA GLY A 143 -38.76 29.18 -3.78
C GLY A 143 -38.36 28.49 -5.07
N ASN A 144 -37.06 28.19 -5.23
CA ASN A 144 -36.51 27.55 -6.43
C ASN A 144 -36.26 26.06 -6.22
N GLU A 145 -36.47 25.57 -4.99
CA GLU A 145 -36.31 24.16 -4.61
C GLU A 145 -37.44 23.70 -3.67
N ARG A 146 -37.54 22.38 -3.42
CA ARG A 146 -38.52 21.79 -2.52
C ARG A 146 -37.79 21.04 -1.40
N GLU A 147 -38.24 21.24 -0.16
CA GLU A 147 -37.63 20.63 1.01
C GLU A 147 -38.67 19.99 1.94
N PRO A 148 -38.33 18.90 2.66
CA PRO A 148 -39.32 18.30 3.58
C PRO A 148 -39.50 19.10 4.87
N SER A 149 -40.75 19.15 5.37
CA SER A 149 -41.09 19.81 6.62
C SER A 149 -40.71 18.91 7.80
N VAL A 150 -40.67 17.59 7.55
CA VAL A 150 -40.34 16.53 8.51
C VAL A 150 -39.91 15.28 7.72
N LEU A 151 -39.04 14.44 8.30
CA LEU A 151 -38.58 13.20 7.67
C LEU A 151 -39.48 12.04 8.17
N PRO A 152 -39.71 10.97 7.37
CA PRO A 152 -40.56 9.86 7.85
C PRO A 152 -40.15 9.24 9.19
N ALA A 153 -38.83 9.20 9.48
CA ALA A 153 -38.21 8.72 10.72
C ALA A 153 -38.77 7.40 11.24
N ARG A 154 -38.32 6.29 10.63
CA ARG A 154 -38.80 4.94 10.96
C ARG A 154 -38.29 4.40 12.32
N PHE A 155 -37.53 5.20 13.08
CA PHE A 155 -37.07 4.90 14.44
C PHE A 155 -37.22 6.18 15.31
N PRO A 156 -37.58 6.07 16.61
CA PRO A 156 -37.77 7.29 17.44
C PRO A 156 -36.47 8.05 17.73
N ASN A 157 -36.05 8.89 16.76
CA ASN A 157 -34.81 9.66 16.79
C ASN A 157 -34.71 10.69 17.91
N LEU A 158 -35.82 11.41 18.24
CA LEU A 158 -35.81 12.44 19.29
C LEU A 158 -35.24 11.90 20.60
N LEU A 159 -35.73 10.73 21.03
CA LEU A 159 -35.26 10.11 22.26
C LEU A 159 -33.98 9.32 22.04
N ALA A 160 -33.78 8.73 20.84
CA ALA A 160 -32.59 7.94 20.51
C ALA A 160 -31.28 8.75 20.50
N ASN A 161 -31.29 9.93 19.88
CA ASN A 161 -30.10 10.77 19.79
C ASN A 161 -30.15 12.05 20.66
N GLY A 162 -31.28 12.27 21.33
CA GLY A 162 -31.49 13.41 22.20
C GLY A 162 -31.43 14.76 21.49
N ALA A 163 -31.41 15.84 22.28
CA ALA A 163 -31.33 17.21 21.78
C ALA A 163 -30.79 18.15 22.85
N SER A 164 -30.05 19.18 22.43
CA SER A 164 -29.53 20.23 23.31
C SER A 164 -29.44 21.52 22.49
N GLY A 165 -30.47 22.36 22.64
CA GLY A 165 -30.57 23.63 21.92
C GLY A 165 -31.01 24.79 22.77
N ILE A 166 -30.30 25.93 22.62
CA ILE A 166 -30.60 27.18 23.34
C ILE A 166 -31.42 28.10 22.41
N ALA A 167 -32.72 28.28 22.71
CA ALA A 167 -33.60 29.15 21.93
C ALA A 167 -33.71 30.54 22.60
N VAL A 168 -34.86 31.23 22.45
CA VAL A 168 -35.12 32.55 23.08
C VAL A 168 -36.34 32.37 23.98
N GLY A 169 -36.16 32.68 25.26
CA GLY A 169 -37.20 32.51 26.28
C GLY A 169 -37.27 31.11 26.83
N MET A 170 -36.60 30.15 26.17
CA MET A 170 -36.57 28.73 26.52
C MET A 170 -35.33 28.03 25.94
N ALA A 171 -35.13 26.78 26.36
CA ALA A 171 -34.04 25.91 25.92
C ALA A 171 -34.50 24.44 25.97
N THR A 172 -33.72 23.53 25.38
CA THR A 172 -34.04 22.10 25.39
C THR A 172 -32.83 21.26 25.76
N ASN A 173 -33.08 20.19 26.52
CA ASN A 173 -32.05 19.24 26.94
C ASN A 173 -32.67 17.85 27.15
N ILE A 174 -32.65 17.05 26.07
CA ILE A 174 -33.18 15.69 26.00
C ILE A 174 -31.99 14.71 25.96
N PRO A 175 -31.90 13.72 26.88
CA PRO A 175 -30.75 12.80 26.83
C PRO A 175 -30.93 11.70 25.77
N PRO A 176 -29.82 11.09 25.27
CA PRO A 176 -29.99 9.99 24.30
C PRO A 176 -30.47 8.72 25.00
N HIS A 177 -31.16 7.84 24.28
CA HIS A 177 -31.70 6.59 24.81
C HIS A 177 -31.32 5.38 23.94
N ASN A 178 -31.54 4.16 24.47
CA ASN A 178 -31.28 2.89 23.79
C ASN A 178 -32.45 2.58 22.86
N LEU A 179 -32.16 2.34 21.57
CA LEU A 179 -33.13 2.05 20.52
C LEU A 179 -33.99 0.82 20.78
N THR A 180 -33.38 -0.28 21.26
CA THR A 180 -34.08 -1.53 21.58
C THR A 180 -35.15 -1.26 22.64
N GLU A 181 -34.79 -0.49 23.67
CA GLU A 181 -35.67 -0.09 24.77
C GLU A 181 -36.79 0.83 24.29
N LEU A 182 -36.45 1.82 23.45
CA LEU A 182 -37.41 2.78 22.88
C LEU A 182 -38.47 2.13 21.99
N ILE A 183 -38.04 1.26 21.05
CA ILE A 183 -38.96 0.56 20.14
C ILE A 183 -39.91 -0.32 20.97
N ASN A 184 -39.38 -1.03 21.99
CA ASN A 184 -40.16 -1.85 22.93
C ASN A 184 -41.22 -1.00 23.65
N GLY A 185 -40.87 0.25 23.95
CA GLY A 185 -41.77 1.23 24.57
C GLY A 185 -42.90 1.64 23.64
N VAL A 186 -42.59 1.85 22.35
CA VAL A 186 -43.56 2.21 21.31
C VAL A 186 -44.52 1.03 21.07
N LEU A 187 -43.98 -0.20 21.03
CA LEU A 187 -44.76 -1.43 20.86
C LEU A 187 -45.73 -1.67 22.02
N SER A 188 -45.29 -1.34 23.25
CA SER A 188 -46.08 -1.45 24.48
C SER A 188 -47.21 -0.41 24.49
N LEU A 189 -46.92 0.80 23.99
CA LEU A 189 -47.87 1.90 23.86
C LEU A 189 -48.93 1.61 22.79
N SER A 190 -48.54 0.96 21.67
CA SER A 190 -49.44 0.61 20.58
C SER A 190 -50.47 -0.47 20.98
N LYS A 191 -50.08 -1.36 21.92
CA LYS A 191 -50.90 -2.44 22.45
C LYS A 191 -51.83 -1.94 23.57
N ASN A 192 -51.38 -0.92 24.33
CA ASN A 192 -52.11 -0.30 25.43
C ASN A 192 -51.97 1.24 25.37
N PRO A 193 -52.95 1.98 24.81
CA PRO A 193 -52.83 3.46 24.75
C PRO A 193 -52.92 4.16 26.10
N ASP A 194 -53.45 3.47 27.13
CA ASP A 194 -53.60 4.02 28.49
C ASP A 194 -52.45 3.57 29.41
N ILE A 195 -51.27 3.28 28.80
CA ILE A 195 -50.07 2.83 29.51
C ILE A 195 -49.52 3.92 30.45
N SER A 196 -49.08 3.51 31.66
CA SER A 196 -48.49 4.41 32.64
C SER A 196 -47.00 4.61 32.33
N ILE A 197 -46.43 5.75 32.76
CA ILE A 197 -45.02 6.08 32.53
C ILE A 197 -44.12 5.09 33.31
N ALA A 198 -44.59 4.57 34.46
CA ALA A 198 -43.89 3.56 35.25
C ALA A 198 -43.84 2.22 34.51
N GLU A 199 -44.91 1.91 33.72
CA GLU A 199 -44.99 0.70 32.89
C GLU A 199 -44.12 0.84 31.64
N LEU A 200 -43.99 2.08 31.11
CA LEU A 200 -43.13 2.38 29.96
C LEU A 200 -41.66 2.27 30.39
N MET A 201 -41.39 2.50 31.69
CA MET A 201 -40.08 2.41 32.32
C MET A 201 -39.59 0.96 32.50
N GLU A 202 -40.47 -0.03 32.26
CA GLU A 202 -40.14 -1.45 32.31
C GLU A 202 -39.33 -1.81 31.05
N ASP A 203 -39.56 -1.05 29.96
CA ASP A 203 -38.86 -1.18 28.69
C ASP A 203 -37.72 -0.15 28.67
N ILE A 204 -38.06 1.15 28.79
CA ILE A 204 -37.09 2.26 28.82
C ILE A 204 -36.62 2.49 30.27
N GLU A 205 -35.53 1.79 30.67
CA GLU A 205 -34.92 1.88 32.01
C GLU A 205 -34.50 3.30 32.39
N GLY A 206 -33.94 4.01 31.42
CA GLY A 206 -33.48 5.38 31.56
C GLY A 206 -32.66 5.84 30.36
N PRO A 207 -31.94 6.99 30.46
CA PRO A 207 -31.13 7.42 29.31
C PRO A 207 -29.91 6.52 29.09
N ASP A 208 -29.52 6.37 27.83
CA ASP A 208 -28.38 5.57 27.43
C ASP A 208 -27.43 6.45 26.63
N PHE A 209 -26.33 6.87 27.29
CA PHE A 209 -25.32 7.76 26.70
C PHE A 209 -24.33 7.00 25.82
N PRO A 210 -23.85 7.60 24.70
CA PRO A 210 -22.87 6.91 23.85
C PRO A 210 -21.50 6.74 24.52
N THR A 211 -21.20 7.64 25.49
CA THR A 211 -19.96 7.69 26.27
C THR A 211 -20.06 6.75 27.47
N ALA A 212 -21.13 5.90 27.50
CA ALA A 212 -21.50 4.93 28.53
C ALA A 212 -21.61 5.56 29.92
N GLY A 213 -20.74 5.17 30.85
CA GLY A 213 -20.71 5.70 32.20
C GLY A 213 -21.71 5.05 33.12
N LEU A 214 -22.06 5.76 34.22
CA LEU A 214 -22.98 5.29 35.25
C LEU A 214 -24.03 6.33 35.64
N ILE A 215 -25.25 5.89 36.00
CA ILE A 215 -26.33 6.76 36.46
C ILE A 215 -26.65 6.43 37.92
N LEU A 216 -26.61 7.44 38.79
CA LEU A 216 -26.90 7.28 40.22
C LEU A 216 -28.39 7.44 40.51
N GLY A 217 -29.07 6.30 40.69
CA GLY A 217 -30.50 6.22 40.99
C GLY A 217 -31.45 6.36 39.83
N LYS A 218 -32.70 5.87 40.01
CA LYS A 218 -33.81 5.91 39.05
C LYS A 218 -34.76 7.08 39.36
N SER A 219 -34.61 7.68 40.55
CA SER A 219 -35.41 8.79 41.09
C SER A 219 -35.43 10.02 40.18
N GLY A 220 -34.24 10.45 39.73
CA GLY A 220 -34.07 11.58 38.83
C GLY A 220 -34.63 11.33 37.44
N ILE A 221 -34.52 10.07 36.97
CA ILE A 221 -35.03 9.59 35.68
C ILE A 221 -36.57 9.65 35.70
N ARG A 222 -37.19 9.10 36.77
CA ARG A 222 -38.65 9.08 36.98
C ARG A 222 -39.25 10.47 36.91
N ARG A 223 -38.63 11.47 37.57
CA ARG A 223 -39.07 12.86 37.56
C ARG A 223 -39.03 13.43 36.15
N ALA A 224 -37.93 13.16 35.41
CA ALA A 224 -37.73 13.61 34.03
C ALA A 224 -38.77 13.01 33.09
N TYR A 225 -39.13 11.74 33.31
CA TYR A 225 -40.10 11.04 32.49
C TYR A 225 -41.55 11.39 32.81
N GLU A 226 -41.84 11.78 34.07
CA GLU A 226 -43.19 12.13 34.52
C GLU A 226 -43.55 13.61 34.28
N THR A 227 -42.58 14.52 34.43
CA THR A 227 -42.82 15.97 34.31
C THR A 227 -42.22 16.62 33.07
N GLY A 228 -41.16 16.01 32.53
CA GLY A 228 -40.43 16.54 31.38
C GLY A 228 -39.16 17.25 31.82
N ARG A 229 -39.00 17.41 33.15
CA ARG A 229 -37.86 18.07 33.80
C ARG A 229 -37.39 17.21 34.98
N GLY A 230 -36.09 17.25 35.24
CA GLY A 230 -35.45 16.48 36.32
C GLY A 230 -33.94 16.41 36.18
N SER A 231 -33.24 16.17 37.29
CA SER A 231 -31.78 16.06 37.34
C SER A 231 -31.32 14.61 37.42
N ILE A 232 -30.45 14.19 36.49
CA ILE A 232 -29.89 12.84 36.45
C ILE A 232 -28.38 12.90 36.73
N GLN A 233 -27.92 12.20 37.77
CA GLN A 233 -26.50 12.19 38.14
C GLN A 233 -25.70 11.19 37.32
N MET A 234 -24.74 11.69 36.52
CA MET A 234 -23.86 10.90 35.67
C MET A 234 -22.51 10.75 36.36
N ARG A 235 -22.07 9.51 36.61
CA ARG A 235 -20.79 9.22 37.25
C ARG A 235 -19.86 8.42 36.31
N SER A 236 -18.56 8.74 36.33
CA SER A 236 -17.53 8.07 35.56
C SER A 236 -17.34 6.62 36.04
N ARG A 237 -16.85 5.75 35.17
CA ARG A 237 -16.53 4.37 35.54
C ARG A 237 -15.07 4.38 36.02
N ALA A 238 -14.88 4.25 37.34
CA ALA A 238 -13.55 4.26 37.96
C ALA A 238 -13.33 3.04 38.85
N VAL A 239 -12.18 2.38 38.67
CA VAL A 239 -11.78 1.21 39.45
C VAL A 239 -10.51 1.52 40.23
N ILE A 240 -10.44 1.06 41.49
CA ILE A 240 -9.26 1.25 42.33
C ILE A 240 -8.45 -0.05 42.23
N GLU A 241 -7.46 -0.06 41.33
CA GLU A 241 -6.61 -1.22 41.07
C GLU A 241 -5.49 -1.32 42.09
N GLU A 242 -5.31 -2.51 42.71
CA GLU A 242 -4.27 -2.77 43.70
C GLU A 242 -2.94 -3.01 42.96
N ARG A 243 -2.24 -1.90 42.63
CA ARG A 243 -0.98 -1.87 41.89
C ARG A 243 0.27 -2.19 42.77
N GLY A 244 0.38 -3.45 43.19
CA GLY A 244 1.50 -3.92 44.01
C GLY A 244 1.21 -4.17 45.47
N GLY A 245 2.22 -3.93 46.31
CA GLY A 245 2.18 -4.12 47.76
C GLY A 245 1.20 -3.21 48.47
N GLY A 246 1.66 -2.02 48.84
CA GLY A 246 0.84 -1.00 49.50
C GLY A 246 0.43 0.13 48.58
N ARG A 247 0.78 0.02 47.28
CA ARG A 247 0.51 1.01 46.24
C ARG A 247 -0.85 0.81 45.56
N GLN A 248 -1.45 1.94 45.10
CA GLN A 248 -2.75 1.96 44.43
C GLN A 248 -2.76 2.93 43.24
N ARG A 249 -3.83 2.85 42.41
CA ARG A 249 -4.07 3.67 41.22
C ARG A 249 -5.53 3.64 40.81
N ILE A 250 -6.13 4.83 40.57
CA ILE A 250 -7.50 4.98 40.09
C ILE A 250 -7.46 5.01 38.55
N VAL A 251 -8.27 4.14 37.91
CA VAL A 251 -8.34 4.05 36.44
C VAL A 251 -9.76 4.41 35.98
N VAL A 252 -9.89 5.53 35.25
CA VAL A 252 -11.17 6.00 34.71
C VAL A 252 -11.29 5.52 33.25
N THR A 253 -12.26 4.63 32.98
CA THR A 253 -12.47 4.03 31.65
C THR A 253 -13.63 4.67 30.87
N GLU A 254 -14.59 5.30 31.58
CA GLU A 254 -15.76 5.96 30.98
C GLU A 254 -15.99 7.31 31.66
N ILE A 255 -16.33 8.34 30.89
CA ILE A 255 -16.58 9.70 31.40
C ILE A 255 -18.03 10.16 31.13
N PRO A 256 -18.59 11.15 31.88
CA PRO A 256 -19.98 11.57 31.62
C PRO A 256 -20.19 12.24 30.25
N PHE A 257 -21.45 12.21 29.78
CA PHE A 257 -21.86 12.77 28.50
C PHE A 257 -21.70 14.29 28.45
N GLN A 258 -21.19 14.79 27.30
CA GLN A 258 -20.93 16.20 26.98
C GLN A 258 -19.87 16.84 27.92
N VAL A 259 -18.95 16.02 28.45
CA VAL A 259 -17.87 16.47 29.35
C VAL A 259 -16.54 16.43 28.60
N ASN A 260 -15.80 17.56 28.62
CA ASN A 260 -14.49 17.68 27.99
C ASN A 260 -13.47 16.95 28.85
N LYS A 261 -12.89 15.86 28.32
CA LYS A 261 -11.91 15.01 29.00
C LYS A 261 -10.63 15.78 29.39
N ALA A 262 -10.09 16.59 28.46
CA ALA A 262 -8.89 17.41 28.68
C ALA A 262 -9.11 18.47 29.76
N ARG A 263 -10.30 19.09 29.79
CA ARG A 263 -10.69 20.10 30.77
C ARG A 263 -10.90 19.48 32.15
N MET A 264 -11.38 18.21 32.19
CA MET A 264 -11.59 17.45 33.42
C MET A 264 -10.25 17.12 34.08
N ILE A 265 -9.24 16.73 33.27
CA ILE A 265 -7.86 16.43 33.70
C ILE A 265 -7.21 17.72 34.20
N GLU A 266 -7.46 18.85 33.49
CA GLU A 266 -6.98 20.20 33.81
C GLU A 266 -7.51 20.65 35.19
N LYS A 267 -8.75 20.25 35.56
CA LYS A 267 -9.39 20.57 36.85
C LYS A 267 -8.74 19.80 37.99
N ILE A 268 -8.38 18.52 37.76
CA ILE A 268 -7.70 17.68 38.77
C ILE A 268 -6.31 18.26 39.04
N ALA A 269 -5.59 18.66 37.96
CA ALA A 269 -4.27 19.28 37.99
C ALA A 269 -4.30 20.64 38.71
N GLU A 270 -5.42 21.37 38.61
CA GLU A 270 -5.68 22.66 39.26
C GLU A 270 -5.77 22.46 40.78
N LEU A 271 -6.49 21.41 41.22
CA LEU A 271 -6.70 21.08 42.64
C LEU A 271 -5.42 20.60 43.33
N VAL A 272 -4.58 19.85 42.60
CA VAL A 272 -3.30 19.32 43.12
C VAL A 272 -2.31 20.48 43.35
N ARG A 273 -2.24 21.41 42.39
CA ARG A 273 -1.39 22.60 42.40
C ARG A 273 -1.81 23.56 43.53
N ASP A 274 -3.13 23.74 43.73
CA ASP A 274 -3.72 24.61 44.76
C ASP A 274 -3.84 23.91 46.13
N LYS A 275 -3.47 22.60 46.20
CA LYS A 275 -3.50 21.74 47.38
C LYS A 275 -4.93 21.57 47.97
N LYS A 276 -5.95 21.62 47.09
CA LYS A 276 -7.37 21.44 47.44
C LYS A 276 -7.71 19.95 47.62
N ILE A 277 -6.86 19.06 47.06
CA ILE A 277 -6.97 17.60 47.14
C ILE A 277 -5.58 17.01 47.39
N ASP A 278 -5.50 15.99 48.28
CA ASP A 278 -4.25 15.34 48.68
C ASP A 278 -4.24 13.83 48.43
N GLY A 279 -3.05 13.27 48.21
CA GLY A 279 -2.86 11.85 47.99
C GLY A 279 -2.61 11.44 46.56
N ILE A 280 -2.49 12.43 45.65
CA ILE A 280 -2.25 12.20 44.22
C ILE A 280 -0.77 12.48 43.90
N THR A 281 -0.06 11.47 43.34
CA THR A 281 1.35 11.55 42.96
C THR A 281 1.51 11.91 41.48
N ASP A 282 0.72 11.25 40.60
CA ASP A 282 0.77 11.47 39.14
C ASP A 282 -0.62 11.39 38.50
N LEU A 283 -0.82 12.14 37.41
CA LEU A 283 -2.06 12.21 36.64
C LEU A 283 -1.72 12.11 35.15
N ARG A 284 -2.13 10.99 34.51
CA ARG A 284 -1.85 10.73 33.10
C ARG A 284 -3.10 10.38 32.30
N ASP A 285 -3.08 10.72 31.00
CA ASP A 285 -4.14 10.42 30.05
C ASP A 285 -3.60 9.37 29.07
N GLU A 286 -3.93 8.10 29.32
CA GLU A 286 -3.50 6.95 28.53
C GLU A 286 -4.56 6.52 27.49
N THR A 287 -5.38 7.48 27.03
CA THR A 287 -6.44 7.27 26.05
C THR A 287 -5.86 7.03 24.65
N SER A 288 -6.21 5.89 24.06
CA SER A 288 -5.82 5.49 22.70
C SER A 288 -7.05 4.90 21.99
N LEU A 289 -7.02 4.84 20.65
CA LEU A 289 -8.14 4.32 19.86
C LEU A 289 -8.40 2.83 20.09
N ARG A 290 -7.34 2.05 20.35
CA ARG A 290 -7.41 0.61 20.60
C ARG A 290 -7.93 0.25 22.00
N THR A 291 -7.43 0.96 23.04
CA THR A 291 -7.78 0.74 24.46
C THR A 291 -9.05 1.48 24.88
N GLY A 292 -9.33 2.60 24.23
CA GLY A 292 -10.47 3.47 24.52
C GLY A 292 -10.07 4.56 25.50
N VAL A 293 -11.03 5.06 26.28
CA VAL A 293 -10.79 6.10 27.29
C VAL A 293 -10.05 5.49 28.49
N ARG A 294 -8.93 6.12 28.89
CA ARG A 294 -8.11 5.67 30.00
C ARG A 294 -7.44 6.86 30.71
N VAL A 295 -7.92 7.18 31.93
CA VAL A 295 -7.36 8.25 32.76
C VAL A 295 -6.79 7.60 34.03
N VAL A 296 -5.46 7.66 34.17
CA VAL A 296 -4.75 7.05 35.30
C VAL A 296 -4.37 8.10 36.36
N ILE A 297 -4.80 7.86 37.60
CA ILE A 297 -4.54 8.72 38.76
C ILE A 297 -3.75 7.88 39.77
N ASP A 298 -2.46 8.21 39.98
CA ASP A 298 -1.60 7.48 40.92
C ASP A 298 -1.76 7.99 42.36
N VAL A 299 -2.03 7.06 43.28
CA VAL A 299 -2.28 7.32 44.71
C VAL A 299 -1.03 6.98 45.54
N ARG A 300 -0.75 7.75 46.61
CA ARG A 300 0.38 7.48 47.51
C ARG A 300 0.08 6.24 48.37
N LYS A 301 1.12 5.50 48.78
CA LYS A 301 0.95 4.32 49.63
C LYS A 301 0.53 4.78 51.03
N ASP A 302 -0.33 3.99 51.70
CA ASP A 302 -0.91 4.28 53.03
C ASP A 302 -1.90 5.47 53.00
N ALA A 303 -2.23 5.99 51.80
CA ALA A 303 -3.20 7.06 51.56
C ALA A 303 -4.45 6.43 50.91
N ASN A 304 -5.63 6.69 51.50
CA ASN A 304 -6.93 6.13 51.10
C ASN A 304 -7.43 6.61 49.73
N ALA A 305 -7.31 5.73 48.71
CA ALA A 305 -7.73 5.97 47.32
C ALA A 305 -9.24 6.11 47.15
N SER A 306 -10.03 5.34 47.94
CA SER A 306 -11.49 5.37 47.92
C SER A 306 -12.03 6.74 48.35
N VAL A 307 -11.33 7.40 49.28
CA VAL A 307 -11.68 8.71 49.81
C VAL A 307 -11.41 9.79 48.74
N ILE A 308 -10.22 9.73 48.09
CA ILE A 308 -9.80 10.66 47.02
C ILE A 308 -10.78 10.60 45.84
N LEU A 309 -11.17 9.38 45.43
CA LEU A 309 -12.13 9.14 44.34
C LEU A 309 -13.48 9.80 44.61
N ASN A 310 -14.00 9.65 45.85
CA ASN A 310 -15.27 10.23 46.30
C ASN A 310 -15.19 11.76 46.33
N ASN A 311 -13.99 12.31 46.63
CA ASN A 311 -13.74 13.74 46.66
C ASN A 311 -13.67 14.28 45.24
N LEU A 312 -13.10 13.48 44.30
CA LEU A 312 -12.99 13.82 42.89
C LEU A 312 -14.36 13.93 42.23
N TYR A 313 -15.34 13.09 42.65
CA TYR A 313 -16.71 13.12 42.14
C TYR A 313 -17.41 14.44 42.53
N LYS A 314 -17.19 14.89 43.79
CA LYS A 314 -17.76 16.10 44.39
C LYS A 314 -17.10 17.38 43.87
N GLN A 315 -15.78 17.37 43.66
CA GLN A 315 -15.01 18.56 43.27
C GLN A 315 -14.76 18.75 41.77
N THR A 316 -14.67 17.66 40.98
CA THR A 316 -14.41 17.78 39.54
C THR A 316 -15.59 17.28 38.66
N PRO A 317 -15.62 17.58 37.33
CA PRO A 317 -16.72 17.06 36.49
C PRO A 317 -16.68 15.54 36.25
N LEU A 318 -15.94 14.79 37.10
CA LEU A 318 -15.85 13.32 37.07
C LEU A 318 -17.24 12.74 37.39
N GLN A 319 -18.10 13.57 38.02
CA GLN A 319 -19.50 13.30 38.30
C GLN A 319 -20.27 14.60 38.02
N THR A 320 -21.02 14.61 36.89
CA THR A 320 -21.79 15.76 36.41
C THR A 320 -23.28 15.40 36.37
N SER A 321 -24.16 16.41 36.46
CA SER A 321 -25.61 16.22 36.39
C SER A 321 -26.13 16.59 35.00
N PHE A 322 -27.16 15.86 34.52
CA PHE A 322 -27.81 16.14 33.25
C PHE A 322 -29.18 16.77 33.56
N GLY A 323 -29.29 18.06 33.32
CA GLY A 323 -30.51 18.83 33.55
C GLY A 323 -31.51 18.64 32.44
N VAL A 324 -32.44 17.69 32.62
CA VAL A 324 -33.48 17.34 31.64
C VAL A 324 -34.53 18.47 31.55
N ASN A 325 -34.83 18.89 30.31
CA ASN A 325 -35.81 19.92 29.95
C ASN A 325 -36.34 19.53 28.55
N MET A 326 -37.29 18.57 28.54
CA MET A 326 -37.84 17.97 27.31
C MET A 326 -38.80 18.88 26.55
N ILE A 327 -38.24 19.84 25.78
CA ILE A 327 -39.00 20.76 24.94
C ILE A 327 -38.74 20.44 23.47
N ALA A 328 -39.81 20.07 22.74
CA ALA A 328 -39.76 19.75 21.32
C ALA A 328 -40.90 20.48 20.63
N LEU A 329 -40.78 20.72 19.31
CA LEU A 329 -41.83 21.38 18.55
C LEU A 329 -42.96 20.41 18.24
N VAL A 330 -44.11 20.60 18.91
CA VAL A 330 -45.33 19.81 18.77
C VAL A 330 -46.32 20.70 18.04
N ASN A 331 -46.70 20.30 16.80
CA ASN A 331 -47.60 21.05 15.90
C ASN A 331 -47.06 22.47 15.63
N GLY A 332 -45.75 22.53 15.34
CA GLY A 332 -45.01 23.75 15.04
C GLY A 332 -44.89 24.72 16.20
N ARG A 333 -45.09 24.25 17.44
CA ARG A 333 -45.04 25.07 18.65
C ARG A 333 -44.25 24.38 19.76
N PRO A 334 -43.46 25.11 20.58
CA PRO A 334 -42.70 24.45 21.65
C PRO A 334 -43.59 23.93 22.78
N LYS A 335 -43.23 22.76 23.34
CA LYS A 335 -43.99 22.14 24.42
C LYS A 335 -43.12 21.26 25.30
N LEU A 336 -43.26 21.42 26.63
CA LEU A 336 -42.58 20.59 27.61
C LEU A 336 -43.37 19.28 27.65
N ILE A 337 -42.76 18.21 27.17
CA ILE A 337 -43.40 16.90 27.06
C ILE A 337 -42.78 15.85 27.99
N ASN A 338 -43.60 14.89 28.46
CA ASN A 338 -43.14 13.77 29.30
C ASN A 338 -42.76 12.60 28.39
N LEU A 339 -42.30 11.46 28.97
CA LEU A 339 -41.90 10.29 28.20
C LEU A 339 -43.04 9.74 27.34
N LYS A 340 -44.26 9.62 27.91
CA LYS A 340 -45.44 9.12 27.20
C LYS A 340 -45.80 10.01 26.01
N GLU A 341 -45.85 11.35 26.23
CA GLU A 341 -46.17 12.35 25.20
C GLU A 341 -45.23 12.27 24.00
N ALA A 342 -43.92 12.08 24.24
CA ALA A 342 -42.89 11.95 23.20
C ALA A 342 -43.14 10.71 22.34
N LEU A 343 -43.46 9.57 22.99
CA LEU A 343 -43.74 8.31 22.30
C LEU A 343 -45.09 8.35 21.58
N VAL A 344 -46.10 9.04 22.15
CA VAL A 344 -47.44 9.19 21.57
C VAL A 344 -47.37 9.92 20.24
N HIS A 345 -46.69 11.09 20.23
CA HIS A 345 -46.49 11.91 19.04
C HIS A 345 -45.68 11.21 17.97
N TYR A 346 -44.69 10.38 18.39
CA TYR A 346 -43.87 9.60 17.46
C TYR A 346 -44.68 8.48 16.80
N LEU A 347 -45.44 7.70 17.61
CA LEU A 347 -46.27 6.60 17.13
C LEU A 347 -47.36 7.11 16.17
N GLU A 348 -47.95 8.28 16.50
CA GLU A 348 -48.98 8.92 15.67
C GLU A 348 -48.41 9.35 14.32
N HIS A 349 -47.12 9.75 14.28
CA HIS A 349 -46.40 10.13 13.06
C HIS A 349 -46.17 8.89 12.19
N GLN A 350 -45.82 7.74 12.83
CA GLN A 350 -45.59 6.46 12.14
C GLN A 350 -46.86 5.95 11.49
N LYS A 351 -48.02 6.09 12.18
CA LYS A 351 -49.34 5.71 11.69
C LYS A 351 -49.68 6.50 10.42
N THR A 352 -49.40 7.83 10.44
CA THR A 352 -49.62 8.75 9.32
C THR A 352 -48.69 8.42 8.15
N VAL A 353 -47.40 8.19 8.43
CA VAL A 353 -46.38 7.85 7.42
C VAL A 353 -46.76 6.54 6.69
N VAL A 354 -47.11 5.48 7.45
CA VAL A 354 -47.49 4.18 6.88
C VAL A 354 -48.83 4.26 6.12
N ARG A 355 -49.82 5.02 6.65
CA ARG A 355 -51.13 5.19 6.00
C ARG A 355 -51.00 5.92 4.66
N ARG A 356 -50.20 7.02 4.65
CA ARG A 356 -49.93 7.83 3.47
C ARG A 356 -49.16 7.04 2.40
N ARG A 357 -48.21 6.18 2.84
CA ARG A 357 -47.42 5.31 1.96
C ARG A 357 -48.35 4.31 1.27
N THR A 358 -49.24 3.66 2.04
CA THR A 358 -50.23 2.68 1.57
C THR A 358 -51.19 3.35 0.59
N GLN A 359 -51.62 4.60 0.89
CA GLN A 359 -52.50 5.41 0.02
C GLN A 359 -51.79 5.74 -1.29
N TYR A 360 -50.49 6.12 -1.22
CA TYR A 360 -49.64 6.43 -2.39
C TYR A 360 -49.48 5.18 -3.26
N ASN A 361 -49.05 4.06 -2.64
CA ASN A 361 -48.82 2.77 -3.31
C ASN A 361 -50.07 2.24 -4.01
N LEU A 362 -51.26 2.44 -3.40
CA LEU A 362 -52.55 2.03 -3.96
C LEU A 362 -52.89 2.86 -5.20
N ARG A 363 -52.63 4.19 -5.17
CA ARG A 363 -52.86 5.10 -6.30
C ARG A 363 -52.04 4.69 -7.52
N LYS A 364 -50.75 4.36 -7.30
CA LYS A 364 -49.82 3.94 -8.34
C LYS A 364 -50.18 2.55 -8.87
N ALA A 365 -50.64 1.65 -7.98
CA ALA A 365 -51.09 0.29 -8.33
C ALA A 365 -52.37 0.33 -9.18
N LYS A 366 -53.36 1.16 -8.76
CA LYS A 366 -54.62 1.34 -9.49
C LYS A 366 -54.38 1.98 -10.86
N ASP A 367 -53.42 2.93 -10.93
CA ASP A 367 -53.05 3.62 -12.17
C ASP A 367 -52.38 2.64 -13.14
N ARG A 368 -51.46 1.80 -12.63
CA ARG A 368 -50.75 0.81 -13.43
C ARG A 368 -51.71 -0.28 -13.95
N ALA A 369 -52.64 -0.75 -13.09
CA ALA A 369 -53.65 -1.74 -13.43
C ALA A 369 -54.52 -1.23 -14.57
N HIS A 370 -54.92 0.06 -14.49
CA HIS A 370 -55.73 0.75 -15.49
C HIS A 370 -55.02 0.77 -16.85
N ILE A 371 -53.69 1.00 -16.83
CA ILE A 371 -52.83 1.00 -18.01
C ILE A 371 -52.77 -0.43 -18.58
N LEU A 372 -52.48 -1.43 -17.70
CA LEU A 372 -52.39 -2.84 -18.08
C LEU A 372 -53.71 -3.38 -18.66
N GLU A 373 -54.86 -2.86 -18.19
CA GLU A 373 -56.19 -3.20 -18.70
C GLU A 373 -56.35 -2.76 -20.16
N GLY A 374 -55.76 -1.61 -20.49
CA GLY A 374 -55.75 -1.05 -21.84
C GLY A 374 -54.87 -1.85 -22.77
N LEU A 375 -53.67 -2.24 -22.28
CA LEU A 375 -52.70 -3.05 -23.02
C LEU A 375 -53.25 -4.46 -23.26
N ARG A 376 -53.99 -5.02 -22.27
CA ARG A 376 -54.64 -6.34 -22.38
C ARG A 376 -55.70 -6.34 -23.46
N ILE A 377 -56.51 -5.26 -23.54
CA ILE A 377 -57.55 -5.07 -24.57
C ILE A 377 -56.85 -5.02 -25.95
N ALA A 378 -55.78 -4.20 -26.05
CA ALA A 378 -54.98 -4.04 -27.26
C ALA A 378 -54.40 -5.35 -27.75
N LEU A 379 -53.83 -6.18 -26.84
CA LEU A 379 -53.23 -7.47 -27.18
C LEU A 379 -54.26 -8.53 -27.61
N ASP A 380 -55.54 -8.34 -27.26
CA ASP A 380 -56.60 -9.26 -27.67
C ASP A 380 -57.14 -8.87 -29.04
N HIS A 381 -57.07 -7.57 -29.40
CA HIS A 381 -57.56 -7.01 -30.66
C HIS A 381 -56.47 -6.31 -31.48
N ILE A 382 -55.23 -6.87 -31.51
CA ILE A 382 -54.04 -6.36 -32.20
C ILE A 382 -54.33 -5.84 -33.61
N ASP A 383 -54.87 -6.72 -34.48
CA ASP A 383 -55.19 -6.41 -35.88
C ASP A 383 -56.06 -5.16 -36.01
N GLU A 384 -57.11 -5.09 -35.18
CA GLU A 384 -58.06 -3.97 -35.12
C GLU A 384 -57.39 -2.71 -34.59
N ILE A 385 -56.55 -2.85 -33.53
CA ILE A 385 -55.79 -1.76 -32.90
C ILE A 385 -54.89 -1.09 -33.94
N ILE A 386 -54.05 -1.89 -34.65
CA ILE A 386 -53.11 -1.43 -35.68
C ILE A 386 -53.85 -0.75 -36.84
N SER A 387 -54.95 -1.35 -37.33
CA SER A 387 -55.76 -0.78 -38.41
C SER A 387 -56.32 0.60 -38.03
N THR A 388 -56.75 0.77 -36.77
CA THR A 388 -57.28 2.02 -36.20
C THR A 388 -56.18 3.10 -36.18
N ILE A 389 -54.93 2.72 -35.84
CA ILE A 389 -53.79 3.64 -35.78
C ILE A 389 -53.36 4.06 -37.18
N ARG A 390 -53.27 3.10 -38.12
CA ARG A 390 -52.85 3.32 -39.51
C ARG A 390 -53.78 4.25 -40.27
N GLU A 391 -55.12 4.08 -40.11
CA GLU A 391 -56.15 4.88 -40.78
C GLU A 391 -56.15 6.35 -40.30
N SER A 392 -55.54 6.62 -39.14
CA SER A 392 -55.47 7.94 -38.52
C SER A 392 -54.35 8.79 -39.08
N ASP A 393 -54.68 10.06 -39.41
CA ASP A 393 -53.74 11.04 -39.97
C ASP A 393 -52.78 11.59 -38.92
N THR A 394 -53.29 11.87 -37.70
CA THR A 394 -52.55 12.44 -36.58
C THR A 394 -52.68 11.56 -35.31
N ASP A 395 -51.87 11.84 -34.28
CA ASP A 395 -51.93 11.14 -32.99
C ASP A 395 -53.23 11.46 -32.24
N LYS A 396 -53.74 12.70 -32.41
CA LYS A 396 -54.98 13.20 -31.83
C LYS A 396 -56.18 12.39 -32.33
N VAL A 397 -56.25 12.12 -33.65
CA VAL A 397 -57.32 11.32 -34.26
C VAL A 397 -57.20 9.87 -33.81
N ALA A 398 -55.95 9.33 -33.76
CA ALA A 398 -55.64 7.97 -33.31
C ALA A 398 -56.13 7.73 -31.90
N MET A 399 -55.94 8.73 -31.01
CA MET A 399 -56.38 8.73 -29.62
C MET A 399 -57.91 8.69 -29.56
N GLU A 400 -58.59 9.60 -30.27
CA GLU A 400 -60.04 9.71 -30.34
C GLU A 400 -60.67 8.41 -30.86
N SER A 401 -60.08 7.83 -31.93
CA SER A 401 -60.55 6.60 -32.56
C SER A 401 -60.41 5.38 -31.66
N LEU A 402 -59.27 5.25 -30.96
CA LEU A 402 -59.01 4.13 -30.03
C LEU A 402 -59.92 4.18 -28.81
N GLN A 403 -60.18 5.39 -28.28
CA GLN A 403 -61.04 5.63 -27.12
C GLN A 403 -62.49 5.28 -27.43
N GLN A 404 -62.98 5.68 -28.62
CA GLN A 404 -64.35 5.47 -29.07
C GLN A 404 -64.64 4.03 -29.49
N ARG A 405 -63.73 3.40 -30.24
CA ARG A 405 -63.90 2.02 -30.75
C ARG A 405 -63.64 0.94 -29.72
N PHE A 406 -62.69 1.13 -28.79
CA PHE A 406 -62.36 0.09 -27.81
C PHE A 406 -62.71 0.44 -26.37
N LYS A 407 -63.56 1.48 -26.16
CA LYS A 407 -64.05 1.95 -24.87
C LYS A 407 -62.90 2.18 -23.85
N LEU A 408 -61.83 2.85 -24.33
CA LEU A 408 -60.62 3.17 -23.55
C LEU A 408 -60.61 4.61 -23.06
N SER A 409 -59.83 4.88 -22.01
CA SER A 409 -59.65 6.22 -21.46
C SER A 409 -58.54 6.94 -22.22
N GLU A 410 -58.31 8.22 -21.89
CA GLU A 410 -57.27 9.04 -22.51
C GLU A 410 -55.88 8.48 -22.20
N LYS A 411 -55.67 8.04 -20.94
CA LYS A 411 -54.42 7.45 -20.45
C LYS A 411 -54.14 6.08 -21.09
N GLN A 412 -55.19 5.26 -21.25
CA GLN A 412 -55.12 3.93 -21.86
C GLN A 412 -54.72 4.02 -23.32
N ALA A 413 -55.34 4.96 -24.05
CA ALA A 413 -55.08 5.21 -25.47
C ALA A 413 -53.63 5.66 -25.70
N GLN A 414 -53.13 6.58 -24.86
CA GLN A 414 -51.75 7.09 -24.92
C GLN A 414 -50.72 5.95 -24.74
N ALA A 415 -51.00 5.03 -23.79
CA ALA A 415 -50.13 3.89 -23.45
C ALA A 415 -49.99 2.92 -24.61
N ILE A 416 -51.09 2.70 -25.34
CA ILE A 416 -51.15 1.82 -26.52
C ILE A 416 -50.32 2.41 -27.66
N LEU A 417 -50.42 3.73 -27.88
CA LEU A 417 -49.65 4.43 -28.91
C LEU A 417 -48.15 4.48 -28.57
N ASP A 418 -47.82 4.52 -27.26
CA ASP A 418 -46.43 4.52 -26.78
C ASP A 418 -45.87 3.09 -26.66
N MET A 419 -46.69 2.07 -26.94
CA MET A 419 -46.30 0.66 -26.86
C MET A 419 -45.41 0.28 -28.04
N ARG A 420 -44.27 -0.34 -27.73
CA ARG A 420 -43.29 -0.75 -28.73
C ARG A 420 -43.70 -2.06 -29.39
N LEU A 421 -43.27 -2.28 -30.65
CA LEU A 421 -43.59 -3.48 -31.43
C LEU A 421 -43.13 -4.78 -30.78
N ARG A 422 -42.04 -4.76 -30.01
CA ARG A 422 -41.52 -5.94 -29.31
C ARG A 422 -42.47 -6.49 -28.23
N ARG A 423 -43.42 -5.66 -27.78
CA ARG A 423 -44.42 -6.04 -26.78
C ARG A 423 -45.47 -7.01 -27.34
N LEU A 424 -45.41 -7.27 -28.66
CA LEU A 424 -46.31 -8.16 -29.39
C LEU A 424 -45.82 -9.62 -29.43
N THR A 425 -44.59 -9.89 -28.92
CA THR A 425 -44.03 -11.25 -28.88
C THR A 425 -44.71 -12.10 -27.80
N GLY A 426 -44.52 -13.42 -27.89
CA GLY A 426 -45.09 -14.42 -26.98
C GLY A 426 -44.88 -14.16 -25.50
N LEU A 427 -43.61 -14.02 -25.09
CA LEU A 427 -43.24 -13.76 -23.69
C LEU A 427 -43.71 -12.42 -23.16
N GLU A 428 -43.66 -11.37 -24.02
CA GLU A 428 -44.04 -10.01 -23.67
C GLU A 428 -45.54 -9.87 -23.40
N ARG A 429 -46.36 -10.75 -24.01
CA ARG A 429 -47.81 -10.80 -23.82
C ARG A 429 -48.12 -11.46 -22.48
N ASP A 430 -47.36 -12.52 -22.13
CA ASP A 430 -47.47 -13.28 -20.88
C ASP A 430 -46.97 -12.46 -19.69
N LYS A 431 -45.94 -11.61 -19.91
CA LYS A 431 -45.33 -10.71 -18.92
C LYS A 431 -46.34 -9.65 -18.45
N ILE A 432 -47.12 -9.08 -19.40
CA ILE A 432 -48.18 -8.09 -19.14
C ILE A 432 -49.29 -8.71 -18.27
N GLU A 433 -49.69 -9.95 -18.58
CA GLU A 433 -50.72 -10.69 -17.85
C GLU A 433 -50.26 -11.06 -16.44
N ALA A 434 -49.01 -11.52 -16.29
CA ALA A 434 -48.41 -11.91 -15.00
C ALA A 434 -48.31 -10.72 -14.06
N GLU A 435 -47.91 -9.55 -14.59
CA GLU A 435 -47.77 -8.28 -13.84
C GLU A 435 -49.13 -7.85 -13.31
N TYR A 436 -50.17 -7.89 -14.18
CA TYR A 436 -51.54 -7.51 -13.85
C TYR A 436 -52.15 -8.37 -12.74
N ASN A 437 -51.91 -9.71 -12.77
CA ASN A 437 -52.45 -10.63 -11.78
C ASN A 437 -51.83 -10.37 -10.40
N GLU A 438 -50.50 -10.18 -10.36
CA GLU A 438 -49.72 -9.87 -9.16
C GLU A 438 -50.13 -8.53 -8.55
N LEU A 439 -50.47 -7.56 -9.43
CA LEU A 439 -50.90 -6.22 -9.07
C LEU A 439 -52.29 -6.20 -8.42
N LEU A 440 -53.20 -7.08 -8.88
CA LEU A 440 -54.55 -7.19 -8.33
C LEU A 440 -54.48 -7.67 -6.89
N ASN A 441 -53.58 -8.62 -6.61
CA ASN A 441 -53.32 -9.19 -5.28
C ASN A 441 -52.66 -8.13 -4.38
N TYR A 442 -51.83 -7.26 -4.97
CA TYR A 442 -51.16 -6.15 -4.27
C TYR A 442 -52.17 -5.09 -3.84
N ILE A 443 -53.12 -4.73 -4.75
CA ILE A 443 -54.20 -3.77 -4.49
C ILE A 443 -55.04 -4.26 -3.30
N SER A 444 -55.37 -5.57 -3.29
CA SER A 444 -56.13 -6.27 -2.24
C SER A 444 -55.45 -6.11 -0.88
N GLU A 445 -54.12 -6.34 -0.83
CA GLU A 445 -53.29 -6.24 0.38
C GLU A 445 -53.30 -4.81 0.96
N LEU A 446 -53.12 -3.80 0.08
CA LEU A 446 -53.11 -2.38 0.44
C LEU A 446 -54.49 -1.92 0.92
N GLU A 447 -55.57 -2.47 0.31
CA GLU A 447 -56.96 -2.15 0.66
C GLU A 447 -57.34 -2.72 2.02
N THR A 448 -56.71 -3.86 2.42
CA THR A 448 -56.90 -4.52 3.72
C THR A 448 -56.31 -3.62 4.83
N ILE A 449 -55.13 -3.03 4.57
CA ILE A 449 -54.42 -2.13 5.49
C ILE A 449 -55.24 -0.85 5.71
N LEU A 450 -55.75 -0.25 4.62
CA LEU A 450 -56.53 0.99 4.67
C LEU A 450 -57.90 0.83 5.30
N ALA A 451 -58.54 -0.35 5.12
CA ALA A 451 -59.87 -0.63 5.68
C ALA A 451 -59.89 -0.84 7.20
N ASP A 452 -58.91 -1.60 7.73
CA ASP A 452 -58.82 -1.90 9.15
C ASP A 452 -57.62 -1.22 9.82
N GLU A 453 -57.91 -0.49 10.92
CA GLU A 453 -56.96 0.25 11.76
C GLU A 453 -55.95 -0.67 12.44
N GLU A 454 -56.38 -1.90 12.79
CA GLU A 454 -55.54 -2.89 13.47
C GLU A 454 -54.50 -3.49 12.53
N VAL A 455 -54.89 -3.75 11.27
CA VAL A 455 -54.00 -4.28 10.22
C VAL A 455 -52.88 -3.26 9.94
N LEU A 456 -53.24 -1.97 9.91
CA LEU A 456 -52.31 -0.84 9.73
C LEU A 456 -51.35 -0.77 10.92
N LEU A 457 -51.90 -0.79 12.16
CA LEU A 457 -51.14 -0.74 13.42
C LEU A 457 -50.16 -1.90 13.53
N GLN A 458 -50.55 -3.09 13.06
CA GLN A 458 -49.70 -4.27 13.07
C GLN A 458 -48.53 -4.12 12.11
N LEU A 459 -48.77 -3.48 10.93
CA LEU A 459 -47.73 -3.22 9.94
C LEU A 459 -46.69 -2.25 10.52
N VAL A 460 -47.15 -1.22 11.27
CA VAL A 460 -46.32 -0.24 11.96
C VAL A 460 -45.44 -0.99 12.97
N ARG A 461 -46.07 -1.89 13.76
CA ARG A 461 -45.42 -2.72 14.78
C ARG A 461 -44.34 -3.63 14.18
N ASP A 462 -44.69 -4.34 13.07
CA ASP A 462 -43.79 -5.26 12.36
C ASP A 462 -42.58 -4.55 11.81
N GLU A 463 -42.79 -3.36 11.21
CA GLU A 463 -41.72 -2.54 10.65
C GLU A 463 -40.79 -2.01 11.74
N LEU A 464 -41.34 -1.66 12.92
CA LEU A 464 -40.56 -1.19 14.07
C LEU A 464 -39.70 -2.31 14.66
N THR A 465 -40.26 -3.54 14.74
CA THR A 465 -39.57 -4.73 15.24
C THR A 465 -38.38 -5.04 14.33
N GLU A 466 -38.55 -4.85 13.01
CA GLU A 466 -37.53 -5.05 11.98
C GLU A 466 -36.35 -4.10 12.17
N ILE A 467 -36.63 -2.84 12.59
CA ILE A 467 -35.60 -1.81 12.88
C ILE A 467 -34.86 -2.23 14.15
N ARG A 468 -35.61 -2.68 15.18
CA ARG A 468 -35.10 -3.12 16.48
C ARG A 468 -34.15 -4.30 16.36
N ASP A 469 -34.47 -5.27 15.49
CA ASP A 469 -33.65 -6.46 15.28
C ASP A 469 -32.40 -6.20 14.42
N ARG A 470 -32.39 -5.11 13.63
CA ARG A 470 -31.29 -4.76 12.74
C ARG A 470 -30.36 -3.68 13.32
N PHE A 471 -30.93 -2.65 13.96
CA PHE A 471 -30.18 -1.51 14.50
C PHE A 471 -30.13 -1.45 16.04
N GLY A 472 -30.83 -2.35 16.70
CA GLY A 472 -30.85 -2.42 18.16
C GLY A 472 -29.53 -2.93 18.72
N ASP A 473 -29.08 -2.33 19.84
CA ASP A 473 -27.82 -2.69 20.50
C ASP A 473 -27.97 -2.74 22.02
N ASP A 474 -26.94 -3.31 22.70
CA ASP A 474 -26.87 -3.43 24.16
C ASP A 474 -26.80 -2.05 24.83
N ARG A 475 -27.27 -1.98 26.09
CA ARG A 475 -27.23 -0.78 26.91
C ARG A 475 -25.77 -0.47 27.26
N ARG A 476 -25.38 0.82 27.17
CA ARG A 476 -24.02 1.28 27.47
C ARG A 476 -23.89 1.86 28.88
N THR A 477 -24.88 2.69 29.30
CA THR A 477 -24.87 3.35 30.61
C THR A 477 -25.53 2.47 31.68
N GLU A 478 -24.78 2.12 32.72
CA GLU A 478 -25.28 1.31 33.83
C GLU A 478 -26.03 2.19 34.81
N ILE A 479 -27.29 1.83 35.11
CA ILE A 479 -28.11 2.57 36.07
C ILE A 479 -28.00 1.86 37.43
N GLN A 480 -27.27 2.48 38.37
CA GLN A 480 -27.07 1.95 39.72
C GLN A 480 -28.20 2.37 40.64
N LEU A 481 -28.62 1.48 41.56
CA LEU A 481 -29.69 1.75 42.52
C LEU A 481 -29.33 1.22 43.90
N LYS B 1 -11.30 50.48 11.83
CA LYS B 1 -12.34 49.74 11.11
C LYS B 1 -13.33 50.67 10.41
N LEU B 2 -13.55 51.88 10.95
CA LEU B 2 -14.44 52.89 10.38
C LEU B 2 -13.85 53.53 9.13
N ALA B 3 -14.64 53.55 8.04
CA ALA B 3 -14.27 54.17 6.77
C ALA B 3 -15.03 55.50 6.72
N ASP B 4 -14.37 56.57 7.20
CA ASP B 4 -14.95 57.91 7.30
C ASP B 4 -15.05 58.66 5.98
N CYS B 5 -15.95 59.66 5.92
CA CYS B 5 -16.20 60.53 4.77
C CYS B 5 -15.26 61.76 4.80
N SER B 6 -15.09 62.41 3.63
CA SER B 6 -14.21 63.59 3.48
C SER B 6 -14.69 64.84 4.23
N SER B 7 -16.01 65.17 4.13
CA SER B 7 -16.62 66.33 4.78
C SER B 7 -16.56 66.27 6.31
N LYS B 8 -16.35 67.43 6.95
CA LYS B 8 -16.27 67.58 8.39
C LYS B 8 -17.49 68.32 8.98
N SER B 9 -18.49 68.61 8.12
CA SER B 9 -19.74 69.29 8.50
C SER B 9 -20.73 68.20 8.97
N PRO B 10 -21.02 68.07 10.29
CA PRO B 10 -21.90 66.98 10.76
C PRO B 10 -23.34 67.00 10.24
N GLU B 11 -23.89 68.21 10.00
CA GLU B 11 -25.26 68.42 9.50
C GLU B 11 -25.53 67.70 8.16
N GLU B 12 -24.55 67.70 7.22
CA GLU B 12 -24.66 67.02 5.92
C GLU B 12 -24.11 65.58 5.96
N CYS B 13 -23.25 65.28 6.94
CA CYS B 13 -22.65 63.95 7.12
C CYS B 13 -23.58 62.93 7.75
N GLU B 14 -23.36 61.65 7.41
CA GLU B 14 -24.14 60.51 7.90
C GLU B 14 -23.30 59.23 8.00
N ILE B 15 -23.58 58.40 9.03
CA ILE B 15 -22.88 57.14 9.27
C ILE B 15 -23.83 55.94 9.08
N PHE B 16 -23.32 54.88 8.43
CA PHE B 16 -24.07 53.66 8.16
C PHE B 16 -23.43 52.48 8.89
N LEU B 17 -24.18 51.92 9.86
CA LEU B 17 -23.74 50.77 10.64
C LEU B 17 -24.18 49.52 9.89
N VAL B 18 -23.26 48.95 9.11
CA VAL B 18 -23.53 47.80 8.25
C VAL B 18 -23.24 46.47 8.93
N GLU B 19 -24.06 45.44 8.62
CA GLU B 19 -23.96 44.09 9.15
C GLU B 19 -22.93 43.30 8.33
N GLY B 20 -21.74 43.14 8.89
CA GLY B 20 -20.67 42.37 8.27
C GLY B 20 -19.67 43.18 7.47
N ASP B 21 -18.55 42.53 7.14
CA ASP B 21 -17.46 43.12 6.38
C ASP B 21 -17.67 43.08 4.86
N SER B 22 -18.30 42.00 4.33
CA SER B 22 -18.60 41.86 2.90
C SER B 22 -19.54 42.96 2.45
N ALA B 23 -20.61 43.19 3.25
CA ALA B 23 -21.60 44.24 3.04
C ALA B 23 -20.91 45.58 3.23
N GLY B 24 -20.02 45.67 4.23
CA GLY B 24 -19.21 46.84 4.53
C GLY B 24 -18.33 47.30 3.39
N GLY B 25 -17.70 46.33 2.71
CA GLY B 25 -16.86 46.54 1.55
C GLY B 25 -17.64 47.04 0.34
N SER B 26 -18.88 46.52 0.18
CA SER B 26 -19.81 46.90 -0.88
C SER B 26 -20.32 48.32 -0.63
N THR B 27 -20.69 48.61 0.64
CA THR B 27 -21.21 49.91 1.07
C THR B 27 -20.16 51.01 0.91
N LYS B 28 -18.89 50.73 1.26
CA LYS B 28 -17.77 51.68 1.16
C LYS B 28 -17.38 52.01 -0.29
N SER B 29 -17.81 51.18 -1.25
CA SER B 29 -17.55 51.37 -2.68
C SER B 29 -18.70 52.11 -3.39
N GLY B 30 -19.94 51.79 -3.00
CA GLY B 30 -21.16 52.36 -3.56
C GLY B 30 -21.56 53.71 -2.98
N ARG B 31 -21.10 54.01 -1.75
CA ARG B 31 -21.38 55.25 -0.99
C ARG B 31 -20.93 56.54 -1.68
N ASP B 32 -21.35 57.68 -1.12
CA ASP B 32 -20.92 59.02 -1.52
C ASP B 32 -19.80 59.31 -0.51
N SER B 33 -18.53 59.14 -0.96
CA SER B 33 -17.32 59.34 -0.16
C SER B 33 -17.21 60.69 0.56
N ARG B 34 -18.01 61.68 0.12
CA ARG B 34 -18.04 63.03 0.69
C ARG B 34 -18.93 63.15 1.93
N THR B 35 -20.17 62.62 1.87
CA THR B 35 -21.15 62.73 2.97
C THR B 35 -21.42 61.43 3.76
N GLN B 36 -21.03 60.25 3.22
CA GLN B 36 -21.34 58.98 3.89
C GLN B 36 -20.12 58.25 4.48
N ALA B 37 -20.26 57.80 5.73
CA ALA B 37 -19.25 57.03 6.47
C ALA B 37 -19.80 55.64 6.79
N ILE B 38 -18.93 54.62 6.82
CA ILE B 38 -19.31 53.22 7.05
C ILE B 38 -18.61 52.59 8.25
N LEU B 39 -19.39 51.96 9.14
CA LEU B 39 -18.87 51.22 10.29
C LEU B 39 -19.38 49.78 10.25
N PRO B 40 -18.53 48.81 9.84
CA PRO B 40 -19.00 47.41 9.78
C PRO B 40 -19.03 46.76 11.16
N LEU B 41 -20.12 46.04 11.44
CA LEU B 41 -20.32 45.35 12.71
C LEU B 41 -20.20 43.85 12.48
N ARG B 42 -19.16 43.23 13.07
CA ARG B 42 -18.87 41.81 12.91
C ARG B 42 -19.82 40.94 13.71
N GLY B 43 -20.92 40.57 13.08
CA GLY B 43 -21.96 39.71 13.65
C GLY B 43 -22.80 40.35 14.73
N LYS B 44 -23.21 39.53 15.72
CA LYS B 44 -24.05 39.93 16.85
C LYS B 44 -23.25 40.83 17.79
N ILE B 45 -23.87 41.95 18.19
CA ILE B 45 -23.31 42.99 19.08
C ILE B 45 -23.68 42.68 20.52
N LEU B 46 -22.80 43.03 21.48
CA LEU B 46 -23.02 42.84 22.91
C LEU B 46 -24.33 43.47 23.39
N ASN B 47 -25.11 42.73 24.19
CA ASN B 47 -26.36 43.20 24.79
C ASN B 47 -25.98 43.93 26.08
N VAL B 48 -26.04 45.28 26.05
CA VAL B 48 -25.69 46.16 27.18
C VAL B 48 -26.64 45.99 28.39
N GLU B 49 -27.87 45.52 28.15
CA GLU B 49 -28.89 45.29 29.18
C GLU B 49 -28.47 44.14 30.12
N LYS B 50 -27.79 43.13 29.57
CA LYS B 50 -27.32 41.95 30.32
C LYS B 50 -25.88 42.08 30.83
N ALA B 51 -25.13 43.09 30.36
CA ALA B 51 -23.73 43.30 30.74
C ALA B 51 -23.50 44.46 31.73
N ARG B 52 -22.43 44.38 32.52
CA ARG B 52 -22.06 45.43 33.47
C ARG B 52 -21.09 46.40 32.76
N LEU B 53 -21.04 47.68 33.21
CA LEU B 53 -20.26 48.79 32.63
C LEU B 53 -18.81 48.42 32.25
N ASP B 54 -18.10 47.62 33.08
CA ASP B 54 -16.72 47.20 32.81
C ASP B 54 -16.61 46.36 31.53
N ARG B 55 -17.62 45.53 31.23
CA ARG B 55 -17.64 44.70 30.01
C ARG B 55 -17.98 45.57 28.80
N ILE B 56 -19.00 46.45 28.93
CA ILE B 56 -19.49 47.37 27.90
C ILE B 56 -18.34 48.26 27.41
N LEU B 57 -17.62 48.91 28.36
CA LEU B 57 -16.50 49.80 28.06
C LEU B 57 -15.27 49.11 27.49
N ASN B 58 -15.07 47.81 27.79
CA ASN B 58 -13.92 47.08 27.26
C ASN B 58 -14.25 46.38 25.93
N ASN B 59 -15.54 46.36 25.53
CA ASN B 59 -16.00 45.74 24.27
C ASN B 59 -15.50 46.55 23.08
N ASN B 60 -14.82 45.87 22.13
CA ASN B 60 -14.22 46.44 20.92
C ASN B 60 -15.24 47.16 20.03
N GLU B 61 -16.38 46.51 19.77
CA GLU B 61 -17.48 46.99 18.93
C GLU B 61 -18.12 48.24 19.51
N ILE B 62 -18.43 48.20 20.82
CA ILE B 62 -19.06 49.30 21.56
C ILE B 62 -18.13 50.52 21.55
N ARG B 63 -16.83 50.30 21.83
CA ARG B 63 -15.76 51.30 21.85
C ARG B 63 -15.69 52.05 20.51
N GLN B 64 -15.68 51.29 19.39
CA GLN B 64 -15.59 51.77 18.02
C GLN B 64 -16.71 52.72 17.62
N MET B 65 -17.95 52.44 18.12
CA MET B 65 -19.13 53.28 17.87
C MET B 65 -19.01 54.62 18.58
N ILE B 66 -18.63 54.62 19.89
CA ILE B 66 -18.43 55.82 20.71
C ILE B 66 -17.39 56.74 20.06
N THR B 67 -16.25 56.17 19.60
CA THR B 67 -15.17 56.88 18.92
C THR B 67 -15.66 57.49 17.59
N ALA B 68 -16.48 56.73 16.83
CA ALA B 68 -17.03 57.16 15.55
C ALA B 68 -17.98 58.37 15.71
N PHE B 69 -18.90 58.31 16.71
CA PHE B 69 -19.85 59.39 16.97
C PHE B 69 -19.20 60.58 17.69
N GLY B 70 -18.21 60.30 18.53
CA GLY B 70 -17.44 61.27 19.31
C GLY B 70 -18.27 62.16 20.22
N THR B 71 -19.33 61.57 20.82
CA THR B 71 -20.26 62.27 21.70
C THR B 71 -20.05 61.96 23.17
N GLY B 72 -19.53 60.76 23.45
CA GLY B 72 -19.35 60.26 24.80
C GLY B 72 -20.57 59.46 25.19
N ILE B 73 -20.61 58.94 26.43
CA ILE B 73 -21.75 58.15 26.90
C ILE B 73 -22.20 58.56 28.31
N GLY B 74 -23.48 58.31 28.59
CA GLY B 74 -24.12 58.58 29.87
C GLY B 74 -24.27 60.06 30.19
N GLY B 75 -23.70 60.45 31.33
CA GLY B 75 -23.73 61.83 31.82
C GLY B 75 -22.81 62.77 31.08
N ASP B 76 -21.74 62.20 30.47
CA ASP B 76 -20.73 62.93 29.70
C ASP B 76 -21.07 63.04 28.21
N PHE B 77 -22.31 62.69 27.84
CA PHE B 77 -22.82 62.75 26.46
C PHE B 77 -23.08 64.22 26.06
N ASP B 78 -22.58 64.61 24.88
CA ASP B 78 -22.75 65.95 24.34
C ASP B 78 -23.18 65.90 22.88
N LEU B 79 -24.41 66.35 22.62
CA LEU B 79 -25.06 66.40 21.29
C LEU B 79 -24.31 67.31 20.32
N ALA B 80 -23.68 68.39 20.85
CA ALA B 80 -22.91 69.37 20.08
C ALA B 80 -21.61 68.76 19.54
N LYS B 81 -21.10 67.71 20.20
CA LYS B 81 -19.87 67.01 19.83
C LYS B 81 -20.11 65.89 18.79
N ALA B 82 -21.37 65.73 18.30
CA ALA B 82 -21.74 64.73 17.30
C ALA B 82 -21.08 64.96 15.95
N ARG B 83 -20.47 63.90 15.39
CA ARG B 83 -19.77 63.93 14.11
C ARG B 83 -20.73 63.70 12.93
N TYR B 84 -21.89 63.05 13.19
CA TYR B 84 -22.91 62.75 12.18
C TYR B 84 -24.29 63.07 12.72
N HIS B 85 -25.13 63.70 11.88
CA HIS B 85 -26.51 64.05 12.24
C HIS B 85 -27.48 62.91 11.90
N LYS B 86 -26.98 61.89 11.17
CA LYS B 86 -27.74 60.72 10.76
C LYS B 86 -26.95 59.42 11.00
N ILE B 87 -27.41 58.62 11.98
CA ILE B 87 -26.83 57.31 12.37
C ILE B 87 -27.81 56.28 11.84
N VAL B 88 -27.47 55.66 10.70
CA VAL B 88 -28.34 54.70 10.00
C VAL B 88 -27.97 53.25 10.32
N ILE B 89 -28.95 52.49 10.86
CA ILE B 89 -28.80 51.06 11.14
C ILE B 89 -29.14 50.33 9.84
N MET B 90 -28.13 49.70 9.22
CA MET B 90 -28.25 48.98 7.96
C MET B 90 -27.94 47.49 8.15
N THR B 91 -28.96 46.72 8.50
CA THR B 91 -28.85 45.27 8.73
C THR B 91 -29.58 44.50 7.63
N ASP B 92 -29.29 43.18 7.51
CA ASP B 92 -29.93 42.28 6.54
C ASP B 92 -31.44 42.20 6.78
N ALA B 93 -32.22 41.99 5.70
CA ALA B 93 -33.68 41.88 5.75
C ALA B 93 -34.18 40.58 6.42
N ASP B 94 -33.28 39.82 7.07
CA ASP B 94 -33.59 38.58 7.78
C ASP B 94 -33.87 38.80 9.27
N VAL B 95 -34.18 37.70 9.99
CA VAL B 95 -34.49 37.67 11.43
C VAL B 95 -33.29 38.04 12.30
N ASP B 96 -32.07 37.66 11.89
CA ASP B 96 -30.84 37.96 12.62
C ASP B 96 -30.49 39.44 12.50
N GLY B 97 -30.84 40.04 11.37
CA GLY B 97 -30.65 41.46 11.09
C GLY B 97 -31.48 42.28 12.05
N ALA B 98 -32.73 41.84 12.30
CA ALA B 98 -33.68 42.45 13.24
C ALA B 98 -33.14 42.36 14.67
N HIS B 99 -32.45 41.25 15.00
CA HIS B 99 -31.83 41.03 16.30
C HIS B 99 -30.67 41.99 16.54
N ILE B 100 -29.76 42.15 15.54
CA ILE B 100 -28.63 43.09 15.62
C ILE B 100 -29.18 44.50 15.80
N ARG B 101 -30.27 44.81 15.09
CA ARG B 101 -30.99 46.09 15.15
C ARG B 101 -31.51 46.34 16.56
N THR B 102 -32.09 45.31 17.24
CA THR B 102 -32.57 45.45 18.62
C THR B 102 -31.41 45.72 19.58
N LEU B 103 -30.29 44.96 19.42
CA LEU B 103 -29.07 45.09 20.21
C LEU B 103 -28.47 46.50 20.09
N LEU B 104 -28.50 47.10 18.88
CA LEU B 104 -28.00 48.45 18.64
C LEU B 104 -28.89 49.49 19.29
N LEU B 105 -30.23 49.34 19.14
CA LEU B 105 -31.22 50.22 19.74
C LEU B 105 -31.18 50.15 21.27
N THR B 106 -30.77 48.99 21.84
CA THR B 106 -30.60 48.76 23.28
C THR B 106 -29.40 49.59 23.78
N PHE B 107 -28.32 49.64 22.98
CA PHE B 107 -27.12 50.43 23.30
C PHE B 107 -27.42 51.92 23.18
N PHE B 108 -28.13 52.33 22.11
CA PHE B 108 -28.50 53.72 21.87
C PHE B 108 -29.48 54.26 22.90
N TYR B 109 -30.42 53.43 23.42
CA TYR B 109 -31.39 53.90 24.41
C TYR B 109 -30.79 54.06 25.81
N ARG B 110 -29.89 53.15 26.19
CA ARG B 110 -29.28 53.15 27.53
C ARG B 110 -28.04 54.04 27.68
N PHE B 111 -27.34 54.35 26.56
CA PHE B 111 -26.12 55.16 26.64
C PHE B 111 -26.14 56.46 25.81
N MET B 112 -26.96 56.53 24.76
CA MET B 112 -27.06 57.72 23.90
C MET B 112 -28.53 58.12 23.70
N ARG B 113 -29.31 58.18 24.80
CA ARG B 113 -30.74 58.52 24.79
C ARG B 113 -31.06 59.87 24.08
N PRO B 114 -30.33 61.00 24.31
CA PRO B 114 -30.67 62.25 23.57
C PRO B 114 -30.40 62.18 22.06
N LEU B 115 -29.66 61.17 21.59
CA LEU B 115 -29.34 60.95 20.17
C LEU B 115 -30.60 60.49 19.42
N ILE B 116 -31.48 59.73 20.10
CA ILE B 116 -32.75 59.25 19.56
C ILE B 116 -33.77 60.40 19.62
N GLU B 117 -33.78 61.16 20.76
CA GLU B 117 -34.64 62.31 21.02
C GLU B 117 -34.47 63.41 19.96
N ALA B 118 -33.23 63.63 19.51
CA ALA B 118 -32.88 64.62 18.48
C ALA B 118 -33.21 64.13 17.05
N GLY B 119 -33.63 62.87 16.94
CA GLY B 119 -34.00 62.23 15.68
C GLY B 119 -32.81 61.96 14.78
N TYR B 120 -31.68 61.58 15.39
CA TYR B 120 -30.42 61.30 14.68
C TYR B 120 -30.29 59.83 14.31
N VAL B 121 -30.99 58.92 15.02
CA VAL B 121 -30.95 57.47 14.75
C VAL B 121 -32.03 57.11 13.72
N TYR B 122 -31.62 56.45 12.61
CA TYR B 122 -32.50 56.00 11.53
C TYR B 122 -32.31 54.51 11.24
N ILE B 123 -33.30 53.91 10.54
CA ILE B 123 -33.29 52.51 10.13
C ILE B 123 -33.38 52.45 8.60
N ALA B 124 -32.39 51.82 7.95
CA ALA B 124 -32.34 51.66 6.50
C ALA B 124 -33.37 50.62 6.07
N GLN B 125 -33.95 50.77 4.87
CA GLN B 125 -34.94 49.83 4.34
C GLN B 125 -34.44 49.14 3.04
N PRO B 126 -33.61 48.07 3.17
CA PRO B 126 -33.10 47.40 1.97
C PRO B 126 -34.13 46.47 1.34
N PRO B 127 -34.01 46.10 0.03
CA PRO B 127 -35.01 45.22 -0.58
C PRO B 127 -35.15 43.88 0.13
N THR B 128 -36.39 43.55 0.47
CA THR B 128 -36.82 42.34 1.17
C THR B 128 -36.63 41.15 0.25
N GLY B 129 -36.27 40.01 0.83
CA GLY B 129 -36.04 38.77 0.10
C GLY B 129 -35.08 37.83 0.79
N TYR B 130 -34.76 36.72 0.10
CA TYR B 130 -33.84 35.70 0.58
C TYR B 130 -32.39 36.18 0.58
N LYS B 131 -32.06 37.11 -0.34
CA LYS B 131 -30.72 37.68 -0.53
C LYS B 131 -30.37 38.69 0.57
N GLY B 132 -29.22 38.47 1.18
CA GLY B 132 -28.68 39.33 2.24
C GLY B 132 -28.02 40.58 1.71
N LEU B 133 -27.37 41.32 2.61
CA LEU B 133 -26.68 42.57 2.26
C LEU B 133 -25.31 42.34 1.64
N GLY B 134 -24.59 41.33 2.13
CA GLY B 134 -23.29 40.94 1.62
C GLY B 134 -23.37 40.25 0.26
N GLU B 135 -24.60 39.79 -0.12
CA GLU B 135 -24.90 39.12 -1.38
C GLU B 135 -25.20 40.11 -2.51
N MET B 136 -25.36 41.40 -2.16
CA MET B 136 -25.69 42.47 -3.10
C MET B 136 -24.48 43.17 -3.70
N ASN B 137 -24.61 43.60 -4.98
CA ASN B 137 -23.57 44.35 -5.68
C ASN B 137 -23.54 45.79 -5.14
N ALA B 138 -22.38 46.44 -5.25
CA ALA B 138 -22.10 47.78 -4.72
C ALA B 138 -22.95 48.93 -5.31
N ASP B 139 -23.31 48.84 -6.61
CA ASP B 139 -24.10 49.88 -7.27
C ASP B 139 -25.59 49.86 -6.90
N GLN B 140 -26.21 48.67 -6.83
CA GLN B 140 -27.63 48.53 -6.48
C GLN B 140 -27.87 48.82 -4.98
N LEU B 141 -26.85 48.61 -4.14
CA LEU B 141 -26.90 48.86 -2.70
C LEU B 141 -26.99 50.38 -2.41
N TRP B 142 -26.44 51.20 -3.32
CA TRP B 142 -26.45 52.66 -3.28
C TRP B 142 -27.79 53.20 -3.78
N GLU B 143 -28.25 52.68 -4.95
CA GLU B 143 -29.50 53.05 -5.61
C GLU B 143 -30.75 52.79 -4.78
N THR B 144 -30.76 51.70 -4.00
CA THR B 144 -31.93 51.28 -3.23
C THR B 144 -31.95 51.73 -1.77
N THR B 145 -30.80 51.73 -1.08
CA THR B 145 -30.73 52.02 0.35
C THR B 145 -29.84 53.21 0.78
N MET B 146 -29.02 53.79 -0.13
CA MET B 146 -28.12 54.87 0.29
C MET B 146 -28.38 56.25 -0.34
N ASN B 147 -28.80 56.31 -1.62
CA ASN B 147 -29.06 57.56 -2.35
C ASN B 147 -30.19 58.38 -1.72
N PRO B 148 -29.91 59.61 -1.18
CA PRO B 148 -30.97 60.41 -0.52
C PRO B 148 -32.27 60.64 -1.30
N GLU B 149 -32.18 60.57 -2.63
CA GLU B 149 -33.27 60.82 -3.57
C GLU B 149 -34.18 59.61 -3.84
N HIS B 150 -33.67 58.38 -3.60
CA HIS B 150 -34.38 57.12 -3.84
C HIS B 150 -34.63 56.29 -2.58
N ARG B 151 -33.83 56.51 -1.51
CA ARG B 151 -33.89 55.73 -0.26
C ARG B 151 -35.13 56.03 0.61
N ALA B 152 -35.44 55.11 1.53
CA ALA B 152 -36.54 55.23 2.47
C ALA B 152 -36.02 54.92 3.88
N LEU B 153 -35.67 55.96 4.64
CA LEU B 153 -35.15 55.81 6.01
C LEU B 153 -36.28 55.97 7.02
N LEU B 154 -36.22 55.19 8.12
CA LEU B 154 -37.23 55.26 9.18
C LEU B 154 -36.68 56.00 10.40
N GLN B 155 -37.23 57.19 10.70
CA GLN B 155 -36.80 57.99 11.85
C GLN B 155 -37.26 57.37 13.16
N VAL B 156 -36.30 57.00 14.02
CA VAL B 156 -36.56 56.38 15.32
C VAL B 156 -37.02 57.49 16.28
N LYS B 157 -38.30 57.44 16.68
CA LYS B 157 -38.89 58.42 17.58
C LYS B 157 -39.30 57.83 18.92
N LEU B 158 -38.98 58.55 20.02
CA LEU B 158 -39.31 58.17 21.38
C LEU B 158 -40.55 58.95 21.83
N GLU B 159 -41.71 58.29 21.85
CA GLU B 159 -42.98 58.89 22.25
C GLU B 159 -43.20 58.82 23.76
N ASP B 160 -42.97 57.63 24.37
CA ASP B 160 -43.12 57.41 25.80
C ASP B 160 -41.82 56.80 26.36
N ALA B 161 -41.19 57.51 27.32
CA ALA B 161 -39.93 57.10 27.96
C ALA B 161 -40.13 56.00 29.00
N ILE B 162 -41.23 56.08 29.79
CA ILE B 162 -41.57 55.12 30.85
C ILE B 162 -41.93 53.76 30.23
N GLU B 163 -42.68 53.76 29.10
CA GLU B 163 -43.09 52.56 28.37
C GLU B 163 -41.87 51.84 27.78
N ALA B 164 -40.96 52.61 27.13
CA ALA B 164 -39.74 52.08 26.51
C ALA B 164 -38.81 51.44 27.54
N ASP B 165 -38.64 52.09 28.71
CA ASP B 165 -37.81 51.65 29.82
C ASP B 165 -38.15 50.22 30.26
N GLN B 166 -39.46 49.92 30.35
CA GLN B 166 -40.00 48.62 30.76
C GLN B 166 -39.92 47.59 29.63
N THR B 167 -39.96 48.05 28.36
CA THR B 167 -39.88 47.22 27.15
C THR B 167 -38.47 46.62 27.00
N PHE B 168 -37.42 47.48 27.08
CA PHE B 168 -36.02 47.08 27.00
C PHE B 168 -35.65 46.11 28.13
N GLU B 169 -36.21 46.34 29.32
CA GLU B 169 -36.01 45.53 30.53
C GLU B 169 -36.60 44.13 30.34
N MET B 170 -37.79 44.04 29.70
CA MET B 170 -38.50 42.80 29.44
C MET B 170 -37.81 41.98 28.34
N LEU B 171 -37.59 42.61 27.16
CA LEU B 171 -37.01 41.99 25.97
C LEU B 171 -35.53 41.68 26.04
N MET B 172 -34.72 42.60 26.57
CA MET B 172 -33.25 42.46 26.59
C MET B 172 -32.64 42.16 27.97
N GLY B 173 -33.43 42.27 29.04
CA GLY B 173 -32.98 42.02 30.41
C GLY B 173 -32.61 40.58 30.73
N ASP B 174 -32.01 40.35 31.90
CA ASP B 174 -31.56 39.00 32.32
C ASP B 174 -32.69 38.04 32.74
N VAL B 175 -33.83 38.55 33.26
CA VAL B 175 -34.94 37.69 33.68
C VAL B 175 -35.71 37.19 32.44
N VAL B 176 -35.52 35.90 32.15
CA VAL B 176 -36.06 35.13 31.02
C VAL B 176 -37.59 34.99 31.06
N GLU B 177 -38.18 34.63 32.23
CA GLU B 177 -39.63 34.37 32.38
C GLU B 177 -40.55 35.42 31.75
N ASN B 178 -40.26 36.73 31.94
CA ASN B 178 -41.06 37.83 31.38
C ASN B 178 -40.99 37.89 29.86
N ARG B 179 -39.82 37.52 29.31
CA ARG B 179 -39.54 37.45 27.88
C ARG B 179 -40.29 36.25 27.28
N ARG B 180 -40.23 35.08 27.96
CA ARG B 180 -40.93 33.84 27.55
C ARG B 180 -42.43 34.12 27.41
N GLN B 181 -43.06 34.74 28.46
CA GLN B 181 -44.47 35.12 28.51
C GLN B 181 -44.85 36.02 27.34
N PHE B 182 -44.00 37.03 27.01
CA PHE B 182 -44.21 37.95 25.89
C PHE B 182 -44.31 37.19 24.56
N ILE B 183 -43.38 36.23 24.31
CA ILE B 183 -43.33 35.41 23.10
C ILE B 183 -44.60 34.56 23.03
N GLU B 184 -44.99 33.89 24.14
CA GLU B 184 -46.17 33.04 24.21
C GLU B 184 -47.46 33.81 23.89
N ASP B 185 -47.59 35.05 24.41
CA ASP B 185 -48.74 35.91 24.18
C ASP B 185 -48.82 36.47 22.77
N ASN B 186 -47.68 36.89 22.19
CA ASN B 186 -47.64 37.52 20.87
C ASN B 186 -47.32 36.55 19.70
N ALA B 187 -47.18 35.21 19.99
CA ALA B 187 -46.85 34.16 19.00
C ALA B 187 -47.84 34.03 17.83
N VAL B 188 -47.30 34.00 16.58
CA VAL B 188 -48.06 33.88 15.34
C VAL B 188 -47.37 32.84 14.44
N GLU C 2 20.23 6.24 -0.18
CA GLU C 2 20.96 7.52 -0.27
C GLU C 2 20.77 8.22 -1.63
N ARG C 3 20.46 9.53 -1.59
CA ARG C 3 20.26 10.36 -2.77
C ARG C 3 21.24 11.54 -2.82
N ASN C 4 21.82 11.80 -4.01
CA ASN C 4 22.76 12.90 -4.26
C ASN C 4 22.00 14.22 -4.23
N ILE C 5 22.55 15.23 -3.50
CA ILE C 5 21.95 16.55 -3.35
C ILE C 5 21.81 17.30 -4.69
N THR C 6 22.82 17.18 -5.57
CA THR C 6 22.85 17.83 -6.89
C THR C 6 21.79 17.22 -7.81
N SER C 7 21.71 15.86 -7.83
CA SER C 7 20.75 15.09 -8.63
C SER C 7 19.32 15.36 -8.14
N GLU C 8 19.12 15.45 -6.81
CA GLU C 8 17.83 15.73 -6.18
C GLU C 8 17.34 17.14 -6.51
N MET C 9 18.25 18.15 -6.45
CA MET C 9 17.94 19.54 -6.77
C MET C 9 17.56 19.71 -8.24
N ARG C 10 18.32 19.07 -9.15
CA ARG C 10 18.11 19.14 -10.60
C ARG C 10 16.79 18.50 -11.02
N GLU C 11 16.48 17.30 -10.49
CA GLU C 11 15.26 16.57 -10.82
C GLU C 11 14.01 17.19 -10.23
N SER C 12 14.00 17.49 -8.91
CA SER C 12 12.84 18.07 -8.23
C SER C 12 12.43 19.43 -8.78
N PHE C 13 13.42 20.31 -9.05
CA PHE C 13 13.17 21.64 -9.59
C PHE C 13 12.61 21.58 -11.01
N LEU C 14 13.12 20.65 -11.83
CA LEU C 14 12.66 20.45 -13.21
C LEU C 14 11.21 19.99 -13.25
N ASP C 15 10.83 19.08 -12.32
CA ASP C 15 9.47 18.54 -12.19
C ASP C 15 8.47 19.66 -11.93
N TYR C 16 8.82 20.58 -11.00
CA TYR C 16 8.00 21.74 -10.65
C TYR C 16 8.00 22.78 -11.77
N ALA C 17 9.19 23.16 -12.28
CA ALA C 17 9.37 24.14 -13.35
C ALA C 17 8.51 23.81 -14.57
N MET C 18 8.54 22.55 -15.02
CA MET C 18 7.77 22.08 -16.16
C MET C 18 6.27 22.05 -15.92
N SER C 19 5.85 21.67 -14.69
CA SER C 19 4.44 21.63 -14.31
C SER C 19 3.82 23.02 -14.26
N VAL C 20 4.58 24.04 -13.83
CA VAL C 20 4.09 25.43 -13.78
C VAL C 20 3.98 25.99 -15.21
N ILE C 21 4.91 25.58 -16.09
CA ILE C 21 4.96 25.97 -17.50
C ILE C 21 3.81 25.35 -18.30
N VAL C 22 3.72 24.00 -18.37
CA VAL C 22 2.72 23.28 -19.19
C VAL C 22 1.36 23.06 -18.49
N ALA C 23 1.28 23.18 -17.16
CA ALA C 23 0.03 22.93 -16.43
C ALA C 23 -0.27 23.92 -15.30
N ARG C 24 -0.12 25.24 -15.55
CA ARG C 24 -0.44 26.27 -14.56
C ARG C 24 -0.51 27.71 -15.09
N ALA C 25 0.66 28.36 -15.19
CA ALA C 25 0.85 29.77 -15.54
C ALA C 25 0.78 30.15 -17.02
N LEU C 26 0.89 29.19 -17.96
CA LEU C 26 0.89 29.56 -19.37
C LEU C 26 -0.37 29.12 -20.10
N PRO C 27 -0.92 30.01 -20.98
CA PRO C 27 -2.12 29.64 -21.73
C PRO C 27 -1.81 28.85 -23.00
N ASP C 28 -2.81 28.09 -23.51
CA ASP C 28 -2.69 27.32 -24.75
C ASP C 28 -2.97 28.29 -25.91
N VAL C 29 -2.16 28.20 -26.98
CA VAL C 29 -2.29 29.08 -28.14
C VAL C 29 -3.68 28.94 -28.84
N ARG C 30 -4.24 27.72 -28.80
CA ARG C 30 -5.50 27.34 -29.44
C ARG C 30 -6.73 28.01 -28.81
N ASP C 31 -6.98 27.81 -27.49
CA ASP C 31 -8.14 28.38 -26.80
C ASP C 31 -7.83 29.58 -25.88
N GLY C 32 -6.55 29.93 -25.73
CA GLY C 32 -6.10 31.06 -24.91
C GLY C 32 -6.32 30.92 -23.42
N LEU C 33 -6.50 29.69 -22.94
CA LEU C 33 -6.78 29.41 -21.53
C LEU C 33 -5.68 28.63 -20.81
N LYS C 34 -5.55 28.92 -19.50
CA LYS C 34 -4.67 28.23 -18.56
C LYS C 34 -5.50 27.04 -18.06
N PRO C 35 -4.92 25.95 -17.51
CA PRO C 35 -5.75 24.82 -17.04
C PRO C 35 -6.90 25.19 -16.10
N VAL C 36 -6.67 26.11 -15.13
CA VAL C 36 -7.69 26.55 -14.17
C VAL C 36 -8.92 27.16 -14.89
N HIS C 37 -8.68 28.06 -15.88
CA HIS C 37 -9.75 28.71 -16.66
C HIS C 37 -10.56 27.71 -17.46
N ARG C 38 -9.86 26.78 -18.15
CA ARG C 38 -10.48 25.71 -18.96
C ARG C 38 -11.37 24.84 -18.09
N ARG C 39 -10.87 24.47 -16.89
CA ARG C 39 -11.59 23.63 -15.92
C ARG C 39 -12.82 24.33 -15.34
N ILE C 40 -12.77 25.66 -15.19
CA ILE C 40 -13.92 26.45 -14.71
C ILE C 40 -15.00 26.45 -15.78
N LEU C 41 -14.63 26.81 -17.04
CA LEU C 41 -15.54 26.89 -18.18
C LEU C 41 -16.14 25.54 -18.55
N TYR C 42 -15.36 24.44 -18.46
CA TYR C 42 -15.85 23.09 -18.73
C TYR C 42 -16.81 22.67 -17.62
N GLY C 43 -16.48 23.08 -16.40
CA GLY C 43 -17.28 22.84 -15.20
C GLY C 43 -18.63 23.48 -15.35
N LEU C 44 -18.66 24.80 -15.68
CA LEU C 44 -19.89 25.57 -15.91
C LEU C 44 -20.76 24.91 -16.99
N ASN C 45 -20.12 24.35 -18.03
CA ASN C 45 -20.80 23.66 -19.11
C ASN C 45 -21.41 22.34 -18.64
N GLU C 46 -20.62 21.52 -17.90
CA GLU C 46 -21.05 20.23 -17.34
C GLU C 46 -22.17 20.42 -16.32
N GLN C 47 -22.13 21.51 -15.56
CA GLN C 47 -23.12 21.89 -14.55
C GLN C 47 -24.40 22.46 -15.17
N GLY C 48 -24.39 22.66 -16.49
CA GLY C 48 -25.50 23.22 -17.25
C GLY C 48 -25.78 24.68 -16.97
N MET C 49 -24.73 25.41 -16.54
CA MET C 49 -24.77 26.82 -16.18
C MET C 49 -24.77 27.78 -17.37
N THR C 50 -25.65 27.52 -18.35
CA THR C 50 -25.81 28.32 -19.57
C THR C 50 -26.42 29.71 -19.26
N PRO C 51 -26.25 30.73 -20.14
CA PRO C 51 -26.80 32.07 -19.85
C PRO C 51 -28.31 32.18 -19.61
N ASP C 52 -29.12 31.26 -20.19
CA ASP C 52 -30.58 31.24 -20.04
C ASP C 52 -31.04 30.76 -18.66
N LYS C 53 -30.20 29.98 -17.96
CA LYS C 53 -30.51 29.40 -16.64
C LYS C 53 -30.08 30.33 -15.51
N SER C 54 -30.80 30.27 -14.36
CA SER C 54 -30.55 31.11 -13.17
C SER C 54 -29.16 30.89 -12.55
N TYR C 55 -28.64 31.93 -11.87
CA TYR C 55 -27.32 31.93 -11.23
C TYR C 55 -27.20 30.87 -10.12
N LYS C 56 -26.00 30.29 -9.99
CA LYS C 56 -25.66 29.27 -8.99
C LYS C 56 -24.57 29.84 -8.08
N LYS C 57 -24.66 29.58 -6.77
CA LYS C 57 -23.70 30.02 -5.76
C LYS C 57 -22.28 29.61 -6.17
N SER C 58 -21.32 30.54 -6.06
CA SER C 58 -19.91 30.36 -6.43
C SER C 58 -19.23 29.20 -5.72
N ALA C 59 -19.54 28.97 -4.44
CA ALA C 59 -18.98 27.88 -3.64
C ALA C 59 -19.32 26.51 -4.22
N ARG C 60 -20.50 26.40 -4.87
CA ARG C 60 -20.98 25.16 -5.50
C ARG C 60 -20.28 24.92 -6.84
N ILE C 61 -20.07 25.99 -7.64
CA ILE C 61 -19.36 25.93 -8.92
C ILE C 61 -17.91 25.51 -8.67
N VAL C 62 -17.26 26.17 -7.68
CA VAL C 62 -15.87 25.91 -7.29
C VAL C 62 -15.71 24.47 -6.77
N GLY C 63 -16.64 24.02 -5.92
CA GLY C 63 -16.66 22.69 -5.34
C GLY C 63 -16.60 21.58 -6.37
N ASP C 64 -17.44 21.69 -7.42
CA ASP C 64 -17.52 20.73 -8.53
C ASP C 64 -16.25 20.74 -9.36
N VAL C 65 -15.72 21.95 -9.67
CA VAL C 65 -14.49 22.15 -10.45
C VAL C 65 -13.29 21.54 -9.69
N MET C 66 -13.22 21.80 -8.36
CA MET C 66 -12.17 21.30 -7.47
C MET C 66 -12.22 19.78 -7.34
N GLY C 67 -13.42 19.26 -7.09
CA GLY C 67 -13.68 17.84 -6.88
C GLY C 67 -13.45 16.95 -8.08
N LYS C 68 -13.66 17.44 -9.31
CA LYS C 68 -13.48 16.55 -10.45
C LYS C 68 -12.40 16.99 -11.46
N TYR C 69 -11.93 18.25 -11.45
CA TYR C 69 -10.86 18.61 -12.40
C TYR C 69 -9.64 19.33 -11.79
N HIS C 70 -9.83 20.20 -10.79
CA HIS C 70 -8.74 21.01 -10.23
C HIS C 70 -8.33 20.62 -8.79
N PRO C 71 -7.32 19.74 -8.58
CA PRO C 71 -6.96 19.36 -7.21
C PRO C 71 -6.07 20.38 -6.48
N HIS C 72 -6.55 21.63 -6.42
CA HIS C 72 -5.86 22.76 -5.77
C HIS C 72 -6.82 23.55 -4.88
N GLY C 73 -6.31 24.57 -4.21
CA GLY C 73 -7.07 25.40 -3.28
C GLY C 73 -8.27 26.12 -3.88
N ASP C 74 -9.38 26.22 -3.12
CA ASP C 74 -10.62 26.88 -3.52
C ASP C 74 -10.46 28.33 -3.98
N SER C 75 -9.58 29.08 -3.30
CA SER C 75 -9.29 30.47 -3.61
C SER C 75 -8.65 30.64 -4.99
N SER C 76 -7.79 29.69 -5.41
CA SER C 76 -7.14 29.71 -6.73
C SER C 76 -8.17 29.57 -7.86
N ILE C 77 -9.21 28.72 -7.66
CA ILE C 77 -10.30 28.49 -8.60
C ILE C 77 -11.24 29.71 -8.60
N TYR C 78 -11.66 30.15 -7.41
CA TYR C 78 -12.57 31.27 -7.25
C TYR C 78 -12.04 32.60 -7.81
N GLU C 79 -10.81 32.99 -7.45
CA GLU C 79 -10.19 34.24 -7.91
C GLU C 79 -9.98 34.28 -9.44
N ALA C 80 -9.71 33.11 -10.06
CA ALA C 80 -9.57 32.97 -11.51
C ALA C 80 -10.93 33.19 -12.19
N MET C 81 -12.02 32.70 -11.54
CA MET C 81 -13.41 32.83 -11.99
C MET C 81 -13.87 34.28 -11.87
N VAL C 82 -13.46 34.97 -10.78
CA VAL C 82 -13.80 36.37 -10.52
C VAL C 82 -13.29 37.28 -11.63
N ARG C 83 -11.98 37.18 -11.99
CA ARG C 83 -11.34 37.96 -13.07
C ARG C 83 -12.10 37.83 -14.38
N MET C 84 -12.58 36.61 -14.69
CA MET C 84 -13.36 36.28 -15.89
C MET C 84 -14.74 36.98 -15.91
N ALA C 85 -15.23 37.42 -14.74
CA ALA C 85 -16.50 38.12 -14.59
C ALA C 85 -16.32 39.65 -14.52
N GLN C 86 -15.05 40.11 -14.42
CA GLN C 86 -14.69 41.53 -14.34
C GLN C 86 -14.56 42.14 -15.72
N ASP C 87 -15.43 43.13 -16.02
CA ASP C 87 -15.48 43.84 -17.31
C ASP C 87 -14.27 44.75 -17.54
N PHE C 88 -13.51 45.06 -16.47
CA PHE C 88 -12.29 45.88 -16.52
C PHE C 88 -11.02 45.01 -16.65
N SER C 89 -11.15 43.69 -16.39
CA SER C 89 -10.06 42.72 -16.48
C SER C 89 -10.12 41.97 -17.80
N TYR C 90 -11.33 41.53 -18.20
CA TYR C 90 -11.58 40.77 -19.43
C TYR C 90 -12.30 41.63 -20.47
N ARG C 91 -11.68 41.78 -21.66
CA ARG C 91 -12.20 42.54 -22.80
C ARG C 91 -13.53 41.94 -23.27
N TYR C 92 -13.64 40.61 -23.19
CA TYR C 92 -14.82 39.81 -23.51
C TYR C 92 -15.06 38.87 -22.33
N PRO C 93 -15.73 39.35 -21.24
CA PRO C 93 -15.92 38.51 -20.05
C PRO C 93 -16.50 37.12 -20.31
N LEU C 94 -15.89 36.11 -19.69
CA LEU C 94 -16.25 34.70 -19.84
C LEU C 94 -17.22 34.19 -18.76
N VAL C 95 -17.36 34.95 -17.66
CA VAL C 95 -18.25 34.59 -16.55
C VAL C 95 -19.22 35.76 -16.28
N ASP C 96 -20.50 35.45 -16.08
CA ASP C 96 -21.56 36.39 -15.75
C ASP C 96 -21.79 36.21 -14.26
N GLY C 97 -21.36 37.19 -13.47
CA GLY C 97 -21.47 37.14 -12.03
C GLY C 97 -22.50 38.09 -11.43
N GLN C 98 -23.13 37.65 -10.33
CA GLN C 98 -24.12 38.43 -9.60
C GLN C 98 -23.63 38.61 -8.15
N GLY C 99 -23.56 39.86 -7.73
CA GLY C 99 -23.06 40.25 -6.42
C GLY C 99 -21.81 41.08 -6.54
N ASN C 100 -21.02 41.16 -5.45
CA ASN C 100 -19.77 41.92 -5.45
C ASN C 100 -18.62 41.14 -6.04
N PHE C 101 -18.17 41.54 -7.25
CA PHE C 101 -17.05 40.92 -7.96
C PHE C 101 -15.84 41.86 -8.02
N GLY C 102 -15.81 42.83 -7.12
CA GLY C 102 -14.73 43.81 -6.99
C GLY C 102 -14.78 44.91 -8.05
N SER C 103 -13.96 45.95 -7.87
CA SER C 103 -13.92 47.09 -8.80
C SER C 103 -12.48 47.46 -9.20
N MET C 104 -12.32 48.59 -9.92
CA MET C 104 -11.04 49.13 -10.39
C MET C 104 -10.15 49.62 -9.25
N ASP C 105 -10.75 49.90 -8.07
CA ASP C 105 -10.05 50.39 -6.88
C ASP C 105 -9.28 49.28 -6.11
N GLY C 106 -9.16 48.11 -6.72
CA GLY C 106 -8.43 46.97 -6.17
C GLY C 106 -9.11 46.23 -5.03
N ASP C 107 -10.33 46.64 -4.63
CA ASP C 107 -11.02 45.92 -3.58
C ASP C 107 -11.58 44.65 -4.19
N GLY C 108 -11.22 43.53 -3.56
CA GLY C 108 -11.57 42.19 -4.02
C GLY C 108 -13.04 41.88 -4.03
N ALA C 109 -13.38 40.73 -4.63
CA ALA C 109 -14.76 40.25 -4.69
C ALA C 109 -15.17 39.73 -3.33
N ALA C 110 -16.48 39.75 -3.04
CA ALA C 110 -17.02 39.21 -1.80
C ALA C 110 -16.80 37.69 -1.86
N ALA C 111 -16.54 37.03 -0.70
CA ALA C 111 -16.30 35.58 -0.60
C ALA C 111 -17.33 34.72 -1.37
N MET C 112 -16.95 33.51 -1.85
CA MET C 112 -17.77 32.55 -2.63
C MET C 112 -19.25 32.47 -2.23
N ARG C 113 -19.50 32.36 -0.92
CA ARG C 113 -20.81 32.22 -0.30
C ARG C 113 -21.72 33.40 -0.57
N PTR C 114 -21.14 34.59 -0.80
CA PTR C 114 -21.89 35.81 -1.07
C PTR C 114 -22.10 36.09 -2.56
O PTR C 114 -22.83 37.02 -2.89
CB PTR C 114 -21.22 36.96 -0.30
CG PTR C 114 -21.02 36.62 1.20
CD1 PTR C 114 -22.11 36.26 2.02
CD2 PTR C 114 -19.71 36.66 1.74
CE1 PTR C 114 -21.88 35.94 3.38
CE2 PTR C 114 -19.49 36.38 3.10
CZ PTR C 114 -20.54 35.98 3.95
OH PTR C 114 -20.24 35.70 5.29
P PTR C 114 -20.54 34.26 5.83
O1P PTR C 114 -19.83 33.18 5.08
O2P PTR C 114 -22.05 33.96 5.84
O3P PTR C 114 -20.10 34.04 7.25
N THR C 115 -21.47 35.30 -3.45
CA THR C 115 -21.55 35.49 -4.90
C THR C 115 -22.15 34.30 -5.65
N GLU C 116 -22.78 34.59 -6.79
CA GLU C 116 -23.33 33.59 -7.69
C GLU C 116 -22.89 33.87 -9.12
N ALA C 117 -22.79 32.82 -9.94
CA ALA C 117 -22.30 32.95 -11.31
C ALA C 117 -22.91 31.95 -12.29
N ARG C 118 -22.70 32.23 -13.59
CA ARG C 118 -23.08 31.44 -14.77
C ARG C 118 -22.19 31.91 -15.92
N MET C 119 -22.14 31.20 -17.05
CA MET C 119 -21.32 31.65 -18.16
C MET C 119 -22.01 32.75 -18.99
N THR C 120 -21.21 33.53 -19.72
CA THR C 120 -21.69 34.59 -20.62
C THR C 120 -22.04 33.96 -21.96
N LYS C 121 -22.76 34.70 -22.83
CA LYS C 121 -23.16 34.24 -24.16
C LYS C 121 -21.96 33.93 -25.06
N ILE C 122 -20.86 34.70 -24.91
CA ILE C 122 -19.62 34.51 -25.69
C ILE C 122 -18.89 33.20 -25.29
N THR C 123 -19.07 32.73 -24.05
CA THR C 123 -18.45 31.50 -23.53
C THR C 123 -19.02 30.26 -24.21
N LEU C 124 -20.31 30.31 -24.63
CA LEU C 124 -20.94 29.22 -25.37
C LEU C 124 -20.15 28.99 -26.66
N GLU C 125 -19.54 30.07 -27.22
CA GLU C 125 -18.73 29.99 -28.44
C GLU C 125 -17.39 29.32 -28.18
N LEU C 126 -16.89 29.31 -26.93
CA LEU C 126 -15.64 28.64 -26.59
C LEU C 126 -15.87 27.14 -26.47
N LEU C 127 -17.08 26.75 -26.00
CA LEU C 127 -17.50 25.37 -25.78
C LEU C 127 -18.37 24.80 -26.91
N ARG C 128 -18.64 25.61 -27.96
CA ARG C 128 -19.47 25.19 -29.09
C ARG C 128 -18.86 23.98 -29.79
N ASP C 129 -19.69 22.94 -30.02
CA ASP C 129 -19.34 21.69 -30.70
C ASP C 129 -18.33 20.80 -29.91
N ILE C 130 -18.25 20.97 -28.57
CA ILE C 130 -17.33 20.20 -27.71
C ILE C 130 -17.65 18.69 -27.67
N ASN C 131 -18.95 18.33 -27.68
CA ASN C 131 -19.41 16.95 -27.62
C ASN C 131 -19.59 16.34 -29.03
N LYS C 132 -18.95 16.95 -30.03
CA LYS C 132 -19.00 16.51 -31.43
C LYS C 132 -17.62 16.00 -31.91
N ASP C 133 -16.88 15.34 -30.99
CA ASP C 133 -15.56 14.73 -31.23
C ASP C 133 -14.57 15.70 -31.95
N THR C 134 -14.63 17.00 -31.58
CA THR C 134 -13.82 18.07 -32.15
C THR C 134 -12.48 18.22 -31.45
N ILE C 135 -12.45 17.90 -30.15
CA ILE C 135 -11.25 18.01 -29.32
C ILE C 135 -10.98 16.69 -28.59
N ASP C 136 -9.70 16.43 -28.25
CA ASP C 136 -9.28 15.23 -27.52
C ASP C 136 -9.56 15.38 -26.03
N PHE C 137 -10.24 14.40 -25.44
CA PHE C 137 -10.53 14.36 -24.00
C PHE C 137 -9.44 13.53 -23.32
N ILE C 138 -9.09 13.91 -22.10
CA ILE C 138 -8.07 13.23 -21.30
C ILE C 138 -8.62 12.86 -19.94
N ASP C 139 -7.95 11.90 -19.26
CA ASP C 139 -8.29 11.46 -17.91
C ASP C 139 -7.97 12.59 -16.92
N ASN C 140 -8.80 12.75 -15.88
CA ASN C 140 -8.56 13.78 -14.86
C ASN C 140 -7.44 13.31 -13.89
N TYR C 141 -7.12 14.15 -12.87
CA TYR C 141 -6.08 13.89 -11.86
C TYR C 141 -6.21 12.52 -11.15
N ASP C 142 -7.44 12.05 -10.86
CA ASP C 142 -7.68 10.77 -10.18
C ASP C 142 -8.07 9.62 -11.13
N GLY C 143 -8.47 9.98 -12.36
CA GLY C 143 -8.88 9.01 -13.37
C GLY C 143 -10.32 8.55 -13.25
N ASN C 144 -11.13 9.26 -12.42
CA ASN C 144 -12.55 8.94 -12.21
C ASN C 144 -13.47 9.83 -13.08
N GLU C 145 -12.88 10.83 -13.77
CA GLU C 145 -13.61 11.77 -14.63
C GLU C 145 -12.85 12.02 -15.95
N ARG C 146 -13.51 12.67 -16.93
CA ARG C 146 -12.92 13.02 -18.21
C ARG C 146 -12.96 14.52 -18.40
N GLU C 147 -11.85 15.09 -18.86
CA GLU C 147 -11.71 16.54 -19.06
C GLU C 147 -11.11 16.89 -20.42
N PRO C 148 -11.47 18.05 -21.02
CA PRO C 148 -10.89 18.41 -22.31
C PRO C 148 -9.46 18.93 -22.21
N SER C 149 -8.61 18.58 -23.19
CA SER C 149 -7.22 19.03 -23.26
C SER C 149 -7.18 20.46 -23.78
N VAL C 150 -8.20 20.84 -24.56
CA VAL C 150 -8.40 22.15 -25.20
C VAL C 150 -9.89 22.31 -25.54
N LEU C 151 -10.40 23.55 -25.55
CA LEU C 151 -11.78 23.85 -25.91
C LEU C 151 -11.85 24.19 -27.42
N PRO C 152 -12.97 23.90 -28.13
CA PRO C 152 -13.03 24.23 -29.57
C PRO C 152 -12.72 25.69 -29.93
N ALA C 153 -13.09 26.64 -29.04
CA ALA C 153 -12.81 28.09 -29.15
C ALA C 153 -13.11 28.69 -30.52
N ARG C 154 -14.39 28.95 -30.79
CA ARG C 154 -14.85 29.46 -32.08
C ARG C 154 -14.51 30.96 -32.34
N PHE C 155 -13.79 31.61 -31.40
CA PHE C 155 -13.27 32.98 -31.53
C PHE C 155 -11.83 33.01 -30.98
N PRO C 156 -10.89 33.79 -31.58
CA PRO C 156 -9.49 33.79 -31.09
C PRO C 156 -9.32 34.42 -29.70
N ASN C 157 -9.58 33.62 -28.66
CA ASN C 157 -9.57 34.02 -27.25
C ASN C 157 -8.21 34.47 -26.73
N LEU C 158 -7.09 33.81 -27.13
CA LEU C 158 -5.74 34.17 -26.68
C LEU C 158 -5.46 35.64 -26.88
N LEU C 159 -5.73 36.16 -28.08
CA LEU C 159 -5.51 37.56 -28.38
C LEU C 159 -6.67 38.44 -27.92
N ALA C 160 -7.92 37.90 -27.90
CA ALA C 160 -9.12 38.62 -27.45
C ALA C 160 -9.05 39.12 -26.01
N ASN C 161 -8.80 38.20 -25.05
CA ASN C 161 -8.74 38.54 -23.63
C ASN C 161 -7.31 38.67 -23.08
N GLY C 162 -6.32 38.24 -23.87
CA GLY C 162 -4.92 38.27 -23.48
C GLY C 162 -4.57 37.26 -22.42
N ALA C 163 -3.36 37.39 -21.85
CA ALA C 163 -2.84 36.50 -20.80
C ALA C 163 -1.74 37.20 -20.01
N SER C 164 -1.65 36.90 -18.71
CA SER C 164 -0.61 37.42 -17.82
C SER C 164 -0.32 36.36 -16.75
N GLY C 165 0.73 35.58 -16.98
CA GLY C 165 1.11 34.50 -16.09
C GLY C 165 2.60 34.41 -15.83
N ILE C 166 2.98 34.24 -14.55
CA ILE C 166 4.38 34.11 -14.12
C ILE C 166 4.69 32.62 -13.95
N ALA C 167 5.51 32.05 -14.85
CA ALA C 167 5.93 30.65 -14.77
C ALA C 167 7.32 30.55 -14.10
N VAL C 168 8.12 29.52 -14.46
CA VAL C 168 9.48 29.34 -13.93
C VAL C 168 10.44 29.38 -15.13
N GLY C 169 11.41 30.29 -15.08
CA GLY C 169 12.36 30.52 -16.16
C GLY C 169 11.83 31.43 -17.24
N MET C 170 10.50 31.67 -17.23
CA MET C 170 9.79 32.51 -18.19
C MET C 170 8.47 33.04 -17.61
N ALA C 171 7.82 33.94 -18.35
CA ALA C 171 6.55 34.56 -18.00
C ALA C 171 5.81 34.91 -19.28
N THR C 172 4.53 35.27 -19.18
CA THR C 172 3.74 35.67 -20.34
C THR C 172 2.97 36.95 -20.06
N ASN C 173 2.87 37.79 -21.10
CA ASN C 173 2.13 39.04 -21.02
C ASN C 173 1.62 39.42 -22.42
N ILE C 174 0.40 38.97 -22.72
CA ILE C 174 -0.31 39.18 -23.99
C ILE C 174 -1.44 40.21 -23.73
N PRO C 175 -1.51 41.32 -24.49
CA PRO C 175 -2.59 42.30 -24.24
C PRO C 175 -3.91 41.88 -24.88
N PRO C 176 -5.07 42.37 -24.35
CA PRO C 176 -6.34 42.04 -25.00
C PRO C 176 -6.51 42.80 -26.32
N HIS C 177 -7.27 42.22 -27.27
CA HIS C 177 -7.50 42.82 -28.58
C HIS C 177 -9.00 42.88 -28.92
N ASN C 178 -9.34 43.64 -29.98
CA ASN C 178 -10.70 43.81 -30.47
C ASN C 178 -11.06 42.61 -31.35
N LEU C 179 -12.18 41.94 -31.03
CA LEU C 179 -12.68 40.74 -31.71
C LEU C 179 -12.95 40.95 -33.20
N THR C 180 -13.59 42.08 -33.57
CA THR C 180 -13.90 42.43 -34.96
C THR C 180 -12.61 42.49 -35.77
N GLU C 181 -11.57 43.14 -35.22
CA GLU C 181 -10.25 43.29 -35.82
C GLU C 181 -9.54 41.94 -35.94
N LEU C 182 -9.59 41.10 -34.88
CA LEU C 182 -8.96 39.78 -34.84
C LEU C 182 -9.54 38.82 -35.86
N ILE C 183 -10.90 38.72 -35.93
CA ILE C 183 -11.57 37.83 -36.88
C ILE C 183 -11.22 38.25 -38.31
N ASN C 184 -11.21 39.59 -38.59
CA ASN C 184 -10.81 40.13 -39.89
C ASN C 184 -9.40 39.72 -40.26
N GLY C 185 -8.52 39.67 -39.25
CA GLY C 185 -7.13 39.23 -39.38
C GLY C 185 -7.03 37.76 -39.76
N VAL C 186 -7.87 36.91 -39.14
CA VAL C 186 -7.94 35.47 -39.41
C VAL C 186 -8.48 35.24 -40.83
N LEU C 187 -9.50 36.03 -41.24
CA LEU C 187 -10.11 35.96 -42.58
C LEU C 187 -9.11 36.36 -43.67
N SER C 188 -8.26 37.36 -43.38
CA SER C 188 -7.22 37.86 -44.28
C SER C 188 -6.11 36.82 -44.43
N LEU C 189 -5.77 36.12 -43.33
CA LEU C 189 -4.76 35.06 -43.28
C LEU C 189 -5.25 33.79 -44.03
N SER C 190 -6.56 33.49 -43.94
CA SER C 190 -7.15 32.32 -44.61
C SER C 190 -7.16 32.49 -46.14
N LYS C 191 -7.28 33.73 -46.63
CA LYS C 191 -7.30 34.10 -48.04
C LYS C 191 -5.89 34.19 -48.62
N ASN C 192 -4.91 34.57 -47.77
CA ASN C 192 -3.50 34.72 -48.13
C ASN C 192 -2.60 34.14 -47.01
N PRO C 193 -2.10 32.89 -47.13
CA PRO C 193 -1.25 32.32 -46.07
C PRO C 193 0.14 32.95 -45.97
N ASP C 194 0.58 33.69 -47.01
CA ASP C 194 1.88 34.38 -47.03
C ASP C 194 1.74 35.86 -46.65
N ILE C 195 0.70 36.21 -45.86
CA ILE C 195 0.40 37.56 -45.41
C ILE C 195 1.50 38.10 -44.48
N SER C 196 1.87 39.39 -44.66
CA SER C 196 2.87 40.06 -43.83
C SER C 196 2.20 40.59 -42.56
N ILE C 197 2.98 40.73 -41.48
CA ILE C 197 2.48 41.22 -40.20
C ILE C 197 2.02 42.70 -40.33
N ALA C 198 2.63 43.47 -41.25
CA ALA C 198 2.23 44.85 -41.54
C ALA C 198 0.86 44.87 -42.23
N GLU C 199 0.56 43.83 -43.05
CA GLU C 199 -0.72 43.69 -43.75
C GLU C 199 -1.80 43.20 -42.77
N LEU C 200 -1.41 42.39 -41.76
CA LEU C 200 -2.32 41.91 -40.72
C LEU C 200 -2.68 43.07 -39.79
N MET C 201 -1.78 44.08 -39.71
CA MET C 201 -1.94 45.29 -38.93
C MET C 201 -2.94 46.29 -39.54
N GLU C 202 -3.38 46.03 -40.78
CA GLU C 202 -4.40 46.83 -41.48
C GLU C 202 -5.77 46.51 -40.87
N ASP C 203 -5.92 45.29 -40.33
CA ASP C 203 -7.11 44.81 -39.64
C ASP C 203 -6.92 45.00 -38.13
N ILE C 204 -5.86 44.38 -37.56
CA ILE C 204 -5.51 44.48 -36.14
C ILE C 204 -4.60 45.70 -35.93
N GLU C 205 -5.21 46.88 -35.66
CA GLU C 205 -4.52 48.16 -35.45
C GLU C 205 -3.51 48.08 -34.28
N GLY C 206 -3.92 47.41 -33.21
CA GLY C 206 -3.13 47.21 -32.01
C GLY C 206 -3.93 46.61 -30.88
N PRO C 207 -3.43 46.62 -29.63
CA PRO C 207 -4.23 46.07 -28.52
C PRO C 207 -5.43 46.95 -28.18
N ASP C 208 -6.51 46.30 -27.74
CA ASP C 208 -7.74 46.99 -27.34
C ASP C 208 -8.07 46.59 -25.92
N PHE C 209 -7.81 47.50 -24.97
CA PHE C 209 -8.03 47.27 -23.54
C PHE C 209 -9.49 47.51 -23.12
N PRO C 210 -10.03 46.72 -22.16
CA PRO C 210 -11.42 46.94 -21.73
C PRO C 210 -11.62 48.26 -20.98
N THR C 211 -10.55 48.77 -20.37
CA THR C 211 -10.47 50.02 -19.61
C THR C 211 -10.22 51.23 -20.56
N ALA C 212 -10.31 50.98 -21.89
CA ALA C 212 -10.10 51.93 -23.00
C ALA C 212 -8.72 52.61 -22.93
N GLY C 213 -8.67 53.93 -22.78
CA GLY C 213 -7.42 54.69 -22.68
C GLY C 213 -6.82 55.05 -24.02
N LEU C 214 -5.51 55.35 -24.01
CA LEU C 214 -4.76 55.77 -25.20
C LEU C 214 -3.45 55.02 -25.35
N ILE C 215 -3.02 54.78 -26.59
CA ILE C 215 -1.74 54.13 -26.90
C ILE C 215 -0.84 55.13 -27.64
N LEU C 216 0.38 55.36 -27.11
CA LEU C 216 1.34 56.27 -27.70
C LEU C 216 2.22 55.57 -28.74
N GLY C 217 1.94 55.81 -30.01
CA GLY C 217 2.68 55.28 -31.15
C GLY C 217 2.38 53.84 -31.54
N LYS C 218 2.51 53.54 -32.84
CA LYS C 218 2.31 52.21 -33.44
C LYS C 218 3.64 51.43 -33.40
N SER C 219 4.75 52.15 -33.13
CA SER C 219 6.12 51.64 -33.08
C SER C 219 6.31 50.46 -32.11
N GLY C 220 5.83 50.62 -30.88
CA GLY C 220 5.90 49.59 -29.84
C GLY C 220 5.05 48.39 -30.19
N ILE C 221 3.86 48.64 -30.78
CA ILE C 221 2.90 47.62 -31.23
C ILE C 221 3.55 46.76 -32.32
N ARG C 222 4.16 47.42 -33.34
CA ARG C 222 4.85 46.78 -34.46
C ARG C 222 5.93 45.82 -33.99
N ARG C 223 6.76 46.25 -33.02
CA ARG C 223 7.82 45.42 -32.43
C ARG C 223 7.22 44.19 -31.75
N ALA C 224 6.14 44.39 -30.95
CA ALA C 224 5.43 43.31 -30.24
C ALA C 224 4.84 42.28 -31.20
N TYR C 225 4.30 42.76 -32.33
CA TYR C 225 3.69 41.91 -33.35
C TYR C 225 4.69 41.19 -34.23
N GLU C 226 5.89 41.78 -34.45
CA GLU C 226 6.95 41.22 -35.30
C GLU C 226 7.87 40.25 -34.56
N THR C 227 8.19 40.53 -33.29
CA THR C 227 9.14 39.73 -32.50
C THR C 227 8.50 38.91 -31.38
N GLY C 228 7.33 39.35 -30.91
CA GLY C 228 6.62 38.71 -29.79
C GLY C 228 6.88 39.44 -28.49
N ARG C 229 7.78 40.43 -28.53
CA ARG C 229 8.18 41.27 -27.41
C ARG C 229 8.23 42.73 -27.83
N GLY C 230 7.92 43.63 -26.90
CA GLY C 230 7.91 45.06 -27.13
C GLY C 230 7.17 45.81 -26.04
N SER C 231 7.49 47.11 -25.89
CA SER C 231 6.87 47.97 -24.89
C SER C 231 5.81 48.87 -25.53
N ILE C 232 4.59 48.85 -24.98
CA ILE C 232 3.47 49.67 -25.46
C ILE C 232 3.11 50.67 -24.37
N GLN C 233 3.19 51.97 -24.69
CA GLN C 233 2.88 53.04 -23.74
C GLN C 233 1.38 53.30 -23.67
N MET C 234 0.80 53.05 -22.49
CA MET C 234 -0.62 53.27 -22.21
C MET C 234 -0.78 54.59 -21.46
N ARG C 235 -1.56 55.53 -22.01
CA ARG C 235 -1.79 56.82 -21.41
C ARG C 235 -3.28 57.01 -21.08
N SER C 236 -3.55 57.66 -19.93
CA SER C 236 -4.90 57.97 -19.46
C SER C 236 -5.53 59.05 -20.34
N ARG C 237 -6.87 58.99 -20.50
CA ARG C 237 -7.59 60.02 -21.26
C ARG C 237 -7.81 61.19 -20.32
N ALA C 238 -7.04 62.28 -20.53
CA ALA C 238 -7.13 63.47 -19.69
C ALA C 238 -7.32 64.74 -20.51
N VAL C 239 -8.30 65.55 -20.11
CA VAL C 239 -8.63 66.82 -20.74
C VAL C 239 -8.40 67.98 -19.78
N ILE C 240 -7.83 69.09 -20.27
CA ILE C 240 -7.60 70.29 -19.47
C ILE C 240 -8.71 71.27 -19.85
N GLU C 241 -9.64 71.52 -18.93
CA GLU C 241 -10.72 72.45 -19.26
C GLU C 241 -10.50 73.82 -18.64
N GLU C 242 -10.76 74.87 -19.44
CA GLU C 242 -10.63 76.27 -19.04
C GLU C 242 -11.83 76.62 -18.17
N ARG C 243 -11.58 77.34 -17.07
CA ARG C 243 -12.63 77.73 -16.12
C ARG C 243 -12.56 79.23 -15.81
N GLY C 244 -13.56 79.73 -15.09
CA GLY C 244 -13.66 81.13 -14.69
C GLY C 244 -12.52 81.59 -13.82
N GLY C 245 -12.11 82.84 -14.01
CA GLY C 245 -11.02 83.48 -13.29
C GLY C 245 -9.64 83.00 -13.70
N GLY C 246 -9.53 82.49 -14.93
CA GLY C 246 -8.28 81.97 -15.48
C GLY C 246 -7.83 80.63 -14.93
N ARG C 247 -8.62 80.04 -14.01
CA ARG C 247 -8.34 78.75 -13.37
C ARG C 247 -8.53 77.59 -14.36
N GLN C 248 -7.79 76.50 -14.12
CA GLN C 248 -7.85 75.28 -14.95
C GLN C 248 -8.01 74.04 -14.07
N ARG C 249 -8.43 72.91 -14.70
CA ARG C 249 -8.56 71.62 -14.03
C ARG C 249 -8.35 70.47 -15.01
N ILE C 250 -7.87 69.34 -14.48
CA ILE C 250 -7.59 68.14 -15.27
C ILE C 250 -8.65 67.09 -14.94
N VAL C 251 -9.30 66.54 -15.98
CA VAL C 251 -10.33 65.51 -15.82
C VAL C 251 -9.88 64.20 -16.50
N VAL C 252 -9.65 63.14 -15.71
CA VAL C 252 -9.23 61.83 -16.19
C VAL C 252 -10.48 60.94 -16.32
N THR C 253 -10.83 60.56 -17.57
CA THR C 253 -12.02 59.76 -17.86
C THR C 253 -11.71 58.27 -18.12
N GLU C 254 -10.46 57.95 -18.51
CA GLU C 254 -10.01 56.59 -18.77
C GLU C 254 -8.63 56.36 -18.16
N ILE C 255 -8.39 55.18 -17.57
CA ILE C 255 -7.11 54.84 -16.93
C ILE C 255 -6.44 53.61 -17.61
N PRO C 256 -5.09 53.43 -17.51
CA PRO C 256 -4.46 52.27 -18.17
C PRO C 256 -4.88 50.91 -17.60
N PHE C 257 -4.71 49.86 -18.42
CA PHE C 257 -5.04 48.48 -18.10
C PHE C 257 -4.18 47.92 -16.97
N GLN C 258 -4.84 47.16 -16.06
CA GLN C 258 -4.28 46.51 -14.86
C GLN C 258 -3.71 47.54 -13.85
N VAL C 259 -4.27 48.77 -13.85
CA VAL C 259 -3.84 49.84 -12.94
C VAL C 259 -4.93 50.08 -11.88
N ASN C 260 -4.53 50.05 -10.60
CA ASN C 260 -5.41 50.29 -9.47
C ASN C 260 -5.68 51.78 -9.39
N LYS C 261 -6.96 52.18 -9.61
CA LYS C 261 -7.41 53.58 -9.60
C LYS C 261 -7.17 54.27 -8.25
N ALA C 262 -7.51 53.60 -7.14
CA ALA C 262 -7.34 54.10 -5.77
C ALA C 262 -5.86 54.30 -5.43
N ARG C 263 -4.99 53.38 -5.87
CA ARG C 263 -3.54 53.42 -5.66
C ARG C 263 -2.90 54.54 -6.48
N MET C 264 -3.46 54.82 -7.68
CA MET C 264 -3.00 55.88 -8.57
C MET C 264 -3.28 57.25 -7.95
N ILE C 265 -4.48 57.42 -7.34
CA ILE C 265 -4.91 58.63 -6.64
C ILE C 265 -4.03 58.83 -5.38
N GLU C 266 -3.73 57.72 -4.69
CA GLU C 266 -2.89 57.65 -3.49
C GLU C 266 -1.46 58.10 -3.79
N LYS C 267 -0.98 57.81 -5.02
CA LYS C 267 0.36 58.19 -5.48
C LYS C 267 0.46 59.69 -5.75
N ILE C 268 -0.61 60.29 -6.34
CA ILE C 268 -0.67 61.73 -6.61
C ILE C 268 -0.67 62.47 -5.26
N ALA C 269 -1.46 61.97 -4.29
CA ALA C 269 -1.57 62.49 -2.93
C ALA C 269 -0.22 62.38 -2.17
N GLU C 270 0.59 61.35 -2.49
CA GLU C 270 1.92 61.15 -1.90
C GLU C 270 2.91 62.18 -2.42
N LEU C 271 2.82 62.53 -3.71
CA LEU C 271 3.71 63.54 -4.33
C LEU C 271 3.40 64.94 -3.84
N VAL C 272 2.11 65.26 -3.59
CA VAL C 272 1.66 66.56 -3.09
C VAL C 272 2.14 66.76 -1.63
N ARG C 273 2.04 65.71 -0.78
CA ARG C 273 2.50 65.79 0.62
C ARG C 273 4.04 65.87 0.70
N ASP C 274 4.76 65.14 -0.20
CA ASP C 274 6.24 65.16 -0.24
C ASP C 274 6.77 66.38 -1.03
N LYS C 275 5.85 67.20 -1.62
CA LYS C 275 6.13 68.40 -2.43
C LYS C 275 6.99 68.09 -3.68
N LYS C 276 6.80 66.87 -4.25
CA LYS C 276 7.49 66.41 -5.45
C LYS C 276 6.84 66.98 -6.72
N ILE C 277 5.58 67.42 -6.58
CA ILE C 277 4.79 68.05 -7.64
C ILE C 277 4.03 69.26 -7.05
N ASP C 278 3.95 70.36 -7.81
CA ASP C 278 3.21 71.52 -7.31
C ASP C 278 2.24 72.07 -8.35
N GLY C 279 1.27 72.85 -7.86
CA GLY C 279 0.22 73.43 -8.68
C GLY C 279 -1.12 72.72 -8.53
N ILE C 280 -1.20 71.73 -7.61
CA ILE C 280 -2.42 70.96 -7.35
C ILE C 280 -3.05 71.45 -6.05
N THR C 281 -4.32 71.89 -6.13
CA THR C 281 -5.11 72.41 -5.00
C THR C 281 -6.02 71.35 -4.40
N ASP C 282 -6.70 70.55 -5.25
CA ASP C 282 -7.61 69.49 -4.83
C ASP C 282 -7.55 68.27 -5.75
N LEU C 283 -7.75 67.07 -5.18
CA LEU C 283 -7.74 65.79 -5.89
C LEU C 283 -8.98 64.99 -5.46
N ARG C 284 -9.94 64.82 -6.40
CA ARG C 284 -11.22 64.12 -6.15
C ARG C 284 -11.50 62.95 -7.10
N ASP C 285 -12.13 61.88 -6.58
CA ASP C 285 -12.56 60.72 -7.34
C ASP C 285 -14.09 60.79 -7.49
N GLU C 286 -14.54 61.32 -8.64
CA GLU C 286 -15.95 61.51 -8.97
C GLU C 286 -16.49 60.36 -9.84
N THR C 287 -15.93 59.15 -9.68
CA THR C 287 -16.32 57.94 -10.42
C THR C 287 -17.69 57.45 -9.97
N SER C 288 -18.65 57.36 -10.93
CA SER C 288 -20.02 56.90 -10.72
C SER C 288 -20.40 55.94 -11.87
N LEU C 289 -21.47 55.15 -11.70
CA LEU C 289 -21.94 54.18 -12.68
C LEU C 289 -22.42 54.85 -13.98
N ARG C 290 -23.03 56.05 -13.87
CA ARG C 290 -23.56 56.82 -15.00
C ARG C 290 -22.49 57.49 -15.87
N THR C 291 -21.52 58.17 -15.26
CA THR C 291 -20.45 58.85 -16.01
C THR C 291 -19.24 57.95 -16.29
N GLY C 292 -19.09 56.90 -15.48
CA GLY C 292 -17.95 56.01 -15.60
C GLY C 292 -16.82 56.52 -14.74
N VAL C 293 -15.58 56.30 -15.19
CA VAL C 293 -14.38 56.74 -14.49
C VAL C 293 -14.22 58.27 -14.58
N ARG C 294 -14.03 58.95 -13.44
CA ARG C 294 -13.86 60.39 -13.37
C ARG C 294 -12.93 60.78 -12.23
N VAL C 295 -11.71 61.23 -12.57
CA VAL C 295 -10.72 61.69 -11.60
C VAL C 295 -10.45 63.18 -11.87
N VAL C 296 -10.86 64.04 -10.92
CA VAL C 296 -10.73 65.49 -11.04
C VAL C 296 -9.50 66.01 -10.26
N ILE C 297 -8.62 66.73 -10.95
CA ILE C 297 -7.40 67.34 -10.40
C ILE C 297 -7.51 68.85 -10.57
N ASP C 298 -7.68 69.60 -9.47
CA ASP C 298 -7.79 71.06 -9.52
C ASP C 298 -6.43 71.75 -9.53
N VAL C 299 -6.24 72.65 -10.50
CA VAL C 299 -5.00 73.39 -10.75
C VAL C 299 -5.05 74.82 -10.16
N ARG C 300 -3.92 75.26 -9.56
CA ARG C 300 -3.66 76.58 -8.98
C ARG C 300 -3.58 77.61 -10.13
N LYS C 301 -3.99 78.88 -9.88
CA LYS C 301 -4.00 79.97 -10.88
C LYS C 301 -2.64 80.22 -11.55
N ASP C 302 -1.55 80.33 -10.76
CA ASP C 302 -0.20 80.60 -11.27
C ASP C 302 0.41 79.43 -12.04
N ALA C 303 0.06 78.19 -11.65
CA ALA C 303 0.58 76.96 -12.25
C ALA C 303 -0.01 76.63 -13.61
N ASN C 304 0.84 76.11 -14.53
CA ASN C 304 0.45 75.71 -15.88
C ASN C 304 0.00 74.25 -15.82
N ALA C 305 -1.28 74.01 -16.11
CA ALA C 305 -1.93 72.69 -16.04
C ALA C 305 -1.35 71.67 -17.01
N SER C 306 -0.98 72.11 -18.23
CA SER C 306 -0.39 71.26 -19.27
C SER C 306 0.95 70.66 -18.81
N VAL C 307 1.72 71.44 -18.03
CA VAL C 307 3.03 71.06 -17.50
C VAL C 307 2.84 70.01 -16.40
N ILE C 308 1.89 70.24 -15.46
CA ILE C 308 1.57 69.35 -14.34
C ILE C 308 1.10 67.98 -14.86
N LEU C 309 0.22 67.99 -15.89
CA LEU C 309 -0.30 66.78 -16.54
C LEU C 309 0.82 65.92 -17.12
N ASN C 310 1.78 66.55 -17.82
CA ASN C 310 2.94 65.89 -18.43
C ASN C 310 3.87 65.32 -17.36
N ASN C 311 3.94 65.98 -16.19
CA ASN C 311 4.74 65.54 -15.05
C ASN C 311 4.06 64.35 -14.37
N LEU C 312 2.70 64.36 -14.33
CA LEU C 312 1.89 63.29 -13.76
C LEU C 312 2.02 61.98 -14.56
N TYR C 313 2.19 62.09 -15.89
CA TYR C 313 2.40 60.94 -16.78
C TYR C 313 3.74 60.25 -16.48
N LYS C 314 4.80 61.05 -16.27
CA LYS C 314 6.13 60.53 -15.99
C LYS C 314 6.31 60.05 -14.54
N GLN C 315 5.67 60.73 -13.56
CA GLN C 315 5.85 60.38 -12.14
C GLN C 315 4.83 59.39 -11.55
N THR C 316 3.58 59.36 -12.05
CA THR C 316 2.55 58.46 -11.52
C THR C 316 2.12 57.37 -12.54
N PRO C 317 1.38 56.30 -12.12
CA PRO C 317 0.92 55.29 -13.10
C PRO C 317 -0.18 55.79 -14.04
N LEU C 318 -0.36 57.13 -14.17
CA LEU C 318 -1.31 57.78 -15.07
C LEU C 318 -0.91 57.46 -16.53
N GLN C 319 0.37 57.06 -16.72
CA GLN C 319 0.95 56.59 -17.96
C GLN C 319 1.86 55.40 -17.60
N THR C 320 1.40 54.20 -17.92
CA THR C 320 2.09 52.94 -17.62
C THR C 320 2.44 52.23 -18.94
N SER C 321 3.48 51.39 -18.93
CA SER C 321 3.88 50.62 -20.10
C SER C 321 3.39 49.18 -19.97
N PHE C 322 3.04 48.57 -21.11
CA PHE C 322 2.63 47.17 -21.17
C PHE C 322 3.76 46.39 -21.81
N GLY C 323 4.47 45.63 -20.99
CA GLY C 323 5.60 44.82 -21.43
C GLY C 323 5.15 43.55 -22.08
N VAL C 324 5.04 43.56 -23.43
CA VAL C 324 4.57 42.41 -24.22
C VAL C 324 5.64 41.32 -24.26
N ASN C 325 5.21 40.08 -23.95
CA ASN C 325 6.03 38.87 -23.95
C ASN C 325 5.06 37.72 -24.31
N MET C 326 4.83 37.56 -25.63
CA MET C 326 3.86 36.61 -26.17
C MET C 326 4.34 35.16 -26.14
N ILE C 327 4.23 34.52 -24.97
CA ILE C 327 4.57 33.12 -24.75
C ILE C 327 3.29 32.33 -24.48
N ALA C 328 3.00 31.36 -25.36
CA ALA C 328 1.84 30.47 -25.24
C ALA C 328 2.30 29.04 -25.47
N LEU C 329 1.55 28.06 -24.97
CA LEU C 329 1.90 26.66 -25.14
C LEU C 329 1.50 26.20 -26.54
N VAL C 330 2.51 25.97 -27.39
CA VAL C 330 2.39 25.50 -28.78
C VAL C 330 2.88 24.05 -28.78
N ASN C 331 1.96 23.10 -29.07
CA ASN C 331 2.19 21.65 -29.06
C ASN C 331 2.70 21.17 -27.69
N GLY C 332 2.06 21.68 -26.64
CA GLY C 332 2.37 21.41 -25.24
C GLY C 332 3.72 21.91 -24.77
N ARG C 333 4.32 22.87 -25.52
CA ARG C 333 5.64 23.47 -25.22
C ARG C 333 5.60 25.01 -25.28
N PRO C 334 6.28 25.73 -24.36
CA PRO C 334 6.24 27.20 -24.44
C PRO C 334 6.99 27.73 -25.64
N LYS C 335 6.47 28.81 -26.25
CA LYS C 335 7.08 29.42 -27.42
C LYS C 335 6.75 30.90 -27.53
N LEU C 336 7.79 31.73 -27.78
CA LEU C 336 7.63 33.15 -28.01
C LEU C 336 7.14 33.27 -29.44
N ILE C 337 5.88 33.68 -29.60
CA ILE C 337 5.20 33.78 -30.89
C ILE C 337 4.89 35.22 -31.29
N ASN C 338 4.87 35.48 -32.60
CA ASN C 338 4.53 36.80 -33.16
C ASN C 338 3.02 36.83 -33.45
N LEU C 339 2.50 37.97 -33.97
CA LEU C 339 1.08 38.11 -34.29
C LEU C 339 0.60 37.07 -35.31
N LYS C 340 1.38 36.86 -36.41
CA LYS C 340 1.06 35.89 -37.45
C LYS C 340 1.00 34.47 -36.90
N GLU C 341 2.03 34.06 -36.13
CA GLU C 341 2.14 32.74 -35.50
C GLU C 341 0.93 32.40 -34.63
N ALA C 342 0.45 33.39 -33.84
CA ALA C 342 -0.72 33.24 -32.96
C ALA C 342 -1.99 32.98 -33.78
N LEU C 343 -2.17 33.74 -34.89
CA LEU C 343 -3.32 33.61 -35.80
C LEU C 343 -3.24 32.34 -36.66
N VAL C 344 -2.02 31.88 -37.00
CA VAL C 344 -1.78 30.66 -37.78
C VAL C 344 -2.21 29.44 -36.97
N HIS C 345 -1.73 29.33 -35.72
CA HIS C 345 -2.05 28.25 -34.79
C HIS C 345 -3.53 28.21 -34.44
N TYR C 346 -4.17 29.39 -34.34
CA TYR C 346 -5.60 29.49 -34.06
C TYR C 346 -6.43 29.02 -35.27
N LEU C 347 -6.11 29.51 -36.48
CA LEU C 347 -6.81 29.12 -37.72
C LEU C 347 -6.68 27.62 -37.98
N GLU C 348 -5.48 27.06 -37.72
CA GLU C 348 -5.21 25.63 -37.89
C GLU C 348 -6.04 24.79 -36.92
N HIS C 349 -6.31 25.30 -35.70
CA HIS C 349 -7.14 24.68 -34.68
C HIS C 349 -8.61 24.68 -35.15
N GLN C 350 -9.07 25.79 -35.77
CA GLN C 350 -10.43 25.94 -36.31
C GLN C 350 -10.68 24.97 -37.43
N LYS C 351 -9.69 24.77 -38.32
CA LYS C 351 -9.75 23.84 -39.44
C LYS C 351 -9.93 22.40 -38.92
N THR C 352 -9.18 22.04 -37.85
CA THR C 352 -9.23 20.72 -37.20
C THR C 352 -10.58 20.52 -36.50
N VAL C 353 -11.05 21.54 -35.77
CA VAL C 353 -12.33 21.50 -35.04
C VAL C 353 -13.51 21.32 -36.03
N VAL C 354 -13.55 22.09 -37.12
CA VAL C 354 -14.60 22.01 -38.14
C VAL C 354 -14.52 20.68 -38.93
N ARG C 355 -13.29 20.21 -39.27
CA ARG C 355 -13.09 18.94 -39.99
C ARG C 355 -13.60 17.77 -39.15
N ARG C 356 -13.18 17.72 -37.86
CA ARG C 356 -13.58 16.68 -36.90
C ARG C 356 -15.08 16.66 -36.65
N ARG C 357 -15.71 17.85 -36.58
CA ARG C 357 -17.15 18.02 -36.41
C ARG C 357 -17.89 17.43 -37.61
N THR C 358 -17.43 17.76 -38.84
CA THR C 358 -17.97 17.27 -40.11
C THR C 358 -17.85 15.75 -40.18
N GLN C 359 -16.70 15.19 -39.74
CA GLN C 359 -16.44 13.75 -39.70
C GLN C 359 -17.40 13.07 -38.72
N TYR C 360 -17.60 13.69 -37.53
CA TYR C 360 -18.51 13.21 -36.48
C TYR C 360 -19.96 13.20 -37.00
N ASN C 361 -20.41 14.36 -37.53
CA ASN C 361 -21.76 14.56 -38.08
C ASN C 361 -22.09 13.62 -39.20
N LEU C 362 -21.10 13.27 -40.06
CA LEU C 362 -21.28 12.33 -41.17
C LEU C 362 -21.50 10.91 -40.64
N ARG C 363 -20.74 10.50 -39.59
CA ARG C 363 -20.87 9.18 -38.95
C ARG C 363 -22.27 8.98 -38.37
N LYS C 364 -22.79 10.02 -37.68
CA LYS C 364 -24.12 10.01 -37.07
C LYS C 364 -25.21 10.06 -38.13
N ALA C 365 -24.99 10.82 -39.24
CA ALA C 365 -25.93 10.93 -40.35
C ALA C 365 -26.05 9.60 -41.11
N LYS C 366 -24.90 8.92 -41.38
CA LYS C 366 -24.86 7.63 -42.06
C LYS C 366 -25.52 6.54 -41.19
N ASP C 367 -25.32 6.62 -39.85
CA ASP C 367 -25.91 5.70 -38.88
C ASP C 367 -27.43 5.86 -38.82
N ARG C 368 -27.90 7.13 -38.79
CA ARG C 368 -29.32 7.48 -38.73
C ARG C 368 -30.04 7.08 -40.03
N ALA C 369 -29.39 7.32 -41.20
CA ALA C 369 -29.93 6.96 -42.51
C ALA C 369 -30.12 5.45 -42.62
N HIS C 370 -29.17 4.68 -42.05
CA HIS C 370 -29.21 3.22 -42.00
C HIS C 370 -30.42 2.75 -41.18
N ILE C 371 -30.68 3.43 -40.05
CA ILE C 371 -31.83 3.14 -39.19
C ILE C 371 -33.14 3.48 -39.92
N LEU C 372 -33.21 4.68 -40.54
CA LEU C 372 -34.36 5.15 -41.29
C LEU C 372 -34.70 4.23 -42.47
N GLU C 373 -33.67 3.60 -43.09
CA GLU C 373 -33.81 2.65 -44.19
C GLU C 373 -34.55 1.39 -43.71
N GLY C 374 -34.28 0.98 -42.47
CA GLY C 374 -34.93 -0.15 -41.83
C GLY C 374 -36.39 0.14 -41.51
N LEU C 375 -36.65 1.34 -40.95
CA LEU C 375 -38.00 1.83 -40.61
C LEU C 375 -38.85 2.01 -41.86
N ARG C 376 -38.22 2.48 -42.97
CA ARG C 376 -38.89 2.67 -44.26
C ARG C 376 -39.34 1.34 -44.85
N ILE C 377 -38.48 0.29 -44.74
CA ILE C 377 -38.79 -1.08 -45.19
C ILE C 377 -39.99 -1.57 -44.38
N ALA C 378 -39.92 -1.41 -43.04
CA ALA C 378 -40.98 -1.79 -42.10
C ALA C 378 -42.33 -1.14 -42.44
N LEU C 379 -42.32 0.19 -42.72
CA LEU C 379 -43.55 0.94 -43.03
C LEU C 379 -44.16 0.58 -44.40
N ASP C 380 -43.36 -0.04 -45.29
CA ASP C 380 -43.85 -0.49 -46.60
C ASP C 380 -44.47 -1.88 -46.50
N HIS C 381 -43.99 -2.70 -45.54
CA HIS C 381 -44.43 -4.08 -45.31
C HIS C 381 -44.93 -4.30 -43.88
N ILE C 382 -45.62 -3.29 -43.29
CA ILE C 382 -46.03 -3.26 -41.89
C ILE C 382 -46.94 -4.47 -41.49
N ASP C 383 -47.88 -4.94 -42.35
CA ASP C 383 -48.70 -6.14 -42.07
C ASP C 383 -47.78 -7.37 -41.87
N GLU C 384 -46.81 -7.56 -42.78
CA GLU C 384 -45.83 -8.65 -42.79
C GLU C 384 -44.87 -8.53 -41.59
N ILE C 385 -44.42 -7.29 -41.28
CA ILE C 385 -43.53 -6.97 -40.15
C ILE C 385 -44.19 -7.40 -38.83
N ILE C 386 -45.44 -6.94 -38.59
CA ILE C 386 -46.24 -7.25 -37.39
C ILE C 386 -46.47 -8.76 -37.26
N SER C 387 -46.85 -9.44 -38.36
CA SER C 387 -47.06 -10.89 -38.35
C SER C 387 -45.81 -11.67 -37.96
N THR C 388 -44.63 -11.20 -38.43
CA THR C 388 -43.30 -11.77 -38.12
C THR C 388 -42.99 -11.63 -36.61
N ILE C 389 -43.35 -10.47 -36.02
CA ILE C 389 -43.12 -10.18 -34.59
C ILE C 389 -44.06 -11.02 -33.71
N ARG C 390 -45.36 -11.09 -34.08
CA ARG C 390 -46.39 -11.83 -33.36
C ARG C 390 -46.12 -13.34 -33.30
N GLU C 391 -45.67 -13.94 -34.41
CA GLU C 391 -45.38 -15.38 -34.48
C GLU C 391 -44.14 -15.79 -33.65
N SER C 392 -43.32 -14.80 -33.26
CA SER C 392 -42.09 -15.01 -32.48
C SER C 392 -42.38 -15.11 -30.98
N ASP C 393 -41.77 -16.12 -30.33
CA ASP C 393 -41.90 -16.36 -28.89
C ASP C 393 -41.08 -15.37 -28.06
N THR C 394 -39.85 -15.06 -28.50
CA THR C 394 -38.91 -14.16 -27.82
C THR C 394 -38.45 -13.03 -28.76
N ASP C 395 -37.77 -12.01 -28.19
CA ASP C 395 -37.21 -10.88 -28.95
C ASP C 395 -36.06 -11.35 -29.84
N LYS C 396 -35.28 -12.36 -29.37
CA LYS C 396 -34.16 -12.97 -30.09
C LYS C 396 -34.62 -13.63 -31.40
N VAL C 397 -35.76 -14.39 -31.35
CA VAL C 397 -36.35 -15.04 -32.52
C VAL C 397 -36.91 -13.97 -33.46
N ALA C 398 -37.59 -12.93 -32.90
CA ALA C 398 -38.15 -11.80 -33.66
C ALA C 398 -37.07 -11.08 -34.46
N MET C 399 -35.89 -10.88 -33.84
CA MET C 399 -34.72 -10.24 -34.46
C MET C 399 -34.21 -11.10 -35.61
N GLU C 400 -34.00 -12.40 -35.34
CA GLU C 400 -33.54 -13.43 -36.26
C GLU C 400 -34.46 -13.51 -37.50
N SER C 401 -35.78 -13.53 -37.27
CA SER C 401 -36.83 -13.63 -38.29
C SER C 401 -36.92 -12.38 -39.17
N LEU C 402 -36.85 -11.18 -38.56
CA LEU C 402 -36.90 -9.89 -39.28
C LEU C 402 -35.68 -9.68 -40.17
N GLN C 403 -34.47 -10.03 -39.68
CA GLN C 403 -33.21 -9.90 -40.42
C GLN C 403 -33.19 -10.83 -41.64
N GLN C 404 -33.68 -12.09 -41.48
CA GLN C 404 -33.69 -13.11 -42.53
C GLN C 404 -34.77 -12.87 -43.59
N ARG C 405 -36.00 -12.51 -43.16
CA ARG C 405 -37.13 -12.29 -44.08
C ARG C 405 -37.10 -10.95 -44.81
N PHE C 406 -36.60 -9.87 -44.18
CA PHE C 406 -36.61 -8.54 -44.80
C PHE C 406 -35.22 -7.99 -45.13
N LYS C 407 -34.19 -8.86 -45.14
CA LYS C 407 -32.79 -8.55 -45.45
C LYS C 407 -32.26 -7.33 -44.66
N LEU C 408 -32.56 -7.31 -43.34
CA LEU C 408 -32.18 -6.24 -42.41
C LEU C 408 -30.96 -6.62 -41.57
N SER C 409 -30.30 -5.60 -40.98
CA SER C 409 -29.16 -5.79 -40.08
C SER C 409 -29.68 -5.89 -38.63
N GLU C 410 -28.79 -6.10 -37.64
CA GLU C 410 -29.17 -6.20 -36.23
C GLU C 410 -29.68 -4.86 -35.74
N LYS C 411 -28.96 -3.77 -36.07
CA LYS C 411 -29.30 -2.39 -35.71
C LYS C 411 -30.66 -2.01 -36.29
N GLN C 412 -30.93 -2.42 -37.56
CA GLN C 412 -32.19 -2.15 -38.24
C GLN C 412 -33.37 -2.88 -37.58
N ALA C 413 -33.25 -4.22 -37.38
CA ALA C 413 -34.26 -5.09 -36.74
C ALA C 413 -34.56 -4.66 -35.30
N GLN C 414 -33.52 -4.19 -34.56
CA GLN C 414 -33.70 -3.72 -33.19
C GLN C 414 -34.53 -2.45 -33.16
N ALA C 415 -34.27 -1.51 -34.10
CA ALA C 415 -34.97 -0.22 -34.23
C ALA C 415 -36.46 -0.43 -34.52
N ILE C 416 -36.79 -1.46 -35.33
CA ILE C 416 -38.16 -1.82 -35.70
C ILE C 416 -38.91 -2.34 -34.46
N LEU C 417 -38.26 -3.18 -33.65
CA LEU C 417 -38.85 -3.73 -32.42
C LEU C 417 -39.04 -2.65 -31.36
N ASP C 418 -38.15 -1.63 -31.35
CA ASP C 418 -38.20 -0.50 -30.42
C ASP C 418 -39.15 0.61 -30.95
N MET C 419 -39.71 0.43 -32.14
CA MET C 419 -40.61 1.39 -32.77
C MET C 419 -41.97 1.37 -32.07
N ARG C 420 -42.46 2.56 -31.67
CA ARG C 420 -43.73 2.70 -30.97
C ARG C 420 -44.90 2.66 -31.96
N LEU C 421 -46.09 2.22 -31.49
CA LEU C 421 -47.29 2.12 -32.32
C LEU C 421 -47.73 3.44 -32.96
N ARG C 422 -47.46 4.58 -32.28
CA ARG C 422 -47.81 5.93 -32.78
C ARG C 422 -47.08 6.31 -34.06
N ARG C 423 -45.97 5.62 -34.38
CA ARG C 423 -45.17 5.84 -35.59
C ARG C 423 -45.92 5.41 -36.85
N LEU C 424 -47.00 4.66 -36.68
CA LEU C 424 -47.84 4.09 -37.75
C LEU C 424 -48.92 5.05 -38.25
N THR C 425 -49.10 6.22 -37.59
CA THR C 425 -50.07 7.24 -38.01
C THR C 425 -49.61 7.95 -39.29
N GLY C 426 -50.54 8.63 -39.96
CA GLY C 426 -50.33 9.34 -41.22
C GLY C 426 -49.13 10.27 -41.24
N LEU C 427 -49.09 11.24 -40.31
CA LEU C 427 -48.02 12.23 -40.22
C LEU C 427 -46.68 11.62 -39.83
N GLU C 428 -46.69 10.62 -38.92
CA GLU C 428 -45.49 9.95 -38.42
C GLU C 428 -44.76 9.13 -39.48
N ARG C 429 -45.49 8.64 -40.49
CA ARG C 429 -44.90 7.91 -41.60
C ARG C 429 -44.23 8.92 -42.52
N ASP C 430 -44.92 10.04 -42.82
CA ASP C 430 -44.43 11.13 -43.66
C ASP C 430 -43.20 11.81 -43.06
N LYS C 431 -43.15 11.91 -41.72
CA LYS C 431 -42.05 12.49 -40.93
C LYS C 431 -40.78 11.66 -41.09
N ILE C 432 -40.88 10.31 -41.09
CA ILE C 432 -39.76 9.39 -41.28
C ILE C 432 -39.16 9.57 -42.69
N GLU C 433 -40.04 9.69 -43.71
CA GLU C 433 -39.63 9.90 -45.10
C GLU C 433 -38.97 11.26 -45.33
N ALA C 434 -39.55 12.33 -44.73
CA ALA C 434 -39.03 13.71 -44.83
C ALA C 434 -37.66 13.83 -44.19
N GLU C 435 -37.45 13.19 -43.02
CA GLU C 435 -36.18 13.18 -42.28
C GLU C 435 -35.11 12.51 -43.12
N TYR C 436 -35.42 11.34 -43.73
CA TYR C 436 -34.51 10.58 -44.57
C TYR C 436 -34.07 11.34 -45.82
N ASN C 437 -34.99 12.05 -46.48
CA ASN C 437 -34.67 12.83 -47.69
C ASN C 437 -33.72 13.99 -47.37
N GLU C 438 -34.01 14.72 -46.27
CA GLU C 438 -33.21 15.84 -45.77
C GLU C 438 -31.83 15.37 -45.33
N LEU C 439 -31.75 14.14 -44.78
CA LEU C 439 -30.52 13.51 -44.30
C LEU C 439 -29.60 13.11 -45.43
N LEU C 440 -30.15 12.67 -46.59
CA LEU C 440 -29.38 12.30 -47.77
C LEU C 440 -28.66 13.53 -48.32
N ASN C 441 -29.37 14.68 -48.35
CA ASN C 441 -28.85 15.97 -48.79
C ASN C 441 -27.81 16.50 -47.79
N TYR C 442 -27.98 16.18 -46.49
CA TYR C 442 -27.07 16.56 -45.42
C TYR C 442 -25.76 15.78 -45.56
N ILE C 443 -25.83 14.46 -45.83
CA ILE C 443 -24.67 13.57 -46.04
C ILE C 443 -23.83 14.11 -47.21
N SER C 444 -24.51 14.50 -48.30
CA SER C 444 -23.93 15.08 -49.52
C SER C 444 -23.15 16.36 -49.20
N GLU C 445 -23.74 17.26 -48.40
CA GLU C 445 -23.15 18.53 -47.98
C GLU C 445 -21.87 18.30 -47.16
N LEU C 446 -21.91 17.35 -46.19
CA LEU C 446 -20.78 17.00 -45.33
C LEU C 446 -19.65 16.34 -46.12
N GLU C 447 -20.02 15.53 -47.14
CA GLU C 447 -19.06 14.86 -48.02
C GLU C 447 -18.33 15.85 -48.93
N THR C 448 -19.00 16.97 -49.30
CA THR C 448 -18.47 18.06 -50.11
C THR C 448 -17.40 18.81 -49.30
N ILE C 449 -17.65 19.04 -48.00
CA ILE C 449 -16.75 19.72 -47.06
C ILE C 449 -15.48 18.89 -46.87
N LEU C 450 -15.63 17.57 -46.64
CA LEU C 450 -14.50 16.66 -46.41
C LEU C 450 -13.66 16.41 -47.65
N ALA C 451 -14.26 16.43 -48.86
CA ALA C 451 -13.55 16.20 -50.12
C ALA C 451 -12.67 17.39 -50.56
N ASP C 452 -13.18 18.63 -50.43
CA ASP C 452 -12.47 19.84 -50.84
C ASP C 452 -12.06 20.72 -49.65
N GLU C 453 -10.77 21.07 -49.57
CA GLU C 453 -10.20 21.90 -48.50
C GLU C 453 -10.70 23.34 -48.54
N GLU C 454 -11.04 23.86 -49.74
CA GLU C 454 -11.56 25.22 -49.91
C GLU C 454 -12.97 25.35 -49.36
N VAL C 455 -13.82 24.31 -49.57
CA VAL C 455 -15.21 24.25 -49.08
C VAL C 455 -15.18 24.26 -47.54
N LEU C 456 -14.23 23.52 -46.94
CA LEU C 456 -14.00 23.45 -45.49
C LEU C 456 -13.56 24.83 -44.97
N LEU C 457 -12.55 25.43 -45.62
CA LEU C 457 -12.00 26.75 -45.29
C LEU C 457 -13.07 27.84 -45.34
N GLN C 458 -13.99 27.75 -46.33
CA GLN C 458 -15.08 28.70 -46.48
C GLN C 458 -16.08 28.58 -45.33
N LEU C 459 -16.34 27.34 -44.86
CA LEU C 459 -17.23 27.09 -43.73
C LEU C 459 -16.65 27.70 -42.45
N VAL C 460 -15.32 27.57 -42.26
CA VAL C 460 -14.57 28.14 -41.14
C VAL C 460 -14.73 29.68 -41.19
N ARG C 461 -14.54 30.25 -42.40
CA ARG C 461 -14.66 31.70 -42.68
C ARG C 461 -16.07 32.21 -42.36
N ASP C 462 -17.11 31.51 -42.86
CA ASP C 462 -18.52 31.86 -42.66
C ASP C 462 -18.91 31.84 -41.19
N GLU C 463 -18.45 30.81 -40.47
CA GLU C 463 -18.72 30.66 -39.03
C GLU C 463 -18.03 31.76 -38.22
N LEU C 464 -16.81 32.17 -38.63
CA LEU C 464 -16.06 33.25 -37.97
C LEU C 464 -16.73 34.61 -38.20
N THR C 465 -17.24 34.86 -39.42
CA THR C 465 -17.95 36.08 -39.79
C THR C 465 -19.23 36.20 -38.94
N GLU C 466 -19.90 35.06 -38.69
CA GLU C 466 -21.11 34.96 -37.86
C GLU C 466 -20.83 35.39 -36.42
N ILE C 467 -19.64 35.02 -35.88
CA ILE C 467 -19.18 35.38 -34.53
C ILE C 467 -18.92 36.89 -34.49
N ARG C 468 -18.24 37.39 -35.54
CA ARG C 468 -17.87 38.80 -35.71
C ARG C 468 -19.09 39.72 -35.77
N ASP C 469 -20.15 39.30 -36.46
CA ASP C 469 -21.38 40.09 -36.58
C ASP C 469 -22.27 40.04 -35.33
N ARG C 470 -22.08 39.04 -34.47
CA ARG C 470 -22.88 38.86 -33.24
C ARG C 470 -22.18 39.36 -31.98
N PHE C 471 -20.87 39.10 -31.85
CA PHE C 471 -20.08 39.45 -30.66
C PHE C 471 -19.05 40.57 -30.89
N GLY C 472 -18.91 41.02 -32.13
CA GLY C 472 -17.99 42.10 -32.48
C GLY C 472 -18.47 43.44 -31.96
N ASP C 473 -17.52 44.26 -31.48
CA ASP C 473 -17.82 45.59 -30.93
C ASP C 473 -16.80 46.65 -31.37
N ASP C 474 -17.12 47.93 -31.10
CA ASP C 474 -16.27 49.09 -31.40
C ASP C 474 -14.95 49.05 -30.62
N ARG C 475 -13.91 49.68 -31.17
CA ARG C 475 -12.60 49.81 -30.54
C ARG C 475 -12.72 50.76 -29.34
N ARG C 476 -12.11 50.40 -28.20
CA ARG C 476 -12.14 51.19 -26.97
C ARG C 476 -10.88 52.05 -26.81
N THR C 477 -9.69 51.47 -27.05
CA THR C 477 -8.40 52.16 -26.91
C THR C 477 -8.00 52.92 -28.18
N GLU C 478 -7.80 54.25 -28.07
CA GLU C 478 -7.38 55.08 -29.19
C GLU C 478 -5.86 54.99 -29.36
N ILE C 479 -5.40 54.65 -30.57
CA ILE C 479 -3.97 54.57 -30.87
C ILE C 479 -3.54 55.88 -31.52
N GLN C 480 -2.79 56.72 -30.78
CA GLN C 480 -2.29 58.01 -31.25
C GLN C 480 -0.93 57.87 -31.95
N LEU C 481 -0.62 58.76 -32.90
CA LEU C 481 0.66 58.75 -33.61
C LEU C 481 1.60 59.85 -33.11
N LYS D 1 3.41 26.07 15.41
CA LYS D 1 4.63 25.91 16.20
C LYS D 1 5.13 24.44 16.25
N LEU D 2 6.38 24.24 16.71
CA LEU D 2 7.03 22.94 16.80
C LEU D 2 6.43 22.06 17.90
N ALA D 3 6.08 20.82 17.53
CA ALA D 3 5.57 19.80 18.45
C ALA D 3 6.74 18.84 18.72
N ASP D 4 7.49 19.13 19.79
CA ASP D 4 8.71 18.39 20.17
C ASP D 4 8.42 17.04 20.83
N CYS D 5 9.43 16.15 20.78
CA CYS D 5 9.42 14.81 21.38
C CYS D 5 9.89 14.85 22.84
N SER D 6 9.53 13.81 23.63
CA SER D 6 9.88 13.70 25.06
C SER D 6 11.38 13.53 25.33
N SER D 7 12.07 12.65 24.57
CA SER D 7 13.51 12.38 24.73
C SER D 7 14.38 13.60 24.41
N LYS D 8 15.47 13.75 25.16
CA LYS D 8 16.43 14.85 25.03
C LYS D 8 17.78 14.38 24.44
N SER D 9 17.87 13.09 24.06
CA SER D 9 19.06 12.47 23.46
C SER D 9 19.00 12.71 21.94
N PRO D 10 19.84 13.62 21.37
CA PRO D 10 19.75 13.90 19.93
C PRO D 10 20.02 12.75 18.98
N GLU D 11 20.89 11.79 19.37
CA GLU D 11 21.27 10.60 18.60
C GLU D 11 20.04 9.79 18.18
N GLU D 12 19.12 9.52 19.14
CA GLU D 12 17.90 8.74 18.90
C GLU D 12 16.74 9.60 18.39
N CYS D 13 16.79 10.94 18.62
CA CYS D 13 15.75 11.89 18.23
C CYS D 13 15.83 12.28 16.75
N GLU D 14 14.66 12.64 16.18
CA GLU D 14 14.49 13.03 14.78
C GLU D 14 13.36 14.03 14.59
N ILE D 15 13.54 14.98 13.65
CA ILE D 15 12.55 16.01 13.33
C ILE D 15 11.99 15.82 11.90
N PHE D 16 10.67 15.99 11.76
CA PHE D 16 9.97 15.86 10.48
C PHE D 16 9.37 17.21 10.08
N LEU D 17 9.87 17.77 8.96
CA LEU D 17 9.41 19.04 8.41
C LEU D 17 8.27 18.71 7.46
N VAL D 18 7.04 18.85 7.96
CA VAL D 18 5.83 18.51 7.20
C VAL D 18 5.22 19.70 6.46
N GLU D 19 4.65 19.43 5.29
CA GLU D 19 4.02 20.41 4.42
C GLU D 19 2.57 20.66 4.87
N GLY D 20 2.35 21.77 5.55
CA GLY D 20 1.02 22.17 6.03
C GLY D 20 0.68 21.77 7.45
N ASP D 21 -0.39 22.37 7.98
CA ASP D 21 -0.89 22.14 9.35
C ASP D 21 -1.76 20.88 9.49
N SER D 22 -2.60 20.57 8.46
CA SER D 22 -3.47 19.39 8.47
C SER D 22 -2.62 18.13 8.46
N ALA D 23 -1.56 18.12 7.62
CA ALA D 23 -0.60 17.03 7.55
C ALA D 23 0.15 16.98 8.88
N GLY D 24 0.51 18.16 9.40
CA GLY D 24 1.18 18.34 10.69
C GLY D 24 0.44 17.73 11.85
N GLY D 25 -0.89 17.92 11.87
CA GLY D 25 -1.79 17.37 12.88
C GLY D 25 -1.89 15.86 12.80
N SER D 26 -1.84 15.31 11.57
CA SER D 26 -1.89 13.88 11.31
C SER D 26 -0.56 13.23 11.71
N THR D 27 0.57 13.90 11.38
CA THR D 27 1.93 13.45 11.69
C THR D 27 2.18 13.42 13.20
N LYS D 28 1.68 14.46 13.94
CA LYS D 28 1.82 14.57 15.39
C LYS D 28 1.00 13.54 16.17
N SER D 29 0.03 12.88 15.50
CA SER D 29 -0.82 11.85 16.09
C SER D 29 -0.28 10.44 15.79
N GLY D 30 0.23 10.24 14.57
CA GLY D 30 0.79 8.96 14.12
C GLY D 30 2.21 8.67 14.57
N ARG D 31 2.98 9.74 14.89
CA ARG D 31 4.39 9.69 15.33
C ARG D 31 4.64 8.92 16.62
N ASP D 32 5.93 8.69 16.91
CA ASP D 32 6.42 8.10 18.15
C ASP D 32 6.78 9.34 18.99
N SER D 33 5.87 9.72 19.92
CA SER D 33 6.00 10.91 20.78
C SER D 33 7.32 10.99 21.58
N ARG D 34 8.05 9.86 21.69
CA ARG D 34 9.32 9.78 22.41
C ARG D 34 10.52 10.21 21.57
N THR D 35 10.63 9.72 20.31
CA THR D 35 11.77 10.01 19.43
C THR D 35 11.48 10.94 18.25
N GLN D 36 10.21 11.19 17.90
CA GLN D 36 9.88 12.02 16.74
C GLN D 36 9.26 13.38 17.07
N ALA D 37 9.78 14.45 16.42
CA ALA D 37 9.32 15.84 16.56
C ALA D 37 8.78 16.32 15.21
N ILE D 38 7.76 17.21 15.22
CA ILE D 38 7.11 17.71 14.01
C ILE D 38 7.15 19.24 13.91
N LEU D 39 7.59 19.75 12.75
CA LEU D 39 7.59 21.18 12.45
C LEU D 39 6.79 21.43 11.17
N PRO D 40 5.55 21.98 11.29
CA PRO D 40 4.75 22.22 10.09
C PRO D 40 5.18 23.49 9.36
N LEU D 41 5.28 23.41 8.03
CA LEU D 41 5.68 24.54 7.21
C LEU D 41 4.48 25.01 6.42
N ARG D 42 4.07 26.27 6.70
CA ARG D 42 2.92 26.90 6.07
CA ARG D 42 2.92 26.89 6.05
C ARG D 42 3.21 27.33 4.64
N GLY D 43 2.93 26.42 3.71
CA GLY D 43 3.11 26.62 2.27
C GLY D 43 4.55 26.75 1.82
N LYS D 44 4.77 27.60 0.79
CA LYS D 44 6.08 27.85 0.20
C LYS D 44 6.94 28.65 1.16
N ILE D 45 8.20 28.22 1.35
CA ILE D 45 9.14 28.90 2.23
C ILE D 45 10.07 29.78 1.37
N LEU D 46 10.56 30.87 1.97
CA LEU D 46 11.46 31.87 1.39
C LEU D 46 12.70 31.25 0.73
N ASN D 47 13.01 31.71 -0.49
CA ASN D 47 14.20 31.30 -1.23
C ASN D 47 15.36 32.17 -0.76
N VAL D 48 16.26 31.59 0.06
CA VAL D 48 17.43 32.27 0.65
C VAL D 48 18.46 32.71 -0.40
N GLU D 49 18.47 32.04 -1.59
CA GLU D 49 19.38 32.35 -2.70
C GLU D 49 19.06 33.73 -3.28
N LYS D 50 17.77 34.11 -3.32
CA LYS D 50 17.29 35.38 -3.86
C LYS D 50 17.17 36.50 -2.80
N ALA D 51 17.25 36.14 -1.51
CA ALA D 51 17.09 37.09 -0.39
C ALA D 51 18.41 37.47 0.33
N ARG D 52 18.44 38.68 0.92
CA ARG D 52 19.58 39.16 1.70
C ARG D 52 19.38 38.79 3.17
N LEU D 53 20.49 38.65 3.93
CA LEU D 53 20.53 38.21 5.34
C LEU D 53 19.47 38.85 6.27
N ASP D 54 19.19 40.16 6.09
CA ASP D 54 18.18 40.88 6.90
C ASP D 54 16.77 40.32 6.69
N ARG D 55 16.43 39.88 5.46
CA ARG D 55 15.13 39.29 5.16
C ARG D 55 15.05 37.86 5.71
N ILE D 56 16.13 37.06 5.49
CA ILE D 56 16.26 35.67 5.93
C ILE D 56 16.08 35.57 7.45
N LEU D 57 16.80 36.41 8.22
CA LEU D 57 16.76 36.45 9.68
C LEU D 57 15.43 36.99 10.24
N ASN D 58 14.70 37.79 9.45
CA ASN D 58 13.41 38.37 9.86
C ASN D 58 12.24 37.44 9.52
N ASN D 59 12.50 36.43 8.66
CA ASN D 59 11.49 35.46 8.20
C ASN D 59 11.08 34.53 9.34
N ASN D 60 9.76 34.44 9.59
CA ASN D 60 9.14 33.65 10.65
C ASN D 60 9.46 32.16 10.55
N GLU D 61 9.25 31.54 9.38
CA GLU D 61 9.50 30.12 9.14
C GLU D 61 10.99 29.76 9.23
N ILE D 62 11.89 30.60 8.66
CA ILE D 62 13.35 30.40 8.73
C ILE D 62 13.81 30.40 10.20
N ARG D 63 13.30 31.38 10.99
CA ARG D 63 13.59 31.52 12.43
C ARG D 63 13.19 30.30 13.23
N GLN D 64 11.99 29.75 12.93
CA GLN D 64 11.43 28.58 13.62
C GLN D 64 12.28 27.32 13.44
N MET D 65 12.90 27.16 12.25
CA MET D 65 13.78 26.03 11.94
C MET D 65 15.08 26.10 12.72
N ILE D 66 15.73 27.29 12.75
CA ILE D 66 16.97 27.56 13.49
C ILE D 66 16.78 27.27 14.98
N THR D 67 15.65 27.74 15.55
CA THR D 67 15.27 27.54 16.97
C THR D 67 15.06 26.04 17.25
N ALA D 68 14.40 25.32 16.32
CA ALA D 68 14.12 23.88 16.43
C ALA D 68 15.41 23.05 16.45
N PHE D 69 16.35 23.33 15.53
CA PHE D 69 17.62 22.61 15.45
C PHE D 69 18.61 23.04 16.54
N GLY D 70 18.54 24.31 16.93
CA GLY D 70 19.37 24.92 17.96
C GLY D 70 20.87 24.84 17.70
N THR D 71 21.28 24.95 16.43
CA THR D 71 22.66 24.86 15.98
C THR D 71 23.29 26.21 15.64
N GLY D 72 22.44 27.15 15.22
CA GLY D 72 22.86 28.46 14.75
C GLY D 72 23.05 28.41 13.25
N ILE D 73 23.49 29.52 12.64
CA ILE D 73 23.72 29.57 11.18
C ILE D 73 25.05 30.22 10.81
N GLY D 74 25.58 29.84 9.65
CA GLY D 74 26.82 30.35 9.08
C GLY D 74 28.07 29.95 9.83
N GLY D 75 28.83 30.95 10.27
CA GLY D 75 30.06 30.78 11.03
C GLY D 75 29.83 30.40 12.47
N ASP D 76 28.65 30.72 13.02
CA ASP D 76 28.26 30.44 14.40
C ASP D 76 27.54 29.07 14.53
N PHE D 77 27.58 28.25 13.46
CA PHE D 77 26.97 26.92 13.41
C PHE D 77 27.80 25.92 14.21
N ASP D 78 27.13 25.13 15.07
CA ASP D 78 27.78 24.11 15.89
C ASP D 78 27.01 22.79 15.83
N LEU D 79 27.64 21.76 15.23
CA LEU D 79 27.09 20.41 15.06
C LEU D 79 26.82 19.71 16.39
N ALA D 80 27.62 20.03 17.44
CA ALA D 80 27.50 19.48 18.79
C ALA D 80 26.24 19.99 19.49
N LYS D 81 25.75 21.18 19.08
CA LYS D 81 24.55 21.82 19.63
C LYS D 81 23.24 21.33 18.96
N ALA D 82 23.33 20.36 18.02
CA ALA D 82 22.18 19.80 17.30
C ALA D 82 21.23 19.04 18.22
N ARG D 83 19.94 19.35 18.12
CA ARG D 83 18.88 18.75 18.93
C ARG D 83 18.33 17.45 18.31
N TYR D 84 18.59 17.25 17.00
CA TYR D 84 18.16 16.06 16.24
C TYR D 84 19.27 15.60 15.29
N HIS D 85 19.51 14.29 15.23
CA HIS D 85 20.52 13.71 14.33
C HIS D 85 19.91 13.37 12.96
N LYS D 86 18.57 13.48 12.85
CA LYS D 86 17.83 13.22 11.61
C LYS D 86 16.78 14.32 11.35
N ILE D 87 17.01 15.12 10.30
CA ILE D 87 16.15 16.21 9.84
C ILE D 87 15.50 15.69 8.55
N VAL D 88 14.25 15.24 8.66
CA VAL D 88 13.51 14.63 7.55
C VAL D 88 12.57 15.61 6.85
N ILE D 89 12.76 15.78 5.53
CA ILE D 89 11.90 16.62 4.70
C ILE D 89 10.73 15.74 4.24
N MET D 90 9.52 16.05 4.73
CA MET D 90 8.29 15.31 4.45
C MET D 90 7.26 16.21 3.73
N THR D 91 7.33 16.23 2.39
CA THR D 91 6.46 17.03 1.53
C THR D 91 5.53 16.12 0.71
N ASP D 92 4.46 16.71 0.14
CA ASP D 92 3.48 16.01 -0.71
C ASP D 92 4.15 15.45 -1.97
N ALA D 93 3.60 14.32 -2.47
CA ALA D 93 4.08 13.64 -3.68
C ALA D 93 3.84 14.41 -4.99
N ASP D 94 3.38 15.68 -4.88
CA ASP D 94 3.11 16.56 -6.02
C ASP D 94 4.32 17.43 -6.40
N VAL D 95 4.15 18.24 -7.46
CA VAL D 95 5.16 19.15 -8.01
C VAL D 95 5.52 20.29 -7.03
N ASP D 96 4.52 20.79 -6.27
CA ASP D 96 4.72 21.86 -5.27
C ASP D 96 5.51 21.35 -4.08
N GLY D 97 5.34 20.07 -3.75
CA GLY D 97 6.06 19.39 -2.68
C GLY D 97 7.53 19.34 -2.97
N ALA D 98 7.88 19.05 -4.25
CA ALA D 98 9.23 19.01 -4.78
C ALA D 98 9.87 20.40 -4.71
N HIS D 99 9.07 21.47 -4.94
CA HIS D 99 9.49 22.87 -4.88
C HIS D 99 9.85 23.26 -3.45
N ILE D 100 8.98 22.93 -2.47
CA ILE D 100 9.22 23.23 -1.05
C ILE D 100 10.51 22.52 -0.62
N ARG D 101 10.69 21.28 -1.10
CA ARG D 101 11.87 20.45 -0.87
C ARG D 101 13.14 21.14 -1.39
N THR D 102 13.07 21.75 -2.62
CA THR D 102 14.23 22.47 -3.17
C THR D 102 14.56 23.68 -2.33
N LEU D 103 13.52 24.46 -1.93
CA LEU D 103 13.63 25.66 -1.10
C LEU D 103 14.28 25.34 0.25
N LEU D 104 13.94 24.19 0.86
CA LEU D 104 14.51 23.74 2.14
C LEU D 104 15.97 23.36 1.98
N LEU D 105 16.29 22.59 0.91
CA LEU D 105 17.66 22.17 0.59
C LEU D 105 18.56 23.38 0.28
N THR D 106 17.96 24.46 -0.28
CA THR D 106 18.65 25.72 -0.59
C THR D 106 19.05 26.41 0.72
N PHE D 107 18.16 26.38 1.73
CA PHE D 107 18.42 26.95 3.05
C PHE D 107 19.47 26.14 3.80
N PHE D 108 19.36 24.80 3.73
CA PHE D 108 20.29 23.88 4.39
C PHE D 108 21.68 23.92 3.78
N TYR D 109 21.82 24.13 2.46
CA TYR D 109 23.13 24.17 1.82
C TYR D 109 23.89 25.47 2.09
N ARG D 110 23.17 26.61 2.10
CA ARG D 110 23.75 27.93 2.28
C ARG D 110 23.95 28.36 3.74
N PHE D 111 23.18 27.78 4.69
CA PHE D 111 23.28 28.18 6.10
C PHE D 111 23.66 27.06 7.07
N MET D 112 23.37 25.80 6.72
CA MET D 112 23.68 24.65 7.58
C MET D 112 24.41 23.57 6.77
N ARG D 113 25.46 23.99 6.03
CA ARG D 113 26.28 23.12 5.17
C ARG D 113 26.83 21.88 5.92
N PRO D 114 27.46 21.98 7.12
CA PRO D 114 27.97 20.77 7.79
C PRO D 114 26.89 19.80 8.27
N LEU D 115 25.61 20.22 8.28
CA LEU D 115 24.45 19.40 8.65
C LEU D 115 24.18 18.35 7.56
N ILE D 116 24.44 18.69 6.29
CA ILE D 116 24.28 17.79 5.14
C ILE D 116 25.51 16.86 5.09
N GLU D 117 26.72 17.43 5.32
CA GLU D 117 28.01 16.72 5.35
C GLU D 117 28.04 15.59 6.38
N ALA D 118 27.39 15.81 7.54
CA ALA D 118 27.29 14.84 8.63
C ALA D 118 26.21 13.77 8.36
N GLY D 119 25.45 13.96 7.28
CA GLY D 119 24.38 13.06 6.86
C GLY D 119 23.17 13.11 7.76
N TYR D 120 22.84 14.31 8.26
CA TYR D 120 21.71 14.55 9.17
C TYR D 120 20.43 14.91 8.42
N VAL D 121 20.53 15.42 7.17
CA VAL D 121 19.37 15.79 6.36
C VAL D 121 18.91 14.58 5.52
N TYR D 122 17.61 14.22 5.64
CA TYR D 122 16.99 13.11 4.92
C TYR D 122 15.71 13.56 4.18
N ILE D 123 15.26 12.74 3.20
CA ILE D 123 14.05 12.97 2.43
C ILE D 123 13.11 11.76 2.63
N ALA D 124 11.89 12.03 3.11
CA ALA D 124 10.85 11.02 3.32
C ALA D 124 10.31 10.55 1.97
N GLN D 125 9.91 9.26 1.86
CA GLN D 125 9.41 8.73 0.60
C GLN D 125 7.95 8.28 0.68
N PRO D 126 6.96 9.20 0.54
CA PRO D 126 5.56 8.74 0.51
C PRO D 126 5.17 8.21 -0.87
N PRO D 127 4.18 7.30 -1.01
CA PRO D 127 3.82 6.83 -2.36
C PRO D 127 3.06 7.89 -3.15
N THR D 128 3.28 7.98 -4.50
CA THR D 128 2.57 8.94 -5.35
C THR D 128 1.15 8.40 -5.69
N GLY D 129 0.30 8.38 -4.67
CA GLY D 129 -1.08 7.91 -4.76
C GLY D 129 -1.79 7.93 -3.43
N GLY D 132 -1.18 13.41 -1.84
CA GLY D 132 -0.53 14.40 -1.00
C GLY D 132 -0.71 14.16 0.49
N LEU D 133 0.19 14.73 1.31
CA LEU D 133 0.20 14.61 2.78
C LEU D 133 -1.06 15.14 3.48
N GLY D 134 -1.71 16.14 2.88
CA GLY D 134 -2.95 16.72 3.41
C GLY D 134 -4.13 15.77 3.37
N GLU D 135 -4.04 14.73 2.52
CA GLU D 135 -5.06 13.68 2.33
C GLU D 135 -4.59 12.30 2.84
N MET D 136 -3.33 12.22 3.35
CA MET D 136 -2.75 10.98 3.88
C MET D 136 -3.43 10.51 5.16
N ASN D 137 -3.74 9.20 5.23
CA ASN D 137 -4.39 8.55 6.36
C ASN D 137 -3.47 8.47 7.59
N ALA D 138 -4.06 8.71 8.78
CA ALA D 138 -3.41 8.76 10.10
C ALA D 138 -2.32 7.70 10.37
N ASP D 139 -2.72 6.47 10.74
CA ASP D 139 -1.88 5.32 11.06
C ASP D 139 -1.04 4.84 9.86
N GLN D 140 -1.54 5.00 8.62
CA GLN D 140 -0.81 4.58 7.42
C GLN D 140 0.42 5.46 7.15
N LEU D 141 0.34 6.77 7.51
CA LEU D 141 1.42 7.76 7.36
C LEU D 141 2.62 7.41 8.26
N TRP D 142 2.35 6.71 9.38
CA TRP D 142 3.37 6.23 10.31
C TRP D 142 4.01 4.94 9.76
N GLU D 143 3.17 3.99 9.30
CA GLU D 143 3.58 2.69 8.77
C GLU D 143 4.35 2.76 7.44
N THR D 144 4.16 3.81 6.63
CA THR D 144 4.82 3.94 5.32
C THR D 144 6.07 4.82 5.28
N THR D 145 6.11 5.94 6.03
CA THR D 145 7.27 6.86 5.96
C THR D 145 7.83 7.35 7.29
N MET D 146 7.43 6.71 8.41
CA MET D 146 7.89 7.14 9.72
C MET D 146 8.46 6.05 10.59
N ASN D 147 7.87 4.83 10.56
CA ASN D 147 8.33 3.68 11.35
C ASN D 147 9.72 3.26 10.89
N PRO D 148 10.75 3.37 11.78
CA PRO D 148 12.14 3.06 11.36
C PRO D 148 12.40 1.69 10.72
N GLU D 149 11.56 0.69 11.04
CA GLU D 149 11.71 -0.67 10.52
C GLU D 149 11.49 -0.79 9.02
N HIS D 150 10.32 -0.35 8.50
CA HIS D 150 10.04 -0.47 7.06
C HIS D 150 10.03 0.86 6.26
N ARG D 151 10.28 2.04 6.90
CA ARG D 151 10.37 3.31 6.15
C ARG D 151 11.58 3.32 5.20
N ALA D 152 11.53 4.20 4.19
CA ALA D 152 12.58 4.37 3.21
C ALA D 152 12.98 5.85 3.12
N LEU D 153 14.02 6.22 3.90
CA LEU D 153 14.53 7.60 3.91
C LEU D 153 15.72 7.72 2.97
N LEU D 154 15.84 8.88 2.30
CA LEU D 154 16.94 9.14 1.38
C LEU D 154 17.95 10.06 2.02
N GLN D 155 19.17 9.54 2.28
CA GLN D 155 20.25 10.32 2.88
C GLN D 155 20.81 11.31 1.87
N VAL D 156 20.71 12.60 2.19
CA VAL D 156 21.19 13.69 1.33
C VAL D 156 22.71 13.75 1.49
N LYS D 157 23.43 13.37 0.42
CA LYS D 157 24.89 13.32 0.41
C LYS D 157 25.50 14.33 -0.54
N LEU D 158 26.56 15.02 -0.08
CA LEU D 158 27.28 16.01 -0.86
C LEU D 158 28.56 15.36 -1.43
N GLU D 159 28.53 15.02 -2.73
CA GLU D 159 29.64 14.39 -3.44
C GLU D 159 30.64 15.41 -3.96
N ASP D 160 30.14 16.47 -4.64
CA ASP D 160 30.96 17.56 -5.18
C ASP D 160 30.43 18.89 -4.68
N ALA D 161 31.27 19.66 -3.97
CA ALA D 161 30.92 20.95 -3.39
C ALA D 161 30.91 22.07 -4.43
N ILE D 162 31.88 22.04 -5.38
CA ILE D 162 32.02 23.04 -6.45
C ILE D 162 30.85 22.94 -7.44
N GLU D 163 30.45 21.71 -7.79
CA GLU D 163 29.34 21.43 -8.71
C GLU D 163 28.00 21.87 -8.10
N ALA D 164 27.75 21.52 -6.81
CA ALA D 164 26.53 21.87 -6.10
C ALA D 164 26.37 23.39 -6.00
N ASP D 165 27.46 24.11 -5.65
CA ASP D 165 27.54 25.57 -5.51
C ASP D 165 26.97 26.30 -6.75
N GLN D 166 27.33 25.81 -7.95
CA GLN D 166 26.91 26.34 -9.24
C GLN D 166 25.48 25.93 -9.59
N THR D 167 25.02 24.76 -9.07
CA THR D 167 23.68 24.22 -9.29
C THR D 167 22.62 25.09 -8.60
N PHE D 168 22.81 25.37 -7.29
CA PHE D 168 21.90 26.21 -6.50
C PHE D 168 21.86 27.64 -7.02
N GLU D 169 23.00 28.13 -7.53
CA GLU D 169 23.13 29.47 -8.10
C GLU D 169 22.33 29.57 -9.40
N MET D 170 22.34 28.50 -10.23
CA MET D 170 21.63 28.42 -11.51
C MET D 170 20.12 28.27 -11.30
N LEU D 171 19.71 27.25 -10.50
CA LEU D 171 18.30 26.91 -10.23
C LEU D 171 17.56 27.88 -9.32
N MET D 172 18.20 28.34 -8.23
CA MET D 172 17.53 29.20 -7.24
C MET D 172 17.97 30.67 -7.23
N GLY D 173 19.02 31.00 -7.97
CA GLY D 173 19.55 32.37 -8.06
C GLY D 173 18.67 33.38 -8.76
N ASP D 174 19.06 34.67 -8.65
CA ASP D 174 18.39 35.83 -9.24
C ASP D 174 18.37 35.78 -10.76
N VAL D 175 19.45 35.23 -11.37
CA VAL D 175 19.66 35.17 -12.82
C VAL D 175 18.72 34.17 -13.47
N VAL D 176 17.68 34.70 -14.15
CA VAL D 176 16.63 33.92 -14.82
C VAL D 176 17.15 33.19 -16.05
N GLU D 177 17.97 33.91 -16.87
CA GLU D 177 18.54 33.51 -18.15
C GLU D 177 19.18 32.11 -18.17
N ASN D 178 19.92 31.76 -17.10
CA ASN D 178 20.59 30.45 -16.98
C ASN D 178 19.63 29.35 -16.58
N ARG D 179 18.58 29.71 -15.82
CA ARG D 179 17.51 28.80 -15.38
C ARG D 179 16.63 28.44 -16.61
N ARG D 180 16.35 29.43 -17.47
CA ARG D 180 15.57 29.27 -18.70
C ARG D 180 16.30 28.30 -19.64
N GLN D 181 17.62 28.49 -19.81
CA GLN D 181 18.47 27.64 -20.65
C GLN D 181 18.53 26.21 -20.14
N PHE D 182 18.49 26.01 -18.81
CA PHE D 182 18.48 24.68 -18.17
C PHE D 182 17.20 23.92 -18.50
N ILE D 183 16.02 24.57 -18.34
CA ILE D 183 14.70 23.99 -18.62
C ILE D 183 14.61 23.62 -20.11
N GLU D 184 15.02 24.56 -20.99
CA GLU D 184 15.06 24.41 -22.45
C GLU D 184 15.85 23.17 -22.85
N ASP D 185 17.06 23.00 -22.27
CA ASP D 185 17.96 21.89 -22.56
C ASP D 185 17.52 20.54 -22.00
N ASN D 186 16.99 20.51 -20.77
CA ASN D 186 16.59 19.28 -20.11
C ASN D 186 15.10 18.89 -20.26
N ALA D 187 14.26 19.69 -20.95
CA ALA D 187 12.86 19.32 -21.12
C ALA D 187 12.16 19.87 -22.37
N VAL D 188 12.22 21.20 -22.62
CA VAL D 188 11.55 21.87 -23.75
C VAL D 188 12.08 21.34 -25.12
N TYR D 189 13.41 21.24 -25.28
CA TYR D 189 14.04 20.75 -26.51
C TYR D 189 14.49 19.27 -26.40
N ASN I 1 5.56 0.09 -25.98
CA ASN I 1 4.64 0.18 -27.12
C ASN I 1 4.81 -1.00 -28.11
N GLU I 2 5.47 -0.79 -29.27
CA GLU I 2 5.69 -1.81 -30.30
C GLU I 2 7.18 -2.07 -30.51
N ARG I 3 7.57 -3.37 -30.61
CA ARG I 3 8.96 -3.79 -30.81
C ARG I 3 9.13 -4.61 -32.09
N ASN I 4 10.20 -4.32 -32.86
CA ASN I 4 10.57 -5.02 -34.11
C ASN I 4 11.07 -6.43 -33.77
N ILE I 5 10.57 -7.45 -34.50
CA ILE I 5 10.93 -8.86 -34.30
C ILE I 5 12.43 -9.12 -34.56
N THR I 6 13.02 -8.46 -35.56
CA THR I 6 14.44 -8.61 -35.93
C THR I 6 15.33 -8.01 -34.84
N SER I 7 14.97 -6.80 -34.36
CA SER I 7 15.69 -6.08 -33.30
C SER I 7 15.60 -6.84 -31.97
N GLU I 8 14.41 -7.41 -31.67
CA GLU I 8 14.15 -8.20 -30.47
C GLU I 8 14.97 -9.51 -30.47
N MET I 9 15.03 -10.20 -31.63
CA MET I 9 15.80 -11.45 -31.78
C MET I 9 17.30 -11.20 -31.64
N ARG I 10 17.81 -10.11 -32.26
CA ARG I 10 19.22 -9.72 -32.21
C ARG I 10 19.69 -9.32 -30.82
N GLU I 11 18.90 -8.48 -30.11
CA GLU I 11 19.21 -7.99 -28.76
C GLU I 11 19.13 -9.08 -27.68
N SER I 12 18.02 -9.87 -27.66
CA SER I 12 17.80 -10.93 -26.68
C SER I 12 18.80 -12.08 -26.79
N PHE I 13 19.09 -12.53 -28.03
CA PHE I 13 20.05 -13.61 -28.27
C PHE I 13 21.46 -13.23 -27.87
N LEU I 14 21.86 -11.96 -28.15
CA LEU I 14 23.18 -11.44 -27.80
C LEU I 14 23.38 -11.40 -26.29
N ASP I 15 22.33 -10.98 -25.54
CA ASP I 15 22.34 -10.90 -24.08
C ASP I 15 22.61 -12.27 -23.47
N TYR I 16 21.94 -13.32 -23.99
CA TYR I 16 22.10 -14.71 -23.55
C TYR I 16 23.46 -15.27 -23.98
N ALA I 17 23.81 -15.13 -25.28
CA ALA I 17 25.06 -15.61 -25.86
C ALA I 17 26.28 -15.14 -25.09
N MET I 18 26.34 -13.83 -24.78
CA MET I 18 27.42 -13.22 -24.04
C MET I 18 27.47 -13.66 -22.58
N SER I 19 26.29 -13.82 -21.94
CA SER I 19 26.20 -14.26 -20.56
C SER I 19 26.68 -15.68 -20.39
N VAL I 20 26.43 -16.58 -21.37
CA VAL I 20 26.88 -17.97 -21.32
C VAL I 20 28.41 -18.04 -21.51
N ILE I 21 28.93 -17.14 -22.37
CA ILE I 21 30.35 -17.03 -22.66
C ILE I 21 31.15 -16.48 -21.47
N VAL I 22 30.83 -15.24 -21.01
CA VAL I 22 31.59 -14.55 -19.94
C VAL I 22 31.13 -14.90 -18.50
N ALA I 23 29.93 -15.48 -18.34
CA ALA I 23 29.42 -15.78 -17.00
C ALA I 23 28.68 -17.13 -16.88
N ARG I 24 29.27 -18.23 -17.43
CA ARG I 24 28.69 -19.57 -17.32
C ARG I 24 29.62 -20.72 -17.73
N ALA I 25 29.70 -21.00 -19.04
CA ALA I 25 30.40 -22.15 -19.63
C ALA I 25 31.92 -22.02 -19.83
N LEU I 26 32.49 -20.81 -19.77
CA LEU I 26 33.92 -20.68 -20.00
C LEU I 26 34.71 -20.33 -18.74
N PRO I 27 35.87 -20.98 -18.53
CA PRO I 27 36.69 -20.67 -17.35
C PRO I 27 37.58 -19.44 -17.55
N ASP I 28 38.01 -18.82 -16.44
CA ASP I 28 38.92 -17.66 -16.45
C ASP I 28 40.34 -18.21 -16.56
N VAL I 29 41.18 -17.60 -17.39
CA VAL I 29 42.56 -18.05 -17.61
C VAL I 29 43.41 -17.99 -16.31
N ARG I 30 43.10 -17.01 -15.43
CA ARG I 30 43.80 -16.75 -14.18
C ARG I 30 43.63 -17.85 -13.12
N ASP I 31 42.39 -18.17 -12.73
CA ASP I 31 42.11 -19.19 -11.70
C ASP I 31 41.57 -20.53 -12.24
N GLY I 32 41.32 -20.60 -13.54
CA GLY I 32 40.81 -21.79 -14.21
C GLY I 32 39.41 -22.23 -13.83
N LEU I 33 38.61 -21.30 -13.28
CA LEU I 33 37.26 -21.58 -12.81
C LEU I 33 36.16 -20.85 -13.58
N LYS I 34 35.00 -21.53 -13.66
CA LYS I 34 33.75 -21.01 -14.23
C LYS I 34 33.07 -20.29 -13.05
N PRO I 35 32.14 -19.32 -13.25
CA PRO I 35 31.51 -18.64 -12.09
C PRO I 35 30.93 -19.56 -11.02
N VAL I 36 30.26 -20.67 -11.41
CA VAL I 36 29.66 -21.64 -10.48
C VAL I 36 30.73 -22.26 -9.55
N HIS I 37 31.90 -22.68 -10.11
CA HIS I 37 33.00 -23.28 -9.35
C HIS I 37 33.59 -22.29 -8.37
N ARG I 38 33.84 -21.04 -8.81
CA ARG I 38 34.38 -19.95 -8.01
C ARG I 38 33.47 -19.65 -6.83
N ARG I 39 32.14 -19.60 -7.08
CA ARG I 39 31.11 -19.34 -6.08
C ARG I 39 30.98 -20.48 -5.06
N ILE I 40 31.24 -21.74 -5.48
CA ILE I 40 31.22 -22.89 -4.57
C ILE I 40 32.40 -22.79 -3.63
N LEU I 41 33.62 -22.62 -4.19
CA LEU I 41 34.88 -22.51 -3.45
C LEU I 41 34.94 -21.32 -2.51
N TYR I 42 34.40 -20.15 -2.94
CA TYR I 42 34.33 -18.95 -2.09
C TYR I 42 33.32 -19.17 -0.98
N GLY I 43 32.22 -19.85 -1.32
CA GLY I 43 31.15 -20.23 -0.42
C GLY I 43 31.67 -21.11 0.70
N LEU I 44 32.40 -22.21 0.33
CA LEU I 44 33.06 -23.14 1.27
C LEU I 44 34.03 -22.40 2.19
N ASN I 45 34.75 -21.38 1.66
CA ASN I 45 35.67 -20.56 2.43
C ASN I 45 34.92 -19.67 3.42
N GLU I 46 33.87 -18.97 2.96
CA GLU I 46 33.03 -18.09 3.78
C GLU I 46 32.30 -18.87 4.88
N GLN I 47 31.90 -20.11 4.58
CA GLN I 47 31.22 -21.04 5.51
C GLN I 47 32.19 -21.67 6.51
N GLY I 48 33.49 -21.41 6.34
CA GLY I 48 34.54 -21.94 7.20
C GLY I 48 34.75 -23.44 7.05
N MET I 49 34.40 -23.98 5.86
CA MET I 49 34.50 -25.40 5.53
C MET I 49 35.91 -25.86 5.17
N THR I 50 36.90 -25.52 6.00
CA THR I 50 38.32 -25.86 5.83
C THR I 50 38.57 -27.38 6.04
N PRO I 51 39.68 -27.97 5.51
CA PRO I 51 39.92 -29.42 5.66
C PRO I 51 39.97 -29.97 7.09
N ASP I 52 40.36 -29.14 8.08
CA ASP I 52 40.46 -29.53 9.50
C ASP I 52 39.08 -29.68 10.17
N LYS I 53 38.05 -29.00 9.66
CA LYS I 53 36.70 -29.01 10.20
C LYS I 53 35.84 -30.15 9.63
N SER I 54 34.87 -30.66 10.42
CA SER I 54 33.97 -31.75 10.05
C SER I 54 33.10 -31.43 8.82
N TYR I 55 32.68 -32.48 8.08
CA TYR I 55 31.86 -32.37 6.87
C TYR I 55 30.48 -31.76 7.14
N LYS I 56 29.96 -30.97 6.18
CA LYS I 56 28.66 -30.32 6.24
C LYS I 56 27.82 -30.87 5.10
N LYS I 57 26.52 -31.10 5.37
CA LYS I 57 25.54 -31.61 4.40
C LYS I 57 25.56 -30.74 3.14
N SER I 58 25.60 -31.41 1.97
CA SER I 58 25.67 -30.77 0.65
C SER I 58 24.55 -29.78 0.35
N ALA I 59 23.32 -30.09 0.82
CA ALA I 59 22.13 -29.23 0.65
C ALA I 59 22.31 -27.87 1.34
N ARG I 60 23.06 -27.84 2.46
CA ARG I 60 23.35 -26.63 3.23
C ARG I 60 24.41 -25.77 2.55
N ILE I 61 25.45 -26.42 1.98
CA ILE I 61 26.53 -25.74 1.23
C ILE I 61 25.91 -25.08 -0.02
N VAL I 62 25.09 -25.85 -0.76
CA VAL I 62 24.41 -25.40 -1.98
C VAL I 62 23.44 -24.23 -1.68
N GLY I 63 22.68 -24.35 -0.59
CA GLY I 63 21.73 -23.33 -0.15
C GLY I 63 22.36 -21.96 0.06
N ASP I 64 23.52 -21.93 0.75
CA ASP I 64 24.27 -20.72 1.02
C ASP I 64 24.88 -20.11 -0.25
N VAL I 65 25.43 -20.96 -1.13
CA VAL I 65 26.02 -20.57 -2.42
C VAL I 65 24.92 -19.97 -3.31
N MET I 66 23.76 -20.63 -3.36
CA MET I 66 22.58 -20.21 -4.13
C MET I 66 22.01 -18.88 -3.63
N GLY I 67 21.82 -18.79 -2.31
CA GLY I 67 21.26 -17.63 -1.64
C GLY I 67 22.13 -16.39 -1.67
N LYS I 68 23.46 -16.57 -1.66
CA LYS I 68 24.40 -15.45 -1.63
C LYS I 68 25.05 -15.08 -2.96
N TYR I 69 25.41 -16.07 -3.81
CA TYR I 69 26.16 -15.78 -5.03
C TYR I 69 25.61 -16.35 -6.34
N HIS I 70 24.97 -17.52 -6.33
CA HIS I 70 24.48 -18.17 -7.55
C HIS I 70 22.95 -18.21 -7.69
N PRO I 71 22.31 -17.22 -8.37
CA PRO I 71 20.84 -17.24 -8.45
C PRO I 71 20.28 -18.19 -9.53
N HIS I 72 20.69 -19.46 -9.45
CA HIS I 72 20.27 -20.52 -10.38
C HIS I 72 19.85 -21.79 -9.61
N GLY I 73 19.42 -22.83 -10.34
CA GLY I 73 18.95 -24.09 -9.77
C GLY I 73 19.96 -24.86 -8.95
N ASP I 74 19.49 -25.50 -7.87
CA ASP I 74 20.30 -26.28 -6.93
C ASP I 74 21.14 -27.38 -7.58
N SER I 75 20.56 -28.05 -8.59
CA SER I 75 21.23 -29.13 -9.32
C SER I 75 22.47 -28.65 -10.07
N SER I 76 22.43 -27.42 -10.63
CA SER I 76 23.55 -26.82 -11.36
C SER I 76 24.75 -26.59 -10.42
N ILE I 77 24.48 -26.15 -9.17
CA ILE I 77 25.49 -25.90 -8.14
C ILE I 77 26.02 -27.24 -7.62
N TYR I 78 25.10 -28.15 -7.25
CA TYR I 78 25.45 -29.45 -6.69
C TYR I 78 26.29 -30.33 -7.63
N GLU I 79 25.86 -30.49 -8.90
CA GLU I 79 26.57 -31.32 -9.87
C GLU I 79 27.98 -30.80 -10.20
N ALA I 80 28.17 -29.46 -10.16
CA ALA I 80 29.46 -28.81 -10.38
C ALA I 80 30.39 -29.12 -9.18
N MET I 81 29.82 -29.16 -7.96
CA MET I 81 30.51 -29.46 -6.71
C MET I 81 30.92 -30.93 -6.68
N VAL I 82 30.05 -31.83 -7.19
CA VAL I 82 30.26 -33.28 -7.26
C VAL I 82 31.51 -33.61 -8.06
N ARG I 83 31.61 -33.08 -9.31
CA ARG I 83 32.75 -33.28 -10.21
C ARG I 83 34.06 -32.91 -9.54
N MET I 84 34.07 -31.80 -8.78
CA MET I 84 35.22 -31.28 -8.02
C MET I 84 35.67 -32.24 -6.92
N ALA I 85 34.78 -33.15 -6.47
CA ALA I 85 35.06 -34.14 -5.43
C ALA I 85 35.44 -35.51 -6.02
N GLN I 86 35.26 -35.67 -7.34
CA GLN I 86 35.55 -36.91 -8.06
C GLN I 86 37.04 -36.97 -8.45
N ASP I 87 37.76 -37.97 -7.89
CA ASP I 87 39.19 -38.18 -8.12
C ASP I 87 39.50 -38.67 -9.54
N PHE I 88 38.46 -39.13 -10.27
CA PHE I 88 38.56 -39.59 -11.66
C PHE I 88 38.21 -38.46 -12.64
N SER I 89 37.59 -37.37 -12.16
CA SER I 89 37.22 -36.20 -12.97
C SER I 89 38.23 -35.08 -12.79
N TYR I 90 38.67 -34.82 -11.54
CA TYR I 90 39.63 -33.78 -11.22
C TYR I 90 40.98 -34.36 -10.83
N ARG I 91 42.05 -33.95 -11.55
CA ARG I 91 43.44 -34.38 -11.34
C ARG I 91 43.93 -33.97 -9.94
N TYR I 92 43.45 -32.81 -9.48
CA TYR I 92 43.71 -32.25 -8.16
C TYR I 92 42.35 -31.85 -7.59
N PRO I 93 41.58 -32.81 -7.01
CA PRO I 93 40.23 -32.50 -6.52
C PRO I 93 40.15 -31.29 -5.61
N LEU I 94 39.15 -30.43 -5.87
CA LEU I 94 38.93 -29.19 -5.13
C LEU I 94 37.92 -29.32 -3.98
N VAL I 95 37.14 -30.42 -3.98
CA VAL I 95 36.14 -30.69 -2.94
C VAL I 95 36.41 -32.08 -2.33
N ASP I 96 36.34 -32.18 -1.00
CA ASP I 96 36.50 -33.42 -0.25
C ASP I 96 35.08 -33.82 0.14
N GLY I 97 34.56 -34.86 -0.50
CA GLY I 97 33.21 -35.36 -0.29
C GLY I 97 33.12 -36.67 0.45
N GLN I 98 32.07 -36.81 1.28
CA GLN I 98 31.77 -38.02 2.04
C GLN I 98 30.39 -38.53 1.64
N GLY I 99 30.35 -39.79 1.25
CA GLY I 99 29.16 -40.47 0.79
C GLY I 99 29.30 -40.88 -0.66
N ASN I 100 28.16 -41.11 -1.35
CA ASN I 100 28.17 -41.50 -2.75
C ASN I 100 28.28 -40.30 -3.68
N PHE I 101 29.46 -40.14 -4.28
CA PHE I 101 29.75 -39.06 -5.23
C PHE I 101 29.91 -39.59 -6.66
N GLY I 102 29.36 -40.78 -6.88
CA GLY I 102 29.40 -41.46 -8.16
C GLY I 102 30.74 -42.13 -8.43
N SER I 103 30.77 -42.99 -9.43
CA SER I 103 32.00 -43.70 -9.80
C SER I 103 32.24 -43.60 -11.31
N MET I 104 33.24 -44.36 -11.81
CA MET I 104 33.62 -44.42 -13.22
C MET I 104 32.54 -45.06 -14.10
N ASP I 105 31.61 -45.84 -13.50
CA ASP I 105 30.52 -46.53 -14.20
C ASP I 105 29.34 -45.61 -14.59
N GLY I 106 29.55 -44.30 -14.46
CA GLY I 106 28.60 -43.25 -14.80
C GLY I 106 27.35 -43.15 -13.93
N ASP I 107 27.33 -43.81 -12.76
CA ASP I 107 26.21 -43.94 -11.80
C ASP I 107 25.44 -42.65 -11.44
N GLY I 108 26.18 -41.60 -11.08
CA GLY I 108 25.65 -40.33 -10.59
C GLY I 108 25.76 -40.33 -9.08
N ALA I 109 26.01 -39.15 -8.49
CA ALA I 109 26.14 -39.00 -7.04
C ALA I 109 24.77 -39.11 -6.42
N ALA I 110 24.71 -39.53 -5.14
CA ALA I 110 23.46 -39.60 -4.39
C ALA I 110 23.01 -38.15 -4.17
N ALA I 111 21.69 -37.88 -4.15
CA ALA I 111 21.10 -36.54 -3.95
C ALA I 111 21.76 -35.77 -2.79
N MET I 112 21.90 -34.43 -2.91
CA MET I 112 22.58 -33.57 -1.93
C MET I 112 22.20 -33.82 -0.46
N ARG I 113 20.99 -34.34 -0.20
CA ARG I 113 20.51 -34.68 1.14
C ARG I 113 21.32 -35.84 1.76
N PTR I 114 21.80 -36.76 0.91
CA PTR I 114 22.55 -37.96 1.30
C PTR I 114 24.08 -37.79 1.30
O PTR I 114 24.80 -38.70 1.69
CB PTR I 114 22.08 -39.12 0.38
CG PTR I 114 20.56 -39.28 0.41
CD1 PTR I 114 19.88 -39.51 1.62
CD2 PTR I 114 19.83 -39.18 -0.81
CE1 PTR I 114 18.48 -39.62 1.62
CE2 PTR I 114 18.44 -39.33 -0.83
CZ PTR I 114 17.75 -39.57 0.39
OH PTR I 114 16.39 -39.66 0.30
P PTR I 114 15.65 -40.80 1.07
O1P PTR I 114 16.13 -42.21 0.71
O2P PTR I 114 15.78 -40.58 2.59
O3P PTR I 114 14.16 -40.81 0.79
N THR I 115 24.57 -36.61 0.88
CA THR I 115 26.01 -36.32 0.80
C THR I 115 26.44 -35.15 1.68
N GLU I 116 27.72 -35.15 2.06
CA GLU I 116 28.36 -34.11 2.86
C GLU I 116 29.73 -33.76 2.27
N ALA I 117 30.15 -32.48 2.39
CA ALA I 117 31.40 -32.01 1.79
C ALA I 117 32.13 -30.91 2.58
N ARG I 118 33.38 -30.66 2.20
CA ARG I 118 34.33 -29.65 2.70
C ARG I 118 35.40 -29.47 1.63
N MET I 119 36.24 -28.42 1.72
CA MET I 119 37.28 -28.24 0.71
C MET I 119 38.51 -29.13 0.99
N THR I 120 39.32 -29.39 -0.06
CA THR I 120 40.56 -30.16 0.02
C THR I 120 41.70 -29.21 0.43
N LYS I 121 42.85 -29.75 0.84
CA LYS I 121 44.01 -28.95 1.26
C LYS I 121 44.56 -28.06 0.13
N ILE I 122 44.50 -28.54 -1.12
CA ILE I 122 44.96 -27.82 -2.30
C ILE I 122 44.06 -26.59 -2.61
N THR I 123 42.78 -26.63 -2.21
CA THR I 123 41.82 -25.54 -2.41
C THR I 123 42.17 -24.31 -1.58
N LEU I 124 42.80 -24.52 -0.40
CA LEU I 124 43.27 -23.43 0.46
C LEU I 124 44.28 -22.59 -0.33
N GLU I 125 45.03 -23.22 -1.26
CA GLU I 125 45.99 -22.54 -2.12
C GLU I 125 45.32 -21.70 -3.21
N LEU I 126 44.07 -22.03 -3.60
CA LEU I 126 43.36 -21.21 -4.57
C LEU I 126 42.85 -19.94 -3.90
N LEU I 127 42.44 -20.06 -2.61
CA LEU I 127 41.90 -18.97 -1.78
C LEU I 127 42.94 -18.27 -0.90
N ARG I 128 44.21 -18.71 -0.96
CA ARG I 128 45.29 -18.12 -0.14
C ARG I 128 45.47 -16.64 -0.47
N ASP I 129 45.52 -15.80 0.59
CA ASP I 129 45.70 -14.35 0.55
C ASP I 129 44.52 -13.58 -0.10
N ILE I 130 43.31 -14.18 -0.09
CA ILE I 130 42.11 -13.58 -0.69
C ILE I 130 41.67 -12.28 0.03
N ASN I 131 41.81 -12.23 1.37
CA ASN I 131 41.41 -11.09 2.19
C ASN I 131 42.54 -10.08 2.38
N LYS I 132 43.55 -10.14 1.51
CA LYS I 132 44.74 -9.27 1.54
C LYS I 132 44.78 -8.34 0.31
N ASP I 133 43.59 -7.89 -0.15
CA ASP I 133 43.40 -6.96 -1.28
C ASP I 133 44.22 -7.37 -2.54
N THR I 134 44.29 -8.68 -2.80
CA THR I 134 45.03 -9.26 -3.93
C THR I 134 44.16 -9.33 -5.18
N ILE I 135 42.85 -9.53 -5.00
CA ILE I 135 41.88 -9.62 -6.08
C ILE I 135 40.74 -8.61 -5.91
N ASP I 136 40.12 -8.18 -7.02
CA ASP I 136 39.01 -7.23 -7.01
C ASP I 136 37.71 -7.94 -6.64
N PHE I 137 37.00 -7.40 -5.64
CA PHE I 137 35.69 -7.91 -5.22
C PHE I 137 34.62 -7.13 -5.96
N ILE I 138 33.53 -7.81 -6.28
CA ILE I 138 32.39 -7.21 -6.98
C ILE I 138 31.10 -7.46 -6.22
N ASP I 139 30.06 -6.66 -6.53
CA ASP I 139 28.74 -6.79 -5.94
C ASP I 139 28.09 -8.07 -6.47
N ASN I 140 27.32 -8.77 -5.62
CA ASN I 140 26.62 -9.98 -6.05
C ASN I 140 25.37 -9.61 -6.88
N TYR I 141 24.60 -10.64 -7.33
CA TYR I 141 23.39 -10.49 -8.14
C TYR I 141 22.33 -9.52 -7.56
N ASP I 142 22.15 -9.50 -6.21
CA ASP I 142 21.17 -8.63 -5.55
C ASP I 142 21.78 -7.37 -4.94
N GLY I 143 23.11 -7.35 -4.81
CA GLY I 143 23.85 -6.23 -4.24
C GLY I 143 23.89 -6.20 -2.72
N ASN I 144 23.50 -7.30 -2.06
CA ASN I 144 23.48 -7.42 -0.60
C ASN I 144 24.72 -8.16 -0.07
N GLU I 145 25.53 -8.72 -0.97
CA GLU I 145 26.75 -9.46 -0.64
C GLU I 145 27.91 -9.05 -1.56
N ARG I 146 29.14 -9.47 -1.21
CA ARG I 146 30.33 -9.21 -1.99
C ARG I 146 30.96 -10.54 -2.39
N GLU I 147 31.37 -10.64 -3.66
CA GLU I 147 31.96 -11.86 -4.21
C GLU I 147 33.22 -11.57 -5.02
N PRO I 148 34.19 -12.52 -5.06
CA PRO I 148 35.40 -12.27 -5.85
C PRO I 148 35.19 -12.44 -7.36
N SER I 149 35.85 -11.58 -8.16
CA SER I 149 35.81 -11.65 -9.63
C SER I 149 36.73 -12.77 -10.13
N VAL I 150 37.76 -13.09 -9.32
CA VAL I 150 38.78 -14.11 -9.56
C VAL I 150 39.42 -14.50 -8.21
N LEU I 151 39.89 -15.74 -8.06
CA LEU I 151 40.55 -16.22 -6.86
C LEU I 151 42.07 -16.03 -7.03
N PRO I 152 42.85 -15.79 -5.94
CA PRO I 152 44.31 -15.61 -6.10
C PRO I 152 45.03 -16.72 -6.85
N ALA I 153 44.56 -17.98 -6.67
CA ALA I 153 45.05 -19.20 -7.36
C ALA I 153 46.57 -19.35 -7.35
N ARG I 154 47.13 -19.79 -6.22
CA ARG I 154 48.58 -19.91 -6.03
C ARG I 154 49.21 -21.11 -6.80
N PHE I 155 48.40 -21.86 -7.58
CA PHE I 155 48.85 -22.95 -8.47
C PHE I 155 48.10 -22.83 -9.81
N PRO I 156 48.74 -23.13 -10.97
CA PRO I 156 48.03 -22.98 -12.27
C PRO I 156 46.89 -23.98 -12.48
N ASN I 157 45.72 -23.67 -11.92
CA ASN I 157 44.51 -24.50 -11.92
C ASN I 157 43.92 -24.77 -13.31
N LEU I 158 43.90 -23.78 -14.23
CA LEU I 158 43.35 -23.95 -15.57
C LEU I 158 43.93 -25.17 -16.27
N LEU I 159 45.27 -25.30 -16.27
CA LEU I 159 45.94 -26.43 -16.89
C LEU I 159 45.97 -27.66 -15.96
N ALA I 160 46.01 -27.44 -14.63
CA ALA I 160 46.04 -28.52 -13.63
C ALA I 160 44.82 -29.45 -13.70
N ASN I 161 43.60 -28.89 -13.62
CA ASN I 161 42.37 -29.67 -13.65
C ASN I 161 41.63 -29.65 -14.99
N GLY I 162 42.05 -28.75 -15.88
CA GLY I 162 41.46 -28.62 -17.20
C GLY I 162 40.08 -27.96 -17.17
N ALA I 163 39.37 -28.01 -18.31
CA ALA I 163 38.03 -27.45 -18.48
C ALA I 163 37.29 -28.10 -19.64
N SER I 164 35.97 -28.24 -19.53
CA SER I 164 35.10 -28.76 -20.59
C SER I 164 33.73 -28.07 -20.46
N GLY I 165 33.53 -27.03 -21.27
CA GLY I 165 32.29 -26.24 -21.25
C GLY I 165 31.74 -25.90 -22.62
N ILE I 166 30.41 -26.07 -22.81
CA ILE I 166 29.71 -25.76 -24.06
C ILE I 166 29.05 -24.37 -23.93
N ALA I 167 29.57 -23.35 -24.65
CA ALA I 167 29.01 -21.99 -24.64
C ALA I 167 28.07 -21.78 -25.85
N VAL I 168 27.97 -20.53 -26.37
CA VAL I 168 27.17 -20.17 -27.55
C VAL I 168 28.14 -19.61 -28.59
N GLY I 169 28.18 -20.24 -29.76
CA GLY I 169 29.08 -19.88 -30.85
C GLY I 169 30.45 -20.52 -30.72
N MET I 170 30.75 -21.07 -29.53
CA MET I 170 32.03 -21.70 -29.19
C MET I 170 31.89 -22.69 -28.02
N ALA I 171 32.98 -23.44 -27.74
CA ALA I 171 33.08 -24.41 -26.66
C ALA I 171 34.55 -24.50 -26.18
N THR I 172 34.79 -25.17 -25.04
CA THR I 172 36.15 -25.34 -24.51
C THR I 172 36.42 -26.78 -24.09
N ASN I 173 37.66 -27.23 -24.32
CA ASN I 173 38.12 -28.57 -23.94
C ASN I 173 39.63 -28.55 -23.68
N ILE I 174 39.99 -28.30 -22.42
CA ILE I 174 41.37 -28.23 -21.90
C ILE I 174 41.65 -29.52 -21.08
N PRO I 175 42.73 -30.29 -21.40
CA PRO I 175 42.99 -31.50 -20.60
C PRO I 175 43.69 -31.21 -19.27
N PRO I 176 43.57 -32.09 -18.25
CA PRO I 176 44.30 -31.85 -16.99
C PRO I 176 45.80 -32.13 -17.16
N HIS I 177 46.64 -31.45 -16.36
CA HIS I 177 48.10 -31.60 -16.41
C HIS I 177 48.70 -31.87 -15.03
N ASN I 178 49.98 -32.28 -15.00
CA ASN I 178 50.75 -32.57 -13.78
C ASN I 178 51.25 -31.25 -13.19
N LEU I 179 50.94 -31.00 -11.90
CA LEU I 179 51.30 -29.79 -11.16
C LEU I 179 52.81 -29.53 -11.09
N THR I 180 53.62 -30.59 -10.82
CA THR I 180 55.08 -30.51 -10.74
C THR I 180 55.63 -29.99 -12.06
N GLU I 181 55.12 -30.54 -13.18
CA GLU I 181 55.50 -30.16 -14.55
C GLU I 181 55.09 -28.74 -14.88
N LEU I 182 53.84 -28.35 -14.51
CA LEU I 182 53.29 -27.02 -14.74
C LEU I 182 54.05 -25.92 -14.02
N ILE I 183 54.33 -26.11 -12.70
CA ILE I 183 55.06 -25.13 -11.89
C ILE I 183 56.47 -24.95 -12.48
N ASN I 184 57.14 -26.07 -12.87
CA ASN I 184 58.46 -26.06 -13.52
C ASN I 184 58.43 -25.24 -14.82
N GLY I 185 57.30 -25.31 -15.54
CA GLY I 185 57.05 -24.55 -16.76
C GLY I 185 56.93 -23.06 -16.50
N VAL I 186 56.23 -22.69 -15.40
CA VAL I 186 56.06 -21.30 -14.97
C VAL I 186 57.41 -20.72 -14.52
N LEU I 187 58.22 -21.52 -13.79
CA LEU I 187 59.55 -21.12 -13.30
C LEU I 187 60.51 -20.89 -14.48
N SER I 188 60.41 -21.73 -15.54
CA SER I 188 61.22 -21.64 -16.75
C SER I 188 60.84 -20.38 -17.56
N LEU I 189 59.53 -20.06 -17.58
CA LEU I 189 58.98 -18.88 -18.26
C LEU I 189 59.38 -17.58 -17.53
N SER I 190 59.43 -17.61 -16.18
CA SER I 190 59.81 -16.44 -15.37
C SER I 190 61.29 -16.07 -15.54
N LYS I 191 62.15 -17.07 -15.80
CA LYS I 191 63.60 -16.92 -16.02
C LYS I 191 63.91 -16.51 -17.46
N ASN I 192 63.07 -16.94 -18.42
CA ASN I 192 63.19 -16.65 -19.85
C ASN I 192 61.81 -16.30 -20.44
N PRO I 193 61.46 -15.00 -20.60
CA PRO I 193 60.14 -14.64 -21.16
C PRO I 193 59.98 -14.96 -22.65
N ASP I 194 61.10 -15.18 -23.36
CA ASP I 194 61.08 -15.51 -24.80
C ASP I 194 61.23 -17.02 -25.03
N ILE I 195 60.78 -17.84 -24.05
CA ILE I 195 60.83 -19.31 -24.09
C ILE I 195 59.94 -19.87 -25.21
N SER I 196 60.43 -20.90 -25.92
CA SER I 196 59.70 -21.57 -26.99
C SER I 196 58.77 -22.63 -26.38
N ILE I 197 57.67 -22.96 -27.08
CA ILE I 197 56.71 -23.96 -26.62
C ILE I 197 57.37 -25.37 -26.58
N ALA I 198 58.36 -25.62 -27.46
CA ALA I 198 59.14 -26.86 -27.47
C ALA I 198 60.03 -26.95 -26.23
N GLU I 199 60.53 -25.79 -25.73
CA GLU I 199 61.37 -25.70 -24.52
C GLU I 199 60.50 -25.83 -23.27
N LEU I 200 59.23 -25.35 -23.34
CA LEU I 200 58.26 -25.47 -22.24
C LEU I 200 57.83 -26.93 -22.13
N MET I 201 57.90 -27.68 -23.26
CA MET I 201 57.58 -29.09 -23.36
C MET I 201 58.64 -30.01 -22.72
N GLU I 202 59.79 -29.45 -22.32
CA GLU I 202 60.86 -30.17 -21.63
C GLU I 202 60.43 -30.38 -20.17
N ASP I 203 59.57 -29.48 -19.66
CA ASP I 203 58.99 -29.54 -18.32
C ASP I 203 57.61 -30.18 -18.43
N ILE I 204 56.69 -29.58 -19.22
CA ILE I 204 55.34 -30.09 -19.45
C ILE I 204 55.35 -31.07 -20.64
N GLU I 205 55.57 -32.37 -20.35
CA GLU I 205 55.64 -33.45 -21.33
C GLU I 205 54.35 -33.56 -22.17
N GLY I 206 53.21 -33.41 -21.50
CA GLY I 206 51.89 -33.45 -22.10
C GLY I 206 50.79 -33.48 -21.04
N PRO I 207 49.53 -33.81 -21.42
CA PRO I 207 48.46 -33.87 -20.42
C PRO I 207 48.63 -35.05 -19.47
N ASP I 208 48.20 -34.85 -18.22
CA ASP I 208 48.27 -35.88 -17.20
C ASP I 208 46.87 -36.08 -16.64
N PHE I 209 46.22 -37.18 -17.05
CA PHE I 209 44.86 -37.51 -16.65
C PHE I 209 44.80 -38.19 -15.27
N PRO I 210 43.75 -37.91 -14.46
CA PRO I 210 43.65 -38.57 -13.14
C PRO I 210 43.38 -40.07 -13.23
N THR I 211 42.77 -40.51 -14.35
CA THR I 211 42.44 -41.90 -14.68
C THR I 211 43.66 -42.61 -15.32
N ALA I 212 44.85 -41.96 -15.28
CA ALA I 212 46.14 -42.40 -15.83
C ALA I 212 46.04 -42.75 -17.31
N GLY I 213 46.29 -44.00 -17.66
CA GLY I 213 46.23 -44.47 -19.04
C GLY I 213 47.50 -44.21 -19.84
N LEU I 214 47.37 -44.19 -21.17
CA LEU I 214 48.47 -44.00 -22.11
C LEU I 214 48.15 -42.97 -23.21
N ILE I 215 49.16 -42.24 -23.67
CA ILE I 215 49.03 -41.26 -24.76
C ILE I 215 49.87 -41.73 -25.95
N LEU I 216 49.24 -41.85 -27.13
CA LEU I 216 49.92 -42.27 -28.35
C LEU I 216 50.50 -41.08 -29.12
N GLY I 217 51.82 -40.93 -29.02
CA GLY I 217 52.56 -39.88 -29.71
C GLY I 217 52.50 -38.50 -29.08
N LYS I 218 53.59 -37.74 -29.25
CA LYS I 218 53.74 -36.38 -28.75
C LYS I 218 53.32 -35.37 -29.84
N SER I 219 52.99 -35.88 -31.05
CA SER I 219 52.57 -35.13 -32.23
C SER I 219 51.29 -34.35 -32.00
N GLY I 220 50.27 -35.02 -31.46
CA GLY I 220 48.96 -34.43 -31.15
C GLY I 220 49.03 -33.41 -30.05
N ILE I 221 49.92 -33.64 -29.05
CA ILE I 221 50.19 -32.78 -27.90
C ILE I 221 50.83 -31.47 -28.40
N ARG I 222 51.88 -31.59 -29.24
CA ARG I 222 52.61 -30.48 -29.84
C ARG I 222 51.68 -29.53 -30.59
N ARG I 223 50.74 -30.09 -31.38
CA ARG I 223 49.74 -29.34 -32.15
C ARG I 223 48.83 -28.54 -31.22
N ALA I 224 48.35 -29.19 -30.13
CA ALA I 224 47.49 -28.59 -29.11
C ALA I 224 48.19 -27.46 -28.36
N TYR I 225 49.49 -27.64 -28.08
CA TYR I 225 50.29 -26.65 -27.36
C TYR I 225 50.72 -25.47 -28.21
N GLU I 226 50.89 -25.68 -29.53
CA GLU I 226 51.33 -24.64 -30.48
C GLU I 226 50.17 -23.79 -31.04
N THR I 227 49.00 -24.42 -31.29
CA THR I 227 47.85 -23.73 -31.89
C THR I 227 46.67 -23.50 -30.94
N GLY I 228 46.56 -24.32 -29.91
CA GLY I 228 45.45 -24.28 -28.96
C GLY I 228 44.39 -25.33 -29.27
N ARG I 229 44.58 -26.02 -30.42
CA ARG I 229 43.70 -27.07 -30.93
C ARG I 229 44.54 -28.26 -31.40
N GLY I 230 44.01 -29.47 -31.26
CA GLY I 230 44.68 -30.70 -31.64
C GLY I 230 44.04 -31.93 -31.04
N SER I 231 44.27 -33.10 -31.67
CA SER I 231 43.72 -34.39 -31.22
C SER I 231 44.78 -35.23 -30.51
N ILE I 232 44.48 -35.68 -29.29
CA ILE I 232 45.38 -36.50 -28.47
C ILE I 232 44.75 -37.89 -28.30
N GLN I 233 45.44 -38.94 -28.74
CA GLN I 233 44.95 -40.31 -28.63
C GLN I 233 45.21 -40.90 -27.25
N MET I 234 44.13 -41.23 -26.52
CA MET I 234 44.17 -41.83 -25.19
C MET I 234 43.91 -43.33 -25.32
N ARG I 235 44.85 -44.16 -24.83
CA ARG I 235 44.73 -45.62 -24.87
C ARG I 235 44.74 -46.22 -23.46
N SER I 236 43.92 -47.27 -23.26
CA SER I 236 43.80 -48.01 -22.00
C SER I 236 45.06 -48.83 -21.71
N ARG I 237 45.40 -49.02 -20.43
CA ARG I 237 46.55 -49.84 -20.05
C ARG I 237 46.07 -51.29 -20.03
N ALA I 238 46.49 -52.07 -21.04
CA ALA I 238 46.11 -53.46 -21.17
C ALA I 238 47.31 -54.39 -21.32
N VAL I 239 47.35 -55.46 -20.51
CA VAL I 239 48.44 -56.45 -20.50
C VAL I 239 47.89 -57.85 -20.88
N ILE I 240 48.77 -58.72 -21.39
CA ILE I 240 48.43 -60.10 -21.78
C ILE I 240 49.04 -61.08 -20.74
N GLU I 241 48.16 -61.86 -20.08
CA GLU I 241 48.55 -62.85 -19.05
C GLU I 241 48.21 -64.26 -19.54
N GLU I 242 49.15 -65.22 -19.34
CA GLU I 242 48.99 -66.62 -19.74
C GLU I 242 48.12 -67.43 -18.77
N ARG I 243 47.22 -68.29 -19.32
CA ARG I 243 46.27 -69.17 -18.61
C ARG I 243 45.38 -68.43 -17.62
N GLN I 248 45.02 -67.87 -21.75
CA GLN I 248 45.48 -66.51 -22.05
C GLN I 248 44.32 -65.51 -22.02
N ARG I 249 44.58 -64.29 -21.50
CA ARG I 249 43.57 -63.23 -21.38
C ARG I 249 44.15 -61.79 -21.41
N ILE I 250 43.25 -60.79 -21.55
CA ILE I 250 43.56 -59.36 -21.56
C ILE I 250 43.06 -58.73 -20.26
N VAL I 251 43.95 -58.01 -19.54
CA VAL I 251 43.61 -57.33 -18.29
C VAL I 251 43.76 -55.81 -18.46
N VAL I 252 42.65 -55.07 -18.38
CA VAL I 252 42.63 -53.60 -18.49
C VAL I 252 42.66 -53.00 -17.08
N THR I 253 43.76 -52.30 -16.73
CA THR I 253 43.96 -51.69 -15.41
C THR I 253 43.69 -50.19 -15.36
N GLU I 254 43.76 -49.50 -16.52
CA GLU I 254 43.53 -48.06 -16.64
C GLU I 254 42.67 -47.79 -17.88
N ILE I 255 41.70 -46.85 -17.79
CA ILE I 255 40.80 -46.49 -18.89
C ILE I 255 40.96 -44.99 -19.29
N PRO I 256 40.58 -44.57 -20.54
CA PRO I 256 40.74 -43.15 -20.91
C PRO I 256 39.87 -42.18 -20.12
N PHE I 257 40.28 -40.91 -20.08
CA PHE I 257 39.61 -39.82 -19.37
C PHE I 257 38.22 -39.52 -19.95
N GLN I 258 37.25 -39.29 -19.04
CA GLN I 258 35.84 -38.98 -19.32
C GLN I 258 35.11 -40.13 -20.07
N VAL I 259 35.57 -41.38 -19.87
CA VAL I 259 35.00 -42.58 -20.50
C VAL I 259 34.24 -43.41 -19.45
N ASN I 260 32.97 -43.74 -19.74
CA ASN I 260 32.13 -44.56 -18.86
C ASN I 260 32.57 -46.03 -18.98
N LYS I 261 33.11 -46.59 -17.87
CA LYS I 261 33.61 -47.96 -17.79
C LYS I 261 32.52 -49.01 -18.08
N ALA I 262 31.32 -48.84 -17.49
CA ALA I 262 30.18 -49.74 -17.67
C ALA I 262 29.68 -49.73 -19.13
N ARG I 263 29.67 -48.55 -19.76
CA ARG I 263 29.24 -48.35 -21.16
C ARG I 263 30.27 -48.95 -22.12
N MET I 264 31.57 -48.91 -21.75
CA MET I 264 32.66 -49.47 -22.53
C MET I 264 32.56 -51.00 -22.56
N ILE I 265 32.23 -51.63 -21.41
CA ILE I 265 32.03 -53.07 -21.25
C ILE I 265 30.77 -53.49 -22.06
N GLU I 266 29.73 -52.64 -22.01
CA GLU I 266 28.46 -52.81 -22.74
C GLU I 266 28.70 -52.81 -24.26
N LYS I 267 29.69 -52.01 -24.72
CA LYS I 267 30.08 -51.89 -26.13
C LYS I 267 30.80 -53.14 -26.64
N ILE I 268 31.64 -53.77 -25.79
CA ILE I 268 32.36 -55.02 -26.12
C ILE I 268 31.33 -56.15 -26.21
N ALA I 269 30.36 -56.18 -25.25
CA ALA I 269 29.25 -57.13 -25.20
C ALA I 269 28.31 -56.98 -26.42
N GLU I 270 28.20 -55.75 -26.97
CA GLU I 270 27.41 -55.41 -28.15
C GLU I 270 28.02 -56.05 -29.40
N LEU I 271 29.37 -55.99 -29.50
CA LEU I 271 30.14 -56.52 -30.63
C LEU I 271 30.16 -58.05 -30.65
N VAL I 272 30.20 -58.69 -29.46
CA VAL I 272 30.19 -60.15 -29.31
C VAL I 272 28.80 -60.70 -29.73
N ARG I 273 27.70 -59.99 -29.33
CA ARG I 273 26.30 -60.29 -29.65
C ARG I 273 26.04 -60.17 -31.16
N ASP I 274 26.61 -59.14 -31.80
CA ASP I 274 26.46 -58.87 -33.23
C ASP I 274 27.51 -59.61 -34.08
N LYS I 275 28.45 -60.34 -33.43
CA LYS I 275 29.54 -61.12 -34.04
C LYS I 275 30.51 -60.24 -34.86
N LYS I 276 30.69 -58.97 -34.43
CA LYS I 276 31.58 -57.98 -35.06
C LYS I 276 33.03 -58.22 -34.64
N ILE I 277 33.22 -58.94 -33.52
CA ILE I 277 34.52 -59.32 -32.97
C ILE I 277 34.47 -60.78 -32.48
N ASP I 278 35.53 -61.54 -32.71
CA ASP I 278 35.58 -62.93 -32.27
C ASP I 278 36.90 -63.27 -31.57
N GLY I 279 36.89 -64.38 -30.85
CA GLY I 279 38.04 -64.87 -30.10
C GLY I 279 37.92 -64.62 -28.62
N ILE I 280 36.80 -64.03 -28.16
CA ILE I 280 36.57 -63.73 -26.75
C ILE I 280 35.64 -64.76 -26.13
N THR I 281 36.05 -65.32 -24.96
CA THR I 281 35.24 -66.29 -24.23
C THR I 281 34.30 -65.53 -23.29
N ASP I 282 34.85 -65.00 -22.18
CA ASP I 282 34.07 -64.25 -21.20
C ASP I 282 34.65 -62.87 -20.88
N LEU I 283 33.76 -61.90 -20.63
CA LEU I 283 34.02 -60.51 -20.33
C LEU I 283 33.50 -60.19 -18.93
N ARG I 284 34.39 -59.80 -18.01
CA ARG I 284 33.95 -59.48 -16.64
C ARG I 284 34.70 -58.29 -16.04
N ASP I 285 33.99 -57.57 -15.15
CA ASP I 285 34.46 -56.38 -14.46
C ASP I 285 34.83 -56.73 -13.02
N GLU I 286 36.13 -56.92 -12.75
CA GLU I 286 36.66 -57.27 -11.43
C GLU I 286 37.14 -56.05 -10.63
N THR I 287 36.61 -54.85 -10.96
CA THR I 287 36.94 -53.57 -10.33
C THR I 287 36.46 -53.53 -8.87
N SER I 288 37.41 -53.32 -7.95
CA SER I 288 37.19 -53.22 -6.51
C SER I 288 38.05 -52.07 -5.98
N LEU I 289 37.74 -51.55 -4.78
CA LEU I 289 38.46 -50.45 -4.14
C LEU I 289 39.91 -50.81 -3.81
N ARG I 290 40.17 -52.07 -3.44
CA ARG I 290 41.50 -52.58 -3.07
C ARG I 290 42.40 -52.83 -4.28
N THR I 291 41.87 -53.46 -5.33
CA THR I 291 42.59 -53.82 -6.56
C THR I 291 42.66 -52.66 -7.58
N GLY I 292 41.64 -51.79 -7.55
CA GLY I 292 41.50 -50.67 -8.48
C GLY I 292 40.68 -51.07 -9.68
N VAL I 293 40.90 -50.41 -10.85
CA VAL I 293 40.20 -50.72 -12.10
C VAL I 293 40.76 -52.03 -12.66
N ARG I 294 39.88 -53.01 -12.95
CA ARG I 294 40.28 -54.30 -13.51
C ARG I 294 39.19 -54.91 -14.40
N VAL I 295 39.41 -54.85 -15.73
CA VAL I 295 38.50 -55.40 -16.74
C VAL I 295 39.19 -56.61 -17.37
N VAL I 296 38.62 -57.81 -17.15
CA VAL I 296 39.17 -59.07 -17.64
C VAL I 296 38.44 -59.56 -18.90
N ILE I 297 39.20 -59.79 -19.98
CA ILE I 297 38.71 -60.28 -21.28
C ILE I 297 39.38 -61.62 -21.57
N ASP I 298 38.61 -62.72 -21.57
CA ASP I 298 39.13 -64.06 -21.86
C ASP I 298 39.31 -64.27 -23.36
N VAL I 299 40.46 -64.86 -23.76
CA VAL I 299 40.81 -65.14 -25.16
C VAL I 299 40.79 -66.65 -25.46
N ARG I 300 40.19 -66.99 -26.62
CA ARG I 300 40.01 -68.32 -27.21
C ARG I 300 41.34 -69.02 -27.41
N LYS I 301 41.37 -70.32 -27.03
CA LYS I 301 42.46 -71.28 -27.05
C LYS I 301 43.75 -70.84 -27.77
N ASP I 302 43.67 -70.57 -29.10
CA ASP I 302 44.84 -70.19 -29.90
C ASP I 302 44.69 -68.87 -30.68
N ALA I 303 43.73 -68.00 -30.28
CA ALA I 303 43.50 -66.71 -30.92
C ALA I 303 44.42 -65.64 -30.35
N SER I 306 46.70 -60.62 -29.03
CA SER I 306 47.23 -59.29 -29.32
C SER I 306 46.64 -58.66 -30.61
N VAL I 307 45.86 -59.44 -31.41
CA VAL I 307 45.13 -58.98 -32.61
C VAL I 307 43.75 -58.45 -32.15
N ILE I 308 43.07 -59.19 -31.24
CA ILE I 308 41.76 -58.84 -30.65
C ILE I 308 41.86 -57.51 -29.90
N LEU I 309 42.94 -57.32 -29.11
CA LEU I 309 43.21 -56.11 -28.34
C LEU I 309 43.33 -54.88 -29.25
N ASN I 310 44.06 -55.01 -30.38
CA ASN I 310 44.26 -53.96 -31.38
C ASN I 310 42.93 -53.62 -32.08
N ASN I 311 42.04 -54.63 -32.25
CA ASN I 311 40.72 -54.46 -32.84
C ASN I 311 39.78 -53.75 -31.85
N LEU I 312 39.94 -54.05 -30.55
CA LEU I 312 39.16 -53.44 -29.46
C LEU I 312 39.46 -51.94 -29.33
N TYR I 313 40.73 -51.54 -29.59
CA TYR I 313 41.13 -50.13 -29.56
C TYR I 313 40.43 -49.35 -30.68
N LYS I 314 40.37 -49.96 -31.87
CA LYS I 314 39.78 -49.45 -33.10
C LYS I 314 38.25 -49.37 -33.06
N GLN I 315 37.59 -50.40 -32.48
CA GLN I 315 36.12 -50.53 -32.46
C GLN I 315 35.41 -50.02 -31.19
N THR I 316 36.05 -50.09 -30.00
CA THR I 316 35.40 -49.65 -28.76
C THR I 316 36.05 -48.40 -28.13
N PRO I 317 35.43 -47.72 -27.12
CA PRO I 317 36.09 -46.55 -26.50
C PRO I 317 37.30 -46.91 -25.61
N LEU I 318 37.87 -48.13 -25.79
CA LEU I 318 39.08 -48.59 -25.10
C LEU I 318 40.26 -47.70 -25.51
N GLN I 319 40.11 -47.02 -26.66
CA GLN I 319 41.02 -46.02 -27.20
C GLN I 319 40.16 -44.87 -27.75
N THR I 320 40.13 -43.75 -27.03
CA THR I 320 39.35 -42.56 -27.36
C THR I 320 40.29 -41.36 -27.61
N SER I 321 39.83 -40.37 -28.38
CA SER I 321 40.61 -39.16 -28.67
C SER I 321 40.12 -37.99 -27.81
N PHE I 322 41.04 -37.10 -27.40
CA PHE I 322 40.71 -35.90 -26.64
C PHE I 322 40.87 -34.70 -27.57
N GLY I 323 39.74 -34.13 -27.98
CA GLY I 323 39.70 -32.98 -28.87
C GLY I 323 39.99 -31.67 -28.15
N VAL I 324 41.26 -31.25 -28.16
CA VAL I 324 41.72 -30.03 -27.49
C VAL I 324 41.21 -28.76 -28.23
N ASN I 325 40.62 -27.83 -27.46
CA ASN I 325 40.10 -26.54 -27.90
C ASN I 325 40.26 -25.58 -26.70
N MET I 326 41.50 -25.05 -26.55
CA MET I 326 41.89 -24.22 -25.40
C MET I 326 41.33 -22.78 -25.44
N ILE I 327 40.06 -22.64 -25.06
CA ILE I 327 39.37 -21.34 -24.98
C ILE I 327 39.10 -20.99 -23.51
N ALA I 328 39.68 -19.88 -23.04
CA ALA I 328 39.51 -19.37 -21.69
C ALA I 328 39.22 -17.88 -21.77
N LEU I 329 38.62 -17.32 -20.69
CA LEU I 329 38.30 -15.89 -20.61
C LEU I 329 39.56 -15.09 -20.29
N VAL I 330 40.05 -14.34 -21.29
CA VAL I 330 41.23 -13.49 -21.19
C VAL I 330 40.74 -12.05 -21.26
N ASN I 331 40.87 -11.30 -20.14
CA ASN I 331 40.41 -9.92 -19.96
C ASN I 331 38.91 -9.79 -20.24
N GLY I 332 38.15 -10.74 -19.70
CA GLY I 332 36.70 -10.81 -19.83
C GLY I 332 36.19 -11.15 -21.21
N ARG I 333 37.07 -11.68 -22.10
CA ARG I 333 36.70 -12.07 -23.46
C ARG I 333 37.25 -13.45 -23.83
N PRO I 334 36.49 -14.29 -24.57
CA PRO I 334 36.99 -15.62 -24.94
C PRO I 334 38.15 -15.56 -25.92
N LYS I 335 39.12 -16.46 -25.76
CA LYS I 335 40.31 -16.49 -26.61
C LYS I 335 40.93 -17.88 -26.71
N LEU I 336 41.23 -18.30 -27.95
CA LEU I 336 41.91 -19.56 -28.21
C LEU I 336 43.38 -19.29 -27.89
N ILE I 337 43.87 -19.93 -26.82
CA ILE I 337 45.23 -19.73 -26.32
C ILE I 337 46.10 -20.98 -26.46
N ASN I 338 47.41 -20.78 -26.65
CA ASN I 338 48.39 -21.86 -26.74
C ASN I 338 48.95 -22.14 -25.33
N LEU I 339 49.87 -23.12 -25.20
CA LEU I 339 50.47 -23.45 -23.89
C LEU I 339 51.18 -22.26 -23.25
N LYS I 340 52.00 -21.52 -24.04
CA LYS I 340 52.75 -20.35 -23.57
C LYS I 340 51.80 -19.27 -23.06
N GLU I 341 50.78 -18.92 -23.87
CA GLU I 341 49.76 -17.91 -23.54
C GLU I 341 49.07 -18.17 -22.20
N ALA I 342 48.71 -19.45 -21.94
CA ALA I 342 48.06 -19.88 -20.71
C ALA I 342 48.96 -19.66 -19.49
N LEU I 343 50.26 -20.01 -19.61
CA LEU I 343 51.25 -19.84 -18.55
C LEU I 343 51.61 -18.36 -18.35
N VAL I 344 51.64 -17.57 -19.46
CA VAL I 344 51.95 -16.13 -19.43
C VAL I 344 50.90 -15.37 -18.61
N HIS I 345 49.61 -15.60 -18.92
CA HIS I 345 48.48 -15.00 -18.23
C HIS I 345 48.40 -15.42 -16.76
N TYR I 346 48.78 -16.67 -16.46
CA TYR I 346 48.81 -17.17 -15.09
C TYR I 346 49.94 -16.51 -14.27
N LEU I 347 51.17 -16.47 -14.83
CA LEU I 347 52.33 -15.85 -14.17
C LEU I 347 52.08 -14.35 -13.91
N GLU I 348 51.46 -13.66 -14.89
CA GLU I 348 51.12 -12.24 -14.78
C GLU I 348 50.11 -11.99 -13.64
N HIS I 349 49.18 -12.95 -13.42
CA HIS I 349 48.18 -12.91 -12.35
C HIS I 349 48.88 -13.08 -10.99
N GLN I 350 49.88 -13.99 -10.91
CA GLN I 350 50.67 -14.24 -9.70
C GLN I 350 51.46 -13.02 -9.28
N LYS I 351 52.06 -12.32 -10.28
CA LYS I 351 52.82 -11.08 -10.07
C LYS I 351 51.93 -10.01 -9.45
N THR I 352 50.70 -9.87 -9.97
CA THR I 352 49.68 -8.92 -9.50
C THR I 352 49.21 -9.28 -8.09
N VAL I 353 48.90 -10.57 -7.85
CA VAL I 353 48.45 -11.07 -6.55
C VAL I 353 49.51 -10.82 -5.46
N VAL I 354 50.78 -11.17 -5.73
CA VAL I 354 51.89 -10.98 -4.78
C VAL I 354 52.22 -9.49 -4.57
N ARG I 355 52.17 -8.67 -5.64
CA ARG I 355 52.43 -7.22 -5.56
C ARG I 355 51.38 -6.55 -4.68
N ARG I 356 50.09 -6.85 -4.94
CA ARG I 356 48.94 -6.31 -4.21
C ARG I 356 48.95 -6.72 -2.74
N ARG I 357 49.38 -7.98 -2.46
CA ARG I 357 49.51 -8.52 -1.10
C ARG I 357 50.57 -7.72 -0.34
N THR I 358 51.75 -7.51 -0.97
CA THR I 358 52.87 -6.75 -0.44
C THR I 358 52.46 -5.30 -0.16
N GLN I 359 51.68 -4.68 -1.08
CA GLN I 359 51.15 -3.33 -0.95
C GLN I 359 50.19 -3.25 0.24
N TYR I 360 49.29 -4.27 0.38
CA TYR I 360 48.32 -4.38 1.47
C TYR I 360 49.06 -4.52 2.81
N ASN I 361 49.98 -5.50 2.91
CA ASN I 361 50.77 -5.78 4.09
C ASN I 361 51.59 -4.59 4.55
N LEU I 362 52.14 -3.79 3.62
CA LEU I 362 52.91 -2.59 3.93
C LEU I 362 52.02 -1.50 4.53
N ARG I 363 50.79 -1.32 4.00
CA ARG I 363 49.82 -0.34 4.50
C ARG I 363 49.46 -0.63 5.95
N LYS I 364 49.19 -1.92 6.27
CA LYS I 364 48.83 -2.39 7.60
C LYS I 364 50.03 -2.29 8.55
N ALA I 365 51.24 -2.59 8.05
CA ALA I 365 52.49 -2.52 8.82
C ALA I 365 52.84 -1.07 9.18
N LYS I 366 52.72 -0.13 8.21
CA LYS I 366 52.98 1.29 8.41
C LYS I 366 51.95 1.88 9.37
N ASP I 367 50.68 1.44 9.29
CA ASP I 367 49.59 1.88 10.17
C ASP I 367 49.84 1.41 11.59
N ARG I 368 50.24 0.13 11.76
CA ARG I 368 50.53 -0.46 13.06
C ARG I 368 51.75 0.17 13.73
N ALA I 369 52.82 0.43 12.94
CA ALA I 369 54.05 1.07 13.43
C ALA I 369 53.75 2.48 13.92
N HIS I 370 52.85 3.20 13.22
CA HIS I 370 52.41 4.55 13.57
C HIS I 370 51.68 4.52 14.92
N ILE I 371 50.84 3.49 15.15
CA ILE I 371 50.12 3.29 16.40
C ILE I 371 51.11 2.96 17.53
N LEU I 372 52.04 2.02 17.28
CA LEU I 372 53.08 1.60 18.23
C LEU I 372 53.99 2.77 18.64
N GLU I 373 54.24 3.72 17.71
CA GLU I 373 55.03 4.92 17.96
C GLU I 373 54.35 5.83 18.98
N GLY I 374 53.02 5.88 18.92
CA GLY I 374 52.18 6.64 19.84
C GLY I 374 52.16 6.02 21.22
N LEU I 375 52.03 4.68 21.27
CA LEU I 375 52.03 3.89 22.51
C LEU I 375 53.39 3.95 23.19
N ARG I 376 54.49 3.96 22.39
CA ARG I 376 55.87 4.08 22.89
C ARG I 376 56.10 5.42 23.57
N ILE I 377 55.58 6.51 22.96
CA ILE I 377 55.65 7.88 23.51
C ILE I 377 54.88 7.89 24.85
N ALA I 378 53.66 7.34 24.86
CA ALA I 378 52.79 7.23 26.03
C ALA I 378 53.45 6.48 27.19
N LEU I 379 54.10 5.34 26.89
CA LEU I 379 54.79 4.51 27.89
C LEU I 379 56.05 5.17 28.47
N ASP I 380 56.62 6.16 27.77
CA ASP I 380 57.79 6.90 28.26
C ASP I 380 57.36 8.06 29.15
N HIS I 381 56.15 8.60 28.92
CA HIS I 381 55.59 9.75 29.65
C HIS I 381 54.24 9.44 30.32
N ILE I 382 54.10 8.22 30.91
CA ILE I 382 52.90 7.70 31.58
C ILE I 382 52.24 8.73 32.50
N ASP I 383 52.98 9.23 33.51
CA ASP I 383 52.51 10.20 34.50
C ASP I 383 51.86 11.42 33.84
N GLU I 384 52.54 11.98 32.83
CA GLU I 384 52.11 13.14 32.05
C GLU I 384 50.88 12.80 31.21
N ILE I 385 50.87 11.61 30.57
CA ILE I 385 49.77 11.09 29.74
C ILE I 385 48.48 11.02 30.57
N ILE I 386 48.55 10.34 31.74
CA ILE I 386 47.42 10.16 32.67
C ILE I 386 46.91 11.52 33.19
N SER I 387 47.82 12.42 33.59
CA SER I 387 47.44 13.75 34.08
C SER I 387 46.67 14.55 33.01
N THR I 388 47.09 14.44 31.74
CA THR I 388 46.48 15.08 30.56
C THR I 388 45.04 14.55 30.36
N ILE I 389 44.84 13.23 30.54
CA ILE I 389 43.54 12.57 30.37
C ILE I 389 42.59 12.95 31.53
N ARG I 390 43.09 12.92 32.78
CA ARG I 390 42.33 13.25 33.99
C ARG I 390 41.82 14.70 34.01
N GLU I 391 42.66 15.67 33.59
CA GLU I 391 42.29 17.09 33.56
C GLU I 391 41.23 17.42 32.49
N SER I 392 41.00 16.50 31.55
CA SER I 392 40.05 16.65 30.46
C SER I 392 38.63 16.26 30.86
N ASP I 393 37.66 17.12 30.52
CA ASP I 393 36.23 16.93 30.80
C ASP I 393 35.60 15.88 29.87
N THR I 394 35.95 15.89 28.58
CA THR I 394 35.43 14.99 27.54
C THR I 394 36.57 14.27 26.81
N ASP I 395 36.22 13.26 25.98
CA ASP I 395 37.19 12.53 25.16
C ASP I 395 37.76 13.40 24.05
N LYS I 396 36.94 14.34 23.52
CA LYS I 396 37.30 15.31 22.49
C LYS I 396 38.44 16.23 22.98
N VAL I 397 38.32 16.75 24.23
CA VAL I 397 39.34 17.62 24.85
C VAL I 397 40.60 16.78 25.12
N ALA I 398 40.44 15.54 25.63
CA ALA I 398 41.54 14.60 25.91
C ALA I 398 42.36 14.34 24.65
N MET I 399 41.68 14.15 23.50
CA MET I 399 42.27 13.93 22.19
C MET I 399 43.09 15.16 21.76
N GLU I 400 42.47 16.36 21.82
CA GLU I 400 43.08 17.64 21.46
C GLU I 400 44.30 17.93 22.32
N SER I 401 44.21 17.68 23.64
CA SER I 401 45.29 17.90 24.60
C SER I 401 46.48 16.96 24.39
N LEU I 402 46.21 15.65 24.13
CA LEU I 402 47.26 14.66 23.89
C LEU I 402 48.01 14.92 22.58
N GLN I 403 47.27 15.34 21.52
CA GLN I 403 47.81 15.66 20.20
C GLN I 403 48.72 16.88 20.25
N GLN I 404 48.32 17.93 20.99
CA GLN I 404 49.04 19.19 21.13
C GLN I 404 50.26 19.10 22.03
N ARG I 405 50.13 18.42 23.19
CA ARG I 405 51.20 18.29 24.18
C ARG I 405 52.27 17.25 23.82
N PHE I 406 51.89 16.13 23.17
CA PHE I 406 52.86 15.07 22.87
C PHE I 406 53.14 14.89 21.36
N LYS I 407 52.75 15.88 20.53
CA LYS I 407 52.94 15.91 19.07
C LYS I 407 52.46 14.61 18.39
N LEU I 408 51.24 14.15 18.78
CA LEU I 408 50.60 12.94 18.29
C LEU I 408 49.55 13.24 17.24
N SER I 409 49.22 12.23 16.42
CA SER I 409 48.18 12.31 15.40
C SER I 409 46.83 11.95 16.04
N GLU I 410 45.73 12.10 15.29
CA GLU I 410 44.40 11.74 15.78
C GLU I 410 44.34 10.23 16.10
N LYS I 411 44.88 9.38 15.21
CA LYS I 411 44.92 7.92 15.34
C LYS I 411 45.74 7.46 16.55
N GLN I 412 46.89 8.13 16.81
CA GLN I 412 47.79 7.83 17.92
C GLN I 412 47.12 8.14 19.27
N ALA I 413 46.53 9.36 19.41
CA ALA I 413 45.82 9.81 20.60
C ALA I 413 44.59 8.91 20.92
N GLN I 414 43.89 8.40 19.88
CA GLN I 414 42.74 7.49 19.98
C GLN I 414 43.17 6.14 20.57
N ALA I 415 44.34 5.64 20.14
CA ALA I 415 44.91 4.36 20.57
C ALA I 415 45.34 4.40 22.02
N ILE I 416 45.86 5.56 22.48
CA ILE I 416 46.30 5.79 23.85
C ILE I 416 45.09 5.78 24.80
N LEU I 417 43.98 6.43 24.40
CA LEU I 417 42.75 6.47 25.18
C LEU I 417 42.08 5.09 25.26
N ASP I 418 42.25 4.26 24.20
CA ASP I 418 41.70 2.90 24.14
C ASP I 418 42.66 1.88 24.80
N MET I 419 43.82 2.34 25.27
CA MET I 419 44.83 1.50 25.90
C MET I 419 44.39 1.07 27.30
N ARG I 420 44.44 -0.23 27.57
CA ARG I 420 44.05 -0.81 28.87
C ARG I 420 45.15 -0.62 29.90
N LEU I 421 44.77 -0.54 31.19
CA LEU I 421 45.71 -0.36 32.31
C LEU I 421 46.75 -1.46 32.43
N ARG I 422 46.43 -2.70 32.02
CA ARG I 422 47.35 -3.83 32.07
C ARG I 422 48.56 -3.67 31.13
N ARG I 423 48.47 -2.79 30.09
CA ARG I 423 49.57 -2.53 29.16
C ARG I 423 50.72 -1.75 29.83
N LEU I 424 50.51 -1.30 31.07
CA LEU I 424 51.47 -0.54 31.88
C LEU I 424 52.45 -1.44 32.65
N THR I 425 52.23 -2.77 32.64
CA THR I 425 53.10 -3.74 33.33
C THR I 425 54.42 -3.92 32.59
N GLY I 426 55.42 -4.49 33.28
CA GLY I 426 56.77 -4.75 32.78
C GLY I 426 56.86 -5.48 31.44
N LEU I 427 56.23 -6.66 31.35
CA LEU I 427 56.21 -7.50 30.14
C LEU I 427 55.46 -6.84 28.99
N GLU I 428 54.35 -6.15 29.29
CA GLU I 428 53.49 -5.50 28.30
C GLU I 428 54.18 -4.33 27.60
N ARG I 429 55.15 -3.66 28.27
CA ARG I 429 55.95 -2.58 27.69
C ARG I 429 56.97 -3.21 26.74
N ASP I 430 57.64 -4.29 27.20
CA ASP I 430 58.63 -5.01 26.41
C ASP I 430 58.03 -5.64 25.15
N LYS I 431 56.77 -6.11 25.24
CA LYS I 431 56.01 -6.70 24.15
C LYS I 431 55.74 -5.69 23.03
N ILE I 432 55.39 -4.43 23.42
CA ILE I 432 55.14 -3.31 22.50
C ILE I 432 56.42 -2.96 21.74
N GLU I 433 57.56 -2.92 22.44
CA GLU I 433 58.87 -2.62 21.88
C GLU I 433 59.35 -3.71 20.92
N ALA I 434 59.18 -5.00 21.30
CA ALA I 434 59.57 -6.16 20.49
C ALA I 434 58.79 -6.23 19.18
N GLU I 435 57.47 -5.95 19.25
CA GLU I 435 56.57 -5.93 18.09
C GLU I 435 57.00 -4.85 17.09
N TYR I 436 57.30 -3.64 17.61
CA TYR I 436 57.73 -2.49 16.81
C TYR I 436 59.04 -2.73 16.09
N ASN I 437 60.03 -3.38 16.75
CA ASN I 437 61.33 -3.66 16.14
C ASN I 437 61.21 -4.65 14.99
N GLU I 438 60.43 -5.73 15.20
CA GLU I 438 60.15 -6.77 14.22
C GLU I 438 59.40 -6.21 13.02
N LEU I 439 58.51 -5.23 13.28
CA LEU I 439 57.68 -4.56 12.27
C LEU I 439 58.50 -3.64 11.37
N LEU I 440 59.54 -2.99 11.91
CA LEU I 440 60.43 -2.10 11.15
C LEU I 440 61.20 -2.90 10.11
N ASN I 441 61.66 -4.11 10.51
CA ASN I 441 62.39 -5.05 9.65
C ASN I 441 61.44 -5.62 8.59
N TYR I 442 60.17 -5.80 8.95
CA TYR I 442 59.12 -6.30 8.05
C TYR I 442 58.81 -5.26 6.96
N ILE I 443 58.69 -3.97 7.36
CA ILE I 443 58.43 -2.83 6.46
C ILE I 443 59.54 -2.76 5.41
N SER I 444 60.81 -2.90 5.87
CA SER I 444 62.03 -2.91 5.07
C SER I 444 62.00 -4.00 4.00
N GLU I 445 61.59 -5.23 4.39
CA GLU I 445 61.49 -6.39 3.51
C GLU I 445 60.44 -6.16 2.42
N LEU I 446 59.25 -5.64 2.80
CA LEU I 446 58.15 -5.36 1.88
C LEU I 446 58.50 -4.22 0.90
N GLU I 447 59.28 -3.23 1.37
CA GLU I 447 59.74 -2.09 0.57
C GLU I 447 60.77 -2.51 -0.47
N THR I 448 61.56 -3.57 -0.16
CA THR I 448 62.56 -4.15 -1.05
C THR I 448 61.85 -4.86 -2.22
N ILE I 449 60.75 -5.58 -1.92
CA ILE I 449 59.92 -6.30 -2.90
C ILE I 449 59.26 -5.31 -3.87
N LEU I 450 58.69 -4.22 -3.33
CA LEU I 450 57.99 -3.20 -4.13
C LEU I 450 58.93 -2.33 -4.98
N ALA I 451 60.18 -2.10 -4.50
CA ALA I 451 61.16 -1.29 -5.23
C ALA I 451 61.77 -2.01 -6.45
N ASP I 452 62.10 -3.31 -6.32
CA ASP I 452 62.71 -4.11 -7.39
C ASP I 452 61.78 -5.21 -7.90
N GLU I 453 61.57 -5.25 -9.23
CA GLU I 453 60.71 -6.25 -9.88
C GLU I 453 61.29 -7.67 -9.86
N GLU I 454 62.63 -7.81 -9.79
CA GLU I 454 63.30 -9.10 -9.71
C GLU I 454 63.09 -9.74 -8.32
N VAL I 455 63.13 -8.92 -7.25
CA VAL I 455 62.91 -9.36 -5.85
C VAL I 455 61.48 -9.90 -5.73
N LEU I 456 60.52 -9.22 -6.37
CA LEU I 456 59.11 -9.60 -6.42
C LEU I 456 58.97 -10.93 -7.18
N LEU I 457 59.58 -11.04 -8.39
CA LEU I 457 59.57 -12.23 -9.25
C LEU I 457 60.16 -13.43 -8.54
N GLN I 458 61.21 -13.23 -7.72
CA GLN I 458 61.85 -14.28 -6.94
C GLN I 458 60.91 -14.79 -5.86
N LEU I 459 60.13 -13.89 -5.21
CA LEU I 459 59.15 -14.26 -4.19
C LEU I 459 58.05 -15.12 -4.80
N VAL I 460 57.59 -14.76 -6.02
CA VAL I 460 56.58 -15.51 -6.79
C VAL I 460 57.14 -16.91 -7.07
N ARG I 461 58.41 -16.99 -7.52
CA ARG I 461 59.13 -18.23 -7.80
C ARG I 461 59.24 -19.13 -6.58
N ASP I 462 59.67 -18.56 -5.43
CA ASP I 462 59.85 -19.25 -4.16
C ASP I 462 58.53 -19.83 -3.65
N GLU I 463 57.45 -19.04 -3.74
CA GLU I 463 56.12 -19.46 -3.31
C GLU I 463 55.57 -20.58 -4.19
N LEU I 464 55.87 -20.55 -5.51
CA LEU I 464 55.46 -21.58 -6.46
C LEU I 464 56.20 -22.89 -6.21
N THR I 465 57.51 -22.81 -5.89
CA THR I 465 58.36 -23.96 -5.57
C THR I 465 57.82 -24.64 -4.30
N GLU I 466 57.34 -23.84 -3.32
CA GLU I 466 56.76 -24.31 -2.06
C GLU I 466 55.48 -25.13 -2.31
N ILE I 467 54.66 -24.72 -3.31
CA ILE I 467 53.43 -25.42 -3.71
C ILE I 467 53.83 -26.75 -4.38
N ARG I 468 54.84 -26.69 -5.27
CA ARG I 468 55.37 -27.83 -6.02
C ARG I 468 55.93 -28.93 -5.10
N ASP I 469 56.62 -28.54 -4.03
CA ASP I 469 57.21 -29.47 -3.08
C ASP I 469 56.19 -30.08 -2.10
N ARG I 470 55.02 -29.41 -1.93
CA ARG I 470 53.96 -29.86 -1.01
C ARG I 470 52.82 -30.59 -1.70
N PHE I 471 52.39 -30.11 -2.87
CA PHE I 471 51.25 -30.66 -3.62
C PHE I 471 51.62 -31.36 -4.93
N GLY I 472 52.90 -31.32 -5.29
CA GLY I 472 53.40 -31.97 -6.50
C GLY I 472 53.41 -33.48 -6.36
N ASP I 473 53.04 -34.18 -7.44
CA ASP I 473 52.99 -35.64 -7.48
C ASP I 473 53.54 -36.22 -8.78
N ASP I 474 53.79 -37.55 -8.81
CA ASP I 474 54.29 -38.26 -9.98
C ASP I 474 53.28 -38.25 -11.13
N ARG I 475 53.78 -38.38 -12.36
CA ARG I 475 52.99 -38.44 -13.59
C ARG I 475 52.19 -39.76 -13.60
N ARG I 476 50.91 -39.67 -13.97
CA ARG I 476 50.00 -40.82 -14.04
C ARG I 476 49.88 -41.38 -15.46
N THR I 477 49.73 -40.50 -16.47
CA THR I 477 49.57 -40.91 -17.87
C THR I 477 50.92 -41.05 -18.57
N GLU I 478 51.20 -42.27 -19.08
CA GLU I 478 52.44 -42.54 -19.81
C GLU I 478 52.31 -42.08 -21.26
N ILE I 479 53.25 -41.24 -21.72
CA ILE I 479 53.26 -40.77 -23.11
C ILE I 479 54.22 -41.65 -23.92
N GLN I 480 53.65 -42.51 -24.79
CA GLN I 480 54.41 -43.43 -25.65
C GLN I 480 54.78 -42.74 -26.98
N LEU I 481 55.92 -43.16 -27.60
CA LEU I 481 56.49 -42.65 -28.87
C LEU I 481 55.46 -42.28 -29.94
N LYS J 1 -2.20 -29.21 -19.04
CA LYS J 1 -1.30 -28.26 -18.40
C LYS J 1 -1.80 -26.81 -18.48
N LEU J 2 -2.57 -26.49 -19.55
CA LEU J 2 -3.14 -25.16 -19.76
C LEU J 2 -4.30 -24.88 -18.79
N ALA J 3 -4.23 -23.72 -18.11
CA ALA J 3 -5.27 -23.24 -17.21
C ALA J 3 -6.03 -22.15 -17.96
N ASP J 4 -7.11 -22.55 -18.64
CA ASP J 4 -7.93 -21.70 -19.49
C ASP J 4 -8.86 -20.76 -18.71
N CYS J 5 -9.29 -19.67 -19.37
CA CYS J 5 -10.21 -18.66 -18.84
C CYS J 5 -11.67 -19.06 -19.12
N SER J 6 -12.62 -18.47 -18.37
CA SER J 6 -14.07 -18.75 -18.51
C SER J 6 -14.68 -18.29 -19.83
N SER J 7 -14.36 -17.05 -20.27
CA SER J 7 -14.89 -16.46 -21.52
C SER J 7 -14.43 -17.22 -22.77
N LYS J 8 -15.32 -17.32 -23.77
CA LYS J 8 -15.06 -18.02 -25.03
C LYS J 8 -14.95 -17.05 -26.21
N SER J 9 -14.98 -15.72 -25.93
CA SER J 9 -14.85 -14.64 -26.91
C SER J 9 -13.35 -14.37 -27.12
N PRO J 10 -12.75 -14.76 -28.27
CA PRO J 10 -11.29 -14.58 -28.45
C PRO J 10 -10.78 -13.14 -28.44
N GLU J 11 -11.59 -12.18 -28.91
CA GLU J 11 -11.25 -10.75 -28.98
C GLU J 11 -10.86 -10.14 -27.62
N GLU J 12 -11.59 -10.54 -26.55
CA GLU J 12 -11.36 -10.07 -25.19
C GLU J 12 -10.41 -10.99 -24.40
N CYS J 13 -10.27 -12.26 -24.86
CA CYS J 13 -9.41 -13.27 -24.23
C CYS J 13 -7.94 -13.12 -24.60
N GLU J 14 -7.06 -13.56 -23.68
CA GLU J 14 -5.61 -13.49 -23.82
C GLU J 14 -4.91 -14.65 -23.10
N ILE J 15 -3.81 -15.16 -23.69
CA ILE J 15 -3.01 -16.25 -23.13
C ILE J 15 -1.61 -15.77 -22.71
N PHE J 16 -1.15 -16.23 -21.54
CA PHE J 16 0.16 -15.88 -20.99
C PHE J 16 1.04 -17.13 -20.91
N LEU J 17 2.14 -17.13 -21.69
CA LEU J 17 3.10 -18.23 -21.73
C LEU J 17 4.15 -17.92 -20.67
N VAL J 18 3.98 -18.54 -19.48
CA VAL J 18 4.85 -18.30 -18.33
C VAL J 18 6.00 -19.28 -18.24
N GLU J 19 7.15 -18.79 -17.77
CA GLU J 19 8.38 -19.56 -17.58
C GLU J 19 8.34 -20.32 -16.24
N GLY J 20 8.05 -21.62 -16.31
CA GLY J 20 8.00 -22.49 -15.14
C GLY J 20 6.62 -22.69 -14.53
N ASP J 21 6.53 -23.70 -13.64
CA ASP J 21 5.31 -24.06 -12.93
C ASP J 21 5.04 -23.21 -11.68
N SER J 22 6.10 -22.81 -10.94
CA SER J 22 5.98 -21.97 -9.74
C SER J 22 5.40 -20.61 -10.12
N ALA J 23 5.94 -20.02 -11.22
CA ALA J 23 5.49 -18.77 -11.79
C ALA J 23 4.07 -18.97 -12.30
N GLY J 24 3.84 -20.12 -12.96
CA GLY J 24 2.55 -20.54 -13.49
C GLY J 24 1.44 -20.59 -12.45
N GLY J 25 1.77 -21.11 -11.26
CA GLY J 25 0.87 -21.20 -10.12
C GLY J 25 0.53 -19.84 -9.55
N SER J 26 1.52 -18.92 -9.55
CA SER J 26 1.37 -17.54 -9.08
C SER J 26 0.52 -16.75 -10.08
N THR J 27 0.77 -16.92 -11.40
CA THR J 27 0.07 -16.26 -12.48
C THR J 27 -1.40 -16.68 -12.53
N LYS J 28 -1.69 -17.99 -12.32
CA LYS J 28 -3.06 -18.56 -12.32
C LYS J 28 -3.90 -18.10 -11.12
N SER J 29 -3.25 -17.56 -10.07
CA SER J 29 -3.91 -17.05 -8.87
C SER J 29 -4.15 -15.54 -8.95
N GLY J 30 -3.19 -14.81 -9.50
CA GLY J 30 -3.25 -13.36 -9.65
C GLY J 30 -4.05 -12.87 -10.85
N ARG J 31 -4.19 -13.71 -11.89
CA ARG J 31 -4.91 -13.43 -13.14
C ARG J 31 -6.40 -13.08 -12.99
N ASP J 32 -6.99 -12.61 -14.09
CA ASP J 32 -8.42 -12.37 -14.22
C ASP J 32 -8.92 -13.66 -14.86
N SER J 33 -9.51 -14.56 -14.04
CA SER J 33 -10.02 -15.88 -14.45
C SER J 33 -11.02 -15.85 -15.61
N ARG J 34 -11.59 -14.67 -15.92
CA ARG J 34 -12.55 -14.49 -17.00
C ARG J 34 -11.89 -14.27 -18.38
N THR J 35 -10.88 -13.38 -18.46
CA THR J 35 -10.22 -13.05 -19.73
C THR J 35 -8.80 -13.59 -19.90
N GLN J 36 -8.13 -14.03 -18.82
CA GLN J 36 -6.74 -14.49 -18.92
C GLN J 36 -6.54 -15.99 -18.73
N ALA J 37 -5.77 -16.62 -19.64
CA ALA J 37 -5.41 -18.04 -19.60
C ALA J 37 -3.89 -18.16 -19.44
N ILE J 38 -3.40 -19.24 -18.79
CA ILE J 38 -1.96 -19.40 -18.59
C ILE J 38 -1.46 -20.78 -19.03
N LEU J 39 -0.35 -20.78 -19.77
CA LEU J 39 0.31 -21.98 -20.25
C LEU J 39 1.76 -22.01 -19.73
N PRO J 40 2.05 -22.85 -18.71
CA PRO J 40 3.42 -22.89 -18.18
C PRO J 40 4.37 -23.69 -19.07
N LEU J 41 5.57 -23.15 -19.30
CA LEU J 41 6.57 -23.79 -20.13
C LEU J 41 7.71 -24.27 -19.24
N ARG J 42 7.91 -25.59 -19.18
CA ARG J 42 8.90 -26.22 -18.31
C ARG J 42 10.33 -26.10 -18.86
N GLY J 43 10.97 -24.98 -18.53
CA GLY J 43 12.34 -24.66 -18.93
C GLY J 43 12.49 -24.23 -20.37
N LYS J 44 13.65 -24.58 -20.96
CA LYS J 44 14.01 -24.28 -22.35
C LYS J 44 13.17 -25.10 -23.31
N ILE J 45 12.59 -24.45 -24.32
CA ILE J 45 11.76 -25.12 -25.32
C ILE J 45 12.58 -25.40 -26.57
N LEU J 46 12.19 -26.45 -27.31
CA LEU J 46 12.84 -26.94 -28.52
C LEU J 46 13.08 -25.87 -29.58
N ASN J 47 14.30 -25.84 -30.14
CA ASN J 47 14.68 -24.93 -31.22
C ASN J 47 14.23 -25.56 -32.54
N VAL J 48 13.14 -25.04 -33.12
CA VAL J 48 12.54 -25.54 -34.38
C VAL J 48 13.48 -25.35 -35.60
N GLU J 49 14.41 -24.37 -35.53
CA GLU J 49 15.39 -24.06 -36.59
C GLU J 49 16.47 -25.13 -36.75
N LYS J 50 16.73 -25.91 -35.68
CA LYS J 50 17.70 -27.01 -35.69
C LYS J 50 17.02 -28.39 -35.77
N ALA J 51 15.68 -28.46 -35.58
CA ALA J 51 14.94 -29.72 -35.59
C ALA J 51 14.12 -29.97 -36.86
N ARG J 52 13.85 -31.26 -37.12
CA ARG J 52 13.05 -31.73 -38.24
C ARG J 52 11.58 -31.73 -37.83
N LEU J 53 10.65 -31.64 -38.82
CA LEU J 53 9.20 -31.63 -38.61
C LEU J 53 8.70 -32.78 -37.70
N ASP J 54 9.25 -34.00 -37.86
CA ASP J 54 8.87 -35.16 -37.06
C ASP J 54 9.18 -34.99 -35.57
N ARG J 55 10.30 -34.27 -35.23
CA ARG J 55 10.68 -34.00 -33.84
C ARG J 55 9.80 -32.88 -33.27
N ILE J 56 9.58 -31.81 -34.07
CA ILE J 56 8.75 -30.63 -33.72
C ILE J 56 7.33 -31.08 -33.37
N LEU J 57 6.69 -31.89 -34.24
CA LEU J 57 5.34 -32.41 -34.05
C LEU J 57 5.19 -33.41 -32.92
N ASN J 58 6.28 -34.12 -32.56
CA ASN J 58 6.25 -35.09 -31.45
C ASN J 58 6.67 -34.46 -30.11
N ASN J 59 7.08 -33.18 -30.13
CA ASN J 59 7.46 -32.44 -28.93
C ASN J 59 6.22 -32.04 -28.13
N ASN J 60 6.24 -32.33 -26.80
CA ASN J 60 5.13 -32.06 -25.87
C ASN J 60 4.80 -30.57 -25.72
N GLU J 61 5.82 -29.73 -25.48
CA GLU J 61 5.68 -28.29 -25.31
C GLU J 61 5.17 -27.58 -26.56
N ILE J 62 5.60 -28.05 -27.76
CA ILE J 62 5.18 -27.52 -29.06
C ILE J 62 3.71 -27.88 -29.31
N ARG J 63 3.33 -29.15 -29.10
CA ARG J 63 1.96 -29.65 -29.28
C ARG J 63 0.95 -28.96 -28.37
N GLN J 64 1.32 -28.70 -27.10
CA GLN J 64 0.49 -28.03 -26.11
C GLN J 64 0.11 -26.60 -26.52
N MET J 65 1.05 -25.88 -27.17
CA MET J 65 0.85 -24.52 -27.66
C MET J 65 -0.15 -24.51 -28.83
N ILE J 66 0.03 -25.41 -29.82
CA ILE J 66 -0.84 -25.57 -31.00
C ILE J 66 -2.28 -25.84 -30.55
N THR J 67 -2.46 -26.76 -29.57
CA THR J 67 -3.76 -27.13 -28.99
C THR J 67 -4.40 -25.93 -28.28
N ALA J 68 -3.59 -25.16 -27.52
CA ALA J 68 -4.04 -23.97 -26.80
C ALA J 68 -4.55 -22.87 -27.73
N PHE J 69 -3.81 -22.57 -28.82
CA PHE J 69 -4.19 -21.55 -29.79
C PHE J 69 -5.31 -22.04 -30.73
N GLY J 70 -5.29 -23.34 -31.04
CA GLY J 70 -6.27 -24.00 -31.90
C GLY J 70 -6.36 -23.45 -33.32
N THR J 71 -5.22 -23.02 -33.87
CA THR J 71 -5.10 -22.42 -35.20
C THR J 71 -4.53 -23.37 -36.25
N GLY J 72 -3.70 -24.30 -35.80
CA GLY J 72 -2.99 -25.22 -36.68
C GLY J 72 -1.63 -24.64 -37.01
N ILE J 73 -0.83 -25.32 -37.84
CA ILE J 73 0.50 -24.84 -38.22
C ILE J 73 0.76 -24.95 -39.73
N GLY J 74 1.65 -24.09 -40.23
CA GLY J 74 2.07 -24.04 -41.63
C GLY J 74 0.99 -23.58 -42.59
N GLY J 75 0.70 -24.43 -43.58
CA GLY J 75 -0.30 -24.18 -44.61
C GLY J 75 -1.73 -24.36 -44.11
N ASP J 76 -1.91 -25.16 -43.03
CA ASP J 76 -3.21 -25.44 -42.43
C ASP J 76 -3.57 -24.45 -41.30
N PHE J 77 -2.80 -23.35 -41.19
CA PHE J 77 -2.99 -22.29 -40.20
C PHE J 77 -4.21 -21.42 -40.58
N ASP J 78 -5.10 -21.17 -39.60
CA ASP J 78 -6.29 -20.35 -39.78
C ASP J 78 -6.43 -19.34 -38.63
N LEU J 79 -6.31 -18.04 -38.97
CA LEU J 79 -6.41 -16.92 -38.03
C LEU J 79 -7.81 -16.79 -37.42
N ALA J 80 -8.85 -17.22 -38.16
CA ALA J 80 -10.24 -17.20 -37.72
C ALA J 80 -10.51 -18.24 -36.62
N LYS J 81 -9.68 -19.30 -36.56
CA LYS J 81 -9.77 -20.38 -35.58
C LYS J 81 -9.01 -20.07 -34.27
N ALA J 82 -8.43 -18.85 -34.15
CA ALA J 82 -7.68 -18.41 -32.97
C ALA J 82 -8.56 -18.29 -31.73
N ARG J 83 -8.09 -18.88 -30.61
CA ARG J 83 -8.76 -18.89 -29.32
C ARG J 83 -8.49 -17.63 -28.49
N TYR J 84 -7.35 -16.96 -28.78
CA TYR J 84 -6.90 -15.74 -28.08
C TYR J 84 -6.37 -14.73 -29.09
N HIS J 85 -6.73 -13.45 -28.90
CA HIS J 85 -6.27 -12.36 -29.76
C HIS J 85 -4.94 -11.77 -29.25
N LYS J 86 -4.53 -12.19 -28.04
CA LYS J 86 -3.29 -11.73 -27.39
C LYS J 86 -2.52 -12.92 -26.80
N ILE J 87 -1.37 -13.25 -27.40
CA ILE J 87 -0.45 -14.32 -26.99
C ILE J 87 0.75 -13.60 -26.37
N VAL J 88 0.78 -13.56 -25.02
CA VAL J 88 1.81 -12.84 -24.27
C VAL J 88 2.93 -13.76 -23.78
N ILE J 89 4.18 -13.43 -24.18
CA ILE J 89 5.39 -14.14 -23.75
C ILE J 89 5.81 -13.51 -22.42
N MET J 90 5.67 -14.28 -21.32
CA MET J 90 5.99 -13.84 -19.97
C MET J 90 7.12 -14.68 -19.39
N THR J 91 8.33 -14.23 -19.65
CA THR J 91 9.56 -14.90 -19.23
C THR J 91 10.29 -14.05 -18.17
N ASP J 92 11.21 -14.68 -17.38
CA ASP J 92 11.99 -13.99 -16.35
C ASP J 92 12.85 -12.87 -16.94
N ALA J 93 13.10 -11.80 -16.15
CA ALA J 93 13.90 -10.63 -16.54
C ALA J 93 15.39 -10.94 -16.69
N ASP J 94 15.79 -12.23 -16.64
CA ASP J 94 17.17 -12.69 -16.78
C ASP J 94 17.53 -13.05 -18.23
N VAL J 95 18.79 -13.46 -18.44
CA VAL J 95 19.36 -13.85 -19.73
C VAL J 95 18.73 -15.13 -20.31
N ASP J 96 18.37 -16.09 -19.44
CA ASP J 96 17.72 -17.34 -19.84
C ASP J 96 16.29 -17.11 -20.28
N GLY J 97 15.67 -16.09 -19.69
CA GLY J 97 14.32 -15.66 -20.03
C GLY J 97 14.30 -15.18 -21.47
N ALA J 98 15.29 -14.35 -21.83
CA ALA J 98 15.50 -13.79 -23.17
C ALA J 98 15.70 -14.92 -24.19
N HIS J 99 16.38 -16.01 -23.78
CA HIS J 99 16.63 -17.19 -24.60
C HIS J 99 15.33 -17.94 -24.89
N ILE J 100 14.50 -18.19 -23.85
CA ILE J 100 13.21 -18.87 -24.01
C ILE J 100 12.32 -18.03 -24.94
N ARG J 101 12.40 -16.69 -24.78
CA ARG J 101 11.68 -15.72 -25.59
C ARG J 101 12.10 -15.83 -27.06
N THR J 102 13.42 -15.94 -27.36
CA THR J 102 13.90 -16.11 -28.73
C THR J 102 13.39 -17.42 -29.33
N LEU J 103 13.49 -18.52 -28.55
CA LEU J 103 13.03 -19.87 -28.93
C LEU J 103 11.53 -19.89 -29.28
N LEU J 104 10.70 -19.15 -28.50
CA LEU J 104 9.25 -19.03 -28.75
C LEU J 104 8.99 -18.24 -30.02
N LEU J 105 9.72 -17.11 -30.21
CA LEU J 105 9.60 -16.27 -31.42
C LEU J 105 10.07 -17.03 -32.67
N THR J 106 11.03 -17.97 -32.49
CA THR J 106 11.55 -18.85 -33.56
C THR J 106 10.42 -19.79 -34.02
N PHE J 107 9.63 -20.33 -33.08
CA PHE J 107 8.50 -21.22 -33.37
C PHE J 107 7.33 -20.44 -34.00
N PHE J 108 7.04 -19.23 -33.45
CA PHE J 108 5.97 -18.37 -33.96
C PHE J 108 6.27 -17.83 -35.35
N TYR J 109 7.54 -17.59 -35.70
CA TYR J 109 7.87 -17.11 -37.04
C TYR J 109 7.80 -18.22 -38.08
N ARG J 110 8.37 -19.38 -37.77
CA ARG J 110 8.45 -20.54 -38.67
C ARG J 110 7.16 -21.36 -38.82
N PHE J 111 6.20 -21.23 -37.87
CA PHE J 111 4.99 -22.03 -37.94
C PHE J 111 3.67 -21.23 -37.83
N MET J 112 3.70 -20.04 -37.20
CA MET J 112 2.51 -19.20 -37.03
C MET J 112 2.81 -17.76 -37.46
N ARG J 113 3.43 -17.59 -38.65
CA ARG J 113 3.81 -16.27 -39.19
C ARG J 113 2.63 -15.26 -39.28
N PRO J 114 1.40 -15.62 -39.77
CA PRO J 114 0.31 -14.60 -39.81
C PRO J 114 -0.19 -14.17 -38.42
N LEU J 115 0.19 -14.90 -37.35
CA LEU J 115 -0.17 -14.59 -35.96
C LEU J 115 0.62 -13.35 -35.49
N ILE J 116 1.85 -13.18 -35.99
CA ILE J 116 2.71 -12.02 -35.69
C ILE J 116 2.24 -10.84 -36.55
N GLU J 117 1.93 -11.10 -37.85
CA GLU J 117 1.44 -10.13 -38.83
C GLU J 117 0.15 -9.44 -38.39
N ALA J 118 -0.76 -10.19 -37.71
CA ALA J 118 -2.02 -9.70 -37.18
C ALA J 118 -1.84 -8.94 -35.85
N GLY J 119 -0.61 -8.95 -35.32
CA GLY J 119 -0.25 -8.28 -34.07
C GLY J 119 -0.83 -8.94 -32.85
N TYR J 120 -0.89 -10.29 -32.86
CA TYR J 120 -1.44 -11.10 -31.77
C TYR J 120 -0.38 -11.52 -30.76
N VAL J 121 0.91 -11.55 -31.17
CA VAL J 121 2.02 -11.94 -30.29
C VAL J 121 2.56 -10.68 -29.56
N TYR J 122 2.62 -10.74 -28.22
CA TYR J 122 3.11 -9.67 -27.36
C TYR J 122 4.19 -10.16 -26.39
N ILE J 123 4.97 -9.22 -25.82
CA ILE J 123 6.02 -9.49 -24.85
C ILE J 123 5.69 -8.74 -23.56
N ALA J 124 5.56 -9.48 -22.45
CA ALA J 124 5.29 -8.91 -21.12
C ALA J 124 6.55 -8.19 -20.61
N GLN J 125 6.36 -7.11 -19.83
CA GLN J 125 7.49 -6.36 -19.26
C GLN J 125 7.48 -6.41 -17.71
N PRO J 126 8.01 -7.51 -17.11
CA PRO J 126 8.00 -7.60 -15.64
C PRO J 126 9.09 -6.75 -14.99
N PRO J 127 8.99 -6.38 -13.69
CA PRO J 127 10.05 -5.54 -13.10
C PRO J 127 11.42 -6.19 -13.16
N THR J 128 12.35 -5.45 -13.77
CA THR J 128 13.74 -5.83 -13.97
C THR J 128 14.46 -5.85 -12.64
N GLY J 129 15.09 -6.98 -12.34
CA GLY J 129 15.83 -7.19 -11.10
C GLY J 129 16.37 -8.60 -10.97
N TYR J 130 16.94 -8.89 -9.79
CA TYR J 130 17.53 -10.18 -9.48
C TYR J 130 16.47 -11.26 -9.27
N LYS J 131 15.27 -10.86 -8.80
CA LYS J 131 14.14 -11.73 -8.52
C LYS J 131 13.44 -12.23 -9.79
N GLY J 132 13.25 -13.55 -9.87
CA GLY J 132 12.57 -14.21 -10.98
C GLY J 132 11.06 -14.23 -10.82
N LEU J 133 10.34 -14.67 -11.87
CA LEU J 133 8.87 -14.76 -11.88
C LEU J 133 8.32 -15.72 -10.82
N GLY J 134 9.05 -16.81 -10.57
CA GLY J 134 8.70 -17.82 -9.57
C GLY J 134 8.89 -17.34 -8.15
N GLU J 135 9.78 -16.35 -7.96
CA GLU J 135 10.11 -15.76 -6.65
C GLU J 135 9.13 -14.64 -6.28
N MET J 136 8.30 -14.22 -7.25
CA MET J 136 7.35 -13.13 -7.12
C MET J 136 6.00 -13.53 -6.54
N ASN J 137 5.40 -12.59 -5.78
CA ASN J 137 4.08 -12.71 -5.14
C ASN J 137 2.99 -12.64 -6.21
N ALA J 138 1.90 -13.44 -6.04
CA ALA J 138 0.76 -13.52 -6.97
C ALA J 138 0.04 -12.19 -7.22
N ASP J 139 -0.04 -11.30 -6.19
CA ASP J 139 -0.70 -9.98 -6.30
C ASP J 139 0.13 -8.99 -7.10
N GLN J 140 1.47 -9.01 -6.83
CA GLN J 140 2.53 -8.19 -7.43
C GLN J 140 2.62 -8.43 -8.95
N LEU J 141 2.58 -9.70 -9.38
CA LEU J 141 2.63 -10.10 -10.79
C LEU J 141 1.47 -9.52 -11.58
N TRP J 142 0.26 -9.49 -10.96
CA TRP J 142 -0.96 -8.98 -11.59
C TRP J 142 -0.92 -7.47 -11.78
N GLU J 143 -0.58 -6.72 -10.73
CA GLU J 143 -0.52 -5.26 -10.72
C GLU J 143 0.53 -4.66 -11.64
N THR J 144 1.65 -5.38 -11.86
CA THR J 144 2.78 -4.89 -12.66
C THR J 144 2.82 -5.39 -14.11
N THR J 145 2.44 -6.67 -14.33
CA THR J 145 2.56 -7.30 -15.65
C THR J 145 1.25 -7.84 -16.27
N MET J 146 0.14 -7.92 -15.51
CA MET J 146 -1.08 -8.51 -16.07
C MET J 146 -2.29 -7.57 -16.21
N ASN J 147 -2.47 -6.61 -15.28
CA ASN J 147 -3.59 -5.66 -15.26
C ASN J 147 -3.59 -4.75 -16.50
N PRO J 148 -4.62 -4.83 -17.41
CA PRO J 148 -4.61 -4.00 -18.62
C PRO J 148 -4.39 -2.50 -18.43
N GLU J 149 -4.68 -1.98 -17.22
CA GLU J 149 -4.55 -0.58 -16.82
C GLU J 149 -3.11 -0.17 -16.46
N HIS J 150 -2.36 -1.01 -15.73
CA HIS J 150 -0.99 -0.70 -15.29
C HIS J 150 0.11 -1.52 -15.99
N ARG J 151 -0.24 -2.38 -16.95
CA ARG J 151 0.75 -3.19 -17.67
C ARG J 151 1.34 -2.47 -18.90
N ALA J 152 2.51 -2.94 -19.35
CA ALA J 152 3.21 -2.43 -20.53
C ALA J 152 3.60 -3.61 -21.43
N LEU J 153 2.77 -3.90 -22.44
CA LEU J 153 3.02 -5.00 -23.38
C LEU J 153 3.70 -4.49 -24.64
N LEU J 154 4.61 -5.28 -25.20
CA LEU J 154 5.33 -4.91 -26.43
C LEU J 154 4.78 -5.69 -27.62
N GLN J 155 4.13 -4.97 -28.57
CA GLN J 155 3.58 -5.60 -29.78
C GLN J 155 4.69 -6.01 -30.74
N VAL J 156 4.76 -7.32 -31.02
CA VAL J 156 5.76 -7.89 -31.91
C VAL J 156 5.34 -7.60 -33.36
N LYS J 157 6.13 -6.75 -34.04
CA LYS J 157 5.87 -6.34 -35.42
C LYS J 157 6.95 -6.85 -36.40
N LEU J 158 6.51 -7.37 -37.55
CA LEU J 158 7.38 -7.87 -38.62
C LEU J 158 7.51 -6.78 -39.70
N GLU J 159 8.68 -6.12 -39.73
CA GLU J 159 8.98 -5.03 -40.67
C GLU J 159 9.46 -5.56 -42.03
N ASP J 160 10.45 -6.47 -42.03
CA ASP J 160 11.00 -7.10 -43.23
C ASP J 160 11.02 -8.62 -43.05
N ALA J 161 10.35 -9.35 -43.95
CA ALA J 161 10.26 -10.81 -43.92
C ALA J 161 11.54 -11.51 -44.42
N ILE J 162 12.18 -10.95 -45.47
CA ILE J 162 13.41 -11.48 -46.07
C ILE J 162 14.60 -11.34 -45.09
N GLU J 163 14.67 -10.19 -44.40
CA GLU J 163 15.71 -9.89 -43.40
C GLU J 163 15.57 -10.82 -42.18
N ALA J 164 14.34 -11.03 -41.68
CA ALA J 164 14.05 -11.91 -40.55
C ALA J 164 14.41 -13.38 -40.86
N ASP J 165 14.09 -13.86 -42.08
CA ASP J 165 14.38 -15.21 -42.57
C ASP J 165 15.88 -15.56 -42.42
N GLN J 166 16.77 -14.61 -42.75
CA GLN J 166 18.22 -14.74 -42.68
C GLN J 166 18.73 -14.61 -41.23
N THR J 167 18.00 -13.85 -40.39
CA THR J 167 18.33 -13.61 -38.97
C THR J 167 18.13 -14.88 -38.16
N PHE J 168 16.94 -15.53 -38.29
CA PHE J 168 16.60 -16.78 -37.61
C PHE J 168 17.55 -17.92 -38.03
N GLU J 169 17.96 -17.93 -39.31
CA GLU J 169 18.88 -18.90 -39.90
C GLU J 169 20.28 -18.74 -39.29
N MET J 170 20.73 -17.49 -39.07
CA MET J 170 22.04 -17.16 -38.51
C MET J 170 22.09 -17.47 -37.00
N LEU J 171 21.13 -16.91 -36.23
CA LEU J 171 21.05 -17.03 -34.78
C LEU J 171 20.63 -18.40 -34.24
N MET J 172 19.62 -19.03 -34.86
CA MET J 172 19.07 -20.29 -34.39
C MET J 172 19.41 -21.52 -35.23
N GLY J 173 19.98 -21.31 -36.43
CA GLY J 173 20.35 -22.38 -37.34
C GLY J 173 21.48 -23.28 -36.86
N ASP J 174 21.75 -24.37 -37.59
CA ASP J 174 22.79 -25.33 -37.24
C ASP J 174 24.23 -24.85 -37.51
N VAL J 175 24.42 -23.87 -38.42
CA VAL J 175 25.75 -23.33 -38.72
C VAL J 175 26.22 -22.41 -37.59
N VAL J 176 27.20 -22.90 -36.82
CA VAL J 176 27.79 -22.24 -35.65
C VAL J 176 28.63 -21.00 -36.01
N GLU J 177 29.54 -21.08 -37.02
CA GLU J 177 30.42 -19.94 -37.38
C GLU J 177 29.67 -18.63 -37.66
N ASN J 178 28.54 -18.69 -38.38
CA ASN J 178 27.70 -17.52 -38.71
C ASN J 178 27.15 -16.83 -37.46
N ARG J 179 27.04 -17.60 -36.36
CA ARG J 179 26.56 -17.17 -35.05
C ARG J 179 27.72 -16.60 -34.21
N ARG J 180 28.92 -17.24 -34.27
CA ARG J 180 30.14 -16.79 -33.57
C ARG J 180 30.55 -15.39 -34.07
N GLN J 181 30.59 -15.22 -35.43
CA GLN J 181 30.93 -13.97 -36.10
C GLN J 181 29.98 -12.83 -35.70
N PHE J 182 28.69 -13.16 -35.46
CA PHE J 182 27.68 -12.20 -35.01
C PHE J 182 27.96 -11.71 -33.60
N ILE J 183 28.24 -12.64 -32.65
CA ILE J 183 28.55 -12.34 -31.25
C ILE J 183 29.82 -11.49 -31.19
N GLU J 184 30.87 -11.89 -31.93
CA GLU J 184 32.16 -11.19 -32.00
C GLU J 184 31.99 -9.73 -32.46
N ASP J 185 31.17 -9.51 -33.51
CA ASP J 185 30.89 -8.18 -34.06
C ASP J 185 30.06 -7.29 -33.12
N ASN J 186 29.28 -7.90 -32.20
CA ASN J 186 28.45 -7.17 -31.24
C ASN J 186 28.87 -7.46 -29.76
N ALA J 187 30.15 -7.81 -29.55
CA ALA J 187 30.74 -8.14 -28.25
C ALA J 187 30.63 -7.02 -27.21
N VAL J 188 30.70 -5.75 -27.66
CA VAL J 188 30.60 -4.58 -26.78
C VAL J 188 29.17 -4.32 -26.34
N ASN K 1 19.58 -64.58 19.10
CA ASN K 1 18.46 -64.56 20.03
C ASN K 1 17.11 -64.42 19.32
N GLU K 2 16.03 -64.82 20.01
CA GLU K 2 14.66 -64.79 19.48
C GLU K 2 13.73 -63.85 20.26
N ARG K 3 12.87 -63.11 19.52
CA ARG K 3 11.91 -62.15 20.06
C ARG K 3 10.45 -62.52 19.79
N ASN K 4 9.60 -62.41 20.83
CA ASN K 4 8.16 -62.71 20.79
C ASN K 4 7.44 -61.64 19.96
N ILE K 5 6.56 -62.07 19.05
CA ILE K 5 5.79 -61.19 18.15
C ILE K 5 4.86 -60.24 18.92
N THR K 6 4.23 -60.72 20.02
CA THR K 6 3.30 -59.94 20.86
C THR K 6 4.07 -58.86 21.61
N SER K 7 5.23 -59.24 22.22
CA SER K 7 6.12 -58.34 22.97
C SER K 7 6.72 -57.28 22.04
N GLU K 8 7.11 -57.68 20.81
CA GLU K 8 7.68 -56.80 19.78
C GLU K 8 6.64 -55.77 19.31
N MET K 9 5.39 -56.21 19.06
CA MET K 9 4.29 -55.35 18.62
C MET K 9 3.92 -54.32 19.69
N ARG K 10 3.84 -54.76 20.96
CA ARG K 10 3.50 -53.92 22.12
C ARG K 10 4.56 -52.86 22.40
N GLU K 11 5.85 -53.25 22.41
CA GLU K 11 6.98 -52.36 22.69
C GLU K 11 7.26 -51.35 21.58
N SER K 12 7.30 -51.80 20.30
CA SER K 12 7.58 -50.94 19.14
C SER K 12 6.48 -49.92 18.88
N PHE K 13 5.20 -50.34 18.98
CA PHE K 13 4.06 -49.45 18.76
C PHE K 13 3.97 -48.37 19.82
N LEU K 14 4.26 -48.73 21.10
CA LEU K 14 4.25 -47.81 22.22
C LEU K 14 5.32 -46.72 22.05
N ASP K 15 6.53 -47.10 21.59
N ASP K 15 6.52 -47.11 21.57
CA ASP K 15 7.64 -46.17 21.36
CA ASP K 15 7.66 -46.22 21.33
C ASP K 15 7.25 -45.12 20.31
C ASP K 15 7.27 -45.14 20.31
N TYR K 16 6.60 -45.55 19.21
CA TYR K 16 6.15 -44.66 18.15
C TYR K 16 4.97 -43.81 18.63
N ALA K 17 3.93 -44.45 19.23
CA ALA K 17 2.73 -43.79 19.75
C ALA K 17 3.07 -42.63 20.67
N MET K 18 3.98 -42.86 21.64
CA MET K 18 4.43 -41.85 22.60
C MET K 18 5.23 -40.72 21.96
N SER K 19 6.10 -41.03 20.97
CA SER K 19 6.90 -40.01 20.28
C SER K 19 6.04 -39.06 19.45
N VAL K 20 4.98 -39.56 18.79
CA VAL K 20 4.04 -38.75 18.00
C VAL K 20 3.30 -37.81 18.98
N ILE K 21 2.87 -38.37 20.13
CA ILE K 21 2.14 -37.66 21.18
C ILE K 21 2.97 -36.54 21.81
N VAL K 22 4.12 -36.85 22.43
CA VAL K 22 4.96 -35.88 23.15
C VAL K 22 5.98 -35.14 22.28
N ALA K 23 6.30 -35.65 21.08
CA ALA K 23 7.32 -35.00 20.24
C ALA K 23 6.96 -34.92 18.73
N ARG K 24 5.71 -34.51 18.39
CA ARG K 24 5.30 -34.36 16.99
C ARG K 24 3.98 -33.61 16.79
N ALA K 25 2.84 -34.33 16.92
CA ALA K 25 1.49 -33.89 16.63
C ALA K 25 0.79 -33.04 17.70
N LEU K 26 1.27 -33.03 18.96
CA LEU K 26 0.57 -32.26 19.98
C LEU K 26 1.33 -31.03 20.44
N PRO K 27 0.61 -29.89 20.63
CA PRO K 27 1.29 -28.67 21.10
C PRO K 27 1.44 -28.61 22.62
N ASP K 28 2.39 -27.78 23.09
CA ASP K 28 2.60 -27.55 24.53
C ASP K 28 1.60 -26.50 24.99
N VAL K 29 1.00 -26.70 26.18
CA VAL K 29 0.00 -25.78 26.73
C VAL K 29 0.59 -24.38 27.00
N ARG K 30 1.89 -24.32 27.35
CA ARG K 30 2.61 -23.10 27.70
C ARG K 30 2.83 -22.15 26.52
N ASP K 31 3.49 -22.62 25.42
CA ASP K 31 3.77 -21.78 24.25
C ASP K 31 2.89 -22.06 23.02
N GLY K 32 2.01 -23.06 23.10
CA GLY K 32 1.10 -23.44 22.02
C GLY K 32 1.73 -24.03 20.77
N LEU K 33 3.00 -24.44 20.84
CA LEU K 33 3.76 -24.95 19.70
C LEU K 33 4.08 -26.43 19.76
N LYS K 34 4.15 -27.05 18.56
CA LYS K 34 4.57 -28.43 18.33
C LYS K 34 6.10 -28.34 18.20
N PRO K 35 6.88 -29.44 18.41
CA PRO K 35 8.35 -29.32 18.29
C PRO K 35 8.86 -28.68 16.99
N VAL K 36 8.27 -29.02 15.83
CA VAL K 36 8.68 -28.46 14.53
C VAL K 36 8.56 -26.92 14.50
N HIS K 37 7.42 -26.38 15.00
CA HIS K 37 7.16 -24.92 15.06
C HIS K 37 8.16 -24.22 15.97
N ARG K 38 8.40 -24.78 17.17
CA ARG K 38 9.34 -24.26 18.16
C ARG K 38 10.75 -24.19 17.57
N ARG K 39 11.16 -25.26 16.87
CA ARG K 39 12.47 -25.40 16.22
C ARG K 39 12.65 -24.41 15.06
N ILE K 40 11.56 -24.07 14.34
CA ILE K 40 11.60 -23.09 13.25
C ILE K 40 11.81 -21.69 13.86
N LEU K 41 10.96 -21.32 14.85
CA LEU K 41 11.01 -20.03 15.53
C LEU K 41 12.32 -19.79 16.28
N TYR K 42 12.88 -20.84 16.93
CA TYR K 42 14.16 -20.73 17.63
C TYR K 42 15.28 -20.60 16.60
N GLY K 43 15.11 -21.30 15.46
CA GLY K 43 16.02 -21.27 14.33
C GLY K 43 16.12 -19.88 13.76
N LEU K 44 14.95 -19.25 13.47
CA LEU K 44 14.84 -17.87 12.97
C LEU K 44 15.49 -16.87 13.93
N ASN K 45 15.36 -17.12 15.25
CA ASN K 45 15.96 -16.29 16.29
C ASN K 45 17.47 -16.43 16.29
N GLU K 46 17.98 -17.69 16.28
CA GLU K 46 19.41 -17.99 16.26
C GLU K 46 20.10 -17.46 15.00
N GLN K 47 19.38 -17.47 13.87
CA GLN K 47 19.84 -17.00 12.57
C GLN K 47 19.79 -15.46 12.47
N GLY K 48 19.25 -14.79 13.51
CA GLY K 48 19.10 -13.34 13.59
C GLY K 48 18.10 -12.79 12.60
N MET K 49 17.11 -13.62 12.21
CA MET K 49 16.06 -13.29 11.25
C MET K 49 14.93 -12.44 11.82
N THR K 50 15.28 -11.35 12.52
CA THR K 50 14.35 -10.41 13.14
C THR K 50 13.57 -9.58 12.09
N PRO K 51 12.38 -9.00 12.41
CA PRO K 51 11.61 -8.25 11.41
C PRO K 51 12.31 -7.06 10.73
N ASP K 52 13.29 -6.42 11.41
CA ASP K 52 14.04 -5.28 10.87
C ASP K 52 15.06 -5.68 9.79
N LYS K 53 15.51 -6.94 9.80
CA LYS K 53 16.52 -7.47 8.86
C LYS K 53 15.87 -8.04 7.60
N SER K 54 16.59 -7.98 6.46
CA SER K 54 16.13 -8.46 5.15
C SER K 54 15.81 -9.96 5.12
N TYR K 55 14.89 -10.38 4.22
CA TYR K 55 14.44 -11.77 4.04
C TYR K 55 15.58 -12.71 3.61
N LYS K 56 15.53 -13.94 4.11
CA LYS K 56 16.49 -15.01 3.81
C LYS K 56 15.77 -16.14 3.10
N LYS K 57 16.43 -16.76 2.10
CA LYS K 57 15.90 -17.89 1.33
C LYS K 57 15.46 -19.03 2.26
N SER K 58 14.22 -19.51 2.07
CA SER K 58 13.59 -20.57 2.87
C SER K 58 14.46 -21.83 2.97
N ALA K 59 15.10 -22.25 1.85
CA ALA K 59 15.98 -23.43 1.81
C ALA K 59 17.13 -23.33 2.84
N ARG K 60 17.60 -22.10 3.10
CA ARG K 60 18.66 -21.81 4.05
C ARG K 60 18.16 -21.87 5.48
N ILE K 61 16.93 -21.34 5.74
CA ILE K 61 16.29 -21.37 7.06
C ILE K 61 16.02 -22.83 7.43
N VAL K 62 15.43 -23.61 6.50
CA VAL K 62 15.11 -25.02 6.68
C VAL K 62 16.37 -25.86 6.92
N GLY K 63 17.42 -25.62 6.15
CA GLY K 63 18.71 -26.30 6.27
C GLY K 63 19.31 -26.24 7.65
N ASP K 64 19.34 -25.02 8.26
N ASP K 64 19.34 -25.03 8.26
CA ASP K 64 19.85 -24.75 9.60
CA ASP K 64 19.86 -24.79 9.61
C ASP K 64 18.97 -25.43 10.66
C ASP K 64 18.97 -25.44 10.67
N VAL K 65 17.64 -25.36 10.51
CA VAL K 65 16.66 -25.96 11.43
C VAL K 65 16.81 -27.49 11.41
N MET K 66 16.92 -28.06 10.20
CA MET K 66 17.10 -29.50 9.98
C MET K 66 18.42 -30.02 10.54
N GLY K 67 19.50 -29.32 10.23
CA GLY K 67 20.85 -29.68 10.65
C GLY K 67 21.13 -29.56 12.12
N LYS K 68 20.48 -28.60 12.81
N LYS K 68 20.48 -28.60 12.81
CA LYS K 68 20.69 -28.32 14.23
CA LYS K 68 20.69 -28.34 14.23
C LYS K 68 19.64 -28.87 15.18
C LYS K 68 19.62 -28.87 15.18
N TYR K 69 18.34 -28.85 14.79
CA TYR K 69 17.28 -29.25 15.72
C TYR K 69 16.27 -30.28 15.24
N HIS K 70 15.91 -30.30 13.94
CA HIS K 70 14.88 -31.20 13.41
C HIS K 70 15.43 -32.31 12.48
N PRO K 71 15.72 -33.54 13.00
CA PRO K 71 16.27 -34.58 12.12
C PRO K 71 15.22 -35.33 11.28
N HIS K 72 14.43 -34.55 10.52
CA HIS K 72 13.36 -35.05 9.66
C HIS K 72 13.43 -34.39 8.26
N GLY K 73 12.53 -34.80 7.37
CA GLY K 73 12.48 -34.30 5.99
C GLY K 73 12.26 -32.81 5.85
N ASP K 74 12.94 -32.19 4.85
CA ASP K 74 12.87 -30.76 4.54
C ASP K 74 11.45 -30.22 4.32
N SER K 75 10.61 -31.02 3.66
CA SER K 75 9.23 -30.67 3.37
C SER K 75 8.39 -30.51 4.64
N SER K 76 8.64 -31.35 5.68
CA SER K 76 7.94 -31.29 6.97
C SER K 76 8.22 -29.96 7.69
N ILE K 77 9.48 -29.48 7.60
CA ILE K 77 9.92 -28.21 8.20
C ILE K 77 9.36 -27.03 7.39
N TYR K 78 9.53 -27.07 6.05
CA TYR K 78 9.08 -26.02 5.15
C TYR K 78 7.57 -25.79 5.18
N GLU K 79 6.77 -26.85 5.06
CA GLU K 79 5.31 -26.76 5.05
C GLU K 79 4.74 -26.22 6.38
N ALA K 80 5.39 -26.54 7.51
CA ALA K 80 5.02 -26.05 8.83
C ALA K 80 5.31 -24.53 8.92
N MET K 81 6.41 -24.09 8.29
CA MET K 81 6.84 -22.69 8.22
C MET K 81 5.89 -21.89 7.33
N VAL K 82 5.43 -22.49 6.21
CA VAL K 82 4.51 -21.89 5.25
C VAL K 82 3.19 -21.51 5.93
N ARG K 83 2.54 -22.47 6.64
CA ARG K 83 1.28 -22.27 7.39
C ARG K 83 1.38 -21.08 8.33
N MET K 84 2.54 -20.92 9.02
CA MET K 84 2.84 -19.84 9.95
C MET K 84 2.90 -18.46 9.26
N ALA K 85 3.11 -18.44 7.93
CA ALA K 85 3.17 -17.22 7.13
C ALA K 85 1.84 -16.92 6.44
N GLN K 86 0.88 -17.88 6.48
CA GLN K 86 -0.45 -17.77 5.88
C GLN K 86 -1.42 -17.05 6.80
N ASP K 87 -1.91 -15.88 6.36
CA ASP K 87 -2.84 -15.04 7.11
C ASP K 87 -4.24 -15.63 7.23
N PHE K 88 -4.55 -16.66 6.43
CA PHE K 88 -5.82 -17.39 6.43
C PHE K 88 -5.74 -18.66 7.31
N SER K 89 -4.51 -19.08 7.64
CA SER K 89 -4.26 -20.26 8.48
C SER K 89 -3.97 -19.84 9.92
N TYR K 90 -3.15 -18.80 10.11
CA TYR K 90 -2.75 -18.27 11.42
C TYR K 90 -3.41 -16.94 11.70
N ARG K 91 -4.14 -16.86 12.84
CA ARG K 91 -4.86 -15.68 13.32
C ARG K 91 -3.88 -14.54 13.59
N TYR K 92 -2.69 -14.90 14.09
CA TYR K 92 -1.57 -14.02 14.37
C TYR K 92 -0.34 -14.67 13.74
N PRO K 93 -0.11 -14.45 12.41
CA PRO K 93 1.02 -15.11 11.73
C PRO K 93 2.37 -14.95 12.41
N LEU K 94 3.10 -16.07 12.53
CA LEU K 94 4.40 -16.15 13.19
C LEU K 94 5.58 -16.00 12.23
N VAL K 95 5.34 -16.14 10.92
CA VAL K 95 6.37 -16.02 9.89
C VAL K 95 5.95 -14.96 8.85
N ASP K 96 6.88 -14.09 8.48
CA ASP K 96 6.70 -13.05 7.47
C ASP K 96 7.39 -13.59 6.22
N GLY K 97 6.58 -13.99 5.25
CA GLY K 97 7.08 -14.57 4.00
C GLY K 97 6.95 -13.68 2.78
N GLN K 98 7.94 -13.78 1.87
CA GLN K 98 7.95 -13.04 0.61
C GLN K 98 7.99 -14.05 -0.55
N GLY K 99 7.04 -13.89 -1.46
CA GLY K 99 6.86 -14.79 -2.60
C GLY K 99 5.54 -15.51 -2.52
N ASN K 100 5.41 -16.64 -3.24
CA ASN K 100 4.17 -17.43 -3.25
C ASN K 100 4.10 -18.38 -2.06
N PHE K 101 3.21 -18.06 -1.09
CA PHE K 101 2.99 -18.88 0.09
C PHE K 101 1.62 -19.57 0.07
N GLY K 102 1.06 -19.70 -1.13
CA GLY K 102 -0.23 -20.33 -1.35
C GLY K 102 -1.43 -19.48 -0.98
N SER K 103 -2.64 -19.92 -1.38
CA SER K 103 -3.89 -19.21 -1.11
C SER K 103 -4.99 -20.10 -0.53
N MET K 104 -6.22 -19.56 -0.39
CA MET K 104 -7.40 -20.24 0.13
C MET K 104 -7.91 -21.37 -0.77
N ASP K 105 -7.53 -21.35 -2.07
CA ASP K 105 -7.92 -22.35 -3.06
C ASP K 105 -7.16 -23.69 -2.94
N GLY K 106 -6.42 -23.86 -1.84
CA GLY K 106 -5.66 -25.09 -1.59
C GLY K 106 -4.35 -25.15 -2.35
N ASP K 107 -4.01 -23.98 -2.93
CA ASP K 107 -2.80 -23.66 -3.67
C ASP K 107 -1.66 -23.81 -2.71
N GLY K 108 -0.72 -24.66 -3.05
CA GLY K 108 0.47 -24.85 -2.26
C GLY K 108 1.44 -23.70 -2.49
N ALA K 109 2.38 -23.52 -1.57
CA ALA K 109 3.40 -22.49 -1.68
C ALA K 109 4.42 -22.92 -2.72
N ALA K 110 5.11 -21.95 -3.35
CA ALA K 110 6.18 -22.23 -4.30
C ALA K 110 7.32 -22.88 -3.50
N ALA K 111 8.06 -23.83 -4.11
CA ALA K 111 9.18 -24.54 -3.45
C ALA K 111 10.18 -23.60 -2.74
N MET K 112 10.86 -24.09 -1.67
CA MET K 112 11.83 -23.35 -0.82
C MET K 112 12.71 -22.33 -1.54
N ARG K 113 13.26 -22.74 -2.73
CA ARG K 113 14.14 -21.98 -3.62
CA ARG K 113 14.15 -21.95 -3.56
C ARG K 113 13.56 -20.61 -3.98
N PTR K 114 12.26 -20.57 -4.31
CA PTR K 114 11.52 -19.41 -4.76
C PTR K 114 10.91 -18.57 -3.64
O PTR K 114 10.33 -17.52 -3.92
CB PTR K 114 10.48 -19.82 -5.83
CG PTR K 114 10.95 -20.92 -6.75
CD1 PTR K 114 11.89 -20.63 -7.74
CD2 PTR K 114 10.45 -22.24 -6.57
CE1 PTR K 114 12.33 -21.66 -8.58
CE2 PTR K 114 10.89 -23.27 -7.39
CZ PTR K 114 11.86 -22.99 -8.39
OH PTR K 114 12.20 -24.03 -9.18
P PTR K 114 13.64 -24.40 -9.65
O1P PTR K 114 14.33 -25.38 -8.73
O2P PTR K 114 14.60 -23.26 -9.90
O3P PTR K 114 13.38 -25.10 -10.99
N THR K 115 11.05 -19.01 -2.38
CA THR K 115 10.51 -18.26 -1.25
C THR K 115 11.58 -17.79 -0.28
N GLU K 116 11.30 -16.67 0.39
CA GLU K 116 12.14 -16.01 1.37
C GLU K 116 11.29 -15.79 2.61
N ALA K 117 11.91 -15.80 3.81
CA ALA K 117 11.17 -15.57 5.06
C ALA K 117 12.01 -14.95 6.17
N ARG K 118 11.31 -14.45 7.21
CA ARG K 118 11.82 -13.84 8.45
C ARG K 118 10.67 -13.90 9.46
N MET K 119 10.92 -13.66 10.74
CA MET K 119 9.83 -13.70 11.72
C MET K 119 9.03 -12.39 11.73
N THR K 120 7.77 -12.47 12.22
CA THR K 120 6.87 -11.33 12.35
C THR K 120 7.18 -10.63 13.68
N LYS K 121 6.67 -9.40 13.87
CA LYS K 121 6.86 -8.63 15.09
C LYS K 121 6.30 -9.32 16.33
N ILE K 122 5.15 -10.04 16.18
CA ILE K 122 4.50 -10.77 17.26
C ILE K 122 5.35 -11.98 17.73
N THR K 123 6.18 -12.55 16.84
CA THR K 123 7.05 -13.70 17.14
C THR K 123 8.16 -13.32 18.12
N LEU K 124 8.62 -12.05 18.09
CA LEU K 124 9.62 -11.54 19.02
C LEU K 124 9.06 -11.68 20.44
N GLU K 125 7.72 -11.59 20.60
CA GLU K 125 7.04 -11.73 21.89
C GLU K 125 7.03 -13.18 22.36
N LEU K 126 7.16 -14.15 21.45
CA LEU K 126 7.21 -15.57 21.82
C LEU K 126 8.61 -15.92 22.34
N LEU K 127 9.63 -15.26 21.77
CA LEU K 127 11.05 -15.45 22.08
C LEU K 127 11.62 -14.39 23.05
N ARG K 128 10.78 -13.43 23.50
CA ARG K 128 11.20 -12.36 24.41
C ARG K 128 11.72 -12.94 25.72
N ASP K 129 12.90 -12.48 26.15
CA ASP K 129 13.59 -12.87 27.38
C ASP K 129 14.06 -14.35 27.40
N ILE K 130 14.27 -14.97 26.22
CA ILE K 130 14.69 -16.38 26.11
C ILE K 130 16.12 -16.62 26.67
N ASN K 131 17.04 -15.65 26.47
CA ASN K 131 18.43 -15.74 26.92
C ASN K 131 18.63 -15.13 28.32
N LYS K 132 17.53 -15.04 29.08
CA LYS K 132 17.50 -14.49 30.44
C LYS K 132 17.13 -15.57 31.46
N ASP K 133 17.59 -16.82 31.22
CA ASP K 133 17.38 -18.01 32.07
C ASP K 133 15.91 -18.18 32.51
N THR K 134 14.97 -17.89 31.59
CA THR K 134 13.52 -17.96 31.82
C THR K 134 12.96 -19.35 31.55
N ILE K 135 13.57 -20.06 30.60
CA ILE K 135 13.15 -21.41 30.20
C ILE K 135 14.32 -22.39 30.26
N ASP K 136 14.01 -23.70 30.45
CA ASP K 136 15.00 -24.75 30.49
C ASP K 136 15.44 -25.16 29.09
N PHE K 137 16.76 -25.18 28.84
CA PHE K 137 17.33 -25.61 27.57
C PHE K 137 17.68 -27.08 27.68
N ILE K 138 17.55 -27.80 26.57
CA ILE K 138 17.87 -29.24 26.48
C ILE K 138 18.85 -29.52 25.35
N ASP K 139 19.51 -30.69 25.40
CA ASP K 139 20.42 -31.15 24.37
C ASP K 139 19.61 -31.51 23.11
N ASN K 140 20.16 -31.24 21.93
CA ASN K 140 19.49 -31.58 20.67
C ASN K 140 19.60 -33.10 20.38
N TYR K 141 19.05 -33.55 19.22
CA TYR K 141 19.05 -34.95 18.79
C TYR K 141 20.43 -35.62 18.78
N ASP K 142 21.51 -34.89 18.39
CA ASP K 142 22.87 -35.42 18.32
C ASP K 142 23.75 -35.03 19.53
N GLY K 143 23.30 -34.03 20.30
CA GLY K 143 24.01 -33.54 21.47
C GLY K 143 25.12 -32.55 21.16
N ASN K 144 25.14 -32.01 19.91
CA ASN K 144 26.15 -31.03 19.47
C ASN K 144 25.60 -29.59 19.53
N GLU K 145 24.31 -29.43 19.81
CA GLU K 145 23.63 -28.14 19.92
C GLU K 145 22.70 -28.09 21.15
N ARG K 146 22.19 -26.89 21.49
CA ARG K 146 21.26 -26.67 22.60
C ARG K 146 19.97 -26.08 22.06
N GLU K 147 18.82 -26.60 22.50
CA GLU K 147 17.51 -26.15 22.05
C GLU K 147 16.53 -25.92 23.21
N PRO K 148 15.58 -24.98 23.09
CA PRO K 148 14.63 -24.75 24.19
C PRO K 148 13.54 -25.83 24.26
N SER K 149 13.14 -26.20 25.50
CA SER K 149 12.08 -27.18 25.74
C SER K 149 10.72 -26.51 25.54
N VAL K 150 10.68 -25.18 25.75
CA VAL K 150 9.52 -24.31 25.65
C VAL K 150 10.01 -22.86 25.43
N LEU K 151 9.21 -22.03 24.75
CA LEU K 151 9.54 -20.62 24.52
C LEU K 151 8.86 -19.78 25.62
N PRO K 152 9.42 -18.61 26.04
CA PRO K 152 8.78 -17.80 27.08
C PRO K 152 7.32 -17.43 26.82
N ALA K 153 6.95 -17.21 25.54
CA ALA K 153 5.58 -16.94 25.05
C ALA K 153 4.83 -15.86 25.84
N ARG K 154 5.16 -14.59 25.59
CA ARG K 154 4.59 -13.46 26.32
C ARG K 154 3.11 -13.15 25.95
N PHE K 155 2.50 -13.96 25.06
CA PHE K 155 1.08 -13.88 24.70
C PHE K 155 0.51 -15.32 24.64
N PRO K 156 -0.77 -15.56 25.05
CA PRO K 156 -1.30 -16.95 25.03
C PRO K 156 -1.50 -17.51 23.62
N ASN K 157 -0.42 -18.04 23.02
CA ASN K 157 -0.35 -18.56 21.67
C ASN K 157 -1.22 -19.79 21.40
N LEU K 158 -1.33 -20.73 22.36
CA LEU K 158 -2.13 -21.94 22.21
C LEU K 158 -3.57 -21.62 21.79
N LEU K 159 -4.20 -20.68 22.50
CA LEU K 159 -5.56 -20.26 22.17
C LEU K 159 -5.59 -19.23 21.05
N ALA K 160 -4.54 -18.37 20.92
CA ALA K 160 -4.45 -17.35 19.88
C ALA K 160 -4.48 -17.91 18.45
N ASN K 161 -3.59 -18.86 18.13
CA ASN K 161 -3.52 -19.44 16.79
C ASN K 161 -4.16 -20.82 16.67
N GLY K 162 -4.44 -21.44 17.82
CA GLY K 162 -5.03 -22.77 17.88
C GLY K 162 -4.06 -23.87 17.54
N ALA K 163 -4.59 -25.09 17.36
CA ALA K 163 -3.82 -26.29 17.02
C ALA K 163 -4.69 -27.33 16.36
N SER K 164 -4.11 -28.10 15.43
CA SER K 164 -4.79 -29.19 14.73
C SER K 164 -3.76 -30.25 14.39
N GLY K 165 -3.68 -31.27 15.23
CA GLY K 165 -2.73 -32.36 15.08
C GLY K 165 -3.29 -33.74 15.31
N ILE K 166 -2.97 -34.68 14.41
CA ILE K 166 -3.40 -36.08 14.49
C ILE K 166 -2.27 -36.91 15.13
N ALA K 167 -2.45 -37.35 16.37
CA ALA K 167 -1.46 -38.19 17.05
C ALA K 167 -1.85 -39.69 16.93
N VAL K 168 -1.49 -40.52 17.93
CA VAL K 168 -1.83 -41.95 17.95
C VAL K 168 -2.66 -42.18 19.23
N GLY K 169 -3.86 -42.72 19.06
CA GLY K 169 -4.81 -42.95 20.15
C GLY K 169 -5.63 -41.72 20.49
N MET K 170 -5.20 -40.55 19.99
CA MET K 170 -5.82 -39.25 20.20
C MET K 170 -5.48 -38.25 19.10
N ALA K 171 -6.12 -37.09 19.13
CA ALA K 171 -5.93 -35.98 18.18
C ALA K 171 -6.23 -34.67 18.91
N THR K 172 -5.88 -33.53 18.30
CA THR K 172 -6.16 -32.22 18.88
C THR K 172 -6.78 -31.29 17.86
N ASN K 173 -7.71 -30.46 18.31
CA ASN K 173 -8.37 -29.47 17.48
C ASN K 173 -8.84 -28.29 18.34
N ILE K 174 -7.95 -27.29 18.45
CA ILE K 174 -8.15 -26.06 19.22
C ILE K 174 -8.38 -24.91 18.22
N PRO K 175 -9.49 -24.14 18.34
CA PRO K 175 -9.71 -23.05 17.37
C PRO K 175 -8.90 -21.79 17.71
N PRO K 176 -8.62 -20.91 16.72
CA PRO K 176 -7.91 -19.67 17.05
C PRO K 176 -8.84 -18.68 17.78
N HIS K 177 -8.27 -17.80 18.61
CA HIS K 177 -9.04 -16.82 19.38
C HIS K 177 -8.47 -15.41 19.21
N ASN K 178 -9.22 -14.40 19.66
CA ASN K 178 -8.85 -12.99 19.61
C ASN K 178 -7.93 -12.68 20.79
N LEU K 179 -6.73 -12.12 20.51
CA LEU K 179 -5.70 -11.78 21.50
C LEU K 179 -6.17 -10.81 22.58
N THR K 180 -6.91 -9.74 22.18
CA THR K 180 -7.44 -8.73 23.10
C THR K 180 -8.34 -9.42 24.13
N GLU K 181 -9.23 -10.32 23.65
CA GLU K 181 -10.16 -11.09 24.47
C GLU K 181 -9.43 -12.07 25.40
N LEU K 182 -8.41 -12.77 24.87
CA LEU K 182 -7.59 -13.74 25.63
C LEU K 182 -6.81 -13.10 26.75
N ILE K 183 -6.09 -11.98 26.48
CA ILE K 183 -5.30 -11.28 27.49
C ILE K 183 -6.24 -10.78 28.60
N ASN K 184 -7.41 -10.23 28.22
CA ASN K 184 -8.45 -9.77 29.17
C ASN K 184 -8.91 -10.93 30.07
N GLY K 185 -8.97 -12.14 29.51
CA GLY K 185 -9.31 -13.37 30.23
C GLY K 185 -8.26 -13.75 31.24
N VAL K 186 -6.97 -13.63 30.86
CA VAL K 186 -5.81 -13.91 31.73
C VAL K 186 -5.77 -12.89 32.89
N LEU K 187 -6.04 -11.61 32.58
CA LEU K 187 -6.07 -10.52 33.56
C LEU K 187 -7.20 -10.71 34.59
N SER K 188 -8.35 -11.22 34.12
CA SER K 188 -9.52 -11.51 34.95
C SER K 188 -9.24 -12.71 35.87
N LEU K 189 -8.51 -13.72 35.35
CA LEU K 189 -8.10 -14.93 36.08
C LEU K 189 -7.04 -14.59 37.15
N SER K 190 -6.11 -13.65 36.85
CA SER K 190 -5.06 -13.24 37.77
C SER K 190 -5.62 -12.47 38.99
N LYS K 191 -6.74 -11.74 38.79
CA LYS K 191 -7.44 -10.97 39.82
C LYS K 191 -8.36 -11.85 40.66
N ASN K 192 -8.91 -12.92 40.05
CA ASN K 192 -9.81 -13.88 40.69
C ASN K 192 -9.45 -15.31 40.26
N PRO K 193 -8.69 -16.08 41.09
CA PRO K 193 -8.33 -17.45 40.69
C PRO K 193 -9.50 -18.44 40.70
N ASP K 194 -10.61 -18.09 41.37
CA ASP K 194 -11.81 -18.92 41.45
C ASP K 194 -12.88 -18.49 40.42
N ILE K 195 -12.43 -17.88 39.30
CA ILE K 195 -13.28 -17.40 38.21
C ILE K 195 -13.99 -18.56 37.50
N SER K 196 -15.29 -18.37 37.16
CA SER K 196 -16.09 -19.36 36.45
C SER K 196 -15.83 -19.21 34.94
N ILE K 197 -16.03 -20.31 34.19
CA ILE K 197 -15.83 -20.33 32.74
C ILE K 197 -16.85 -19.40 32.04
N ALA K 198 -18.06 -19.24 32.64
CA ALA K 198 -19.10 -18.33 32.14
C ALA K 198 -18.65 -16.87 32.33
N GLU K 199 -17.88 -16.58 33.41
CA GLU K 199 -17.34 -15.25 33.71
C GLU K 199 -16.14 -14.95 32.79
N LEU K 200 -15.36 -16.00 32.42
CA LEU K 200 -14.24 -15.88 31.50
C LEU K 200 -14.77 -15.63 30.08
N MET K 201 -16.01 -16.09 29.81
CA MET K 201 -16.72 -15.92 28.55
C MET K 201 -17.23 -14.49 28.33
N GLU K 202 -17.16 -13.63 29.37
CA GLU K 202 -17.53 -12.21 29.30
C GLU K 202 -16.44 -11.46 28.54
N ASP K 203 -15.19 -11.99 28.60
CA ASP K 203 -14.02 -11.47 27.90
C ASP K 203 -13.84 -12.25 26.60
N ILE K 204 -13.67 -13.59 26.71
CA ILE K 204 -13.51 -14.49 25.55
C ILE K 204 -14.91 -14.94 25.08
N GLU K 205 -15.51 -14.19 24.14
CA GLU K 205 -16.85 -14.44 23.57
C GLU K 205 -16.94 -15.83 22.92
N GLY K 206 -15.87 -16.19 22.21
CA GLY K 206 -15.75 -17.47 21.51
C GLY K 206 -14.54 -17.51 20.59
N PRO K 207 -14.43 -18.49 19.68
CA PRO K 207 -13.27 -18.52 18.77
C PRO K 207 -13.33 -17.39 17.74
N ASP K 208 -12.15 -16.90 17.35
CA ASP K 208 -12.02 -15.84 16.36
C ASP K 208 -11.12 -16.34 15.25
N PHE K 209 -11.73 -16.71 14.11
CA PHE K 209 -11.02 -17.25 12.95
C PHE K 209 -10.40 -16.15 12.07
N PRO K 210 -9.19 -16.39 11.48
CA PRO K 210 -8.59 -15.36 10.60
C PRO K 210 -9.37 -15.13 9.32
N THR K 211 -10.14 -16.14 8.88
CA THR K 211 -10.99 -16.16 7.68
C THR K 211 -12.39 -15.54 7.99
N ALA K 212 -12.52 -14.93 9.19
CA ALA K 212 -13.72 -14.28 9.75
C ALA K 212 -14.92 -15.24 9.78
N GLY K 213 -15.99 -14.92 9.04
CA GLY K 213 -17.19 -15.74 8.98
C GLY K 213 -18.16 -15.51 10.11
N LEU K 214 -19.04 -16.50 10.35
CA LEU K 214 -20.08 -16.44 11.37
C LEU K 214 -20.15 -17.71 12.23
N ILE K 215 -20.51 -17.56 13.52
CA ILE K 215 -20.68 -18.68 14.44
C ILE K 215 -22.15 -18.76 14.86
N LEU K 216 -22.78 -19.93 14.68
CA LEU K 216 -24.18 -20.15 15.04
C LEU K 216 -24.32 -20.63 16.48
N GLY K 217 -24.76 -19.72 17.36
CA GLY K 217 -24.99 -19.99 18.78
C GLY K 217 -23.77 -20.05 19.66
N LYS K 218 -23.95 -19.67 20.94
CA LYS K 218 -22.90 -19.70 21.98
C LYS K 218 -22.90 -21.07 22.68
N SER K 219 -23.95 -21.88 22.45
CA SER K 219 -24.18 -23.20 23.02
C SER K 219 -23.03 -24.17 22.81
N GLY K 220 -22.58 -24.27 21.55
CA GLY K 220 -21.47 -25.13 21.14
C GLY K 220 -20.14 -24.69 21.73
N ILE K 221 -19.95 -23.35 21.84
CA ILE K 221 -18.77 -22.69 22.39
C ILE K 221 -18.67 -23.01 23.88
N ARG K 222 -19.79 -22.82 24.63
CA ARG K 222 -19.89 -23.08 26.07
C ARG K 222 -19.49 -24.52 26.39
N ARG K 223 -20.02 -25.50 25.64
CA ARG K 223 -19.70 -26.92 25.77
C ARG K 223 -18.19 -27.16 25.58
N ALA K 224 -17.60 -26.55 24.54
CA ALA K 224 -16.16 -26.65 24.23
C ALA K 224 -15.28 -26.04 25.33
N TYR K 225 -15.75 -24.94 25.95
CA TYR K 225 -15.04 -24.24 27.01
C TYR K 225 -15.18 -24.91 28.37
N GLU K 226 -16.31 -25.60 28.62
CA GLU K 226 -16.60 -26.28 29.89
C GLU K 226 -16.03 -27.69 29.98
N THR K 227 -16.05 -28.45 28.86
CA THR K 227 -15.59 -29.85 28.84
C THR K 227 -14.27 -30.09 28.10
N GLY K 228 -13.94 -29.20 27.16
CA GLY K 228 -12.76 -29.32 26.31
C GLY K 228 -13.10 -29.88 24.95
N ARG K 229 -14.38 -30.32 24.80
CA ARG K 229 -14.94 -30.89 23.57
C ARG K 229 -16.30 -30.26 23.29
N GLY K 230 -16.62 -30.12 22.02
CA GLY K 230 -17.88 -29.53 21.57
C GLY K 230 -17.84 -29.16 20.10
N SER K 231 -19.02 -29.07 19.49
CA SER K 231 -19.17 -28.73 18.08
C SER K 231 -19.59 -27.27 17.90
N ILE K 232 -18.83 -26.51 17.10
CA ILE K 232 -19.09 -25.10 16.81
C ILE K 232 -19.44 -24.97 15.33
N GLN K 233 -20.65 -24.46 15.03
CA GLN K 233 -21.11 -24.30 13.66
C GLN K 233 -20.58 -23.02 13.04
N MET K 234 -19.76 -23.16 11.99
CA MET K 234 -19.15 -22.06 11.23
C MET K 234 -19.96 -21.85 9.95
N ARG K 235 -20.51 -20.64 9.77
CA ARG K 235 -21.30 -20.31 8.59
C ARG K 235 -20.65 -19.17 7.79
N SER K 236 -20.73 -19.28 6.45
CA SER K 236 -20.19 -18.29 5.50
C SER K 236 -21.02 -17.01 5.55
N ARG K 237 -20.38 -15.84 5.31
CA ARG K 237 -21.09 -14.56 5.27
C ARG K 237 -21.68 -14.45 3.87
N ALA K 238 -23.01 -14.63 3.78
CA ALA K 238 -23.74 -14.57 2.51
C ALA K 238 -24.91 -13.61 2.55
N VAL K 239 -24.99 -12.73 1.55
CA VAL K 239 -26.05 -11.72 1.41
C VAL K 239 -26.86 -11.97 0.15
N ILE K 240 -28.17 -11.71 0.25
CA ILE K 240 -29.16 -11.83 -0.82
C ILE K 240 -29.34 -10.42 -1.38
N GLU K 241 -29.05 -10.22 -2.68
CA GLU K 241 -29.18 -8.91 -3.31
C GLU K 241 -29.70 -8.97 -4.75
N GLU K 242 -30.32 -7.87 -5.21
CA GLU K 242 -30.87 -7.72 -6.56
C GLU K 242 -29.79 -7.35 -7.59
N ARG K 243 -29.95 -7.85 -8.83
CA ARG K 243 -29.02 -7.60 -9.94
C ARG K 243 -29.66 -6.87 -11.13
N GLY K 244 -30.97 -7.06 -11.30
CA GLY K 244 -31.73 -6.44 -12.38
C GLY K 244 -32.99 -7.21 -12.71
N GLY K 245 -33.06 -7.70 -13.95
CA GLY K 245 -34.18 -8.49 -14.46
C GLY K 245 -34.34 -9.83 -13.75
N GLY K 246 -33.20 -10.46 -13.43
CA GLY K 246 -33.11 -11.73 -12.71
C GLY K 246 -33.66 -11.64 -11.30
N ARG K 247 -33.54 -10.44 -10.68
CA ARG K 247 -34.03 -10.00 -9.37
C ARG K 247 -33.24 -10.55 -8.15
N GLN K 248 -32.60 -11.74 -8.24
CA GLN K 248 -31.88 -12.28 -7.08
C GLN K 248 -30.55 -12.97 -7.38
N ARG K 249 -29.60 -12.86 -6.41
CA ARG K 249 -28.26 -13.45 -6.40
C ARG K 249 -27.70 -13.56 -4.97
N ILE K 250 -26.83 -14.55 -4.73
CA ILE K 250 -26.18 -14.78 -3.44
C ILE K 250 -24.70 -14.41 -3.56
N VAL K 251 -24.20 -13.54 -2.65
CA VAL K 251 -22.80 -13.12 -2.63
C VAL K 251 -22.13 -13.58 -1.33
N VAL K 252 -21.14 -14.49 -1.45
CA VAL K 252 -20.38 -15.01 -0.30
C VAL K 252 -19.07 -14.22 -0.17
N THR K 253 -18.93 -13.46 0.94
CA THR K 253 -17.75 -12.61 1.20
C THR K 253 -16.75 -13.23 2.18
N GLU K 254 -17.20 -14.16 3.03
CA GLU K 254 -16.36 -14.85 4.03
C GLU K 254 -16.68 -16.34 4.04
N ILE K 255 -15.66 -17.19 4.16
CA ILE K 255 -15.81 -18.65 4.17
C ILE K 255 -15.33 -19.28 5.50
N PRO K 256 -15.79 -20.50 5.90
CA PRO K 256 -15.34 -21.09 7.18
C PRO K 256 -13.85 -21.44 7.22
N PHE K 257 -13.30 -21.54 8.43
CA PHE K 257 -11.89 -21.85 8.70
C PHE K 257 -11.51 -23.26 8.25
N GLN K 258 -10.32 -23.38 7.64
CA GLN K 258 -9.71 -24.61 7.10
C GLN K 258 -10.54 -25.23 5.96
N VAL K 259 -11.31 -24.39 5.24
CA VAL K 259 -12.16 -24.80 4.11
C VAL K 259 -11.55 -24.30 2.80
N ASN K 260 -11.36 -25.21 1.85
CA ASN K 260 -10.81 -24.95 0.54
C ASN K 260 -11.90 -24.31 -0.30
N LYS K 261 -11.68 -23.05 -0.70
CA LYS K 261 -12.62 -22.25 -1.49
C LYS K 261 -12.92 -22.88 -2.86
N ALA K 262 -11.87 -23.34 -3.57
CA ALA K 262 -12.00 -23.97 -4.89
C ALA K 262 -12.78 -25.29 -4.82
N ARG K 263 -12.56 -26.09 -3.75
CA ARG K 263 -13.22 -27.38 -3.50
C ARG K 263 -14.70 -27.15 -3.14
N MET K 264 -14.99 -26.03 -2.44
CA MET K 264 -16.36 -25.66 -2.05
C MET K 264 -17.18 -25.29 -3.28
N ILE K 265 -16.59 -24.55 -4.23
CA ILE K 265 -17.19 -24.13 -5.50
C ILE K 265 -17.43 -25.39 -6.36
N GLU K 266 -16.45 -26.32 -6.35
CA GLU K 266 -16.47 -27.61 -7.05
C GLU K 266 -17.64 -28.47 -6.56
N LYS K 267 -17.97 -28.37 -5.25
CA LYS K 267 -19.05 -29.10 -4.59
C LYS K 267 -20.43 -28.58 -5.03
N ILE K 268 -20.57 -27.25 -5.20
CA ILE K 268 -21.81 -26.60 -5.65
C ILE K 268 -22.05 -26.99 -7.11
N ALA K 269 -20.97 -26.97 -7.94
CA ALA K 269 -20.97 -27.35 -9.35
C ALA K 269 -21.33 -28.82 -9.54
N GLU K 270 -20.98 -29.67 -8.56
CA GLU K 270 -21.26 -31.10 -8.56
C GLU K 270 -22.74 -31.36 -8.29
N LEU K 271 -23.37 -30.54 -7.42
CA LEU K 271 -24.80 -30.66 -7.10
C LEU K 271 -25.68 -30.16 -8.25
N VAL K 272 -25.25 -29.10 -8.96
CA VAL K 272 -25.98 -28.53 -10.11
C VAL K 272 -25.98 -29.52 -11.29
N ARG K 273 -24.80 -30.13 -11.55
CA ARG K 273 -24.61 -31.13 -12.62
C ARG K 273 -25.41 -32.41 -12.34
N ASP K 274 -25.47 -32.86 -11.06
CA ASP K 274 -26.20 -34.05 -10.63
C ASP K 274 -27.68 -33.77 -10.33
N LYS K 275 -28.10 -32.48 -10.45
CA LYS K 275 -29.46 -31.97 -10.21
C LYS K 275 -29.95 -32.21 -8.77
N LYS K 276 -29.01 -32.19 -7.79
CA LYS K 276 -29.28 -32.37 -6.36
C LYS K 276 -29.80 -31.06 -5.74
N ILE K 277 -29.56 -29.92 -6.42
CA ILE K 277 -29.99 -28.58 -6.05
C ILE K 277 -30.49 -27.84 -7.31
N ASP K 278 -31.58 -27.06 -7.16
CA ASP K 278 -32.15 -26.33 -8.29
C ASP K 278 -32.38 -24.85 -7.97
N GLY K 279 -32.44 -24.04 -9.02
CA GLY K 279 -32.64 -22.60 -8.92
C GLY K 279 -31.37 -21.79 -9.15
N ILE K 280 -30.27 -22.48 -9.50
CA ILE K 280 -28.96 -21.85 -9.75
C ILE K 280 -28.70 -21.80 -11.26
N THR K 281 -28.45 -20.59 -11.79
CA THR K 281 -28.18 -20.38 -13.21
C THR K 281 -26.68 -20.26 -13.49
N ASP K 282 -25.95 -19.52 -12.63
CA ASP K 282 -24.50 -19.33 -12.78
C ASP K 282 -23.77 -19.35 -11.44
N LEU K 283 -22.51 -19.84 -11.44
CA LEU K 283 -21.64 -19.92 -10.27
C LEU K 283 -20.25 -19.38 -10.66
N ARG K 284 -19.88 -18.22 -10.08
CA ARG K 284 -18.61 -17.52 -10.38
C ARG K 284 -17.77 -17.22 -9.13
N ASP K 285 -16.43 -17.27 -9.28
CA ASP K 285 -15.47 -16.93 -8.23
C ASP K 285 -14.84 -15.58 -8.62
N GLU K 286 -15.36 -14.49 -8.06
CA GLU K 286 -14.90 -13.12 -8.32
C GLU K 286 -13.91 -12.63 -7.24
N THR K 287 -13.16 -13.56 -6.64
CA THR K 287 -12.16 -13.28 -5.60
C THR K 287 -10.92 -12.61 -6.22
N SER K 288 -10.59 -11.42 -5.70
CA SER K 288 -9.41 -10.64 -6.08
C SER K 288 -8.75 -10.11 -4.80
N LEU K 289 -7.47 -9.74 -4.87
CA LEU K 289 -6.75 -9.26 -3.68
C LEU K 289 -7.27 -7.90 -3.17
N ARG K 290 -7.79 -7.05 -4.07
CA ARG K 290 -8.35 -5.74 -3.73
C ARG K 290 -9.75 -5.82 -3.09
N THR K 291 -10.65 -6.66 -3.66
CA THR K 291 -12.03 -6.84 -3.20
C THR K 291 -12.16 -7.87 -2.07
N GLY K 292 -11.23 -8.83 -2.02
CA GLY K 292 -11.22 -9.91 -1.04
C GLY K 292 -11.94 -11.13 -1.59
N VAL K 293 -12.46 -11.98 -0.68
CA VAL K 293 -13.21 -13.20 -1.05
C VAL K 293 -14.59 -12.79 -1.60
N ARG K 294 -14.92 -13.30 -2.81
CA ARG K 294 -16.19 -13.02 -3.47
C ARG K 294 -16.66 -14.22 -4.31
N VAL K 295 -17.71 -14.91 -3.84
CA VAL K 295 -18.31 -16.05 -4.54
C VAL K 295 -19.75 -15.65 -4.92
N VAL K 296 -20.01 -15.51 -6.23
CA VAL K 296 -21.32 -15.09 -6.75
C VAL K 296 -22.13 -16.30 -7.26
N ILE K 297 -23.35 -16.45 -6.73
CA ILE K 297 -24.30 -17.53 -7.09
C ILE K 297 -25.55 -16.85 -7.65
N ASP K 298 -25.79 -17.01 -8.97
CA ASP K 298 -26.97 -16.41 -9.62
C ASP K 298 -28.20 -17.29 -9.50
N VAL K 299 -29.30 -16.69 -9.03
CA VAL K 299 -30.59 -17.34 -8.77
C VAL K 299 -31.58 -17.10 -9.93
N ARG K 300 -32.33 -18.15 -10.35
CA ARG K 300 -33.32 -18.08 -11.43
C ARG K 300 -34.46 -17.13 -11.06
N LYS K 301 -35.10 -16.52 -12.09
CA LYS K 301 -36.19 -15.56 -11.90
C LYS K 301 -37.37 -16.15 -11.12
N ASP K 302 -37.85 -15.40 -10.11
CA ASP K 302 -38.95 -15.72 -9.19
C ASP K 302 -38.71 -16.97 -8.30
N ALA K 303 -37.45 -17.47 -8.27
CA ALA K 303 -37.07 -18.63 -7.46
C ALA K 303 -36.60 -18.15 -6.08
N ASN K 304 -37.01 -18.86 -5.02
CA ASN K 304 -36.66 -18.50 -3.65
C ASN K 304 -35.17 -18.74 -3.34
N ALA K 305 -34.39 -17.64 -3.37
CA ALA K 305 -32.95 -17.60 -3.09
C ALA K 305 -32.62 -17.94 -1.65
N SER K 306 -33.48 -17.53 -0.68
CA SER K 306 -33.32 -17.79 0.75
C SER K 306 -33.37 -19.30 1.04
N VAL K 307 -34.18 -20.04 0.28
CA VAL K 307 -34.36 -21.49 0.40
C VAL K 307 -33.10 -22.21 -0.12
N ILE K 308 -32.61 -21.80 -1.31
CA ILE K 308 -31.40 -22.34 -1.95
C ILE K 308 -30.17 -22.18 -1.04
N LEU K 309 -30.02 -20.96 -0.46
CA LEU K 309 -28.93 -20.61 0.46
C LEU K 309 -28.92 -21.53 1.68
N ASN K 310 -30.10 -21.79 2.28
CA ASN K 310 -30.27 -22.67 3.44
C ASN K 310 -29.96 -24.12 3.09
N ASN K 311 -30.22 -24.52 1.82
CA ASN K 311 -29.93 -25.85 1.30
C ASN K 311 -28.44 -26.00 1.07
N LEU K 312 -27.78 -24.91 0.62
CA LEU K 312 -26.32 -24.86 0.37
C LEU K 312 -25.54 -25.01 1.67
N TYR K 313 -26.06 -24.48 2.79
CA TYR K 313 -25.44 -24.59 4.10
C TYR K 313 -25.45 -26.06 4.57
N LYS K 314 -26.58 -26.74 4.33
CA LYS K 314 -26.85 -28.12 4.69
C LYS K 314 -26.10 -29.14 3.84
N GLN K 315 -25.98 -28.88 2.51
CA GLN K 315 -25.38 -29.81 1.54
C GLN K 315 -23.91 -29.57 1.19
N THR K 316 -23.41 -28.31 1.24
CA THR K 316 -22.00 -28.01 0.89
C THR K 316 -21.18 -27.52 2.10
N PRO K 317 -19.82 -27.46 2.02
CA PRO K 317 -19.03 -26.94 3.15
C PRO K 317 -19.17 -25.42 3.38
N LEU K 318 -20.23 -24.79 2.82
CA LEU K 318 -20.57 -23.37 3.00
C LEU K 318 -20.89 -23.12 4.49
N GLN K 319 -21.24 -24.21 5.20
CA GLN K 319 -21.47 -24.26 6.63
C GLN K 319 -20.83 -25.55 7.13
N THR K 320 -19.69 -25.42 7.82
CA THR K 320 -18.91 -26.53 8.35
C THR K 320 -18.86 -26.43 9.86
N SER K 321 -18.68 -27.57 10.54
CA SER K 321 -18.57 -27.61 11.99
C SER K 321 -17.12 -27.74 12.40
N PHE K 322 -16.74 -27.11 13.52
CA PHE K 322 -15.40 -27.19 14.07
C PHE K 322 -15.49 -28.09 15.31
N GLY K 323 -14.98 -29.30 15.17
CA GLY K 323 -14.97 -30.30 16.22
C GLY K 323 -13.87 -30.02 17.22
N VAL K 324 -14.20 -29.31 18.31
CA VAL K 324 -13.25 -28.93 19.36
C VAL K 324 -12.87 -30.16 20.18
N ASN K 325 -11.55 -30.36 20.36
CA ASN K 325 -10.92 -31.44 21.14
C ASN K 325 -9.62 -30.84 21.69
N MET K 326 -9.74 -30.09 22.80
CA MET K 326 -8.64 -29.34 23.41
C MET K 326 -7.66 -30.23 24.18
N ILE K 327 -6.75 -30.88 23.44
CA ILE K 327 -5.69 -31.72 23.99
C ILE K 327 -4.33 -31.03 23.76
N ALA K 328 -3.64 -30.70 24.85
CA ALA K 328 -2.31 -30.09 24.82
C ALA K 328 -1.42 -30.83 25.80
N LEU K 329 -0.10 -30.72 25.59
CA LEU K 329 0.83 -31.39 26.48
C LEU K 329 1.01 -30.57 27.75
N VAL K 330 0.50 -31.11 28.88
CA VAL K 330 0.55 -30.54 30.22
C VAL K 330 1.51 -31.42 31.02
N ASN K 331 2.65 -30.85 31.46
CA ASN K 331 3.74 -31.56 32.17
C ASN K 331 4.28 -32.74 31.32
N GLY K 332 4.49 -32.46 30.03
CA GLY K 332 4.98 -33.40 29.02
C GLY K 332 4.06 -34.56 28.74
N ARG K 333 2.75 -34.40 29.03
CA ARG K 333 1.73 -35.45 28.88
C ARG K 333 0.45 -34.91 28.29
N PRO K 334 -0.26 -35.68 27.43
CA PRO K 334 -1.50 -35.17 26.85
C PRO K 334 -2.63 -35.06 27.87
N LYS K 335 -3.44 -34.00 27.76
CA LYS K 335 -4.57 -33.77 28.65
C LYS K 335 -5.68 -32.97 27.97
N LEU K 336 -6.93 -33.46 28.11
CA LEU K 336 -8.10 -32.76 27.61
C LEU K 336 -8.38 -31.65 28.63
N ILE K 337 -8.17 -30.40 28.20
CA ILE K 337 -8.30 -29.23 29.06
C ILE K 337 -9.46 -28.32 28.66
N ASN K 338 -10.05 -27.63 29.64
CA ASN K 338 -11.14 -26.68 29.41
C ASN K 338 -10.53 -25.28 29.22
N LEU K 339 -11.38 -24.25 28.98
CA LEU K 339 -10.90 -22.88 28.78
C LEU K 339 -10.10 -22.35 29.98
N LYS K 340 -10.61 -22.57 31.22
CA LYS K 340 -9.96 -22.14 32.45
C LYS K 340 -8.59 -22.80 32.61
N GLU K 341 -8.52 -24.14 32.45
CA GLU K 341 -7.29 -24.94 32.55
C GLU K 341 -6.18 -24.43 31.62
N ALA K 342 -6.54 -24.08 30.36
CA ALA K 342 -5.61 -23.56 29.35
C ALA K 342 -5.02 -22.23 29.80
N LEU K 343 -5.87 -21.32 30.33
CA LEU K 343 -5.45 -20.01 30.82
C LEU K 343 -4.66 -20.12 32.12
N VAL K 344 -5.01 -21.08 33.01
CA VAL K 344 -4.33 -21.33 34.29
C VAL K 344 -2.88 -21.74 34.05
N HIS K 345 -2.66 -22.74 33.16
CA HIS K 345 -1.34 -23.24 32.79
C HIS K 345 -0.50 -22.19 32.09
N TYR K 346 -1.15 -21.32 31.28
CA TYR K 346 -0.46 -20.23 30.60
C TYR K 346 0.00 -19.14 31.60
N LEU K 347 -0.91 -18.70 32.50
CA LEU K 347 -0.61 -17.68 33.50
C LEU K 347 0.50 -18.17 34.45
N GLU K 348 0.46 -19.46 34.83
CA GLU K 348 1.46 -20.07 35.70
C GLU K 348 2.85 -20.09 35.03
N HIS K 349 2.89 -20.26 33.69
CA HIS K 349 4.11 -20.23 32.88
C HIS K 349 4.68 -18.79 32.86
N GLN K 350 3.79 -17.78 32.75
CA GLN K 350 4.17 -16.36 32.73
C GLN K 350 4.79 -15.94 34.05
N LYS K 351 4.22 -16.42 35.19
CA LYS K 351 4.71 -16.18 36.55
C LYS K 351 6.13 -16.72 36.70
N THR K 352 6.37 -17.95 36.18
CA THR K 352 7.68 -18.62 36.21
C THR K 352 8.69 -17.88 35.33
N VAL K 353 8.29 -17.51 34.10
CA VAL K 353 9.14 -16.78 33.14
C VAL K 353 9.57 -15.42 33.72
N VAL K 354 8.63 -14.63 34.29
CA VAL K 354 8.92 -13.32 34.88
C VAL K 354 9.76 -13.47 36.17
N ARG K 355 9.47 -14.47 37.03
CA ARG K 355 10.23 -14.72 38.26
C ARG K 355 11.69 -15.06 37.94
N ARG K 356 11.90 -15.99 36.99
CA ARG K 356 13.21 -16.45 36.54
C ARG K 356 14.02 -15.32 35.90
N ARG K 357 13.34 -14.44 35.14
CA ARG K 357 13.95 -13.26 34.49
C ARG K 357 14.45 -12.30 35.57
N THR K 358 13.60 -12.01 36.59
CA THR K 358 13.90 -11.13 37.72
C THR K 358 15.09 -11.69 38.52
N GLN K 359 15.12 -13.04 38.72
CA GLN K 359 16.22 -13.74 39.42
C GLN K 359 17.51 -13.60 38.62
N TYR K 360 17.44 -13.78 37.26
CA TYR K 360 18.57 -13.64 36.34
C TYR K 360 19.11 -12.20 36.38
N ASN K 361 18.21 -11.20 36.17
CA ASN K 361 18.53 -9.78 36.15
C ASN K 361 19.17 -9.30 37.45
N LEU K 362 18.73 -9.84 38.61
CA LEU K 362 19.30 -9.51 39.92
C LEU K 362 20.75 -10.00 40.03
N ARG K 363 21.03 -11.23 39.52
N ARG K 363 21.03 -11.22 39.51
CA ARG K 363 22.37 -11.83 39.50
CA ARG K 363 22.36 -11.83 39.49
C ARG K 363 23.33 -10.96 38.67
C ARG K 363 23.31 -10.96 38.68
N LYS K 364 22.86 -10.50 37.49
CA LYS K 364 23.59 -9.64 36.56
C LYS K 364 23.87 -8.27 37.21
N ALA K 365 22.85 -7.71 37.89
CA ALA K 365 22.89 -6.41 38.56
C ALA K 365 23.85 -6.41 39.76
N LYS K 366 23.80 -7.46 40.60
CA LYS K 366 24.69 -7.63 41.74
C LYS K 366 26.14 -7.82 41.30
N ASP K 367 26.34 -8.54 40.18
CA ASP K 367 27.66 -8.78 39.58
C ASP K 367 28.25 -7.49 39.03
N ARG K 368 27.43 -6.68 38.32
CA ARG K 368 27.83 -5.40 37.73
C ARG K 368 28.15 -4.37 38.82
N ALA K 369 27.32 -4.32 39.90
CA ALA K 369 27.53 -3.42 41.04
C ALA K 369 28.85 -3.73 41.74
N HIS K 370 29.20 -5.03 41.86
CA HIS K 370 30.46 -5.50 42.44
C HIS K 370 31.64 -5.02 41.60
N ILE K 371 31.50 -5.04 40.27
CA ILE K 371 32.52 -4.56 39.33
C ILE K 371 32.67 -3.04 39.47
N LEU K 372 31.52 -2.32 39.46
CA LEU K 372 31.48 -0.85 39.60
C LEU K 372 32.09 -0.37 40.92
N GLU K 373 31.95 -1.18 41.99
CA GLU K 373 32.52 -0.90 43.32
C GLU K 373 34.06 -0.92 43.25
N GLY K 374 34.60 -1.83 42.43
CA GLY K 374 36.04 -1.94 42.20
C GLY K 374 36.58 -0.77 41.39
N LEU K 375 35.84 -0.37 40.33
CA LEU K 375 36.18 0.77 39.47
C LEU K 375 36.09 2.08 40.24
N ARG K 376 35.10 2.19 41.18
CA ARG K 376 34.92 3.36 42.04
C ARG K 376 36.10 3.52 42.99
N ILE K 377 36.60 2.41 43.57
CA ILE K 377 37.78 2.39 44.46
C ILE K 377 38.98 2.87 43.64
N ALA K 378 39.16 2.31 42.42
CA ALA K 378 40.23 2.65 41.50
C ALA K 378 40.23 4.13 41.13
N LEU K 379 39.05 4.71 40.82
CA LEU K 379 38.91 6.12 40.45
C LEU K 379 39.16 7.09 41.62
N ASP K 380 39.08 6.60 42.87
CA ASP K 380 39.35 7.43 44.05
C ASP K 380 40.85 7.41 44.37
N HIS K 381 41.55 6.32 44.01
CA HIS K 381 42.98 6.12 44.26
C HIS K 381 43.79 5.86 42.98
N ILE K 382 43.45 6.58 41.87
CA ILE K 382 44.08 6.49 40.53
C ILE K 382 45.60 6.40 40.59
N ASP K 383 46.26 7.42 41.20
CA ASP K 383 47.72 7.52 41.32
C ASP K 383 48.32 6.24 41.90
N GLU K 384 47.74 5.75 43.02
CA GLU K 384 48.14 4.55 43.73
C GLU K 384 47.89 3.29 42.90
N ILE K 385 46.73 3.22 42.21
CA ILE K 385 46.32 2.12 41.34
C ILE K 385 47.36 1.95 40.21
N ILE K 386 47.66 3.04 39.49
CA ILE K 386 48.63 3.09 38.39
C ILE K 386 50.03 2.69 38.85
N SER K 387 50.49 3.24 40.01
CA SER K 387 51.81 2.91 40.58
C SER K 387 51.94 1.41 40.89
N THR K 388 50.84 0.79 41.40
CA THR K 388 50.75 -0.63 41.73
C THR K 388 50.88 -1.48 40.45
N ILE K 389 50.25 -1.04 39.34
CA ILE K 389 50.29 -1.74 38.05
C ILE K 389 51.68 -1.62 37.39
N ARG K 390 52.26 -0.40 37.41
CA ARG K 390 53.58 -0.12 36.83
C ARG K 390 54.72 -0.89 37.49
N GLU K 391 54.71 -1.01 38.84
CA GLU K 391 55.74 -1.72 39.60
C GLU K 391 55.71 -3.24 39.38
N SER K 392 54.59 -3.76 38.84
CA SER K 392 54.37 -5.18 38.57
C SER K 392 54.98 -5.62 37.24
N ASP K 393 55.71 -6.76 37.28
CA ASP K 393 56.37 -7.35 36.11
C ASP K 393 55.38 -8.04 35.17
N THR K 394 54.39 -8.76 35.74
CA THR K 394 53.37 -9.51 35.00
C THR K 394 51.95 -9.10 35.43
N ASP K 395 50.91 -9.55 34.67
CA ASP K 395 49.51 -9.29 34.99
C ASP K 395 49.09 -10.04 36.26
N LYS K 396 49.67 -11.24 36.49
CA LYS K 396 49.44 -12.09 37.66
C LYS K 396 49.86 -11.38 38.95
N VAL K 397 51.05 -10.73 38.95
CA VAL K 397 51.57 -9.97 40.10
C VAL K 397 50.70 -8.72 40.30
N ALA K 398 50.33 -8.03 39.19
CA ALA K 398 49.47 -6.83 39.22
C ALA K 398 48.13 -7.13 39.88
N MET K 399 47.54 -8.30 39.56
CA MET K 399 46.29 -8.80 40.13
C MET K 399 46.44 -9.03 41.64
N GLU K 400 47.47 -9.78 42.03
CA GLU K 400 47.79 -10.10 43.43
C GLU K 400 48.02 -8.83 44.25
N SER K 401 48.78 -7.88 43.70
CA SER K 401 49.10 -6.60 44.35
C SER K 401 47.88 -5.71 44.54
N LEU K 402 47.00 -5.61 43.51
CA LEU K 402 45.78 -4.80 43.59
C LEU K 402 44.77 -5.37 44.59
N GLN K 403 44.64 -6.70 44.64
CA GLN K 403 43.75 -7.42 45.54
C GLN K 403 44.16 -7.25 47.01
N GLN K 404 45.47 -7.33 47.28
CA GLN K 404 46.07 -7.22 48.62
C GLN K 404 46.10 -5.79 49.15
N ARG K 405 46.51 -4.82 48.30
CA ARG K 405 46.62 -3.42 48.70
C ARG K 405 45.30 -2.66 48.77
N PHE K 406 44.32 -2.96 47.89
CA PHE K 406 43.05 -2.23 47.87
C PHE K 406 41.83 -3.05 48.29
N LYS K 407 42.07 -4.21 48.94
CA LYS K 407 41.04 -5.14 49.44
C LYS K 407 39.97 -5.47 48.38
N LEU K 408 40.44 -5.79 47.15
CA LEU K 408 39.61 -6.13 45.98
C LEU K 408 39.55 -7.63 45.75
N SER K 409 38.50 -8.07 45.03
CA SER K 409 38.30 -9.47 44.65
C SER K 409 39.07 -9.74 43.34
N GLU K 410 39.10 -11.00 42.89
CA GLU K 410 39.75 -11.40 41.64
C GLU K 410 39.07 -10.70 40.45
N LYS K 411 37.72 -10.67 40.46
CA LYS K 411 36.87 -10.06 39.43
C LYS K 411 37.05 -8.55 39.35
N GLN K 412 37.17 -7.87 40.52
CA GLN K 412 37.35 -6.43 40.62
C GLN K 412 38.71 -5.99 40.07
N ALA K 413 39.81 -6.66 40.48
CA ALA K 413 41.18 -6.40 40.02
C ALA K 413 41.35 -6.62 38.51
N GLN K 414 40.64 -7.63 37.97
CA GLN K 414 40.67 -7.95 36.54
C GLN K 414 39.96 -6.86 35.73
N ALA K 415 38.88 -6.28 36.29
CA ALA K 415 38.10 -5.21 35.67
C ALA K 415 38.91 -3.90 35.59
N ILE K 416 39.75 -3.64 36.60
CA ILE K 416 40.62 -2.46 36.71
C ILE K 416 41.74 -2.54 35.67
N LEU K 417 42.33 -3.72 35.49
CA LEU K 417 43.39 -3.94 34.49
C LEU K 417 42.85 -3.87 33.06
N ASP K 418 41.57 -4.26 32.87
CA ASP K 418 40.88 -4.22 31.57
C ASP K 418 40.26 -2.84 31.30
N MET K 419 40.39 -1.90 32.27
CA MET K 419 39.85 -0.55 32.15
C MET K 419 40.68 0.29 31.20
N ARG K 420 40.02 0.91 30.22
CA ARG K 420 40.68 1.76 29.22
C ARG K 420 41.01 3.13 29.79
N LEU K 421 42.08 3.76 29.28
CA LEU K 421 42.54 5.08 29.74
C LEU K 421 41.52 6.19 29.58
N ARG K 422 40.65 6.09 28.56
CA ARG K 422 39.59 7.09 28.29
C ARG K 422 38.55 7.16 29.41
N ARG K 423 38.44 6.10 30.23
CA ARG K 423 37.51 6.05 31.35
C ARG K 423 37.96 6.93 32.55
N LEU K 424 39.13 7.61 32.42
CA LEU K 424 39.72 8.54 33.38
C LEU K 424 39.33 10.01 33.11
N THR K 425 38.62 10.28 31.99
CA THR K 425 38.14 11.63 31.65
C THR K 425 36.97 12.03 32.57
N GLY K 426 36.67 13.34 32.61
CA GLY K 426 35.61 13.93 33.44
C GLY K 426 34.27 13.24 33.37
N LEU K 427 33.68 13.16 32.16
CA LEU K 427 32.37 12.53 31.93
C LEU K 427 32.36 11.04 32.21
N GLU K 428 33.44 10.33 31.85
CA GLU K 428 33.57 8.89 32.03
C GLU K 428 33.62 8.44 33.50
N ARG K 429 34.12 9.31 34.40
CA ARG K 429 34.17 9.05 35.83
C ARG K 429 32.77 9.23 36.40
N ASP K 430 32.05 10.29 35.95
CA ASP K 430 30.67 10.61 36.35
C ASP K 430 29.68 9.54 35.85
N LYS K 431 29.94 8.97 34.65
CA LYS K 431 29.15 7.90 34.03
C LYS K 431 29.17 6.63 34.85
N ILE K 432 30.35 6.27 35.42
CA ILE K 432 30.53 5.09 36.28
C ILE K 432 29.71 5.25 37.58
N GLU K 433 29.75 6.46 38.17
CA GLU K 433 29.00 6.79 39.39
C GLU K 433 27.49 6.80 39.15
N ALA K 434 27.03 7.39 38.03
CA ALA K 434 25.62 7.47 37.65
C ALA K 434 25.02 6.09 37.41
N GLU K 435 25.79 5.19 36.74
CA GLU K 435 25.39 3.81 36.45
C GLU K 435 25.20 3.04 37.75
N TYR K 436 26.15 3.17 38.69
CA TYR K 436 26.13 2.51 40.00
C TYR K 436 24.93 2.93 40.86
N ASN K 437 24.59 4.23 40.86
CA ASN K 437 23.47 4.74 41.64
C ASN K 437 22.13 4.21 41.11
N GLU K 438 21.96 4.22 39.76
CA GLU K 438 20.75 3.70 39.13
C GLU K 438 20.63 2.18 39.29
N LEU K 439 21.78 1.48 39.34
CA LEU K 439 21.85 0.03 39.52
C LEU K 439 21.42 -0.39 40.92
N LEU K 440 21.73 0.43 41.95
CA LEU K 440 21.33 0.17 43.34
C LEU K 440 19.82 0.22 43.45
N ASN K 441 19.19 1.20 42.76
CA ASN K 441 17.75 1.40 42.70
C ASN K 441 17.10 0.28 41.90
N TYR K 442 17.79 -0.25 40.88
CA TYR K 442 17.34 -1.37 40.05
C TYR K 442 17.32 -2.67 40.86
N ILE K 443 18.39 -2.91 41.67
CA ILE K 443 18.51 -4.09 42.56
C ILE K 443 17.32 -4.10 43.55
N SER K 444 17.02 -2.91 44.12
CA SER K 444 15.91 -2.67 45.05
C SER K 444 14.56 -3.04 44.43
N GLU K 445 14.33 -2.61 43.16
CA GLU K 445 13.11 -2.87 42.41
C GLU K 445 12.92 -4.37 42.16
N LEU K 446 14.00 -5.08 41.74
CA LEU K 446 13.99 -6.52 41.48
C LEU K 446 13.77 -7.33 42.76
N GLU K 447 14.32 -6.83 43.89
CA GLU K 447 14.18 -7.46 45.21
C GLU K 447 12.75 -7.33 45.75
N THR K 448 12.04 -6.25 45.36
CA THR K 448 10.64 -5.98 45.71
C THR K 448 9.74 -6.99 44.98
N ILE K 449 10.04 -7.28 43.70
CA ILE K 449 9.31 -8.22 42.86
C ILE K 449 9.45 -9.65 43.42
N LEU K 450 10.68 -10.06 43.77
CA LEU K 450 10.96 -11.38 44.31
C LEU K 450 10.41 -11.62 45.71
N ALA K 451 10.34 -10.57 46.55
CA ALA K 451 9.83 -10.67 47.92
C ALA K 451 8.31 -10.82 48.01
N ASP K 452 7.55 -10.05 47.19
CA ASP K 452 6.09 -10.07 47.19
C ASP K 452 5.51 -10.67 45.91
N GLU K 453 4.60 -11.66 46.05
CA GLU K 453 3.92 -12.35 44.94
C GLU K 453 2.99 -11.42 44.17
N GLU K 454 2.37 -10.43 44.85
CA GLU K 454 1.44 -9.47 44.24
C GLU K 454 2.17 -8.50 43.32
N VAL K 455 3.38 -8.05 43.73
CA VAL K 455 4.24 -7.15 42.95
C VAL K 455 4.66 -7.85 41.65
N LEU K 456 4.98 -9.16 41.75
CA LEU K 456 5.34 -10.02 40.63
C LEU K 456 4.14 -10.17 39.68
N LEU K 457 2.97 -10.52 40.24
CA LEU K 457 1.71 -10.71 39.52
C LEU K 457 1.30 -9.44 38.77
N GLN K 458 1.54 -8.26 39.38
CA GLN K 458 1.23 -6.97 38.76
C GLN K 458 2.14 -6.71 37.57
N LEU K 459 3.43 -7.10 37.65
CA LEU K 459 4.39 -6.95 36.56
C LEU K 459 3.96 -7.83 35.38
N VAL K 460 3.48 -9.06 35.66
CA VAL K 460 2.97 -10.01 34.66
C VAL K 460 1.77 -9.36 33.97
N ARG K 461 0.84 -8.78 34.76
CA ARG K 461 -0.37 -8.09 34.31
C ARG K 461 -0.03 -6.90 33.41
N ASP K 462 0.91 -6.03 33.85
CA ASP K 462 1.36 -4.84 33.13
C ASP K 462 1.97 -5.20 31.79
N GLU K 463 2.81 -6.24 31.77
CA GLU K 463 3.47 -6.72 30.56
C GLU K 463 2.48 -7.30 29.57
N LEU K 464 1.42 -7.99 30.07
CA LEU K 464 0.35 -8.56 29.23
C LEU K 464 -0.52 -7.47 28.62
N THR K 465 -0.83 -6.41 29.39
CA THR K 465 -1.61 -5.25 28.94
C THR K 465 -0.85 -4.54 27.80
N GLU K 466 0.50 -4.47 27.92
CA GLU K 466 1.39 -3.87 26.93
C GLU K 466 1.34 -4.63 25.59
N ILE K 467 1.21 -5.97 25.64
CA ILE K 467 1.08 -6.84 24.47
C ILE K 467 -0.29 -6.60 23.83
N ARG K 468 -1.34 -6.51 24.67
CA ARG K 468 -2.73 -6.30 24.28
C ARG K 468 -2.93 -4.96 23.55
N ASP K 469 -2.24 -3.90 24.03
CA ASP K 469 -2.34 -2.57 23.44
C ASP K 469 -1.53 -2.40 22.15
N ARG K 470 -0.54 -3.29 21.92
CA ARG K 470 0.34 -3.24 20.76
C ARG K 470 -0.06 -4.23 19.65
N PHE K 471 -0.43 -5.46 20.03
CA PHE K 471 -0.78 -6.54 19.10
C PHE K 471 -2.26 -6.92 19.08
N GLY K 472 -3.06 -6.32 19.94
CA GLY K 472 -4.49 -6.58 20.00
C GLY K 472 -5.21 -5.99 18.81
N ASP K 473 -6.22 -6.73 18.29
CA ASP K 473 -7.01 -6.32 17.15
C ASP K 473 -8.51 -6.62 17.32
N ASP K 474 -9.36 -6.05 16.43
CA ASP K 474 -10.81 -6.25 16.43
C ASP K 474 -11.18 -7.70 16.12
N ARG K 475 -12.36 -8.12 16.60
CA ARG K 475 -12.93 -9.46 16.37
C ARG K 475 -13.30 -9.58 14.89
N ARG K 476 -12.97 -10.72 14.27
CA ARG K 476 -13.26 -11.00 12.85
C ARG K 476 -14.53 -11.84 12.67
N THR K 477 -14.70 -12.90 13.49
CA THR K 477 -15.84 -13.82 13.42
C THR K 477 -17.01 -13.33 14.26
N GLU K 478 -18.19 -13.10 13.62
CA GLU K 478 -19.40 -12.66 14.29
C GLU K 478 -20.11 -13.87 14.92
N ILE K 479 -20.38 -13.81 16.23
CA ILE K 479 -21.09 -14.88 16.93
C ILE K 479 -22.57 -14.49 17.00
N GLN K 480 -23.41 -15.19 16.21
CA GLN K 480 -24.85 -14.95 16.16
C GLN K 480 -25.55 -15.74 17.27
N LEU K 481 -26.44 -15.06 18.00
CA LEU K 481 -27.18 -15.61 19.13
C LEU K 481 -28.50 -16.24 18.67
N LYS L 1 11.38 -53.10 -8.74
CA LYS L 1 12.01 -52.43 -7.62
C LYS L 1 12.92 -53.35 -6.80
N LEU L 2 12.61 -54.66 -6.78
CA LEU L 2 13.38 -55.68 -6.08
C LEU L 2 14.70 -55.98 -6.78
N ALA L 3 15.81 -55.93 -6.02
CA ALA L 3 17.14 -56.26 -6.49
C ALA L 3 17.46 -57.66 -5.96
N ASP L 4 17.15 -58.68 -6.78
CA ASP L 4 17.31 -60.08 -6.43
C ASP L 4 18.75 -60.59 -6.47
N CYS L 5 19.01 -61.69 -5.75
CA CYS L 5 20.31 -62.38 -5.67
C CYS L 5 20.46 -63.42 -6.79
N SER L 6 21.72 -63.82 -7.10
CA SER L 6 22.05 -64.79 -8.15
C SER L 6 21.56 -66.22 -7.86
N SER L 7 21.76 -66.72 -6.62
CA SER L 7 21.37 -68.08 -6.22
C SER L 7 19.86 -68.28 -6.23
N LYS L 8 19.43 -69.50 -6.62
CA LYS L 8 18.01 -69.86 -6.69
C LYS L 8 17.63 -70.90 -5.62
N SER L 9 18.56 -71.19 -4.69
CA SER L 9 18.36 -72.11 -3.57
C SER L 9 17.74 -71.29 -2.41
N PRO L 10 16.42 -71.45 -2.09
CA PRO L 10 15.81 -70.63 -1.05
C PRO L 10 16.37 -70.78 0.36
N GLU L 11 16.84 -71.99 0.73
CA GLU L 11 17.39 -72.29 2.06
C GLU L 11 18.59 -71.41 2.44
N GLU L 12 19.45 -71.09 1.45
CA GLU L 12 20.63 -70.25 1.59
C GLU L 12 20.27 -68.78 1.44
N CYS L 13 19.33 -68.50 0.51
CA CYS L 13 18.89 -67.15 0.14
C CYS L 13 18.12 -66.42 1.24
N GLU L 14 18.22 -65.09 1.23
CA GLU L 14 17.58 -64.19 2.19
C GLU L 14 17.21 -62.83 1.59
N ILE L 15 16.07 -62.27 2.00
CA ILE L 15 15.57 -60.97 1.53
C ILE L 15 15.60 -59.92 2.67
N PHE L 16 16.03 -58.70 2.34
CA PHE L 16 16.12 -57.58 3.28
C PHE L 16 15.15 -56.48 2.86
N LEU L 17 14.14 -56.23 3.70
CA LEU L 17 13.15 -55.17 3.46
C LEU L 17 13.69 -53.90 4.10
N VAL L 18 14.30 -53.05 3.28
CA VAL L 18 14.95 -51.82 3.73
C VAL L 18 14.02 -50.61 3.67
N GLU L 19 14.19 -49.70 4.63
CA GLU L 19 13.43 -48.46 4.75
C GLU L 19 14.03 -47.36 3.86
N GLY L 20 13.40 -47.13 2.71
CA GLY L 20 13.83 -46.10 1.76
C GLY L 20 14.72 -46.58 0.63
N ASP L 21 14.87 -45.72 -0.38
CA ASP L 21 15.69 -45.99 -1.57
C ASP L 21 17.18 -45.70 -1.37
N SER L 22 17.53 -44.65 -0.59
CA SER L 22 18.95 -44.31 -0.32
C SER L 22 19.60 -45.44 0.47
N ALA L 23 18.88 -45.95 1.48
CA ALA L 23 19.31 -47.08 2.30
C ALA L 23 19.37 -48.31 1.39
N GLY L 24 18.35 -48.46 0.53
CA GLY L 24 18.24 -49.53 -0.46
C GLY L 24 19.41 -49.63 -1.41
N GLY L 25 19.88 -48.46 -1.87
CA GLY L 25 21.04 -48.34 -2.76
C GLY L 25 22.33 -48.71 -2.07
N SER L 26 22.44 -48.38 -0.76
CA SER L 26 23.59 -48.69 0.08
C SER L 26 23.62 -50.20 0.39
N THR L 27 22.43 -50.78 0.70
CA THR L 27 22.26 -52.20 1.02
C THR L 27 22.57 -53.07 -0.20
N LYS L 28 22.14 -52.66 -1.40
CA LYS L 28 22.37 -53.38 -2.66
C LYS L 28 23.84 -53.38 -3.12
N SER L 29 24.66 -52.47 -2.55
CA SER L 29 26.09 -52.34 -2.84
C SER L 29 26.94 -53.11 -1.83
N GLY L 30 26.55 -53.07 -0.55
CA GLY L 30 27.25 -53.75 0.54
C GLY L 30 26.94 -55.23 0.70
N ARG L 31 25.78 -55.67 0.20
CA ARG L 31 25.27 -57.05 0.26
C ARG L 31 26.17 -58.10 -0.42
N ASP L 32 25.83 -59.38 -0.19
CA ASP L 32 26.43 -60.53 -0.84
C ASP L 32 25.46 -60.81 -1.98
N SER L 33 25.82 -60.36 -3.20
CA SER L 33 25.01 -60.49 -4.43
C SER L 33 24.54 -61.92 -4.75
N ARG L 34 25.18 -62.94 -4.14
CA ARG L 34 24.86 -64.34 -4.33
C ARG L 34 23.69 -64.83 -3.46
N THR L 35 23.71 -64.51 -2.15
CA THR L 35 22.68 -64.97 -1.20
C THR L 35 21.70 -63.90 -0.70
N GLN L 36 22.00 -62.61 -0.89
CA GLN L 36 21.13 -61.54 -0.36
C GLN L 36 20.38 -60.75 -1.42
N ALA L 37 19.05 -60.56 -1.21
CA ALA L 37 18.15 -59.78 -2.05
C ALA L 37 17.63 -58.57 -1.28
N ILE L 38 17.36 -57.45 -1.98
CA ILE L 38 16.91 -56.19 -1.36
C ILE L 38 15.59 -55.70 -1.92
N LEU L 39 14.63 -55.37 -1.05
CA LEU L 39 13.35 -54.78 -1.43
C LEU L 39 13.16 -53.46 -0.68
N PRO L 40 13.33 -52.31 -1.37
CA PRO L 40 13.16 -51.01 -0.68
C PRO L 40 11.70 -50.64 -0.50
N LEU L 41 11.35 -50.15 0.69
CA LEU L 41 9.98 -49.75 1.02
C LEU L 41 9.94 -48.24 1.13
N ARG L 42 9.15 -47.62 0.23
CA ARG L 42 8.99 -46.17 0.15
CA ARG L 42 9.00 -46.16 0.16
C ARG L 42 8.09 -45.64 1.27
N GLY L 43 8.74 -45.28 2.39
CA GLY L 43 8.09 -44.73 3.57
C GLY L 43 7.18 -45.70 4.31
N LYS L 44 6.09 -45.15 4.87
CA LYS L 44 5.08 -45.89 5.64
C LYS L 44 4.26 -46.78 4.71
N ILE L 45 4.09 -48.06 5.08
CA ILE L 45 3.31 -49.00 4.29
C ILE L 45 1.89 -49.13 4.85
N LEU L 46 0.94 -49.50 3.98
CA LEU L 46 -0.48 -49.67 4.28
C LEU L 46 -0.76 -50.60 5.47
N ASN L 47 -1.65 -50.16 6.40
CA ASN L 47 -2.07 -50.96 7.55
C ASN L 47 -3.22 -51.85 7.07
N VAL L 48 -2.93 -53.16 6.89
CA VAL L 48 -3.89 -54.18 6.43
C VAL L 48 -5.06 -54.40 7.41
N GLU L 49 -4.84 -54.11 8.71
CA GLU L 49 -5.84 -54.26 9.76
C GLU L 49 -7.00 -53.28 9.56
N LYS L 50 -6.70 -52.06 9.06
CA LYS L 50 -7.68 -50.99 8.81
C LYS L 50 -8.25 -51.00 7.38
N ALA L 51 -7.64 -51.77 6.46
CA ALA L 51 -8.05 -51.82 5.05
C ALA L 51 -8.79 -53.09 4.64
N ARG L 52 -9.65 -53.00 3.60
CA ARG L 52 -10.38 -54.15 3.04
C ARG L 52 -9.53 -54.77 1.91
N LEU L 53 -9.74 -56.07 1.64
CA LEU L 53 -9.01 -56.89 0.66
C LEU L 53 -8.77 -56.21 -0.70
N ASP L 54 -9.76 -55.48 -1.24
CA ASP L 54 -9.65 -54.78 -2.53
C ASP L 54 -8.57 -53.69 -2.51
N ARG L 55 -8.39 -53.01 -1.37
CA ARG L 55 -7.35 -51.97 -1.22
C ARG L 55 -5.98 -52.63 -1.05
N ILE L 56 -5.90 -53.68 -0.20
CA ILE L 56 -4.68 -54.46 0.09
C ILE L 56 -4.08 -55.02 -1.21
N LEU L 57 -4.92 -55.69 -2.02
CA LEU L 57 -4.51 -56.30 -3.28
C LEU L 57 -4.15 -55.30 -4.38
N ASN L 58 -4.70 -54.07 -4.32
CA ASN L 58 -4.40 -53.03 -5.31
C ASN L 58 -3.24 -52.11 -4.85
N ASN L 59 -2.72 -52.33 -3.63
CA ASN L 59 -1.59 -51.57 -3.09
C ASN L 59 -0.29 -52.04 -3.75
N ASN L 60 0.48 -51.09 -4.30
CA ASN L 60 1.74 -51.32 -5.00
C ASN L 60 2.82 -51.99 -4.13
N GLU L 61 3.03 -51.49 -2.90
CA GLU L 61 4.03 -52.01 -1.97
C GLU L 61 3.69 -53.41 -1.44
N ILE L 62 2.39 -53.68 -1.18
CA ILE L 62 1.89 -54.99 -0.73
C ILE L 62 2.09 -56.02 -1.85
N ARG L 63 1.73 -55.66 -3.11
CA ARG L 63 1.87 -56.52 -4.29
C ARG L 63 3.33 -56.90 -4.58
N GLN L 64 4.25 -55.93 -4.42
CA GLN L 64 5.70 -56.13 -4.62
C GLN L 64 6.28 -57.17 -3.68
N MET L 65 5.81 -57.21 -2.41
CA MET L 65 6.25 -58.17 -1.39
C MET L 65 5.78 -59.59 -1.73
N ILE L 66 4.50 -59.75 -2.10
CA ILE L 66 3.88 -61.03 -2.48
C ILE L 66 4.64 -61.64 -3.67
N THR L 67 4.94 -60.80 -4.70
CA THR L 67 5.68 -61.17 -5.90
C THR L 67 7.11 -61.61 -5.55
N ALA L 68 7.77 -60.88 -4.62
CA ALA L 68 9.14 -61.16 -4.16
C ALA L 68 9.23 -62.50 -3.43
N PHE L 69 8.28 -62.79 -2.51
CA PHE L 69 8.26 -64.04 -1.76
C PHE L 69 7.74 -65.21 -2.59
N GLY L 70 6.82 -64.92 -3.51
CA GLY L 70 6.20 -65.89 -4.43
C GLY L 70 5.50 -67.05 -3.75
N THR L 71 4.87 -66.78 -2.61
CA THR L 71 4.16 -67.78 -1.78
C THR L 71 2.65 -67.70 -1.94
N GLY L 72 2.14 -66.51 -2.24
CA GLY L 72 0.71 -66.24 -2.31
C GLY L 72 0.24 -65.75 -0.95
N ILE L 73 -1.07 -65.48 -0.80
CA ILE L 73 -1.62 -65.00 0.47
C ILE L 73 -2.91 -65.74 0.86
N GLY L 74 -3.18 -65.77 2.18
CA GLY L 74 -4.36 -66.39 2.76
C GLY L 74 -4.40 -67.90 2.65
N GLY L 75 -5.48 -68.41 2.05
CA GLY L 75 -5.68 -69.84 1.85
C GLY L 75 -4.84 -70.43 0.73
N ASP L 76 -4.40 -69.57 -0.21
CA ASP L 76 -3.58 -69.96 -1.36
C ASP L 76 -2.07 -69.87 -1.07
N PHE L 77 -1.70 -69.67 0.21
CA PHE L 77 -0.32 -69.56 0.69
C PHE L 77 0.35 -70.94 0.68
N ASP L 78 1.57 -71.02 0.11
CA ASP L 78 2.35 -72.25 0.06
C ASP L 78 3.79 -72.00 0.48
N LEU L 79 4.19 -72.59 1.63
CA LEU L 79 5.53 -72.48 2.23
C LEU L 79 6.62 -73.09 1.33
N ALA L 80 6.26 -74.11 0.52
CA ALA L 80 7.16 -74.79 -0.41
C ALA L 80 7.54 -73.88 -1.59
N LYS L 81 6.67 -72.90 -1.91
CA LYS L 81 6.85 -71.95 -3.00
C LYS L 81 7.68 -70.71 -2.59
N ALA L 82 8.17 -70.68 -1.33
CA ALA L 82 8.99 -69.58 -0.80
C ALA L 82 10.32 -69.44 -1.51
N ARG L 83 10.64 -68.20 -1.92
CA ARG L 83 11.88 -67.87 -2.62
C ARG L 83 13.04 -67.63 -1.66
N TYR L 84 12.74 -67.25 -0.40
CA TYR L 84 13.72 -66.95 0.64
C TYR L 84 13.29 -67.58 1.96
N HIS L 85 14.26 -68.18 2.67
CA HIS L 85 14.01 -68.79 3.98
C HIS L 85 14.19 -67.78 5.12
N LYS L 86 14.71 -66.58 4.79
CA LYS L 86 14.95 -65.50 5.74
C LYS L 86 14.45 -64.16 5.19
N ILE L 87 13.37 -63.62 5.78
CA ILE L 87 12.74 -62.34 5.44
C ILE L 87 13.12 -61.39 6.57
N VAL L 88 14.13 -60.55 6.35
CA VAL L 88 14.65 -59.67 7.39
C VAL L 88 14.15 -58.22 7.26
N ILE L 89 13.46 -57.74 8.32
CA ILE L 89 12.94 -56.38 8.41
C ILE L 89 14.11 -55.48 8.86
N MET L 90 14.56 -54.60 7.96
CA MET L 90 15.68 -53.68 8.18
C MET L 90 15.21 -52.21 8.11
N THR L 91 14.76 -51.69 9.26
CA THR L 91 14.27 -50.31 9.39
C THR L 91 15.23 -49.47 10.23
N ASP L 92 15.08 -48.13 10.16
CA ASP L 92 15.89 -47.17 10.91
C ASP L 92 15.72 -47.37 12.42
N ALA L 93 16.78 -47.08 13.20
CA ALA L 93 16.80 -47.21 14.66
C ALA L 93 15.91 -46.17 15.39
N ASP L 94 15.09 -45.41 14.64
CA ASP L 94 14.17 -44.39 15.15
C ASP L 94 12.76 -44.93 15.42
N VAL L 95 11.87 -44.07 15.91
CA VAL L 95 10.46 -44.36 16.26
C VAL L 95 9.62 -44.70 15.03
N ASP L 96 9.89 -44.04 13.88
CA ASP L 96 9.18 -44.29 12.62
C ASP L 96 9.55 -45.64 12.02
N GLY L 97 10.80 -46.06 12.26
CA GLY L 97 11.32 -47.36 11.84
C GLY L 97 10.58 -48.48 12.53
N ALA L 98 10.30 -48.29 13.84
CA ALA L 98 9.54 -49.21 14.68
C ALA L 98 8.09 -49.32 14.19
N HIS L 99 7.52 -48.20 13.68
CA HIS L 99 6.17 -48.12 13.13
C HIS L 99 6.07 -48.91 11.84
N ILE L 100 7.04 -48.74 10.90
CA ILE L 100 7.08 -49.47 9.63
C ILE L 100 7.19 -50.97 9.93
N ARG L 101 7.99 -51.31 10.96
CA ARG L 101 8.20 -52.67 11.45
C ARG L 101 6.87 -53.27 11.94
N THR L 102 6.05 -52.48 12.69
CA THR L 102 4.73 -52.96 13.16
C THR L 102 3.80 -53.21 11.98
N LEU L 103 3.77 -52.27 11.02
CA LEU L 103 2.95 -52.35 9.80
C LEU L 103 3.28 -53.58 8.97
N LEU L 104 4.59 -53.94 8.87
CA LEU L 104 5.05 -55.13 8.15
C LEU L 104 4.64 -56.40 8.87
N LEU L 105 4.83 -56.45 10.20
CA LEU L 105 4.45 -57.59 11.04
C LEU L 105 2.92 -57.81 11.03
N THR L 106 2.15 -56.71 10.85
CA THR L 106 0.68 -56.75 10.74
C THR L 106 0.29 -57.44 9.44
N PHE L 107 1.02 -57.16 8.34
CA PHE L 107 0.78 -57.78 7.04
C PHE L 107 1.18 -59.26 7.07
N PHE L 108 2.33 -59.57 7.68
CA PHE L 108 2.85 -60.93 7.80
C PHE L 108 1.99 -61.82 8.69
N TYR L 109 1.39 -61.28 9.75
CA TYR L 109 0.56 -62.07 10.65
C TYR L 109 -0.81 -62.40 10.08
N ARG L 110 -1.42 -61.44 9.36
CA ARG L 110 -2.76 -61.58 8.78
C ARG L 110 -2.81 -62.26 7.40
N PHE L 111 -1.70 -62.24 6.63
CA PHE L 111 -1.69 -62.82 5.29
C PHE L 111 -0.66 -63.94 5.06
N MET L 112 0.44 -63.94 5.84
CA MET L 112 1.50 -64.95 5.71
C MET L 112 1.83 -65.54 7.09
N ARG L 113 0.80 -65.94 7.86
CA ARG L 113 0.98 -66.48 9.22
C ARG L 113 1.92 -67.72 9.27
N PRO L 114 1.83 -68.75 8.37
CA PRO L 114 2.77 -69.87 8.48
C PRO L 114 4.23 -69.52 8.20
N LEU L 115 4.48 -68.32 7.60
CA LEU L 115 5.82 -67.81 7.30
C LEU L 115 6.52 -67.40 8.61
N ILE L 116 5.74 -66.92 9.60
CA ILE L 116 6.25 -66.55 10.92
C ILE L 116 6.46 -67.84 11.74
N GLU L 117 5.47 -68.76 11.68
CA GLU L 117 5.45 -70.07 12.36
C GLU L 117 6.67 -70.92 12.02
N ALA L 118 7.13 -70.84 10.75
CA ALA L 118 8.29 -71.56 10.24
C ALA L 118 9.62 -70.87 10.64
N GLY L 119 9.52 -69.69 11.27
CA GLY L 119 10.66 -68.90 11.72
C GLY L 119 11.45 -68.28 10.59
N TYR L 120 10.74 -67.83 9.54
CA TYR L 120 11.31 -67.22 8.34
C TYR L 120 11.42 -65.69 8.46
N VAL L 121 10.61 -65.06 9.31
CA VAL L 121 10.62 -63.60 9.51
C VAL L 121 11.61 -63.24 10.62
N TYR L 122 12.56 -62.33 10.31
CA TYR L 122 13.59 -61.85 11.22
C TYR L 122 13.60 -60.32 11.30
N ILE L 123 14.22 -59.77 12.37
CA ILE L 123 14.39 -58.34 12.59
C ILE L 123 15.88 -58.04 12.66
N ALA L 124 16.36 -57.14 11.77
CA ALA L 124 17.75 -56.71 11.73
C ALA L 124 18.02 -55.79 12.93
N GLN L 125 19.25 -55.82 13.45
CA GLN L 125 19.62 -54.98 14.58
C GLN L 125 20.74 -54.00 14.19
N PRO L 126 20.40 -52.84 13.55
CA PRO L 126 21.46 -51.88 13.19
C PRO L 126 21.91 -51.06 14.41
N PRO L 127 23.16 -50.52 14.45
CA PRO L 127 23.58 -49.76 15.64
C PRO L 127 22.62 -48.61 15.97
N THR L 128 21.96 -48.71 17.16
CA THR L 128 20.93 -47.78 17.64
C THR L 128 21.45 -46.36 17.82
N GLY L 129 22.73 -46.23 18.19
CA GLY L 129 23.38 -44.93 18.38
C GLY L 129 23.56 -44.18 17.08
N TYR L 130 24.58 -44.59 16.29
CA TYR L 130 24.90 -43.98 15.01
C TYR L 130 24.15 -44.67 13.85
N LYS L 131 23.23 -43.96 13.12
CA LYS L 131 22.81 -42.56 13.28
C LYS L 131 21.41 -42.34 12.69
N GLY L 132 20.97 -43.31 11.88
CA GLY L 132 19.72 -43.33 11.15
C GLY L 132 20.02 -43.85 9.76
N LEU L 133 19.83 -45.18 9.55
CA LEU L 133 20.11 -46.06 8.41
C LEU L 133 20.43 -45.41 7.04
N GLY L 134 19.67 -44.39 6.63
CA GLY L 134 19.90 -43.69 5.36
C GLY L 134 21.28 -43.06 5.26
N GLU L 135 21.81 -42.61 6.42
CA GLU L 135 23.12 -41.98 6.63
C GLU L 135 24.26 -43.01 6.78
N MET L 136 23.95 -44.31 6.92
CA MET L 136 24.95 -45.37 7.07
C MET L 136 25.69 -45.65 5.76
N ASN L 137 26.99 -45.98 5.88
CA ASN L 137 27.91 -46.30 4.78
C ASN L 137 27.65 -47.73 4.27
N ALA L 138 27.79 -47.97 2.93
CA ALA L 138 27.55 -49.29 2.31
C ALA L 138 28.40 -50.43 2.88
N ASP L 139 29.69 -50.16 3.22
CA ASP L 139 30.60 -51.19 3.77
C ASP L 139 30.34 -51.49 5.25
N GLN L 140 30.09 -50.46 6.07
CA GLN L 140 29.82 -50.59 7.51
C GLN L 140 28.49 -51.30 7.78
N LEU L 141 27.48 -51.01 6.92
CA LEU L 141 26.13 -51.57 6.97
C LEU L 141 26.15 -53.09 6.77
N TRP L 142 27.11 -53.58 5.96
CA TRP L 142 27.32 -55.00 5.71
C TRP L 142 27.97 -55.66 6.93
N GLU L 143 29.04 -55.06 7.49
CA GLU L 143 29.77 -55.63 8.63
C GLU L 143 29.02 -55.55 9.97
N THR L 144 28.01 -54.67 10.10
CA THR L 144 27.23 -54.56 11.34
C THR L 144 25.87 -55.25 11.31
N THR L 145 25.16 -55.19 10.17
CA THR L 145 23.79 -55.71 10.06
C THR L 145 23.55 -56.80 8.98
N MET L 146 24.51 -57.06 8.07
CA MET L 146 24.25 -58.04 7.00
C MET L 146 25.12 -59.31 7.01
N ASN L 147 26.40 -59.21 7.40
CA ASN L 147 27.34 -60.35 7.41
C ASN L 147 26.91 -61.44 8.41
N PRO L 148 26.60 -62.68 7.92
CA PRO L 148 26.13 -63.75 8.83
C PRO L 148 26.99 -64.07 10.07
N GLU L 149 28.30 -63.84 9.99
CA GLU L 149 29.23 -64.12 11.09
C GLU L 149 29.21 -63.06 12.20
N HIS L 150 29.01 -61.76 11.82
CA HIS L 150 29.02 -60.63 12.76
C HIS L 150 27.63 -60.10 13.16
N ARG L 151 26.60 -60.27 12.30
CA ARG L 151 25.24 -59.74 12.51
C ARG L 151 24.47 -60.36 13.68
N ALA L 152 23.42 -59.67 14.15
CA ALA L 152 22.54 -60.12 15.23
C ALA L 152 21.07 -59.99 14.79
N LEU L 153 20.51 -61.09 14.27
CA LEU L 153 19.11 -61.11 13.81
C LEU L 153 18.19 -61.63 14.90
N LEU L 154 16.98 -61.07 14.98
CA LEU L 154 16.00 -61.49 15.98
C LEU L 154 14.90 -62.34 15.32
N GLN L 155 14.84 -63.63 15.68
CA GLN L 155 13.84 -64.55 15.13
C GLN L 155 12.47 -64.24 15.72
N VAL L 156 11.51 -63.89 14.84
CA VAL L 156 10.15 -63.56 15.25
C VAL L 156 9.42 -64.88 15.53
N LYS L 157 9.11 -65.13 16.82
CA LYS L 157 8.47 -66.36 17.27
C LYS L 157 7.07 -66.11 17.80
N LEU L 158 6.13 -66.98 17.41
CA LEU L 158 4.74 -66.94 17.83
C LEU L 158 4.52 -67.95 18.95
N GLU L 159 4.43 -67.46 20.19
CA GLU L 159 4.25 -68.28 21.39
C GLU L 159 2.76 -68.57 21.65
N ASP L 160 1.92 -67.52 21.61
CA ASP L 160 0.47 -67.62 21.80
C ASP L 160 -0.24 -66.94 20.62
N ALA L 161 -1.07 -67.71 19.89
CA ALA L 161 -1.82 -67.24 18.73
C ALA L 161 -3.04 -66.41 19.13
N ILE L 162 -3.74 -66.82 20.20
CA ILE L 162 -4.95 -66.15 20.72
C ILE L 162 -4.60 -64.76 21.28
N GLU L 163 -3.47 -64.67 22.03
CA GLU L 163 -2.97 -63.43 22.62
C GLU L 163 -2.55 -62.44 21.53
N ALA L 164 -1.80 -62.91 20.49
CA ALA L 164 -1.33 -62.10 19.36
C ALA L 164 -2.49 -61.53 18.53
N ASP L 165 -3.52 -62.34 18.28
CA ASP L 165 -4.75 -62.00 17.54
C ASP L 165 -5.44 -60.77 18.11
N GLN L 166 -5.53 -60.70 19.45
CA GLN L 166 -6.15 -59.61 20.19
C GLN L 166 -5.24 -58.37 20.25
N THR L 167 -3.90 -58.58 20.21
CA THR L 167 -2.90 -57.53 20.25
C THR L 167 -2.94 -56.69 18.95
N PHE L 168 -2.90 -57.36 17.78
CA PHE L 168 -2.96 -56.72 16.46
C PHE L 168 -4.29 -55.97 16.27
N GLU L 169 -5.39 -56.52 16.81
CA GLU L 169 -6.73 -55.95 16.76
C GLU L 169 -6.79 -54.65 17.57
N MET L 170 -6.13 -54.64 18.74
CA MET L 170 -6.08 -53.49 19.66
C MET L 170 -5.19 -52.37 19.11
N LEU L 171 -3.93 -52.71 18.77
CA LEU L 171 -2.90 -51.78 18.28
C LEU L 171 -3.10 -51.25 16.87
N MET L 172 -3.49 -52.12 15.92
CA MET L 172 -3.61 -51.75 14.50
C MET L 172 -5.05 -51.63 13.97
N GLY L 173 -6.05 -52.06 14.75
CA GLY L 173 -7.46 -52.01 14.37
C GLY L 173 -8.06 -50.62 14.27
N ASP L 174 -9.28 -50.51 13.71
CA ASP L 174 -9.94 -49.20 13.54
C ASP L 174 -10.47 -48.61 14.86
N VAL L 175 -10.67 -49.46 15.89
CA VAL L 175 -11.16 -49.00 17.20
C VAL L 175 -10.03 -48.26 17.95
N VAL L 176 -10.16 -46.93 18.01
CA VAL L 176 -9.19 -46.01 18.63
C VAL L 176 -9.19 -46.14 20.15
N GLU L 177 -10.39 -46.21 20.76
CA GLU L 177 -10.64 -46.28 22.20
C GLU L 177 -9.73 -47.25 22.97
N ASN L 178 -9.62 -48.49 22.48
CA ASN L 178 -8.80 -49.54 23.10
C ASN L 178 -7.31 -49.26 22.99
N ARG L 179 -6.90 -48.61 21.88
CA ARG L 179 -5.51 -48.20 21.62
C ARG L 179 -5.12 -47.05 22.57
N ARG L 180 -6.06 -46.10 22.82
CA ARG L 180 -5.93 -44.96 23.72
C ARG L 180 -5.71 -45.44 25.16
N GLN L 181 -6.53 -46.42 25.60
CA GLN L 181 -6.45 -47.02 26.94
C GLN L 181 -5.12 -47.74 27.14
N PHE L 182 -4.57 -48.37 26.08
CA PHE L 182 -3.29 -49.08 26.12
C PHE L 182 -2.12 -48.12 26.35
N ILE L 183 -2.08 -46.98 25.60
CA ILE L 183 -1.04 -45.95 25.69
C ILE L 183 -1.07 -45.34 27.09
N GLU L 184 -2.29 -44.97 27.56
CA GLU L 184 -2.55 -44.39 28.88
C GLU L 184 -1.99 -45.27 29.99
N ASP L 185 -2.27 -46.59 29.93
CA ASP L 185 -1.84 -47.57 30.93
C ASP L 185 -0.35 -47.89 30.90
N ASN L 186 0.25 -48.02 29.71
CA ASN L 186 1.65 -48.39 29.56
C ASN L 186 2.64 -47.22 29.41
N ALA L 187 2.18 -45.94 29.36
CA ALA L 187 3.13 -44.84 29.22
C ALA L 187 2.69 -43.48 29.80
N VAL L 188 1.46 -43.00 29.49
CA VAL L 188 0.94 -41.70 29.95
C VAL L 188 0.82 -41.67 31.50
N TYR L 189 0.24 -42.74 32.10
CA TYR L 189 0.08 -42.85 33.56
C TYR L 189 1.18 -43.73 34.22
S SO4 Q . -38.00 23.51 8.11
O1 SO4 Q . -36.85 22.68 7.74
O2 SO4 Q . -39.15 22.63 8.38
O3 SO4 Q . -37.72 24.30 9.32
O4 SO4 Q . -38.33 24.43 7.03
MN MN R . -28.18 37.54 6.97
C1 GOL S . -6.99 46.07 -11.11
O1 GOL S . -7.79 47.25 -11.04
C2 GOL S . -7.02 45.32 -9.80
O2 GOL S . -6.50 46.17 -8.77
C3 GOL S . -6.22 44.04 -9.88
O3 GOL S . -6.21 43.36 -8.63
NA NA T . 4.71 56.68 -15.38
C1 GOL U . -36.48 7.75 -33.58
O1 GOL U . -37.39 8.65 -32.96
C2 GOL U . -37.10 6.39 -33.82
O2 GOL U . -36.12 5.47 -34.31
C3 GOL U . -38.27 6.45 -34.78
O3 GOL U . -39.14 5.35 -34.57
MN MN V . -0.18 19.18 -2.36
C1 GOL W . -1.32 37.98 -3.61
O1 GOL W . -1.31 36.69 -4.20
C2 GOL W . -0.08 38.77 -3.94
O2 GOL W . 1.08 38.01 -3.58
C3 GOL W . 0.01 39.17 -5.39
O3 GOL W . -1.03 40.07 -5.78
C1 EVP X . -13.19 38.40 16.38
O1 EVP X . -13.10 36.98 16.27
C2 EVP X . -15.00 37.84 15.39
O2 EVP X . -14.48 38.93 16.06
C3 EVP X . -16.17 37.82 14.68
O3 EVP X . -18.80 33.97 11.00
C4 EVP X . -16.54 36.64 14.05
O4 EVP X . -20.26 35.64 11.57
C5 EVP X . -17.81 36.67 13.23
O5 EVP X . -19.92 39.85 10.20
C6 EVP X . -18.24 35.24 12.88
O6 EVP X . -17.55 40.21 8.83
C7 EVP X . -19.22 35.02 11.76
O7 EVP X . -15.28 38.85 9.55
C8 EVP X . -17.66 33.36 11.58
O8 EVP X . -16.60 33.30 14.49
C9 EVP X . -17.06 34.47 12.39
O9 EVP X . -16.35 31.14 13.66
C10 EVP X . -16.06 34.18 13.50
O10 EVP X . -15.53 27.68 12.88
C11 EVP X . -15.73 35.51 14.16
O11 EVP X . -15.49 27.98 15.23
C12 EVP X . -14.56 35.56 14.90
O12 EVP X . -16.16 29.73 17.44
C13 EVP X . -14.21 36.74 15.51
O13 EVP X . -15.25 32.50 16.85
C14 EVP X . -17.71 37.59 12.05
C15 EVP X . -18.83 38.32 11.67
C16 EVP X . -18.78 39.16 10.57
C17 EVP X . -17.58 39.35 9.90
C18 EVP X . -16.45 38.66 10.29
C19 EVP X . -16.53 37.77 11.34
C20 EVP X . -20.80 38.90 9.59
C21 EVP X . -14.14 38.56 10.34
C22 EVP X . -15.84 32.11 14.58
C23 EVP X . -15.64 29.91 13.78
C24 EVP X . -16.05 28.98 12.66
C25 EVP X . -15.99 27.19 14.15
C26 EVP X . -16.04 29.29 15.11
C27 EVP X . -15.56 30.19 16.24
C28 EVP X . -15.99 31.63 16.01
C29 EVP X . -15.52 25.77 14.34
C1 EVP Y . 0.53 34.36 7.22
O1 EVP Y . -0.65 34.72 6.49
C2 EVP Y . 0.25 32.73 5.86
O2 EVP Y . 1.20 33.18 6.73
C3 EVP Y . 0.30 31.55 5.16
O3 EVP Y . -3.47 28.66 1.51
C4 EVP Y . -0.75 31.23 4.31
O4 EVP Y . -1.34 27.81 1.36
C5 EVP Y . -0.70 29.90 3.60
O5 EVP Y . 0.13 25.13 4.73
C6 EVP Y . -1.76 29.91 2.52
O6 EVP Y . -0.92 25.51 7.20
C7 EVP Y . -2.11 28.67 1.75
O7 EVP Y . -1.85 27.92 8.01
C8 EVP Y . -4.07 29.83 2.07
O8 EVP Y . -2.77 32.53 2.01
C9 EVP Y . -3.08 30.37 3.06
O9 EVP Y . -4.84 32.87 0.97
C10 EVP Y . -3.01 31.87 3.26
O10 EVP Y . -8.16 34.20 0.13
C11 EVP Y . -1.83 32.13 4.17
O11 EVP Y . -6.50 35.87 -0.30
C12 EVP Y . -1.83 33.32 4.87
O12 EVP Y . -3.69 36.55 -0.42
C13 EVP Y . -0.79 33.59 5.72
O13 EVP Y . -2.10 35.21 1.47
C14 EVP Y . -0.77 28.70 4.55
C15 EVP Y . -0.27 27.47 4.19
C16 EVP Y . -0.35 26.38 5.06
C17 EVP Y . -0.86 26.57 6.32
C18 EVP Y . -1.34 27.81 6.72
C19 EVP Y . -1.30 28.86 5.83
C20 EVP Y . -0.10 24.85 3.37
C21 EVP Y . -2.30 29.26 8.25
C22 EVP Y . -3.77 33.49 1.71
C23 EVP Y . -5.89 33.84 0.82
C24 EVP Y . -7.17 33.19 0.33
C25 EVP Y . -7.65 35.18 -0.79
C26 EVP Y . -5.44 34.93 -0.14
C27 EVP Y . -4.24 35.62 0.49
C28 EVP Y . -3.18 34.57 0.82
C29 EVP Y . -8.74 36.18 -1.06
MN MN Z . 15.14 -17.18 -13.96
C1 GOL AA . 11.62 -29.41 21.75
O1 GOL AA . 10.86 -28.52 20.94
C2 GOL AA . 10.71 -30.27 22.59
O2 GOL AA . 11.37 -30.62 23.82
C3 GOL AA . 10.31 -31.51 21.86
O3 GOL AA . 9.29 -32.20 22.56
MN MN BA . 14.44 -42.37 9.96
C1 EVP CA . 10.11 -33.51 -18.23
O1 EVP CA . 11.21 -33.99 -17.44
C2 EVP CA . 11.17 -31.75 -17.66
O2 EVP CA . 10.23 -32.12 -18.59
C3 EVP CA . 11.55 -30.45 -17.38
O3 EVP CA . 15.10 -27.89 -13.32
C4 EVP CA . 12.51 -30.25 -16.40
O4 EVP CA . 14.45 -26.40 -14.94
C5 EVP CA . 12.85 -28.82 -16.07
O5 EVP CA . 10.37 -24.68 -15.42
C6 EVP CA . 14.13 -28.80 -15.23
O6 EVP CA . 8.53 -25.96 -13.80
C7 EVP CA . 14.55 -27.55 -14.53
O7 EVP CA . 8.72 -28.61 -13.27
C8 EVP CA . 15.05 -29.30 -13.12
O8 EVP CA . 15.41 -31.47 -15.24
C9 EVP CA . 14.05 -29.80 -14.12
O9 EVP CA . 16.89 -32.09 -13.51
C10 EVP CA . 14.13 -31.22 -14.65
O10 EVP CA . 19.28 -33.67 -11.22
C11 EVP CA . 13.08 -31.36 -15.72
O11 EVP CA . 19.66 -34.48 -13.41
C12 EVP CA . 12.68 -32.63 -16.04
O12 EVP CA . 18.98 -34.37 -16.20
C13 EVP CA . 11.72 -32.80 -17.02
O13 EVP CA . 16.15 -33.84 -16.63
C14 EVP CA . 11.69 -28.09 -15.44
C15 EVP CA . 11.54 -26.75 -15.70
C16 EVP CA . 10.50 -26.03 -15.14
C17 EVP CA . 9.56 -26.67 -14.35
C18 EVP CA . 9.69 -28.02 -14.08
C19 EVP CA . 10.75 -28.72 -14.63
C20 EVP CA . 11.46 -24.01 -14.80
C21 EVP CA . 9.07 -29.94 -12.94
C22 EVP CA . 16.09 -32.56 -14.62
C23 EVP CA . 17.69 -33.13 -12.95
C24 EVP CA . 18.36 -32.66 -11.68
C25 EVP CA . 20.25 -33.92 -12.24
C26 EVP CA . 18.75 -33.53 -13.98
C27 EVP CA . 18.03 -34.13 -15.17
C28 EVP CA . 16.97 -33.16 -15.70
C29 EVP CA . 21.23 -34.95 -11.71
C1 EVP DA . 4.60 -42.70 -4.51
O1 EVP DA . 4.38 -41.30 -4.36
C2 EVP DA . 5.55 -42.25 -2.68
O2 EVP DA . 5.02 -43.35 -3.29
C3 EVP DA . 6.37 -42.27 -1.58
O3 EVP DA . 9.45 -38.19 1.45
C4 EVP DA . 6.83 -41.05 -1.10
O4 EVP DA . 9.16 -40.11 2.68
C5 EVP DA . 7.75 -41.12 0.09
O5 EVP DA . 11.42 -43.89 1.64
C6 EVP DA . 7.88 -39.70 0.67
O6 EVP DA . 12.59 -43.88 -0.86
C7 EVP DA . 8.90 -39.41 1.72
O7 EVP DA . 11.43 -42.50 -2.94
C8 EVP DA . 8.87 -37.59 0.30
O8 EVP DA . 5.91 -37.91 -0.46
C9 EVP DA . 8.20 -38.73 -0.43
O9 EVP DA . 6.33 -35.59 -0.33
C10 EVP DA . 6.94 -38.49 -1.26
O10 EVP DA . 6.55 -32.01 -1.09
C11 EVP DA . 6.47 -39.84 -1.72
O11 EVP DA . 4.26 -32.67 -1.03
C12 EVP DA . 5.64 -39.86 -2.82
O12 EVP DA . 2.33 -34.74 -0.54
C13 EVP DA . 5.20 -41.09 -3.28
O13 EVP DA . 3.22 -37.35 -1.00
C14 EVP DA . 9.05 -41.82 -0.19
C15 EVP DA . 9.65 -42.54 0.82
C16 EVP DA . 10.84 -43.19 0.60
C17 EVP DA . 11.41 -43.20 -0.65
C18 EVP DA . 10.81 -42.51 -1.69
C19 EVP DA . 9.65 -41.80 -1.44
C20 EVP DA . 12.04 -42.93 2.51
C21 EVP DA . 10.44 -42.59 -3.97
C22 EVP DA . 5.52 -36.63 -0.91
C23 EVP DA . 5.99 -34.34 -0.92
C24 EVP DA . 6.99 -33.27 -0.56
C25 EVP DA . 5.24 -31.72 -0.59
C26 EVP DA . 4.59 -33.94 -0.47
C27 EVP DA . 3.64 -35.00 -1.00
C28 EVP DA . 4.08 -36.35 -0.49
C29 EVP DA . 4.84 -30.35 -1.08
#